data_8FCA
#
_entry.id   8FCA
#
_cell.length_a   1.00
_cell.length_b   1.00
_cell.length_c   1.00
_cell.angle_alpha   90.00
_cell.angle_beta   90.00
_cell.angle_gamma   90.00
#
_symmetry.space_group_name_H-M   'P 1'
#
loop_
_entity.id
_entity.type
_entity.pdbx_description
1 polymer 'Transient receptor potential cation channel subfamily V member 4'
2 non-polymer '(1aR,1bS,4aS,7aS,7bS,8R,9R,9aS)-9a-(decanoyloxy)-4a,7b-dihydroxy-3-(hydroxymethyl)-1,1,6,8-tetramethyl-5-oxo-1a,1b,4,4a,5,7a,7b,8,9,9a-decahydro-1H-cyclopropa[3,4]benzo[1,2-e]azulen-9-yl decanoate'
3 non-polymer 'CHOLESTEROL HEMISUCCINATE'
#
_entity_poly.entity_id   1
_entity_poly.type   'polypeptide(L)'
_entity_poly.pdbx_seq_one_letter_code
;MADSSEGPRAGPGEVAELPGDESGTPGGEAFPLSSLANLFEGEDGSLSPSPADASRPAGPGDGRPNLRMKFQGAFRKGVP
NPIDLLESTLYESSVVPGPKKAPMDSLFDYGTYRHHSSDNKRWRKKIIEKQPQSPKAPAPQPPPILKVFNRPILFDIVSR
GSTADLDGLLPFLLTHKKRLTDEEFREPSTGKTCLPKALLNLSNGRNDTIPVLLDIAERTGNMREFINSPFRDIYYRGQT
ALHIAIERRCKHYVELLVAQGADVHAQARGRFFQPKDEGGYFYFGELPLSLAACTNQPHIVNYLTENPHKKADMRRQDSR
GNTVLHALVAIADNTRENTKFVTKMYDLLLLKCARLFPDSNLEAVLNNDGLSPLMMAAKTGKIGIFQHIIRREVTDEDTR
HLSRKFKDWAYGPVYSSLYDLSSLDTCGEEASVLEILVYNSKIENRHEMLAVEPINELLRDKWRKFGAVSFYINVVSYLC
AMVIFTLTAYYQPLEGTPPYPYRTTVDYLRLAGEVITLFTGVLFFFTNIKDLFMKKCPGVNSLFIDGSFQLLYFIYSVLV
IVSAALYLAGIEAYLAVMVFALVLGWMNALYFTRGLKLTGTYSIMIQKILFKDLFRFLLVYLLFMIGYASALVSLLNPCA
NMKVCNEDQTNCTVPTYPSCRDSETFSTFLLDLFKLTIGMGDLEMLSSTKYPVVFIILLVTYIILTFVLLLNMLIALMGE
TVGQVSKESKHIWKLQWATTILDIERSFPVFLRKAFRSGEMVTVGKSSDGTPDRRWCFRVDEVNWSHWNQNLGIINEDPG
KNETYQYYGFSHTVGRLRRDRWSSVVPRVVELNKNSNPDEVVVPLDSMGNPRCDGHQQGYPRKWRTDDAPLENSLEVLFQ
GPDYKDDDDKAHHHHHHHHHH
;
_entity_poly.pdbx_strand_id   A,B,C,D
#
loop_
_chem_comp.id
_chem_comp.type
_chem_comp.name
_chem_comp.formula
XS9 non-polymer '(1aR,1bS,4aS,7aS,7bS,8R,9R,9aS)-9a-(decanoyloxy)-4a,7b-dihydroxy-3-(hydroxymethyl)-1,1,6,8-tetramethyl-5-oxo-1a,1b,4,4a,5,7a,7b,8,9,9a-decahydro-1H-cyclopropa[3,4]benzo[1,2-e]azulen-9-yl decanoate' 'C40 H64 O8'
Y01 non-polymer 'CHOLESTEROL HEMISUCCINATE' 'C31 H50 O4'
#
# COMPACT_ATOMS: atom_id res chain seq x y z
N ASN A 150 27.57 -32.68 -58.34
CA ASN A 150 26.47 -33.53 -57.90
C ASN A 150 26.01 -33.14 -56.50
N ARG A 151 26.73 -32.19 -55.88
CA ARG A 151 26.35 -31.73 -54.54
C ARG A 151 24.91 -31.22 -54.50
N PRO A 152 24.46 -30.35 -55.40
CA PRO A 152 23.05 -29.90 -55.32
C PRO A 152 22.06 -31.04 -55.43
N ILE A 153 22.34 -32.01 -56.32
CA ILE A 153 21.43 -33.14 -56.47
C ILE A 153 21.37 -33.94 -55.18
N LEU A 154 22.52 -34.18 -54.56
CA LEU A 154 22.55 -34.95 -53.32
C LEU A 154 21.81 -34.21 -52.21
N PHE A 155 22.02 -32.90 -52.10
CA PHE A 155 21.33 -32.13 -51.07
C PHE A 155 19.83 -32.17 -51.29
N ASP A 156 19.38 -32.03 -52.53
CA ASP A 156 17.95 -32.10 -52.81
C ASP A 156 17.40 -33.49 -52.46
N ILE A 157 18.13 -34.54 -52.81
CA ILE A 157 17.66 -35.89 -52.53
C ILE A 157 17.50 -36.10 -51.03
N VAL A 158 18.50 -35.69 -50.26
CA VAL A 158 18.45 -35.92 -48.81
C VAL A 158 17.38 -35.04 -48.18
N SER A 159 17.27 -33.79 -48.62
CA SER A 159 16.26 -32.90 -48.06
C SER A 159 14.87 -33.44 -48.31
N ARG A 160 14.62 -33.97 -49.52
CA ARG A 160 13.32 -34.54 -49.81
C ARG A 160 13.02 -35.73 -48.91
N GLY A 161 14.04 -36.54 -48.60
CA GLY A 161 13.85 -37.73 -47.81
C GLY A 161 13.44 -38.95 -48.59
N SER A 162 13.51 -38.91 -49.92
CA SER A 162 13.08 -40.02 -50.75
C SER A 162 14.18 -41.06 -50.86
N THR A 163 13.81 -42.33 -50.68
CA THR A 163 14.79 -43.42 -50.74
C THR A 163 15.18 -43.75 -52.17
N ALA A 164 14.25 -43.61 -53.12
CA ALA A 164 14.50 -44.10 -54.47
C ALA A 164 15.67 -43.37 -55.12
N ASP A 165 15.75 -42.05 -54.94
CA ASP A 165 16.74 -41.25 -55.64
C ASP A 165 18.17 -41.69 -55.32
N LEU A 166 18.39 -42.35 -54.18
CA LEU A 166 19.74 -42.70 -53.79
C LEU A 166 20.29 -43.84 -54.63
N ASP A 167 19.42 -44.68 -55.21
CA ASP A 167 19.88 -45.82 -55.98
C ASP A 167 20.84 -45.37 -57.07
N GLY A 168 21.99 -46.05 -57.16
CA GLY A 168 23.01 -45.74 -58.13
C GLY A 168 24.18 -44.95 -57.57
N LEU A 169 24.03 -44.35 -56.40
CA LEU A 169 25.13 -43.58 -55.82
C LEU A 169 26.31 -44.48 -55.48
N LEU A 170 26.06 -45.68 -54.96
CA LEU A 170 27.14 -46.59 -54.62
C LEU A 170 28.02 -46.92 -55.82
N PRO A 171 27.48 -47.44 -56.93
CA PRO A 171 28.34 -47.69 -58.10
C PRO A 171 28.98 -46.42 -58.64
N PHE A 172 28.29 -45.28 -58.56
CA PHE A 172 28.88 -44.03 -59.03
C PHE A 172 30.15 -43.70 -58.24
N LEU A 173 30.06 -43.74 -56.92
CA LEU A 173 31.23 -43.46 -56.09
C LEU A 173 32.32 -44.50 -56.31
N LEU A 174 31.93 -45.77 -56.46
CA LEU A 174 32.91 -46.82 -56.68
C LEU A 174 33.67 -46.59 -57.99
N THR A 175 32.94 -46.24 -59.05
CA THR A 175 33.59 -46.02 -60.34
C THR A 175 34.49 -44.79 -60.31
N HIS A 176 33.99 -43.69 -59.76
CA HIS A 176 34.76 -42.46 -59.69
C HIS A 176 35.64 -42.36 -58.46
N LYS A 177 35.49 -43.29 -57.51
CA LYS A 177 36.35 -43.34 -56.32
C LYS A 177 36.40 -41.99 -55.62
N LYS A 178 35.21 -41.39 -55.45
CA LYS A 178 35.06 -40.10 -54.81
C LYS A 178 34.46 -40.29 -53.43
N ARG A 179 35.14 -39.78 -52.41
CA ARG A 179 34.66 -39.93 -51.05
C ARG A 179 33.53 -38.96 -50.76
N LEU A 180 32.75 -39.28 -49.73
CA LEU A 180 31.62 -38.45 -49.34
C LEU A 180 32.02 -37.22 -48.55
N THR A 181 33.29 -37.11 -48.17
CA THR A 181 33.81 -35.94 -47.47
C THR A 181 34.61 -35.01 -48.39
N ASP A 182 34.55 -35.22 -49.70
CA ASP A 182 35.26 -34.35 -50.62
C ASP A 182 34.72 -32.94 -50.55
N GLU A 183 35.60 -31.96 -50.79
CA GLU A 183 35.21 -30.56 -50.69
C GLU A 183 33.99 -30.26 -51.56
N GLU A 184 33.93 -30.87 -52.75
CA GLU A 184 32.82 -30.60 -53.66
C GLU A 184 31.50 -31.07 -53.06
N PHE A 185 31.49 -32.27 -52.45
CA PHE A 185 30.27 -32.78 -51.86
C PHE A 185 29.83 -31.93 -50.67
N ARG A 186 30.78 -31.45 -49.88
CA ARG A 186 30.46 -30.69 -48.69
C ARG A 186 30.13 -29.24 -49.04
N GLU A 187 29.24 -28.66 -48.26
CA GLU A 187 28.83 -27.28 -48.50
C GLU A 187 29.96 -26.34 -48.09
N PRO A 188 30.43 -25.45 -48.98
CA PRO A 188 31.55 -24.59 -48.61
C PRO A 188 31.24 -23.64 -47.47
N SER A 189 29.98 -23.23 -47.31
CA SER A 189 29.65 -22.21 -46.32
C SER A 189 30.01 -22.66 -44.92
N THR A 190 29.59 -23.87 -44.54
CA THR A 190 29.81 -24.39 -43.20
C THR A 190 30.71 -25.62 -43.18
N GLY A 191 30.49 -26.56 -44.08
CA GLY A 191 31.11 -27.87 -44.02
C GLY A 191 30.11 -28.99 -43.82
N LYS A 192 28.83 -28.67 -43.70
CA LYS A 192 27.80 -29.67 -43.46
C LYS A 192 27.90 -30.82 -44.44
N THR A 193 27.98 -32.03 -43.89
CA THR A 193 27.98 -33.24 -44.69
C THR A 193 26.54 -33.75 -44.88
N CYS A 194 26.41 -34.90 -45.53
CA CYS A 194 25.10 -35.44 -45.84
C CYS A 194 24.32 -35.82 -44.58
N LEU A 195 24.99 -36.44 -43.61
CA LEU A 195 24.29 -36.92 -42.42
C LEU A 195 23.63 -35.81 -41.63
N PRO A 196 24.33 -34.72 -41.27
CA PRO A 196 23.65 -33.64 -40.53
C PRO A 196 22.50 -33.03 -41.31
N LYS A 197 22.63 -32.90 -42.62
CA LYS A 197 21.53 -32.36 -43.41
C LYS A 197 20.32 -33.30 -43.36
N ALA A 198 20.55 -34.60 -43.50
CA ALA A 198 19.45 -35.54 -43.42
C ALA A 198 18.78 -35.50 -42.06
N LEU A 199 19.58 -35.42 -40.99
CA LEU A 199 19.01 -35.38 -39.65
C LEU A 199 18.26 -34.08 -39.39
N LEU A 200 18.73 -32.97 -39.96
CA LEU A 200 18.10 -31.68 -39.69
C LEU A 200 16.65 -31.66 -40.11
N ASN A 201 16.34 -32.22 -41.27
CA ASN A 201 15.00 -32.21 -41.84
C ASN A 201 14.50 -33.65 -41.95
N LEU A 202 13.60 -34.02 -41.04
CA LEU A 202 13.00 -35.35 -41.05
C LEU A 202 11.54 -35.23 -40.63
N SER A 203 10.83 -36.34 -40.70
CA SER A 203 9.40 -36.39 -40.39
C SER A 203 9.19 -37.33 -39.22
N ASN A 204 8.41 -36.87 -38.24
CA ASN A 204 8.01 -37.65 -37.07
C ASN A 204 9.11 -38.61 -36.62
N GLY A 205 10.33 -38.07 -36.54
CA GLY A 205 11.44 -38.83 -36.02
C GLY A 205 11.87 -40.00 -36.87
N ARG A 206 11.50 -40.03 -38.15
CA ARG A 206 11.84 -41.15 -39.03
C ARG A 206 12.23 -40.59 -40.40
N ASN A 207 13.52 -40.32 -40.58
CA ASN A 207 14.02 -39.87 -41.87
C ASN A 207 13.98 -40.99 -42.91
N ASP A 208 14.37 -42.19 -42.49
CA ASP A 208 14.39 -43.41 -43.30
C ASP A 208 15.56 -43.49 -44.27
N THR A 209 16.38 -42.44 -44.39
CA THR A 209 17.54 -42.46 -45.28
C THR A 209 18.84 -42.74 -44.55
N ILE A 210 18.90 -42.51 -43.24
CA ILE A 210 20.17 -42.60 -42.52
C ILE A 210 20.85 -43.95 -42.73
N PRO A 211 20.18 -45.09 -42.53
CA PRO A 211 20.90 -46.37 -42.68
C PRO A 211 21.55 -46.55 -44.03
N VAL A 212 20.89 -46.10 -45.11
CA VAL A 212 21.47 -46.22 -46.43
C VAL A 212 22.74 -45.39 -46.53
N LEU A 213 22.71 -44.17 -45.99
CA LEU A 213 23.91 -43.33 -46.00
C LEU A 213 25.04 -44.00 -45.23
N LEU A 214 24.73 -44.57 -44.07
CA LEU A 214 25.76 -45.23 -43.29
C LEU A 214 26.34 -46.43 -44.03
N ASP A 215 25.47 -47.22 -44.67
CA ASP A 215 25.95 -48.36 -45.44
C ASP A 215 26.86 -47.90 -46.57
N ILE A 216 26.47 -46.84 -47.28
CA ILE A 216 27.30 -46.33 -48.36
C ILE A 216 28.66 -45.89 -47.84
N ALA A 217 28.65 -45.12 -46.75
CA ALA A 217 29.92 -44.64 -46.20
C ALA A 217 30.81 -45.79 -45.77
N GLU A 218 30.20 -46.86 -45.23
CA GLU A 218 30.99 -48.03 -44.87
C GLU A 218 31.56 -48.71 -46.11
N ARG A 219 30.76 -48.78 -47.18
CA ARG A 219 31.26 -49.33 -48.44
C ARG A 219 32.50 -48.58 -48.89
N THR A 220 32.42 -47.24 -48.87
CA THR A 220 33.58 -46.43 -49.24
C THR A 220 34.73 -46.64 -48.27
N GLY A 221 34.42 -46.74 -46.97
CA GLY A 221 35.45 -46.88 -45.97
C GLY A 221 35.89 -45.54 -45.41
N ASN A 222 34.92 -44.64 -45.24
CA ASN A 222 35.18 -43.29 -44.73
C ASN A 222 34.35 -42.98 -43.50
N MET A 223 33.83 -44.00 -42.82
CA MET A 223 32.94 -43.78 -41.70
C MET A 223 33.61 -42.99 -40.59
N ARG A 224 34.88 -43.30 -40.30
CA ARG A 224 35.57 -42.62 -39.22
C ARG A 224 35.63 -41.12 -39.45
N GLU A 225 35.86 -40.70 -40.70
CA GLU A 225 35.95 -39.29 -41.02
C GLU A 225 34.62 -38.69 -41.47
N PHE A 226 33.60 -39.51 -41.73
CA PHE A 226 32.34 -39.04 -42.25
C PHE A 226 31.26 -38.92 -41.20
N ILE A 227 31.13 -39.92 -40.32
CA ILE A 227 30.03 -39.93 -39.38
C ILE A 227 30.18 -38.87 -38.31
N ASN A 228 31.40 -38.39 -38.08
CA ASN A 228 31.67 -37.38 -37.07
C ASN A 228 32.31 -36.14 -37.67
N SER A 229 32.06 -35.89 -38.94
CA SER A 229 32.63 -34.72 -39.59
C SER A 229 32.06 -33.46 -38.98
N PRO A 230 32.87 -32.57 -38.43
CA PRO A 230 32.34 -31.38 -37.78
C PRO A 230 32.12 -30.22 -38.74
N PHE A 231 31.31 -29.26 -38.27
CA PHE A 231 31.10 -28.04 -39.02
C PHE A 231 32.27 -27.08 -38.80
N ARG A 232 32.41 -26.15 -39.73
CA ARG A 232 33.39 -25.09 -39.66
C ARG A 232 32.67 -23.77 -39.38
N ASP A 233 33.42 -22.68 -39.47
CA ASP A 233 32.84 -21.35 -39.36
C ASP A 233 32.56 -20.97 -37.92
N ILE A 234 32.44 -19.66 -37.68
CA ILE A 234 32.35 -19.15 -36.32
C ILE A 234 31.09 -19.67 -35.63
N TYR A 235 29.96 -19.67 -36.33
CA TYR A 235 28.67 -19.89 -35.67
C TYR A 235 28.55 -21.29 -35.11
N TYR A 236 28.83 -22.31 -35.91
CA TYR A 236 28.48 -23.68 -35.55
C TYR A 236 29.70 -24.58 -35.46
N ARG A 237 30.86 -24.02 -35.14
CA ARG A 237 32.08 -24.82 -35.11
C ARG A 237 31.97 -25.93 -34.09
N GLY A 238 32.41 -27.13 -34.50
CA GLY A 238 32.50 -28.27 -33.63
C GLY A 238 31.31 -29.21 -33.72
N GLN A 239 30.14 -28.69 -34.03
CA GLN A 239 28.94 -29.50 -34.00
C GLN A 239 29.08 -30.71 -34.91
N THR A 240 28.59 -31.85 -34.44
CA THR A 240 28.65 -33.11 -35.15
C THR A 240 27.24 -33.68 -35.30
N ALA A 241 27.17 -34.83 -35.97
CA ALA A 241 25.88 -35.48 -36.21
C ALA A 241 25.21 -35.85 -34.90
N LEU A 242 25.98 -36.38 -33.95
CA LEU A 242 25.40 -36.86 -32.71
C LEU A 242 24.76 -35.73 -31.92
N HIS A 243 25.38 -34.55 -31.92
CA HIS A 243 24.76 -33.40 -31.28
C HIS A 243 23.38 -33.13 -31.87
N ILE A 244 23.28 -33.18 -33.20
CA ILE A 244 21.99 -32.93 -33.85
C ILE A 244 20.98 -33.98 -33.44
N ALA A 245 21.38 -35.25 -33.50
CA ALA A 245 20.46 -36.33 -33.19
C ALA A 245 19.92 -36.18 -31.77
N ILE A 246 20.80 -35.83 -30.83
CA ILE A 246 20.36 -35.64 -29.45
C ILE A 246 19.47 -34.41 -29.33
N GLU A 247 19.79 -33.35 -30.08
CA GLU A 247 19.01 -32.13 -30.00
C GLU A 247 17.58 -32.32 -30.51
N ARG A 248 17.38 -33.31 -31.37
CA ARG A 248 16.07 -33.55 -31.98
C ARG A 248 15.28 -34.62 -31.26
N ARG A 249 15.75 -35.08 -30.10
CA ARG A 249 14.97 -35.98 -29.26
C ARG A 249 14.65 -37.28 -29.99
N CYS A 250 15.66 -37.86 -30.63
CA CYS A 250 15.53 -39.12 -31.37
C CYS A 250 16.49 -40.14 -30.78
N LYS A 251 15.99 -40.93 -29.82
CA LYS A 251 16.82 -41.95 -29.19
C LYS A 251 17.30 -42.98 -30.22
N HIS A 252 16.40 -43.41 -31.10
CA HIS A 252 16.73 -44.40 -32.12
C HIS A 252 18.00 -44.02 -32.87
N TYR A 253 18.05 -42.79 -33.38
CA TYR A 253 19.20 -42.38 -34.17
C TYR A 253 20.44 -42.22 -33.30
N VAL A 254 20.28 -41.82 -32.04
CA VAL A 254 21.43 -41.73 -31.15
C VAL A 254 22.08 -43.11 -30.99
N GLU A 255 21.24 -44.12 -30.75
CA GLU A 255 21.77 -45.48 -30.64
C GLU A 255 22.44 -45.90 -31.93
N LEU A 256 21.78 -45.64 -33.06
CA LEU A 256 22.33 -46.07 -34.35
C LEU A 256 23.64 -45.37 -34.64
N LEU A 257 23.81 -44.14 -34.15
CA LEU A 257 25.04 -43.40 -34.38
C LEU A 257 26.18 -43.92 -33.50
N VAL A 258 25.91 -44.12 -32.21
CA VAL A 258 26.96 -44.60 -31.32
C VAL A 258 27.38 -46.00 -31.72
N ALA A 259 26.45 -46.83 -32.20
CA ALA A 259 26.78 -48.19 -32.57
C ALA A 259 27.85 -48.23 -33.64
N GLN A 260 27.91 -47.21 -34.50
CA GLN A 260 28.82 -47.21 -35.63
C GLN A 260 30.14 -46.51 -35.35
N GLY A 261 30.34 -46.01 -34.15
CA GLY A 261 31.58 -45.37 -33.77
C GLY A 261 31.54 -43.86 -33.66
N ALA A 262 30.36 -43.26 -33.48
CA ALA A 262 30.26 -41.82 -33.37
C ALA A 262 31.06 -41.32 -32.17
N ASP A 263 31.89 -40.31 -32.40
CA ASP A 263 32.62 -39.69 -31.30
C ASP A 263 31.64 -39.14 -30.29
N VAL A 264 31.70 -39.65 -29.07
CA VAL A 264 30.76 -39.27 -28.02
C VAL A 264 31.27 -38.12 -27.17
N HIS A 265 32.53 -37.75 -27.27
CA HIS A 265 33.11 -36.67 -26.49
C HIS A 265 33.37 -35.42 -27.32
N ALA A 266 32.87 -35.37 -28.55
CA ALA A 266 33.14 -34.22 -29.41
C ALA A 266 32.59 -32.94 -28.79
N GLN A 267 33.35 -31.86 -28.95
CA GLN A 267 33.02 -30.58 -28.34
C GLN A 267 32.46 -29.63 -29.38
N ALA A 268 31.32 -29.02 -29.07
CA ALA A 268 30.66 -28.06 -29.95
C ALA A 268 30.75 -26.68 -29.32
N ARG A 269 31.86 -25.99 -29.57
CA ARG A 269 32.13 -24.70 -28.95
C ARG A 269 31.95 -23.54 -29.93
N GLY A 270 31.09 -23.71 -30.92
CA GLY A 270 30.79 -22.62 -31.83
C GLY A 270 30.08 -21.48 -31.15
N ARG A 271 30.15 -20.30 -31.77
CA ARG A 271 29.59 -19.10 -31.14
C ARG A 271 28.09 -19.20 -30.93
N PHE A 272 27.42 -20.09 -31.65
CA PHE A 272 26.01 -20.33 -31.35
C PHE A 272 25.85 -20.86 -29.93
N PHE A 273 26.71 -21.81 -29.55
CA PHE A 273 26.67 -22.41 -28.21
C PHE A 273 27.67 -21.66 -27.33
N GLN A 274 27.23 -20.55 -26.76
CA GLN A 274 28.03 -19.79 -25.81
C GLN A 274 27.11 -19.19 -24.77
N PRO A 275 27.65 -18.78 -23.63
CA PRO A 275 26.80 -18.16 -22.61
C PRO A 275 26.13 -16.91 -23.16
N LYS A 276 24.92 -16.65 -22.66
CA LYS A 276 24.13 -15.52 -23.17
C LYS A 276 24.91 -14.22 -23.05
N ASP A 277 25.65 -14.03 -21.96
CA ASP A 277 26.42 -12.81 -21.79
C ASP A 277 27.58 -12.70 -22.77
N GLU A 278 27.97 -13.80 -23.41
CA GLU A 278 29.12 -13.82 -24.30
C GLU A 278 28.70 -13.95 -25.77
N GLY A 279 27.49 -13.52 -26.08
CA GLY A 279 27.01 -13.52 -27.46
C GLY A 279 26.77 -14.92 -27.99
N GLY A 280 25.83 -15.62 -27.37
CA GLY A 280 25.43 -16.94 -27.81
C GLY A 280 23.95 -17.16 -27.56
N TYR A 281 23.49 -18.35 -27.88
CA TYR A 281 22.08 -18.68 -27.75
C TYR A 281 21.81 -19.76 -26.71
N PHE A 282 22.55 -20.86 -26.73
CA PHE A 282 22.30 -21.97 -25.82
C PHE A 282 23.63 -22.56 -25.40
N TYR A 283 23.98 -22.40 -24.11
CA TYR A 283 25.15 -23.04 -23.54
C TYR A 283 24.73 -24.28 -22.76
N PHE A 284 25.41 -25.40 -23.04
CA PHE A 284 24.97 -26.68 -22.50
C PHE A 284 26.12 -27.55 -22.02
N GLY A 285 27.33 -27.02 -21.89
CA GLY A 285 28.48 -27.80 -21.48
C GLY A 285 29.34 -28.31 -22.61
N GLU A 286 28.90 -28.17 -23.85
CA GLU A 286 29.72 -28.48 -25.02
C GLU A 286 30.04 -29.97 -25.11
N LEU A 287 29.05 -30.80 -24.81
CA LEU A 287 29.24 -32.25 -24.84
C LEU A 287 27.91 -32.93 -25.09
N PRO A 288 27.90 -34.08 -25.76
CA PRO A 288 26.63 -34.80 -25.94
C PRO A 288 25.95 -35.14 -24.62
N LEU A 289 26.72 -35.69 -23.68
CA LEU A 289 26.15 -36.07 -22.39
C LEU A 289 25.59 -34.85 -21.68
N SER A 290 26.35 -33.76 -21.64
CA SER A 290 25.85 -32.55 -21.01
C SER A 290 24.66 -32.00 -21.75
N LEU A 291 24.62 -32.17 -23.08
CA LEU A 291 23.47 -31.70 -23.84
C LEU A 291 22.21 -32.46 -23.46
N ALA A 292 22.31 -33.78 -23.39
CA ALA A 292 21.15 -34.58 -23.02
C ALA A 292 20.71 -34.30 -21.59
N ALA A 293 21.68 -34.07 -20.69
CA ALA A 293 21.32 -33.73 -19.32
C ALA A 293 20.67 -32.36 -19.23
N CYS A 294 21.07 -31.44 -20.08
CA CYS A 294 20.55 -30.08 -20.07
C CYS A 294 19.25 -29.93 -20.83
N THR A 295 18.86 -30.92 -21.65
CA THR A 295 17.60 -30.86 -22.37
C THR A 295 16.53 -31.76 -21.75
N ASN A 296 16.74 -32.23 -20.53
CA ASN A 296 15.74 -33.00 -19.79
C ASN A 296 15.32 -34.25 -20.56
N GLN A 297 16.29 -35.14 -20.76
CA GLN A 297 16.07 -36.41 -21.45
C GLN A 297 16.71 -37.52 -20.64
N PRO A 298 16.03 -38.02 -19.61
CA PRO A 298 16.65 -39.05 -18.77
C PRO A 298 17.08 -40.29 -19.53
N HIS A 299 16.28 -40.73 -20.49
CA HIS A 299 16.59 -41.97 -21.20
C HIS A 299 17.88 -41.85 -21.99
N ILE A 300 18.10 -40.70 -22.63
CA ILE A 300 19.32 -40.52 -23.40
C ILE A 300 20.53 -40.58 -22.49
N VAL A 301 20.47 -39.90 -21.34
CA VAL A 301 21.59 -39.91 -20.41
C VAL A 301 21.86 -41.32 -19.93
N ASN A 302 20.81 -42.04 -19.55
CA ASN A 302 20.97 -43.41 -19.06
C ASN A 302 21.64 -44.28 -20.12
N TYR A 303 21.10 -44.29 -21.33
CA TYR A 303 21.69 -45.14 -22.36
C TYR A 303 23.13 -44.73 -22.66
N LEU A 304 23.37 -43.43 -22.78
CA LEU A 304 24.68 -42.95 -23.19
C LEU A 304 25.74 -43.31 -22.18
N THR A 305 25.42 -43.21 -20.88
CA THR A 305 26.43 -43.47 -19.86
C THR A 305 26.81 -44.94 -19.83
N GLU A 306 25.82 -45.83 -19.95
CA GLU A 306 26.06 -47.27 -19.90
C GLU A 306 25.67 -47.85 -21.26
N ASN A 307 26.63 -47.86 -22.18
CA ASN A 307 26.45 -48.45 -23.50
C ASN A 307 27.65 -49.32 -23.80
N PRO A 308 27.44 -50.53 -24.31
CA PRO A 308 28.59 -51.43 -24.53
C PRO A 308 29.61 -50.87 -25.49
N HIS A 309 29.19 -50.14 -26.52
CA HIS A 309 30.12 -49.68 -27.53
C HIS A 309 31.02 -48.58 -26.99
N LYS A 310 30.43 -47.57 -26.35
CA LYS A 310 31.18 -46.46 -25.81
C LYS A 310 30.43 -45.87 -24.62
N LYS A 311 31.18 -45.29 -23.69
CA LYS A 311 30.63 -44.69 -22.48
C LYS A 311 31.24 -43.31 -22.30
N ALA A 312 30.40 -42.31 -22.15
CA ALA A 312 30.84 -40.96 -21.80
C ALA A 312 30.81 -40.83 -20.29
N ASP A 313 31.99 -40.78 -19.68
CA ASP A 313 32.05 -40.72 -18.22
C ASP A 313 31.53 -39.37 -17.74
N MET A 314 30.77 -39.41 -16.65
CA MET A 314 30.18 -38.19 -16.13
C MET A 314 31.26 -37.18 -15.78
N ARG A 315 32.36 -37.63 -15.18
CA ARG A 315 33.45 -36.74 -14.81
C ARG A 315 34.25 -36.43 -16.06
N ARG A 316 33.81 -35.39 -16.77
CA ARG A 316 34.49 -34.94 -17.98
C ARG A 316 34.29 -33.45 -18.11
N GLN A 317 35.30 -32.77 -18.60
CA GLN A 317 35.33 -31.31 -18.64
C GLN A 317 35.60 -30.83 -20.06
N ASP A 318 34.89 -29.78 -20.44
CA ASP A 318 35.04 -29.16 -21.76
C ASP A 318 36.21 -28.17 -21.74
N SER A 319 36.32 -27.37 -22.79
CA SER A 319 37.38 -26.37 -22.86
C SER A 319 37.31 -25.43 -21.67
N ARG A 320 36.10 -24.98 -21.32
CA ARG A 320 35.95 -24.07 -20.19
C ARG A 320 36.22 -24.75 -18.86
N GLY A 321 36.15 -26.08 -18.82
CA GLY A 321 36.35 -26.85 -17.61
C GLY A 321 35.08 -27.29 -16.91
N ASN A 322 33.96 -26.62 -17.21
CA ASN A 322 32.69 -27.00 -16.60
C ASN A 322 32.33 -28.44 -16.96
N THR A 323 31.86 -29.18 -15.97
CA THR A 323 31.35 -30.52 -16.18
C THR A 323 29.84 -30.49 -16.30
N VAL A 324 29.23 -31.68 -16.37
CA VAL A 324 27.81 -31.77 -16.64
C VAL A 324 27.01 -31.11 -15.52
N LEU A 325 27.46 -31.24 -14.28
CA LEU A 325 26.77 -30.56 -13.20
C LEU A 325 26.93 -29.05 -13.32
N HIS A 326 28.10 -28.59 -13.73
CA HIS A 326 28.30 -27.16 -13.94
C HIS A 326 27.32 -26.63 -14.98
N ALA A 327 27.18 -27.34 -16.10
CA ALA A 327 26.24 -26.90 -17.12
C ALA A 327 24.81 -26.94 -16.60
N LEU A 328 24.46 -28.02 -15.90
CA LEU A 328 23.11 -28.17 -15.38
C LEU A 328 22.77 -27.07 -14.39
N VAL A 329 23.78 -26.51 -13.74
CA VAL A 329 23.55 -25.31 -12.93
C VAL A 329 23.56 -24.06 -13.79
N ALA A 330 24.26 -24.10 -14.92
CA ALA A 330 24.37 -22.92 -15.78
C ALA A 330 23.09 -22.64 -16.52
N ILE A 331 22.26 -23.64 -16.77
CA ILE A 331 20.99 -23.44 -17.45
C ILE A 331 19.83 -23.37 -16.49
N ALA A 332 20.08 -23.43 -15.19
CA ALA A 332 19.01 -23.38 -14.22
C ALA A 332 18.41 -21.98 -14.17
N ASP A 333 17.10 -21.92 -14.00
CA ASP A 333 16.38 -20.67 -13.81
C ASP A 333 15.43 -20.85 -12.65
N ASN A 334 15.08 -19.75 -12.02
CA ASN A 334 14.26 -19.81 -10.82
C ASN A 334 12.83 -20.28 -11.08
N THR A 335 12.46 -20.50 -12.34
CA THR A 335 11.13 -21.00 -12.65
C THR A 335 10.91 -22.38 -12.05
N ARG A 336 9.68 -22.65 -11.63
CA ARG A 336 9.38 -23.95 -11.01
C ARG A 336 9.58 -25.08 -12.01
N GLU A 337 9.12 -24.90 -13.25
CA GLU A 337 9.24 -25.95 -14.25
C GLU A 337 10.70 -26.32 -14.49
N ASN A 338 11.57 -25.32 -14.58
CA ASN A 338 12.98 -25.59 -14.83
C ASN A 338 13.61 -26.32 -13.65
N THR A 339 13.42 -25.78 -12.45
CA THR A 339 14.04 -26.35 -11.26
C THR A 339 13.57 -27.77 -11.01
N LYS A 340 12.31 -28.06 -11.36
CA LYS A 340 11.75 -29.37 -11.06
C LYS A 340 12.55 -30.48 -11.73
N PHE A 341 12.99 -30.26 -12.96
CA PHE A 341 13.80 -31.26 -13.64
C PHE A 341 15.29 -31.06 -13.40
N VAL A 342 15.72 -29.83 -13.14
CA VAL A 342 17.14 -29.61 -12.86
C VAL A 342 17.56 -30.38 -11.61
N THR A 343 16.80 -30.24 -10.53
CA THR A 343 17.16 -30.93 -9.30
C THR A 343 17.13 -32.44 -9.51
N LYS A 344 16.11 -32.93 -10.19
CA LYS A 344 15.97 -34.37 -10.37
C LYS A 344 17.15 -34.93 -11.16
N MET A 345 17.49 -34.29 -12.28
CA MET A 345 18.60 -34.77 -13.09
C MET A 345 19.92 -34.64 -12.36
N TYR A 346 20.10 -33.56 -11.60
CA TYR A 346 21.33 -33.38 -10.86
C TYR A 346 21.52 -34.51 -9.86
N ASP A 347 20.48 -34.81 -9.08
CA ASP A 347 20.59 -35.87 -8.09
C ASP A 347 20.79 -37.22 -8.75
N LEU A 348 20.03 -37.50 -9.80
CA LEU A 348 20.18 -38.78 -10.50
C LEU A 348 21.61 -38.97 -10.97
N LEU A 349 22.16 -37.94 -11.61
CA LEU A 349 23.49 -38.04 -12.18
C LEU A 349 24.53 -38.18 -11.08
N LEU A 350 24.36 -37.46 -9.97
CA LEU A 350 25.30 -37.54 -8.86
C LEU A 350 25.32 -38.96 -8.28
N LEU A 351 24.14 -39.52 -8.05
CA LEU A 351 24.06 -40.86 -7.50
C LEU A 351 24.67 -41.87 -8.46
N LYS A 352 24.42 -41.72 -9.76
CA LYS A 352 25.01 -42.64 -10.72
C LYS A 352 26.53 -42.56 -10.71
N CYS A 353 27.07 -41.35 -10.67
CA CYS A 353 28.53 -41.21 -10.68
C CYS A 353 29.14 -41.80 -9.43
N ALA A 354 28.53 -41.54 -8.28
CA ALA A 354 29.04 -42.14 -7.04
C ALA A 354 28.96 -43.65 -7.09
N ARG A 355 27.86 -44.18 -7.63
CA ARG A 355 27.69 -45.62 -7.74
C ARG A 355 28.80 -46.24 -8.59
N LEU A 356 29.04 -45.66 -9.76
CA LEU A 356 30.05 -46.21 -10.66
C LEU A 356 31.44 -46.10 -10.07
N PHE A 357 31.80 -44.91 -9.58
CA PHE A 357 33.10 -44.68 -8.98
C PHE A 357 32.91 -44.32 -7.50
N PRO A 358 33.07 -45.26 -6.58
CA PRO A 358 32.84 -44.94 -5.16
C PRO A 358 33.96 -44.11 -4.56
N ASP A 359 35.16 -44.24 -5.13
CA ASP A 359 36.32 -43.55 -4.58
C ASP A 359 36.22 -42.05 -4.76
N SER A 360 36.10 -41.60 -6.00
CA SER A 360 36.13 -40.17 -6.30
C SER A 360 34.78 -39.53 -5.99
N ASN A 361 34.80 -38.20 -5.96
CA ASN A 361 33.61 -37.39 -5.73
C ASN A 361 33.40 -36.48 -6.93
N LEU A 362 32.16 -36.43 -7.42
CA LEU A 362 31.89 -35.68 -8.64
C LEU A 362 31.89 -34.18 -8.42
N GLU A 363 31.39 -33.72 -7.27
CA GLU A 363 31.38 -32.29 -6.99
C GLU A 363 32.75 -31.76 -6.61
N ALA A 364 33.73 -32.64 -6.40
CA ALA A 364 35.08 -32.18 -6.13
C ALA A 364 35.68 -31.46 -7.33
N VAL A 365 35.31 -31.87 -8.54
CA VAL A 365 35.89 -31.28 -9.74
C VAL A 365 35.62 -29.78 -9.76
N LEU A 366 36.59 -29.02 -10.24
CA LEU A 366 36.46 -27.58 -10.40
C LEU A 366 36.82 -27.20 -11.82
N ASN A 367 36.19 -26.13 -12.30
CA ASN A 367 36.43 -25.64 -13.64
C ASN A 367 37.69 -24.78 -13.66
N ASN A 368 37.99 -24.21 -14.83
CA ASN A 368 39.15 -23.34 -14.95
C ASN A 368 39.04 -22.14 -14.02
N ASP A 369 37.82 -21.66 -13.81
CA ASP A 369 37.64 -20.53 -12.89
C ASP A 369 37.97 -20.93 -11.46
N GLY A 370 37.82 -22.21 -11.12
CA GLY A 370 38.14 -22.70 -9.80
C GLY A 370 36.96 -22.94 -8.88
N LEU A 371 35.73 -22.80 -9.38
CA LEU A 371 34.54 -22.95 -8.58
C LEU A 371 33.98 -24.37 -8.71
N SER A 372 33.00 -24.66 -7.86
CA SER A 372 32.29 -25.93 -7.88
C SER A 372 30.82 -25.65 -8.14
N PRO A 373 30.00 -26.68 -8.38
CA PRO A 373 28.59 -26.42 -8.70
C PRO A 373 27.89 -25.59 -7.65
N LEU A 374 28.18 -25.82 -6.38
CA LEU A 374 27.54 -25.06 -5.31
C LEU A 374 28.03 -23.62 -5.30
N MET A 375 29.35 -23.43 -5.33
CA MET A 375 29.89 -22.07 -5.37
C MET A 375 29.43 -21.33 -6.62
N MET A 376 29.34 -22.03 -7.75
CA MET A 376 28.92 -21.37 -8.98
C MET A 376 27.45 -21.01 -8.93
N ALA A 377 26.62 -21.88 -8.32
CA ALA A 377 25.22 -21.55 -8.18
C ALA A 377 25.03 -20.34 -7.28
N ALA A 378 25.84 -20.24 -6.22
CA ALA A 378 25.78 -19.07 -5.37
C ALA A 378 26.22 -17.82 -6.12
N LYS A 379 27.30 -17.93 -6.90
CA LYS A 379 27.82 -16.78 -7.63
C LYS A 379 26.85 -16.31 -8.70
N THR A 380 26.11 -17.23 -9.31
CA THR A 380 25.21 -16.93 -10.41
C THR A 380 23.79 -16.65 -9.93
N GLY A 381 23.56 -16.62 -8.63
CA GLY A 381 22.26 -16.28 -8.10
C GLY A 381 21.14 -17.22 -8.48
N LYS A 382 21.33 -18.52 -8.25
CA LYS A 382 20.34 -19.54 -8.58
C LYS A 382 19.89 -20.21 -7.29
N ILE A 383 18.83 -19.65 -6.69
CA ILE A 383 18.33 -20.15 -5.41
C ILE A 383 17.81 -21.57 -5.55
N GLY A 384 17.13 -21.87 -6.66
CA GLY A 384 16.40 -23.13 -6.75
C GLY A 384 17.28 -24.34 -6.53
N ILE A 385 18.45 -24.35 -7.18
CA ILE A 385 19.35 -25.50 -7.03
C ILE A 385 20.29 -25.35 -5.84
N PHE A 386 20.57 -24.12 -5.41
CA PHE A 386 21.44 -23.91 -4.26
C PHE A 386 20.78 -24.41 -2.99
N GLN A 387 19.48 -24.17 -2.84
CA GLN A 387 18.75 -24.65 -1.69
C GLN A 387 18.61 -26.16 -1.70
N HIS A 388 18.53 -26.77 -2.88
CA HIS A 388 18.41 -28.22 -2.96
C HIS A 388 19.75 -28.92 -2.79
N ILE A 389 20.86 -28.22 -3.04
CA ILE A 389 22.16 -28.82 -2.83
C ILE A 389 22.65 -28.62 -1.41
N ILE A 390 22.20 -27.56 -0.73
CA ILE A 390 22.65 -27.31 0.62
C ILE A 390 21.99 -28.21 1.65
N ARG A 391 20.79 -28.73 1.35
CA ARG A 391 20.06 -29.59 2.27
C ARG A 391 19.92 -31.01 1.72
N ARG A 392 20.81 -31.42 0.83
CA ARG A 392 20.70 -32.73 0.21
C ARG A 392 20.84 -33.83 1.24
N GLU A 393 19.83 -34.68 1.34
CA GLU A 393 19.83 -35.84 2.23
C GLU A 393 19.53 -37.08 1.40
N VAL A 394 20.31 -38.13 1.60
CA VAL A 394 20.21 -39.36 0.84
C VAL A 394 19.80 -40.48 1.78
N THR A 395 18.63 -41.06 1.53
CA THR A 395 18.15 -42.14 2.37
C THR A 395 18.87 -43.46 2.10
N ASP A 396 19.30 -43.68 0.87
CA ASP A 396 20.01 -44.91 0.54
C ASP A 396 21.27 -45.05 1.40
N GLU A 397 21.45 -46.24 1.97
CA GLU A 397 22.60 -46.47 2.82
C GLU A 397 23.90 -46.51 2.01
N ASP A 398 23.85 -47.06 0.79
CA ASP A 398 25.05 -47.14 -0.03
C ASP A 398 25.60 -45.75 -0.35
N THR A 399 24.71 -44.79 -0.60
CA THR A 399 25.09 -43.46 -1.03
C THR A 399 24.75 -42.39 0.00
N ARG A 400 24.74 -42.76 1.28
CA ARG A 400 24.48 -41.80 2.34
C ARG A 400 25.68 -40.91 2.63
N HIS A 401 26.88 -41.34 2.26
CA HIS A 401 28.08 -40.59 2.61
C HIS A 401 28.05 -39.19 2.01
N LEU A 402 27.52 -39.06 0.81
CA LEU A 402 27.53 -37.79 0.11
C LEU A 402 26.40 -36.86 0.52
N SER A 403 25.53 -37.30 1.43
CA SER A 403 24.45 -36.44 1.87
C SER A 403 25.00 -35.31 2.72
N ARG A 404 24.20 -34.26 2.84
CA ARG A 404 24.62 -33.01 3.45
C ARG A 404 23.82 -32.61 4.67
N LYS A 405 22.68 -33.23 4.93
CA LYS A 405 21.82 -32.92 6.06
C LYS A 405 21.34 -34.22 6.68
N PHE A 406 21.78 -34.49 7.90
CA PHE A 406 21.41 -35.70 8.61
C PHE A 406 20.51 -35.38 9.80
N LYS A 407 19.71 -36.36 10.19
CA LYS A 407 18.91 -36.27 11.40
C LYS A 407 19.74 -36.70 12.59
N ASP A 408 19.65 -35.93 13.68
CA ASP A 408 20.43 -36.20 14.88
C ASP A 408 19.59 -36.84 15.98
N TRP A 409 18.52 -36.18 16.41
CA TRP A 409 17.62 -36.83 17.35
C TRP A 409 16.31 -36.06 17.43
N ALA A 410 15.29 -36.75 17.93
CA ALA A 410 13.97 -36.17 18.06
C ALA A 410 13.36 -36.54 19.39
N TYR A 411 12.75 -35.57 20.06
CA TYR A 411 12.00 -35.79 21.29
C TYR A 411 10.68 -35.05 21.16
N GLY A 412 9.60 -35.81 21.07
CA GLY A 412 8.29 -35.22 20.90
C GLY A 412 8.26 -34.29 19.70
N PRO A 413 7.62 -33.13 19.85
CA PRO A 413 7.56 -32.17 18.74
C PRO A 413 8.89 -31.54 18.38
N VAL A 414 9.94 -31.77 19.15
CA VAL A 414 11.24 -31.15 18.88
C VAL A 414 12.06 -32.10 18.00
N TYR A 415 12.50 -31.60 16.86
CA TYR A 415 13.34 -32.36 15.94
C TYR A 415 14.66 -31.62 15.74
N SER A 416 15.77 -32.34 15.79
CA SER A 416 17.08 -31.73 15.75
C SER A 416 17.92 -32.43 14.69
N SER A 417 18.29 -31.68 13.66
CA SER A 417 19.06 -32.16 12.52
C SER A 417 20.29 -31.29 12.37
N LEU A 418 21.43 -31.93 12.09
CA LEU A 418 22.68 -31.23 11.89
C LEU A 418 23.00 -31.17 10.41
N TYR A 419 23.28 -29.96 9.92
CA TYR A 419 23.72 -29.73 8.56
C TYR A 419 25.24 -29.82 8.47
N ASP A 420 25.72 -30.06 7.26
CA ASP A 420 27.15 -30.06 6.97
C ASP A 420 27.51 -28.74 6.31
N LEU A 421 28.64 -28.18 6.71
CA LEU A 421 29.06 -26.88 6.24
C LEU A 421 30.54 -26.85 5.88
N SER A 422 31.13 -28.01 5.60
CA SER A 422 32.56 -28.07 5.29
C SER A 422 32.92 -27.08 4.18
N SER A 423 32.31 -27.25 3.01
CA SER A 423 32.55 -26.32 1.92
C SER A 423 31.86 -24.99 2.15
N LEU A 424 30.74 -25.01 2.88
CA LEU A 424 29.96 -23.78 3.04
C LEU A 424 30.76 -22.72 3.81
N ASP A 425 31.43 -23.13 4.88
CA ASP A 425 32.22 -22.21 5.70
C ASP A 425 33.64 -22.75 5.80
N THR A 426 34.60 -21.90 5.48
CA THR A 426 36.01 -22.24 5.53
C THR A 426 36.73 -21.19 6.37
N CYS A 427 37.93 -21.54 6.81
CA CYS A 427 38.77 -20.67 7.62
C CYS A 427 40.02 -20.28 6.85
N GLY A 428 39.86 -19.96 5.56
CA GLY A 428 40.97 -19.65 4.70
C GLY A 428 41.54 -20.82 3.95
N GLU A 429 41.08 -22.04 4.24
CA GLU A 429 41.57 -23.21 3.52
C GLU A 429 41.23 -23.11 2.03
N GLU A 430 40.02 -22.65 1.71
CA GLU A 430 39.62 -22.43 0.34
C GLU A 430 38.51 -21.37 0.34
N ALA A 431 38.07 -21.03 -0.88
CA ALA A 431 36.98 -20.09 -1.02
C ALA A 431 35.69 -20.68 -0.42
N SER A 432 34.94 -19.83 0.26
CA SER A 432 33.72 -20.23 0.93
C SER A 432 32.51 -19.67 0.21
N VAL A 433 31.40 -20.42 0.29
CA VAL A 433 30.15 -19.98 -0.32
C VAL A 433 29.70 -18.66 0.30
N LEU A 434 29.88 -18.52 1.60
CA LEU A 434 29.37 -17.35 2.30
C LEU A 434 30.09 -16.09 1.84
N GLU A 435 31.42 -16.14 1.76
CA GLU A 435 32.19 -14.98 1.31
C GLU A 435 31.80 -14.60 -0.11
N ILE A 436 31.68 -15.58 -0.99
CA ILE A 436 31.31 -15.30 -2.38
C ILE A 436 29.92 -14.67 -2.44
N LEU A 437 28.99 -15.20 -1.68
CA LEU A 437 27.62 -14.73 -1.74
C LEU A 437 27.43 -13.37 -1.09
N VAL A 438 28.33 -12.99 -0.18
CA VAL A 438 28.14 -11.75 0.57
C VAL A 438 28.96 -10.61 -0.01
N TYR A 439 30.13 -10.91 -0.56
CA TYR A 439 31.03 -9.87 -1.02
C TYR A 439 30.92 -9.57 -2.51
N ASN A 440 30.57 -10.55 -3.33
CA ASN A 440 30.42 -10.29 -4.76
C ASN A 440 29.21 -9.41 -5.03
N SER A 441 29.29 -8.64 -6.09
CA SER A 441 28.28 -7.66 -6.45
C SER A 441 27.43 -8.16 -7.61
N LYS A 442 26.26 -7.53 -7.78
CA LYS A 442 25.36 -7.82 -8.90
C LYS A 442 24.91 -9.27 -8.88
N ILE A 443 24.33 -9.69 -7.76
CA ILE A 443 23.77 -11.02 -7.60
C ILE A 443 22.26 -10.91 -7.58
N GLU A 444 21.60 -11.81 -8.31
CA GLU A 444 20.17 -11.67 -8.56
C GLU A 444 19.37 -11.71 -7.26
N ASN A 445 19.57 -12.75 -6.46
CA ASN A 445 18.78 -12.95 -5.25
C ASN A 445 19.68 -12.91 -4.02
N ARG A 446 20.59 -11.94 -4.00
CA ARG A 446 21.56 -11.84 -2.90
C ARG A 446 20.89 -11.89 -1.55
N HIS A 447 19.77 -11.18 -1.40
CA HIS A 447 19.10 -11.11 -0.10
C HIS A 447 18.29 -12.38 0.19
N GLU A 448 17.57 -12.90 -0.81
CA GLU A 448 16.77 -14.09 -0.59
C GLU A 448 17.66 -15.30 -0.33
N MET A 449 18.80 -15.37 -1.00
CA MET A 449 19.67 -16.54 -0.89
C MET A 449 20.16 -16.76 0.53
N LEU A 450 20.28 -15.69 1.31
CA LEU A 450 20.81 -15.80 2.66
C LEU A 450 19.82 -16.43 3.63
N ALA A 451 18.54 -16.49 3.26
CA ALA A 451 17.50 -17.01 4.15
C ALA A 451 17.40 -18.52 3.94
N VAL A 452 18.39 -19.23 4.47
CA VAL A 452 18.42 -20.68 4.44
C VAL A 452 18.70 -21.18 5.85
N GLU A 453 18.29 -22.42 6.11
CA GLU A 453 18.26 -22.92 7.48
C GLU A 453 19.61 -22.82 8.16
N PRO A 454 20.72 -23.27 7.58
CA PRO A 454 22.00 -23.21 8.28
C PRO A 454 22.71 -21.87 8.17
N ILE A 455 22.50 -21.16 7.06
CA ILE A 455 23.26 -19.92 6.81
C ILE A 455 22.95 -18.88 7.88
N ASN A 456 21.66 -18.60 8.08
CA ASN A 456 21.27 -17.56 9.02
C ASN A 456 21.69 -17.92 10.44
N GLU A 457 21.48 -19.17 10.84
CA GLU A 457 21.85 -19.59 12.18
C GLU A 457 23.36 -19.54 12.36
N LEU A 458 24.13 -19.83 11.29
CA LEU A 458 25.57 -19.74 11.40
C LEU A 458 26.02 -18.31 11.62
N LEU A 459 25.43 -17.38 10.87
CA LEU A 459 25.75 -15.97 11.09
C LEU A 459 25.40 -15.56 12.51
N ARG A 460 24.24 -16.01 12.99
CA ARG A 460 23.81 -15.67 14.35
C ARG A 460 24.81 -16.19 15.38
N ASP A 461 25.16 -17.47 15.28
CA ASP A 461 26.06 -18.08 16.26
C ASP A 461 27.42 -17.42 16.21
N LYS A 462 27.91 -17.10 15.02
CA LYS A 462 29.20 -16.41 14.92
C LYS A 462 29.12 -15.05 15.57
N TRP A 463 28.01 -14.35 15.34
CA TRP A 463 27.80 -13.01 15.90
C TRP A 463 27.84 -13.05 17.42
N ARG A 464 27.16 -14.03 18.01
CA ARG A 464 27.17 -14.17 19.46
C ARG A 464 28.56 -14.56 19.95
N LYS A 465 29.15 -15.59 19.34
CA LYS A 465 30.43 -16.13 19.81
C LYS A 465 31.51 -15.06 19.85
N PHE A 466 31.75 -14.39 18.72
CA PHE A 466 32.83 -13.40 18.69
C PHE A 466 32.51 -12.13 17.92
N GLY A 467 31.38 -12.05 17.22
CA GLY A 467 31.13 -10.88 16.40
C GLY A 467 30.95 -9.61 17.21
N ALA A 468 30.15 -9.69 18.27
CA ALA A 468 29.77 -8.49 19.00
C ALA A 468 30.96 -7.84 19.69
N VAL A 469 31.77 -8.65 20.37
CA VAL A 469 32.84 -8.10 21.21
C VAL A 469 33.80 -7.27 20.37
N SER A 470 34.29 -7.85 19.27
CA SER A 470 35.30 -7.18 18.46
C SER A 470 34.76 -5.88 17.87
N PHE A 471 33.49 -5.87 17.49
CA PHE A 471 32.88 -4.67 16.94
C PHE A 471 32.91 -3.52 17.93
N TYR A 472 32.45 -3.77 19.15
CA TYR A 472 32.47 -2.73 20.17
C TYR A 472 33.89 -2.29 20.49
N ILE A 473 34.81 -3.24 20.57
CA ILE A 473 36.21 -2.89 20.82
C ILE A 473 36.71 -1.96 19.73
N ASN A 474 36.45 -2.31 18.48
CA ASN A 474 36.94 -1.51 17.36
C ASN A 474 36.35 -0.11 17.39
N VAL A 475 35.05 0.00 17.60
CA VAL A 475 34.41 1.32 17.57
C VAL A 475 34.96 2.19 18.69
N VAL A 476 35.10 1.62 19.89
CA VAL A 476 35.62 2.39 21.01
C VAL A 476 37.05 2.84 20.74
N SER A 477 37.88 1.92 20.25
CA SER A 477 39.27 2.28 19.98
C SER A 477 39.36 3.36 18.91
N TYR A 478 38.53 3.27 17.88
CA TYR A 478 38.54 4.27 16.82
C TYR A 478 38.14 5.64 17.36
N LEU A 479 37.11 5.68 18.20
CA LEU A 479 36.69 6.95 18.79
C LEU A 479 37.80 7.53 19.65
N CYS A 480 38.44 6.70 20.48
CA CYS A 480 39.54 7.18 21.31
C CYS A 480 40.68 7.71 20.45
N ALA A 481 41.01 6.99 19.38
CA ALA A 481 42.09 7.45 18.50
C ALA A 481 41.75 8.79 17.87
N MET A 482 40.50 8.97 17.46
CA MET A 482 40.11 10.26 16.91
C MET A 482 40.19 11.36 17.95
N VAL A 483 39.84 11.04 19.20
CA VAL A 483 39.96 12.05 20.26
C VAL A 483 41.42 12.44 20.44
N ILE A 484 42.32 11.46 20.43
CA ILE A 484 43.74 11.76 20.57
C ILE A 484 44.22 12.62 19.41
N PHE A 485 43.77 12.30 18.19
CA PHE A 485 44.15 13.09 17.03
C PHE A 485 43.63 14.52 17.16
N THR A 486 42.40 14.67 17.65
CA THR A 486 41.83 16.00 17.83
C THR A 486 42.65 16.80 18.82
N LEU A 487 43.04 16.18 19.94
CA LEU A 487 43.86 16.88 20.92
C LEU A 487 45.20 17.26 20.33
N THR A 488 45.82 16.35 19.58
CA THR A 488 47.11 16.67 18.97
C THR A 488 47.01 17.87 18.05
N ALA A 489 45.99 17.89 17.19
CA ALA A 489 45.82 19.04 16.30
C ALA A 489 45.54 20.31 17.09
N TYR A 490 44.72 20.20 18.14
CA TYR A 490 44.36 21.37 18.93
C TYR A 490 45.61 21.99 19.57
N TYR A 491 46.46 21.16 20.16
CA TYR A 491 47.63 21.63 20.87
C TYR A 491 48.85 21.80 19.97
N GLN A 492 48.64 21.87 18.67
CA GLN A 492 49.75 22.15 17.76
C GLN A 492 50.23 23.57 18.03
N PRO A 493 51.51 23.78 18.34
CA PRO A 493 51.98 25.13 18.69
C PRO A 493 51.89 26.07 17.50
N LEU A 494 51.05 27.10 17.63
CA LEU A 494 50.92 28.08 16.56
C LEU A 494 52.21 28.84 16.34
N GLU A 495 52.89 29.20 17.42
CA GLU A 495 54.14 29.94 17.31
C GLU A 495 55.22 29.09 16.65
N GLY A 496 56.11 29.75 15.92
CA GLY A 496 57.20 29.07 15.25
C GLY A 496 56.79 28.48 13.92
N THR A 497 57.69 27.68 13.37
CA THR A 497 57.50 27.03 12.08
C THR A 497 57.70 25.53 12.23
N PRO A 498 57.01 24.72 11.43
CA PRO A 498 57.17 23.27 11.52
C PRO A 498 58.47 22.83 10.86
N PRO A 499 59.15 21.82 11.41
CA PRO A 499 58.89 21.13 12.68
C PRO A 499 59.25 21.99 13.87
N TYR A 500 58.67 21.73 15.05
CA TYR A 500 58.95 22.50 16.24
C TYR A 500 59.82 21.68 17.19
N PRO A 501 60.93 22.22 17.69
CA PRO A 501 61.75 21.44 18.62
C PRO A 501 61.04 21.16 19.92
N TYR A 502 61.37 20.03 20.54
CA TYR A 502 60.78 19.59 21.79
C TYR A 502 61.85 19.58 22.87
N ARG A 503 61.60 20.31 23.96
CA ARG A 503 62.53 20.36 25.08
C ARG A 503 61.79 20.35 26.41
N THR A 504 60.59 19.78 26.44
CA THR A 504 59.80 19.76 27.67
C THR A 504 58.87 18.55 27.64
N THR A 505 58.38 18.19 28.83
CA THR A 505 57.50 17.02 28.94
C THR A 505 56.22 17.21 28.16
N VAL A 506 55.67 18.43 28.15
CA VAL A 506 54.47 18.70 27.36
C VAL A 506 54.75 18.50 25.87
N ASP A 507 55.94 18.93 25.42
CA ASP A 507 56.33 18.66 24.05
C ASP A 507 56.34 17.16 23.77
N TYR A 508 56.82 16.36 24.73
CA TYR A 508 56.82 14.92 24.56
C TYR A 508 55.42 14.33 24.59
N LEU A 509 54.49 14.98 25.29
CA LEU A 509 53.09 14.56 25.25
C LEU A 509 52.51 14.79 23.85
N ARG A 510 52.76 15.96 23.28
CA ARG A 510 52.33 16.22 21.91
C ARG A 510 52.97 15.24 20.94
N LEU A 511 54.25 14.94 21.15
CA LEU A 511 54.94 13.97 20.30
C LEU A 511 54.32 12.59 20.41
N ALA A 512 53.96 12.17 21.63
CA ALA A 512 53.31 10.88 21.80
C ALA A 512 51.99 10.83 21.03
N GLY A 513 51.19 11.89 21.15
CA GLY A 513 49.96 11.92 20.38
C GLY A 513 50.21 11.87 18.88
N GLU A 514 51.22 12.60 18.41
CA GLU A 514 51.55 12.60 16.99
C GLU A 514 51.94 11.21 16.51
N VAL A 515 52.76 10.50 17.27
CA VAL A 515 53.19 9.18 16.84
C VAL A 515 52.02 8.22 16.86
N ILE A 516 51.11 8.35 17.83
CA ILE A 516 49.91 7.50 17.82
C ILE A 516 49.10 7.73 16.56
N THR A 517 48.89 9.01 16.21
CA THR A 517 48.11 9.32 15.01
C THR A 517 48.78 8.76 13.77
N LEU A 518 50.10 8.93 13.67
CA LEU A 518 50.81 8.42 12.50
C LEU A 518 50.74 6.90 12.42
N PHE A 519 50.82 6.23 13.57
CA PHE A 519 50.69 4.78 13.60
C PHE A 519 49.33 4.35 13.08
N THR A 520 48.27 5.04 13.52
CA THR A 520 46.93 4.71 13.04
C THR A 520 46.84 4.91 11.52
N GLY A 521 47.36 6.02 11.03
CA GLY A 521 47.30 6.28 9.61
C GLY A 521 48.03 5.25 8.79
N VAL A 522 49.25 4.90 9.22
CA VAL A 522 50.03 3.91 8.47
C VAL A 522 49.36 2.55 8.53
N LEU A 523 48.75 2.20 9.66
CA LEU A 523 48.03 0.93 9.76
C LEU A 523 46.89 0.88 8.75
N PHE A 524 46.08 1.94 8.70
CA PHE A 524 44.98 1.96 7.74
C PHE A 524 45.50 1.91 6.31
N PHE A 525 46.58 2.64 6.03
CA PHE A 525 47.14 2.64 4.70
C PHE A 525 47.60 1.24 4.30
N PHE A 526 48.30 0.56 5.20
CA PHE A 526 48.76 -0.80 4.92
C PHE A 526 47.60 -1.75 4.70
N THR A 527 46.53 -1.62 5.50
CA THR A 527 45.40 -2.52 5.30
C THR A 527 44.78 -2.30 3.92
N ASN A 528 44.59 -1.04 3.53
CA ASN A 528 44.01 -0.76 2.22
C ASN A 528 44.93 -1.22 1.09
N ILE A 529 46.24 -1.00 1.24
CA ILE A 529 47.17 -1.38 0.19
C ILE A 529 47.22 -2.90 0.06
N LYS A 530 47.15 -3.62 1.17
CA LYS A 530 47.08 -5.08 1.09
C LYS A 530 45.81 -5.52 0.40
N ASP A 531 44.68 -4.87 0.71
CA ASP A 531 43.44 -5.22 0.03
C ASP A 531 43.57 -5.01 -1.47
N LEU A 532 44.17 -3.90 -1.89
CA LEU A 532 44.36 -3.65 -3.31
C LEU A 532 45.30 -4.67 -3.93
N PHE A 533 46.38 -5.01 -3.24
CA PHE A 533 47.38 -5.91 -3.79
C PHE A 533 46.82 -7.32 -3.97
N MET A 534 46.13 -7.82 -2.94
CA MET A 534 45.60 -9.18 -2.97
C MET A 534 44.11 -9.17 -3.24
N GLN A 550 36.24 0.89 1.40
CA GLN A 550 37.13 1.52 2.37
C GLN A 550 37.87 2.70 1.73
N LEU A 551 37.28 3.27 0.68
CA LEU A 551 37.90 4.40 0.00
C LEU A 551 38.06 5.59 0.94
N LEU A 552 37.06 5.86 1.78
CA LEU A 552 37.15 6.98 2.70
C LEU A 552 38.29 6.79 3.69
N TYR A 553 38.44 5.57 4.20
CA TYR A 553 39.54 5.30 5.12
C TYR A 553 40.88 5.40 4.41
N PHE A 554 40.93 5.00 3.14
CA PHE A 554 42.14 5.20 2.36
C PHE A 554 42.49 6.67 2.26
N ILE A 555 41.48 7.52 2.02
CA ILE A 555 41.71 8.97 1.97
C ILE A 555 42.23 9.45 3.33
N TYR A 556 41.63 8.97 4.41
CA TYR A 556 42.06 9.40 5.74
C TYR A 556 43.53 9.04 5.96
N SER A 557 43.90 7.81 5.65
CA SER A 557 45.28 7.38 5.88
C SER A 557 46.26 8.15 5.01
N VAL A 558 45.95 8.31 3.72
CA VAL A 558 46.87 9.01 2.83
C VAL A 558 47.02 10.45 3.25
N LEU A 559 45.92 11.10 3.68
CA LEU A 559 46.02 12.48 4.11
C LEU A 559 46.84 12.61 5.37
N VAL A 560 46.66 11.68 6.32
CA VAL A 560 47.46 11.72 7.55
C VAL A 560 48.94 11.61 7.23
N ILE A 561 49.31 10.64 6.39
CA ILE A 561 50.72 10.44 6.10
C ILE A 561 51.29 11.64 5.36
N VAL A 562 50.52 12.20 4.42
CA VAL A 562 50.99 13.38 3.70
C VAL A 562 51.18 14.54 4.66
N SER A 563 50.27 14.70 5.61
CA SER A 563 50.39 15.78 6.58
C SER A 563 51.64 15.61 7.43
N ALA A 564 51.92 14.37 7.86
CA ALA A 564 53.13 14.12 8.62
C ALA A 564 54.38 14.43 7.80
N ALA A 565 54.36 14.03 6.52
CA ALA A 565 55.51 14.29 5.66
C ALA A 565 55.76 15.78 5.49
N LEU A 566 54.68 16.55 5.27
CA LEU A 566 54.85 17.99 5.10
C LEU A 566 55.19 18.68 6.42
N TYR A 567 54.77 18.10 7.55
CA TYR A 567 55.26 18.58 8.84
C TYR A 567 56.76 18.40 8.95
N LEU A 568 57.26 17.24 8.51
CA LEU A 568 58.70 17.02 8.50
C LEU A 568 59.41 17.98 7.57
N ALA A 569 58.82 18.25 6.39
CA ALA A 569 59.48 19.12 5.43
C ALA A 569 59.54 20.57 5.92
N GLY A 570 58.44 21.08 6.45
CA GLY A 570 58.37 22.45 6.93
C GLY A 570 57.58 23.34 6.00
N ILE A 571 56.30 23.52 6.33
CA ILE A 571 55.39 24.40 5.61
C ILE A 571 54.13 24.52 6.47
N GLU A 572 53.45 25.66 6.43
CA GLU A 572 52.22 25.78 7.21
C GLU A 572 51.11 24.93 6.63
N ALA A 573 51.14 24.69 5.31
CA ALA A 573 50.02 24.07 4.63
C ALA A 573 49.59 22.78 5.30
N TYR A 574 50.53 22.06 5.92
CA TYR A 574 50.19 20.76 6.46
C TYR A 574 49.01 20.86 7.42
N LEU A 575 48.99 21.89 8.25
CA LEU A 575 47.94 22.00 9.24
C LEU A 575 46.59 21.92 8.55
N ALA A 576 46.44 22.65 7.44
CA ALA A 576 45.20 22.61 6.70
C ALA A 576 44.80 21.17 6.42
N VAL A 577 45.66 20.46 5.67
CA VAL A 577 45.30 19.09 5.30
C VAL A 577 45.19 18.25 6.56
N MET A 578 46.04 18.50 7.55
CA MET A 578 45.92 17.76 8.79
C MET A 578 44.54 17.93 9.37
N VAL A 579 44.08 19.18 9.46
CA VAL A 579 42.73 19.44 9.93
C VAL A 579 41.73 18.74 9.04
N PHE A 580 41.95 18.79 7.72
CA PHE A 580 41.02 18.13 6.83
C PHE A 580 40.93 16.65 7.16
N ALA A 581 42.07 16.03 7.44
CA ALA A 581 42.04 14.63 7.84
C ALA A 581 41.13 14.45 9.04
N LEU A 582 41.29 15.30 10.05
CA LEU A 582 40.46 15.20 11.23
C LEU A 582 38.99 15.25 10.86
N VAL A 583 38.64 16.14 9.93
CA VAL A 583 37.25 16.22 9.50
C VAL A 583 36.79 14.85 9.01
N LEU A 584 37.52 14.31 8.04
CA LEU A 584 37.17 12.99 7.52
C LEU A 584 37.20 11.97 8.64
N GLY A 585 38.12 12.15 9.59
CA GLY A 585 38.21 11.20 10.67
C GLY A 585 36.90 11.04 11.42
N TRP A 586 36.19 12.14 11.61
CA TRP A 586 34.87 12.07 12.21
C TRP A 586 33.77 11.90 11.16
N MET A 587 34.04 12.30 9.92
CA MET A 587 32.98 12.29 8.91
C MET A 587 32.46 10.88 8.69
N ASN A 588 33.32 9.88 8.90
CA ASN A 588 32.93 8.49 8.69
C ASN A 588 32.68 7.75 9.99
N ALA A 589 32.74 8.44 11.14
CA ALA A 589 32.43 7.76 12.39
C ALA A 589 31.01 7.24 12.38
N LEU A 590 30.12 7.95 11.69
CA LEU A 590 28.74 7.52 11.54
C LEU A 590 28.68 6.14 10.91
N TYR A 591 29.58 5.85 9.98
CA TYR A 591 29.57 4.56 9.30
C TYR A 591 29.90 3.42 10.23
N PHE A 592 30.43 3.69 11.42
CA PHE A 592 30.62 2.61 12.38
C PHE A 592 29.34 2.25 13.12
N THR A 593 28.28 3.05 12.98
CA THR A 593 26.99 2.67 13.53
C THR A 593 26.37 1.52 12.72
N ARG A 594 26.85 1.28 11.50
CA ARG A 594 26.38 0.20 10.66
C ARG A 594 26.13 -1.08 11.44
N GLY A 595 27.11 -1.50 12.25
CA GLY A 595 26.96 -2.75 12.98
C GLY A 595 25.72 -2.79 13.85
N LEU A 596 25.41 -1.66 14.52
CA LEU A 596 24.20 -1.57 15.32
C LEU A 596 22.97 -1.76 14.46
N LYS A 597 21.93 -2.36 15.03
CA LYS A 597 20.74 -2.69 14.25
C LYS A 597 19.82 -1.48 14.09
N LEU A 598 19.44 -0.86 15.21
CA LEU A 598 18.47 0.22 15.17
C LEU A 598 18.95 1.38 14.32
N THR A 599 20.22 1.78 14.48
CA THR A 599 20.76 2.92 13.75
C THR A 599 21.57 2.50 12.52
N GLY A 600 21.87 1.22 12.36
CA GLY A 600 22.69 0.78 11.25
C GLY A 600 21.91 0.78 9.95
N THR A 601 20.62 0.48 10.00
CA THR A 601 19.78 0.58 8.81
C THR A 601 19.66 2.02 8.35
N TYR A 602 19.48 2.95 9.30
CA TYR A 602 19.46 4.37 8.95
C TYR A 602 20.80 4.84 8.40
N SER A 603 21.91 4.37 8.96
CA SER A 603 23.21 4.74 8.41
C SER A 603 23.38 4.21 7.00
N ILE A 604 22.96 2.97 6.76
CA ILE A 604 23.07 2.39 5.42
C ILE A 604 22.23 3.17 4.43
N MET A 605 21.01 3.52 4.83
CA MET A 605 20.16 4.32 3.95
C MET A 605 20.78 5.69 3.67
N ILE A 606 21.35 6.33 4.69
CA ILE A 606 21.95 7.64 4.49
C ILE A 606 23.12 7.54 3.53
N GLN A 607 23.95 6.51 3.70
CA GLN A 607 25.07 6.32 2.78
C GLN A 607 24.58 6.07 1.36
N LYS A 608 23.51 5.28 1.22
CA LYS A 608 22.99 4.97 -0.10
C LYS A 608 22.48 6.22 -0.80
N ILE A 609 21.65 7.01 -0.12
CA ILE A 609 21.11 8.22 -0.73
C ILE A 609 22.23 9.22 -0.98
N LEU A 610 23.18 9.32 -0.06
CA LEU A 610 24.24 10.32 -0.17
C LEU A 610 25.04 10.14 -1.45
N PHE A 611 25.38 8.91 -1.81
CA PHE A 611 26.26 8.68 -2.95
C PHE A 611 25.51 8.75 -4.28
N LYS A 612 24.35 8.09 -4.36
CA LYS A 612 23.68 7.95 -5.64
C LYS A 612 22.88 9.19 -6.01
N ASP A 613 21.90 9.55 -5.18
CA ASP A 613 21.01 10.66 -5.51
C ASP A 613 21.68 12.01 -5.31
N LEU A 614 22.50 12.14 -4.27
CA LEU A 614 23.14 13.41 -3.98
C LEU A 614 24.22 13.75 -4.98
N PHE A 615 24.91 12.76 -5.54
CA PHE A 615 25.84 13.01 -6.63
C PHE A 615 25.12 13.63 -7.82
N ARG A 616 24.01 13.03 -8.24
CA ARG A 616 23.27 13.55 -9.38
C ARG A 616 22.76 14.96 -9.09
N PHE A 617 22.19 15.16 -7.90
CA PHE A 617 21.64 16.49 -7.58
C PHE A 617 22.74 17.55 -7.56
N LEU A 618 23.87 17.26 -6.91
CA LEU A 618 24.96 18.23 -6.86
C LEU A 618 25.49 18.54 -8.25
N LEU A 619 25.72 17.50 -9.07
CA LEU A 619 26.20 17.72 -10.42
C LEU A 619 25.19 18.52 -11.24
N VAL A 620 23.91 18.31 -11.00
CA VAL A 620 22.88 19.07 -11.70
C VAL A 620 22.92 20.53 -11.28
N TYR A 621 23.17 20.78 -9.99
CA TYR A 621 23.09 22.13 -9.47
C TYR A 621 24.32 22.95 -9.79
N LEU A 622 25.50 22.33 -9.89
CA LEU A 622 26.74 23.11 -9.96
C LEU A 622 26.77 24.01 -11.21
N LEU A 623 26.59 23.41 -12.39
CA LEU A 623 26.66 24.19 -13.62
C LEU A 623 25.56 25.22 -13.68
N PHE A 624 24.35 24.84 -13.27
CA PHE A 624 23.23 25.77 -13.29
C PHE A 624 23.54 26.99 -12.43
N MET A 625 24.00 26.76 -11.20
CA MET A 625 24.28 27.85 -10.28
C MET A 625 25.38 28.75 -10.82
N ILE A 626 26.49 28.14 -11.25
CA ILE A 626 27.63 28.94 -11.69
C ILE A 626 27.25 29.78 -12.91
N GLY A 627 26.57 29.16 -13.88
CA GLY A 627 26.19 29.89 -15.07
C GLY A 627 25.20 31.01 -14.80
N TYR A 628 24.20 30.74 -13.96
CA TYR A 628 23.21 31.78 -13.66
C TYR A 628 23.85 32.94 -12.91
N ALA A 629 24.72 32.64 -11.95
CA ALA A 629 25.40 33.71 -11.22
C ALA A 629 26.31 34.49 -12.15
N SER A 630 26.99 33.80 -13.08
CA SER A 630 27.80 34.50 -14.07
C SER A 630 26.95 35.42 -14.92
N ALA A 631 25.75 34.97 -15.28
CA ALA A 631 24.86 35.82 -16.06
C ALA A 631 24.48 37.07 -15.28
N LEU A 632 24.15 36.91 -14.00
CA LEU A 632 23.79 38.06 -13.18
C LEU A 632 24.98 39.01 -13.06
N VAL A 633 26.18 38.48 -12.88
CA VAL A 633 27.37 39.33 -12.79
C VAL A 633 27.59 40.09 -14.09
N SER A 634 27.41 39.42 -15.23
CA SER A 634 27.56 40.10 -16.51
C SER A 634 26.52 41.18 -16.68
N LEU A 635 25.33 41.00 -16.09
CA LEU A 635 24.30 42.01 -16.21
C LEU A 635 24.76 43.34 -15.64
N LEU A 636 25.43 43.32 -14.50
CA LEU A 636 25.82 44.55 -13.84
C LEU A 636 26.94 45.25 -14.59
N ASN A 637 26.93 46.58 -14.56
CA ASN A 637 27.94 47.40 -15.18
C ASN A 637 28.48 48.43 -14.19
N PRO A 638 29.80 48.53 -14.01
CA PRO A 638 30.33 49.54 -13.09
C PRO A 638 30.22 50.96 -13.64
N ASP A 662 37.23 41.03 -15.45
CA ASP A 662 36.48 41.41 -14.25
C ASP A 662 36.42 40.24 -13.28
N SER A 663 37.53 39.50 -13.18
CA SER A 663 37.54 38.31 -12.33
C SER A 663 37.35 38.67 -10.87
N GLU A 664 37.95 39.77 -10.41
CA GLU A 664 37.84 40.15 -9.00
C GLU A 664 36.39 40.50 -8.64
N THR A 665 35.72 41.24 -9.52
CA THR A 665 34.33 41.59 -9.27
C THR A 665 33.48 40.33 -9.15
N PHE A 666 33.69 39.38 -10.06
CA PHE A 666 32.96 38.12 -9.98
C PHE A 666 33.25 37.38 -8.68
N SER A 667 34.52 37.36 -8.28
CA SER A 667 34.89 36.64 -7.06
C SER A 667 34.18 37.23 -5.85
N THR A 668 34.15 38.55 -5.75
CA THR A 668 33.45 39.18 -4.63
C THR A 668 31.95 38.92 -4.70
N PHE A 669 31.36 39.14 -5.87
CA PHE A 669 29.91 39.01 -6.00
C PHE A 669 29.45 37.59 -5.72
N LEU A 670 30.26 36.59 -6.10
CA LEU A 670 29.84 35.21 -5.86
C LEU A 670 29.73 34.93 -4.37
N LEU A 671 30.68 35.43 -3.57
CA LEU A 671 30.58 35.26 -2.14
C LEU A 671 29.33 35.94 -1.62
N ASP A 672 29.08 37.17 -2.10
CA ASP A 672 27.89 37.87 -1.65
C ASP A 672 26.62 37.10 -2.02
N LEU A 673 26.57 36.57 -3.24
CA LEU A 673 25.39 35.86 -3.71
C LEU A 673 25.16 34.57 -2.94
N PHE A 674 26.23 33.83 -2.64
CA PHE A 674 26.08 32.63 -1.84
C PHE A 674 25.59 32.98 -0.43
N LYS A 675 26.12 34.06 0.14
CA LYS A 675 25.66 34.49 1.45
C LYS A 675 24.18 34.83 1.42
N LEU A 676 23.74 35.51 0.36
CA LEU A 676 22.31 35.78 0.21
C LEU A 676 21.52 34.49 0.07
N THR A 677 22.10 33.48 -0.59
CA THR A 677 21.46 32.18 -0.68
C THR A 677 21.30 31.55 0.69
N ILE A 678 22.23 31.82 1.61
CA ILE A 678 22.10 31.30 2.97
C ILE A 678 20.94 31.96 3.71
N GLY A 679 20.52 33.13 3.28
CA GLY A 679 19.50 33.91 3.96
C GLY A 679 20.03 35.05 4.78
N MET A 680 21.34 35.27 4.79
CA MET A 680 21.98 36.36 5.54
C MET A 680 22.76 37.23 4.57
N GLY A 681 22.70 38.55 4.79
CA GLY A 681 23.40 39.53 3.99
C GLY A 681 22.46 40.57 3.43
N ASP A 682 22.98 41.39 2.53
CA ASP A 682 22.19 42.44 1.90
C ASP A 682 22.68 42.65 0.47
N LEU A 683 21.75 42.95 -0.42
CA LEU A 683 22.07 43.15 -1.84
C LEU A 683 22.32 44.64 -2.12
N GLU A 684 23.38 45.16 -1.49
CA GLU A 684 23.75 46.56 -1.65
C GLU A 684 24.53 46.83 -2.93
N MET A 685 25.02 45.78 -3.61
CA MET A 685 25.89 45.96 -4.77
C MET A 685 25.15 46.40 -6.02
N LEU A 686 23.82 46.32 -6.04
CA LEU A 686 23.05 46.59 -7.26
C LEU A 686 23.01 48.07 -7.62
N SER A 687 23.74 48.95 -6.94
CA SER A 687 23.62 50.38 -7.22
C SER A 687 24.16 50.73 -8.60
N SER A 688 25.17 49.99 -9.07
CA SER A 688 25.81 50.28 -10.35
C SER A 688 25.03 49.71 -11.53
N THR A 689 23.96 48.97 -11.29
CA THR A 689 23.27 48.24 -12.34
C THR A 689 22.20 49.11 -12.99
N LYS A 690 22.10 49.02 -14.32
CA LYS A 690 21.01 49.61 -15.06
C LYS A 690 19.87 48.61 -15.19
N TYR A 691 18.65 49.13 -15.30
CA TYR A 691 17.48 48.25 -15.32
C TYR A 691 17.50 47.38 -14.07
N PRO A 692 17.38 47.98 -12.88
CA PRO A 692 17.39 47.16 -11.67
C PRO A 692 16.21 46.21 -11.58
N VAL A 693 15.10 46.53 -12.26
CA VAL A 693 13.89 45.72 -12.12
C VAL A 693 14.14 44.29 -12.58
N VAL A 694 14.81 44.12 -13.72
CA VAL A 694 15.05 42.79 -14.23
C VAL A 694 15.99 42.03 -13.31
N PHE A 695 16.95 42.72 -12.71
CA PHE A 695 17.83 42.07 -11.75
C PHE A 695 17.03 41.57 -10.55
N ILE A 696 16.09 42.39 -10.07
CA ILE A 696 15.23 41.98 -8.97
C ILE A 696 14.45 40.73 -9.36
N ILE A 697 13.88 40.73 -10.57
CA ILE A 697 13.08 39.59 -11.01
C ILE A 697 13.93 38.35 -11.09
N LEU A 698 15.14 38.48 -11.65
CA LEU A 698 16.02 37.33 -11.81
C LEU A 698 16.41 36.76 -10.46
N LEU A 699 16.74 37.63 -9.50
CA LEU A 699 17.07 37.13 -8.16
C LEU A 699 15.85 36.48 -7.52
N VAL A 700 14.66 37.02 -7.79
CA VAL A 700 13.43 36.43 -7.27
C VAL A 700 13.28 35.01 -7.77
N THR A 701 13.40 34.83 -9.08
CA THR A 701 13.25 33.50 -9.67
C THR A 701 14.36 32.57 -9.21
N TYR A 702 15.58 33.10 -9.05
CA TYR A 702 16.68 32.29 -8.54
C TYR A 702 16.35 31.75 -7.16
N ILE A 703 15.89 32.62 -6.26
CA ILE A 703 15.52 32.18 -4.92
C ILE A 703 14.39 31.18 -4.99
N ILE A 704 13.40 31.44 -5.84
CA ILE A 704 12.24 30.55 -5.93
C ILE A 704 12.69 29.15 -6.35
N LEU A 705 13.52 29.07 -7.38
CA LEU A 705 13.98 27.76 -7.84
C LEU A 705 14.82 27.08 -6.79
N THR A 706 15.74 27.81 -6.16
CA THR A 706 16.64 27.19 -5.20
C THR A 706 15.87 26.65 -3.99
N PHE A 707 14.91 27.41 -3.49
CA PHE A 707 14.25 27.06 -2.24
C PHE A 707 13.01 26.20 -2.47
N VAL A 708 12.17 26.57 -3.43
CA VAL A 708 10.87 25.92 -3.54
C VAL A 708 10.98 24.62 -4.31
N LEU A 709 11.59 24.65 -5.50
CA LEU A 709 11.55 23.49 -6.37
C LEU A 709 12.74 22.56 -6.15
N LEU A 710 13.95 23.09 -6.21
CA LEU A 710 15.13 22.23 -6.09
C LEU A 710 15.20 21.59 -4.71
N LEU A 711 15.01 22.37 -3.65
CA LEU A 711 15.07 21.83 -2.31
C LEU A 711 13.93 20.85 -2.04
N ASN A 712 12.73 21.15 -2.55
CA ASN A 712 11.60 20.26 -2.32
C ASN A 712 11.80 18.90 -2.97
N MET A 713 12.31 18.90 -4.21
CA MET A 713 12.52 17.63 -4.90
C MET A 713 13.47 16.74 -4.13
N LEU A 714 14.49 17.33 -3.52
CA LEU A 714 15.40 16.56 -2.67
C LEU A 714 14.65 15.95 -1.50
N ILE A 715 13.71 16.70 -0.92
CA ILE A 715 12.90 16.17 0.17
C ILE A 715 12.07 14.99 -0.31
N ALA A 716 11.43 15.15 -1.47
CA ALA A 716 10.53 14.13 -1.98
C ALA A 716 11.27 12.82 -2.26
N LEU A 717 12.48 12.91 -2.80
CA LEU A 717 13.19 11.70 -3.21
C LEU A 717 13.42 10.77 -2.03
N MET A 718 13.82 11.33 -0.88
CA MET A 718 14.08 10.48 0.28
C MET A 718 12.80 9.78 0.73
N GLY A 719 11.69 10.50 0.75
CA GLY A 719 10.45 9.90 1.22
C GLY A 719 10.04 8.70 0.39
N GLU A 720 10.16 8.81 -0.94
CA GLU A 720 9.71 7.73 -1.80
C GLU A 720 10.66 6.54 -1.77
N THR A 721 11.97 6.80 -1.69
CA THR A 721 12.94 5.70 -1.68
C THR A 721 12.74 4.81 -0.47
N VAL A 722 12.52 5.41 0.70
CA VAL A 722 12.32 4.61 1.92
C VAL A 722 11.05 3.80 1.80
N GLY A 723 9.99 4.40 1.25
CA GLY A 723 8.75 3.66 1.07
C GLY A 723 8.92 2.47 0.15
N GLN A 724 9.66 2.67 -0.95
CA GLN A 724 9.94 1.57 -1.87
C GLN A 724 10.80 0.50 -1.21
N VAL A 725 11.67 0.90 -0.27
CA VAL A 725 12.56 -0.04 0.40
C VAL A 725 12.08 -0.32 1.83
N SER A 726 10.80 -0.09 2.11
CA SER A 726 10.27 -0.35 3.44
C SER A 726 10.56 -1.80 3.87
N LYS A 727 10.22 -2.76 3.00
CA LYS A 727 10.62 -4.14 3.25
C LYS A 727 12.12 -4.31 3.15
N GLU A 728 12.75 -3.56 2.24
CA GLU A 728 14.19 -3.70 2.03
C GLU A 728 15.00 -3.30 3.25
N SER A 729 14.40 -2.59 4.20
CA SER A 729 15.15 -2.17 5.38
C SER A 729 15.77 -3.36 6.10
N LYS A 730 14.97 -4.41 6.32
CA LYS A 730 15.50 -5.60 6.99
C LYS A 730 16.52 -6.30 6.12
N HIS A 731 16.31 -6.33 4.81
CA HIS A 731 17.27 -6.95 3.91
C HIS A 731 18.60 -6.22 3.95
N ILE A 732 18.57 -4.89 3.81
CA ILE A 732 19.80 -4.11 3.83
C ILE A 732 20.49 -4.26 5.18
N TRP A 733 19.73 -4.23 6.26
CA TRP A 733 20.31 -4.40 7.58
C TRP A 733 21.00 -5.74 7.72
N LYS A 734 20.34 -6.81 7.26
CA LYS A 734 20.92 -8.14 7.37
C LYS A 734 22.20 -8.24 6.55
N LEU A 735 22.19 -7.69 5.35
CA LEU A 735 23.40 -7.72 4.53
C LEU A 735 24.52 -6.94 5.19
N GLN A 736 24.22 -5.77 5.76
CA GLN A 736 25.25 -4.97 6.41
C GLN A 736 25.83 -5.71 7.60
N TRP A 737 24.96 -6.35 8.38
CA TRP A 737 25.40 -7.13 9.54
C TRP A 737 26.29 -8.29 9.09
N ALA A 738 25.91 -8.96 8.01
CA ALA A 738 26.72 -10.06 7.51
C ALA A 738 28.09 -9.56 7.05
N THR A 739 28.13 -8.45 6.32
CA THR A 739 29.41 -7.99 5.79
C THR A 739 30.34 -7.54 6.91
N THR A 740 29.80 -6.87 7.92
CA THR A 740 30.67 -6.48 9.04
C THR A 740 31.21 -7.72 9.75
N ILE A 741 30.35 -8.71 9.99
CA ILE A 741 30.82 -9.91 10.66
C ILE A 741 31.92 -10.58 9.85
N LEU A 742 31.72 -10.71 8.54
CA LEU A 742 32.71 -11.37 7.71
C LEU A 742 34.00 -10.58 7.61
N ASP A 743 33.93 -9.24 7.60
CA ASP A 743 35.14 -8.45 7.64
C ASP A 743 35.92 -8.73 8.91
N ILE A 744 35.23 -8.76 10.05
CA ILE A 744 35.91 -9.05 11.31
C ILE A 744 36.54 -10.44 11.26
N GLU A 745 35.81 -11.40 10.71
CA GLU A 745 36.33 -12.77 10.64
C GLU A 745 37.56 -12.85 9.75
N ARG A 746 37.53 -12.14 8.62
CA ARG A 746 38.65 -12.15 7.69
C ARG A 746 39.87 -11.51 8.32
N SER A 747 39.68 -10.46 9.11
CA SER A 747 40.82 -9.71 9.64
C SER A 747 41.76 -10.63 10.43
N PHE A 748 41.20 -11.56 11.19
CA PHE A 748 42.02 -12.39 12.07
C PHE A 748 42.86 -13.38 11.26
N PRO A 749 44.03 -13.76 11.77
CA PRO A 749 44.86 -14.76 11.07
C PRO A 749 44.21 -16.14 11.05
N VAL A 750 44.84 -17.08 10.34
CA VAL A 750 44.20 -18.37 10.09
C VAL A 750 44.05 -19.15 11.38
N PHE A 751 45.11 -19.25 12.18
CA PHE A 751 45.04 -20.10 13.36
C PHE A 751 44.02 -19.58 14.37
N LEU A 752 43.89 -18.25 14.49
CA LEU A 752 42.87 -17.70 15.37
C LEU A 752 41.48 -18.08 14.88
N ARG A 753 41.29 -18.06 13.56
CA ARG A 753 40.02 -18.51 12.98
C ARG A 753 39.79 -19.98 13.29
N LYS A 754 40.84 -20.80 13.22
CA LYS A 754 40.70 -22.19 13.62
C LYS A 754 40.23 -22.30 15.05
N ALA A 755 40.75 -21.44 15.93
CA ALA A 755 40.33 -21.46 17.32
C ALA A 755 38.84 -21.12 17.44
N PHE A 756 38.38 -20.15 16.67
CA PHE A 756 37.01 -19.66 16.80
C PHE A 756 36.03 -20.35 15.85
N ARG A 757 36.50 -21.30 15.05
CA ARG A 757 35.63 -21.93 14.06
C ARG A 757 34.41 -22.54 14.73
N SER A 758 33.26 -22.35 14.12
CA SER A 758 31.98 -22.76 14.68
C SER A 758 31.58 -24.12 14.14
N GLY A 759 31.06 -24.97 15.02
CA GLY A 759 30.55 -26.28 14.64
C GLY A 759 31.29 -27.39 15.35
N GLU A 760 30.61 -28.52 15.52
CA GLU A 760 31.14 -29.67 16.23
C GLU A 760 31.45 -30.80 15.27
N MET A 761 32.63 -31.39 15.42
CA MET A 761 32.99 -32.56 14.64
C MET A 761 32.11 -33.72 15.07
N VAL A 762 31.38 -34.29 14.11
CA VAL A 762 30.39 -35.32 14.37
C VAL A 762 30.66 -36.47 13.42
N THR A 763 30.92 -37.65 13.97
CA THR A 763 31.07 -38.86 13.18
C THR A 763 29.70 -39.35 12.76
N VAL A 764 29.33 -39.09 11.50
CA VAL A 764 28.01 -39.39 11.00
C VAL A 764 27.92 -40.75 10.33
N GLY A 765 29.04 -41.42 10.12
CA GLY A 765 29.03 -42.72 9.49
C GLY A 765 30.44 -43.16 9.18
N LYS A 766 30.51 -44.36 8.58
CA LYS A 766 31.76 -44.94 8.18
C LYS A 766 31.80 -45.03 6.65
N SER A 767 32.91 -44.57 6.07
CA SER A 767 33.04 -44.57 4.63
C SER A 767 33.01 -46.00 4.09
N SER A 768 33.10 -46.12 2.77
CA SER A 768 33.06 -47.44 2.14
C SER A 768 34.11 -48.37 2.73
N ASP A 769 35.31 -47.85 2.99
CA ASP A 769 36.35 -48.67 3.60
C ASP A 769 36.07 -48.97 5.06
N GLY A 770 35.18 -48.22 5.69
CA GLY A 770 34.82 -48.41 7.08
C GLY A 770 35.40 -47.38 8.01
N THR A 771 36.34 -46.56 7.55
CA THR A 771 36.91 -45.54 8.41
C THR A 771 35.87 -44.46 8.72
N PRO A 772 35.96 -43.81 9.88
CA PRO A 772 34.99 -42.78 10.22
C PRO A 772 35.14 -41.53 9.38
N ASP A 773 34.02 -40.81 9.25
CA ASP A 773 34.02 -39.58 8.45
C ASP A 773 34.60 -38.41 9.25
N ARG A 774 34.01 -38.11 10.40
CA ARG A 774 34.47 -37.03 11.27
C ARG A 774 34.42 -35.69 10.52
N ARG A 775 33.19 -35.30 10.20
CA ARG A 775 32.91 -34.17 9.34
C ARG A 775 32.26 -33.04 10.13
N TRP A 776 32.74 -31.83 9.91
CA TRP A 776 32.19 -30.67 10.61
C TRP A 776 30.70 -30.51 10.30
N CYS A 777 29.95 -30.06 11.29
CA CYS A 777 28.51 -29.88 11.15
C CYS A 777 28.01 -28.85 12.15
N PHE A 778 26.80 -28.36 11.90
CA PHE A 778 26.15 -27.34 12.71
C PHE A 778 24.69 -27.73 12.91
N ARG A 779 24.19 -27.56 14.12
CA ARG A 779 22.93 -28.18 14.54
C ARG A 779 21.81 -27.16 14.53
N VAL A 780 20.64 -27.57 14.06
CA VAL A 780 19.43 -26.76 14.15
C VAL A 780 18.26 -27.64 14.56
N ASP A 781 17.39 -27.09 15.40
CA ASP A 781 16.22 -27.82 15.88
C ASP A 781 14.97 -26.99 15.67
N GLU A 782 13.89 -27.67 15.29
CA GLU A 782 12.60 -27.04 15.02
C GLU A 782 11.51 -27.77 15.79
N VAL A 783 10.31 -27.20 15.74
CA VAL A 783 9.14 -27.74 16.40
C VAL A 783 8.05 -27.93 15.35
N ASN A 784 7.48 -29.13 15.30
CA ASN A 784 6.43 -29.47 14.34
C ASN A 784 5.33 -30.21 15.08
N TRP A 785 4.11 -29.73 14.95
CA TRP A 785 2.95 -30.31 15.61
C TRP A 785 2.09 -31.13 14.66
N SER A 786 2.51 -31.24 13.39
CA SER A 786 1.76 -31.99 12.40
C SER A 786 2.42 -33.31 12.05
N HIS A 787 3.62 -33.56 12.54
CA HIS A 787 4.35 -34.78 12.18
C HIS A 787 4.10 -35.84 13.24
N ASN B 150 -53.17 -18.55 45.27
CA ASN B 150 -53.08 -19.64 44.32
C ASN B 150 -52.22 -19.25 43.12
N ARG B 151 -51.82 -17.97 43.08
CA ARG B 151 -50.98 -17.50 41.97
C ARG B 151 -49.71 -18.33 41.83
N PRO B 152 -48.93 -18.58 42.89
CA PRO B 152 -47.72 -19.38 42.71
C PRO B 152 -48.00 -20.77 42.17
N ILE B 153 -49.07 -21.41 42.65
CA ILE B 153 -49.42 -22.74 42.16
C ILE B 153 -49.74 -22.69 40.68
N LEU B 154 -50.52 -21.70 40.27
CA LEU B 154 -50.89 -21.57 38.86
C LEU B 154 -49.66 -21.33 37.99
N PHE B 155 -48.77 -20.44 38.44
CA PHE B 155 -47.56 -20.18 37.67
C PHE B 155 -46.71 -21.43 37.54
N ASP B 156 -46.56 -22.19 38.64
CA ASP B 156 -45.80 -23.43 38.56
C ASP B 156 -46.44 -24.42 37.60
N ILE B 157 -47.78 -24.53 37.66
CA ILE B 157 -48.48 -25.47 36.79
C ILE B 157 -48.25 -25.12 35.33
N VAL B 158 -48.41 -23.85 34.99
CA VAL B 158 -48.27 -23.44 33.59
C VAL B 158 -46.82 -23.55 33.14
N SER B 159 -45.88 -23.17 34.00
CA SER B 159 -44.47 -23.27 33.63
C SER B 159 -44.07 -24.71 33.37
N ARG B 160 -44.56 -25.63 34.20
CA ARG B 160 -44.25 -27.04 33.98
C ARG B 160 -44.82 -27.53 32.65
N GLY B 161 -46.00 -27.04 32.27
CA GLY B 161 -46.65 -27.48 31.06
C GLY B 161 -47.48 -28.73 31.21
N SER B 162 -47.75 -29.18 32.44
CA SER B 162 -48.49 -30.40 32.67
C SER B 162 -49.98 -30.14 32.58
N THR B 163 -50.70 -31.00 31.86
CA THR B 163 -52.14 -30.84 31.69
C THR B 163 -52.92 -31.27 32.93
N ALA B 164 -52.42 -32.28 33.65
CA ALA B 164 -53.20 -32.87 34.74
C ALA B 164 -53.48 -31.86 35.85
N ASP B 165 -52.48 -31.05 36.20
CA ASP B 165 -52.61 -30.15 37.34
C ASP B 165 -53.77 -29.17 37.18
N LEU B 166 -54.18 -28.88 35.94
CA LEU B 166 -55.21 -27.89 35.73
C LEU B 166 -56.58 -28.38 36.16
N ASP B 167 -56.79 -29.70 36.18
CA ASP B 167 -58.10 -30.23 36.53
C ASP B 167 -58.55 -29.70 37.88
N GLY B 168 -59.79 -29.20 37.93
CA GLY B 168 -60.37 -28.64 39.13
C GLY B 168 -60.37 -27.12 39.17
N LEU B 169 -59.59 -26.47 38.32
CA LEU B 169 -59.57 -25.00 38.31
C LEU B 169 -60.92 -24.44 37.90
N LEU B 170 -61.58 -25.05 36.92
CA LEU B 170 -62.89 -24.55 36.48
C LEU B 170 -63.91 -24.52 37.61
N PRO B 171 -64.18 -25.63 38.30
CA PRO B 171 -65.12 -25.57 39.44
C PRO B 171 -64.64 -24.64 40.54
N PHE B 172 -63.33 -24.55 40.77
CA PHE B 172 -62.82 -23.64 41.79
C PHE B 172 -63.21 -22.19 41.47
N LEU B 173 -62.92 -21.76 40.24
CA LEU B 173 -63.27 -20.40 39.85
C LEU B 173 -64.78 -20.20 39.87
N LEU B 174 -65.53 -21.19 39.42
CA LEU B 174 -66.99 -21.07 39.43
C LEU B 174 -67.52 -20.89 40.84
N THR B 175 -67.02 -21.68 41.79
CA THR B 175 -67.49 -21.58 43.16
C THR B 175 -67.08 -20.25 43.79
N HIS B 176 -65.82 -19.85 43.61
CA HIS B 176 -65.34 -18.60 44.19
C HIS B 176 -65.58 -17.40 43.29
N LYS B 177 -66.02 -17.60 42.05
CA LYS B 177 -66.36 -16.52 41.14
C LYS B 177 -65.21 -15.52 41.04
N LYS B 178 -64.00 -16.05 40.88
CA LYS B 178 -62.79 -15.25 40.77
C LYS B 178 -62.30 -15.27 39.33
N ARG B 179 -62.13 -14.09 38.74
CA ARG B 179 -61.70 -13.99 37.36
C ARG B 179 -60.20 -14.25 37.24
N LEU B 180 -59.78 -14.60 36.03
CA LEU B 180 -58.38 -14.90 35.77
C LEU B 180 -57.54 -13.64 35.62
N THR B 181 -58.16 -12.46 35.58
CA THR B 181 -57.44 -11.20 35.50
C THR B 181 -57.39 -10.46 36.84
N ASP B 182 -57.76 -11.14 37.94
CA ASP B 182 -57.72 -10.51 39.25
C ASP B 182 -56.28 -10.17 39.61
N GLU B 183 -56.12 -9.09 40.39
CA GLU B 183 -54.78 -8.63 40.76
C GLU B 183 -53.98 -9.74 41.41
N GLU B 184 -54.62 -10.56 42.23
CA GLU B 184 -53.91 -11.64 42.92
C GLU B 184 -53.35 -12.65 41.93
N PHE B 185 -54.15 -13.03 40.93
CA PHE B 185 -53.68 -14.00 39.95
C PHE B 185 -52.53 -13.43 39.11
N ARG B 186 -52.60 -12.15 38.79
CA ARG B 186 -51.60 -11.53 37.94
C ARG B 186 -50.35 -11.18 38.75
N GLU B 187 -49.21 -11.26 38.10
CA GLU B 187 -47.94 -10.95 38.76
C GLU B 187 -47.84 -9.45 38.98
N PRO B 188 -47.61 -8.99 40.20
CA PRO B 188 -47.57 -7.55 40.44
C PRO B 188 -46.43 -6.85 39.71
N SER B 189 -45.32 -7.53 39.47
CA SER B 189 -44.14 -6.88 38.91
C SER B 189 -44.45 -6.28 37.54
N THR B 190 -45.04 -7.07 36.65
CA THR B 190 -45.33 -6.65 35.28
C THR B 190 -46.81 -6.58 34.98
N GLY B 191 -47.57 -7.59 35.39
CA GLY B 191 -48.94 -7.77 34.95
C GLY B 191 -49.16 -9.02 34.14
N LYS B 192 -48.10 -9.80 33.89
CA LYS B 192 -48.19 -10.99 33.08
C LYS B 192 -49.32 -11.89 33.54
N THR B 193 -50.19 -12.24 32.60
CA THR B 193 -51.28 -13.17 32.84
C THR B 193 -50.82 -14.60 32.53
N CYS B 194 -51.75 -15.55 32.64
CA CYS B 194 -51.41 -16.95 32.45
C CYS B 194 -50.98 -17.24 31.01
N LEU B 195 -51.68 -16.67 30.04
CA LEU B 195 -51.40 -16.99 28.65
C LEU B 195 -49.99 -16.61 28.22
N PRO B 196 -49.52 -15.38 28.46
CA PRO B 196 -48.14 -15.06 28.08
C PRO B 196 -47.11 -15.92 28.77
N LYS B 197 -47.34 -16.28 30.04
CA LYS B 197 -46.40 -17.15 30.73
C LYS B 197 -46.36 -18.53 30.08
N ALA B 198 -47.54 -19.08 29.75
CA ALA B 198 -47.57 -20.37 29.09
C ALA B 198 -46.87 -20.32 27.74
N LEU B 199 -47.09 -19.26 26.99
CA LEU B 199 -46.46 -19.13 25.67
C LEU B 199 -44.96 -18.94 25.78
N LEU B 200 -44.50 -18.24 26.81
CA LEU B 200 -43.07 -17.95 26.94
C LEU B 200 -42.25 -19.23 27.02
N ASN B 201 -42.71 -20.19 27.80
CA ASN B 201 -41.98 -21.44 28.04
C ASN B 201 -42.80 -22.59 27.48
N LEU B 202 -42.38 -23.12 26.34
CA LEU B 202 -43.03 -24.27 25.72
C LEU B 202 -41.96 -25.15 25.10
N SER B 203 -42.39 -26.29 24.58
CA SER B 203 -41.49 -27.28 23.99
C SER B 203 -41.87 -27.48 22.52
N ASN B 204 -40.85 -27.45 21.67
CA ASN B 204 -40.97 -27.70 20.23
C ASN B 204 -42.30 -27.17 19.68
N GLY B 205 -42.61 -25.94 20.07
CA GLY B 205 -43.78 -25.27 19.53
C GLY B 205 -45.11 -25.87 19.93
N ARG B 206 -45.14 -26.67 21.00
CA ARG B 206 -46.38 -27.33 21.43
C ARG B 206 -46.44 -27.28 22.95
N ASN B 207 -47.07 -26.23 23.48
CA ASN B 207 -47.27 -26.13 24.93
C ASN B 207 -48.30 -27.14 25.42
N ASP B 208 -49.38 -27.30 24.66
CA ASP B 208 -50.49 -28.23 24.91
C ASP B 208 -51.44 -27.75 26.01
N THR B 209 -51.17 -26.63 26.69
CA THR B 209 -52.06 -26.11 27.70
C THR B 209 -52.94 -24.97 27.21
N ILE B 210 -52.54 -24.29 26.14
CA ILE B 210 -53.25 -23.08 25.71
C ILE B 210 -54.75 -23.33 25.51
N PRO B 211 -55.18 -24.36 24.77
CA PRO B 211 -56.63 -24.53 24.54
C PRO B 211 -57.41 -24.66 25.83
N VAL B 212 -56.87 -25.34 26.83
CA VAL B 212 -57.57 -25.48 28.10
C VAL B 212 -57.74 -24.13 28.77
N LEU B 213 -56.68 -23.31 28.74
CA LEU B 213 -56.77 -21.98 29.32
C LEU B 213 -57.82 -21.14 28.61
N LEU B 214 -57.86 -21.22 27.27
CA LEU B 214 -58.85 -20.47 26.52
C LEU B 214 -60.26 -20.94 26.86
N ASP B 215 -60.45 -22.25 26.95
CA ASP B 215 -61.77 -22.77 27.30
C ASP B 215 -62.19 -22.29 28.67
N ILE B 216 -61.27 -22.31 29.64
CA ILE B 216 -61.60 -21.85 30.98
C ILE B 216 -61.99 -20.37 30.96
N ALA B 217 -61.20 -19.55 30.27
CA ALA B 217 -61.49 -18.13 30.22
C ALA B 217 -62.84 -17.87 29.57
N GLU B 218 -63.18 -18.67 28.55
CA GLU B 218 -64.50 -18.53 27.94
C GLU B 218 -65.60 -18.94 28.90
N ARG B 219 -65.37 -20.00 29.68
CA ARG B 219 -66.34 -20.39 30.70
C ARG B 219 -66.60 -19.23 31.65
N THR B 220 -65.53 -18.60 32.13
CA THR B 220 -65.69 -17.45 33.01
C THR B 220 -66.37 -16.29 32.29
N GLY B 221 -66.01 -16.08 31.03
CA GLY B 221 -66.55 -14.96 30.27
C GLY B 221 -65.69 -13.73 30.38
N ASN B 222 -64.36 -13.93 30.37
CA ASN B 222 -63.41 -12.84 30.49
C ASN B 222 -62.41 -12.83 29.33
N MET B 223 -62.76 -13.48 28.21
CA MET B 223 -61.82 -13.62 27.11
C MET B 223 -61.42 -12.26 26.54
N ARG B 224 -62.39 -11.35 26.43
CA ARG B 224 -62.08 -10.04 25.86
C ARG B 224 -61.01 -9.32 26.66
N GLU B 225 -61.06 -9.41 27.98
CA GLU B 225 -60.10 -8.75 28.84
C GLU B 225 -58.91 -9.64 29.22
N PHE B 226 -58.96 -10.93 28.92
CA PHE B 226 -57.93 -11.86 29.32
C PHE B 226 -56.97 -12.21 28.19
N ILE B 227 -57.50 -12.48 26.99
CA ILE B 227 -56.65 -12.96 25.91
C ILE B 227 -55.73 -11.88 25.39
N ASN B 228 -56.06 -10.61 25.62
CA ASN B 228 -55.27 -9.49 25.14
C ASN B 228 -54.82 -8.60 26.30
N SER B 229 -54.71 -9.16 27.48
CA SER B 229 -54.30 -8.38 28.64
C SER B 229 -52.85 -7.94 28.46
N PRO B 230 -52.56 -6.63 28.48
CA PRO B 230 -51.20 -6.17 28.24
C PRO B 230 -50.35 -6.13 29.50
N PHE B 231 -49.05 -6.07 29.28
CA PHE B 231 -48.12 -5.89 30.38
C PHE B 231 -48.06 -4.43 30.79
N ARG B 232 -47.61 -4.20 32.02
CA ARG B 232 -47.38 -2.88 32.57
C ARG B 232 -45.87 -2.65 32.67
N ASP B 233 -45.51 -1.55 33.33
CA ASP B 233 -44.11 -1.27 33.63
C ASP B 233 -43.37 -0.73 32.41
N ILE B 234 -42.26 -0.05 32.68
CA ILE B 234 -41.55 0.68 31.63
C ILE B 234 -41.04 -0.29 30.55
N TYR B 235 -40.49 -1.43 30.95
CA TYR B 235 -39.74 -2.25 30.02
C TYR B 235 -40.63 -2.84 28.93
N TYR B 236 -41.74 -3.48 29.32
CA TYR B 236 -42.51 -4.30 28.41
C TYR B 236 -43.94 -3.80 28.22
N ARG B 237 -44.15 -2.50 28.39
CA ARG B 237 -45.50 -1.96 28.31
C ARG B 237 -46.11 -2.22 26.93
N GLY B 238 -47.36 -2.66 26.93
CA GLY B 238 -48.14 -2.84 25.73
C GLY B 238 -48.14 -4.26 25.21
N GLN B 239 -47.09 -5.01 25.45
CA GLN B 239 -46.97 -6.34 24.86
C GLN B 239 -48.15 -7.21 25.24
N THR B 240 -48.63 -7.97 24.28
CA THR B 240 -49.78 -8.86 24.45
C THR B 240 -49.38 -10.28 24.08
N ALA B 241 -50.35 -11.19 24.22
CA ALA B 241 -50.08 -12.59 23.92
C ALA B 241 -49.72 -12.79 22.47
N LEU B 242 -50.42 -12.10 21.57
CA LEU B 242 -50.20 -12.30 20.14
C LEU B 242 -48.78 -11.91 19.75
N HIS B 243 -48.25 -10.83 20.33
CA HIS B 243 -46.87 -10.46 20.07
C HIS B 243 -45.94 -11.60 20.42
N ILE B 244 -46.16 -12.23 21.58
CA ILE B 244 -45.31 -13.33 21.99
C ILE B 244 -45.42 -14.49 21.02
N ALA B 245 -46.65 -14.85 20.67
CA ALA B 245 -46.86 -15.99 19.77
C ALA B 245 -46.14 -15.77 18.45
N ILE B 246 -46.23 -14.55 17.93
CA ILE B 246 -45.56 -14.24 16.66
C ILE B 246 -44.04 -14.25 16.84
N GLU B 247 -43.57 -13.76 18.00
CA GLU B 247 -42.13 -13.68 18.23
C GLU B 247 -41.52 -15.08 18.32
N ARG B 248 -42.31 -16.08 18.68
CA ARG B 248 -41.81 -17.44 18.87
C ARG B 248 -42.01 -18.32 17.65
N ARG B 249 -42.42 -17.74 16.52
CA ARG B 249 -42.48 -18.47 15.26
C ARG B 249 -43.41 -19.66 15.35
N CYS B 250 -44.60 -19.45 15.91
CA CYS B 250 -45.63 -20.48 16.07
C CYS B 250 -46.89 -20.03 15.34
N LYS B 251 -47.01 -20.44 14.07
CA LYS B 251 -48.18 -20.09 13.28
C LYS B 251 -49.45 -20.66 13.91
N HIS B 252 -49.40 -21.91 14.35
CA HIS B 252 -50.56 -22.55 14.95
C HIS B 252 -51.19 -21.68 16.03
N TYR B 253 -50.37 -21.22 16.98
CA TYR B 253 -50.91 -20.43 18.08
C TYR B 253 -51.38 -19.07 17.61
N VAL B 254 -50.73 -18.49 16.60
CA VAL B 254 -51.20 -17.22 16.06
C VAL B 254 -52.62 -17.37 15.54
N GLU B 255 -52.86 -18.43 14.75
CA GLU B 255 -54.19 -18.68 14.23
C GLU B 255 -55.18 -18.89 15.36
N LEU B 256 -54.79 -19.71 16.34
CA LEU B 256 -55.69 -20.01 17.45
C LEU B 256 -56.02 -18.77 18.26
N LEU B 257 -55.09 -17.81 18.31
CA LEU B 257 -55.32 -16.58 19.06
C LEU B 257 -56.24 -15.64 18.30
N VAL B 258 -55.98 -15.44 17.01
CA VAL B 258 -56.83 -14.54 16.23
C VAL B 258 -58.24 -15.09 16.15
N ALA B 259 -58.38 -16.41 16.07
CA ALA B 259 -59.71 -17.01 15.95
C ALA B 259 -60.60 -16.63 17.12
N GLN B 260 -60.02 -16.40 18.28
CA GLN B 260 -60.79 -16.15 19.50
C GLN B 260 -61.01 -14.68 19.78
N GLY B 261 -60.51 -13.79 18.93
CA GLY B 261 -60.71 -12.36 19.10
C GLY B 261 -59.51 -11.57 19.56
N ALA B 262 -58.30 -12.10 19.39
CA ALA B 262 -57.10 -11.39 19.82
C ALA B 262 -56.99 -10.06 19.10
N ASP B 263 -56.76 -8.99 19.87
CA ASP B 263 -56.53 -7.69 19.26
C ASP B 263 -55.30 -7.76 18.37
N VAL B 264 -55.52 -7.50 17.08
CA VAL B 264 -54.44 -7.61 16.09
C VAL B 264 -53.70 -6.30 15.86
N HIS B 265 -54.23 -5.18 16.36
CA HIS B 265 -53.60 -3.88 16.19
C HIS B 265 -52.95 -3.36 17.47
N ALA B 266 -52.83 -4.20 18.50
CA ALA B 266 -52.28 -3.75 19.76
C ALA B 266 -50.85 -3.27 19.59
N GLN B 267 -50.52 -2.20 20.30
CA GLN B 267 -49.22 -1.55 20.18
C GLN B 267 -48.34 -1.89 21.38
N ALA B 268 -47.12 -2.32 21.10
CA ALA B 268 -46.15 -2.70 22.12
C ALA B 268 -45.02 -1.66 22.09
N ARG B 269 -45.22 -0.56 22.81
CA ARG B 269 -44.28 0.55 22.82
C ARG B 269 -43.47 0.62 24.11
N GLY B 270 -43.25 -0.52 24.76
CA GLY B 270 -42.41 -0.53 25.93
C GLY B 270 -40.97 -0.22 25.61
N ARG B 271 -40.22 0.19 26.64
CA ARG B 271 -38.85 0.62 26.43
C ARG B 271 -37.96 -0.49 25.90
N PHE B 272 -38.37 -1.75 26.06
CA PHE B 272 -37.64 -2.83 25.41
C PHE B 272 -37.68 -2.66 23.91
N PHE B 273 -38.85 -2.34 23.36
CA PHE B 273 -39.04 -2.15 21.93
C PHE B 273 -38.90 -0.66 21.62
N GLN B 274 -37.68 -0.21 21.44
CA GLN B 274 -37.41 1.16 21.04
C GLN B 274 -36.18 1.17 20.15
N PRO B 275 -35.98 2.25 19.39
CA PRO B 275 -34.78 2.32 18.55
C PRO B 275 -33.52 2.24 19.38
N LYS B 276 -32.48 1.64 18.78
CA LYS B 276 -31.24 1.42 19.52
C LYS B 276 -30.69 2.72 20.08
N ASP B 277 -30.79 3.81 19.31
CA ASP B 277 -30.30 5.09 19.78
C ASP B 277 -31.10 5.65 20.94
N GLU B 278 -32.32 5.14 21.18
CA GLU B 278 -33.20 5.66 22.21
C GLU B 278 -33.32 4.69 23.39
N GLY B 279 -32.30 3.86 23.60
CA GLY B 279 -32.29 2.96 24.73
C GLY B 279 -33.30 1.84 24.63
N GLY B 280 -33.15 1.01 23.61
CA GLY B 280 -34.00 -0.15 23.41
C GLY B 280 -33.22 -1.28 22.80
N TYR B 281 -33.90 -2.37 22.54
CA TYR B 281 -33.27 -3.57 22.01
C TYR B 281 -33.73 -3.91 20.61
N PHE B 282 -35.03 -3.94 20.35
CA PHE B 282 -35.57 -4.33 19.05
C PHE B 282 -36.76 -3.44 18.71
N TYR B 283 -36.61 -2.61 17.69
CA TYR B 283 -37.71 -1.80 17.16
C TYR B 283 -38.25 -2.46 15.91
N PHE B 284 -39.57 -2.63 15.86
CA PHE B 284 -40.18 -3.40 14.79
C PHE B 284 -41.47 -2.79 14.26
N GLY B 285 -41.78 -1.53 14.59
CA GLY B 285 -43.00 -0.91 14.14
C GLY B 285 -44.13 -0.95 15.14
N GLU B 286 -43.99 -1.70 16.23
CA GLU B 286 -44.96 -1.69 17.33
C GLU B 286 -46.32 -2.25 16.91
N LEU B 287 -46.29 -3.32 16.11
CA LEU B 287 -47.52 -3.92 15.62
C LEU B 287 -47.27 -5.39 15.32
N PRO B 288 -48.27 -6.24 15.47
CA PRO B 288 -48.08 -7.66 15.09
C PRO B 288 -47.69 -7.82 13.64
N LEU B 289 -48.39 -7.16 12.73
CA LEU B 289 -48.10 -7.28 11.32
C LEU B 289 -46.68 -6.81 11.02
N SER B 290 -46.31 -5.66 11.57
CA SER B 290 -44.95 -5.16 11.37
C SER B 290 -43.93 -6.08 12.00
N LEU B 291 -44.29 -6.71 13.12
CA LEU B 291 -43.38 -7.65 13.76
C LEU B 291 -43.12 -8.85 12.87
N ALA B 292 -44.17 -9.43 12.31
CA ALA B 292 -44.01 -10.58 11.44
C ALA B 292 -43.26 -10.21 10.17
N ALA B 293 -43.50 -9.00 9.65
CA ALA B 293 -42.77 -8.57 8.47
C ALA B 293 -41.30 -8.32 8.78
N CYS B 294 -40.99 -7.87 9.99
CA CYS B 294 -39.63 -7.57 10.39
C CYS B 294 -38.86 -8.79 10.87
N THR B 295 -39.53 -9.90 11.14
CA THR B 295 -38.85 -11.13 11.57
C THR B 295 -38.77 -12.17 10.45
N ASN B 296 -39.03 -11.76 9.20
CA ASN B 296 -38.86 -12.63 8.04
C ASN B 296 -39.71 -13.90 8.16
N GLN B 297 -41.02 -13.69 8.20
CA GLN B 297 -41.99 -14.79 8.28
C GLN B 297 -43.09 -14.54 7.26
N PRO B 298 -42.87 -14.93 6.01
CA PRO B 298 -43.87 -14.65 4.97
C PRO B 298 -45.24 -15.25 5.27
N HIS B 299 -45.26 -16.47 5.81
CA HIS B 299 -46.54 -17.14 6.02
C HIS B 299 -47.38 -16.40 7.04
N ILE B 300 -46.77 -15.91 8.11
CA ILE B 300 -47.52 -15.18 9.13
C ILE B 300 -48.13 -13.93 8.53
N VAL B 301 -47.35 -13.18 7.75
CA VAL B 301 -47.87 -11.95 7.14
C VAL B 301 -49.03 -12.29 6.20
N ASN B 302 -48.86 -13.31 5.37
CA ASN B 302 -49.92 -13.70 4.44
C ASN B 302 -51.19 -14.04 5.19
N TYR B 303 -51.11 -14.93 6.17
CA TYR B 303 -52.31 -15.33 6.90
C TYR B 303 -52.93 -14.15 7.61
N LEU B 304 -52.11 -13.33 8.27
CA LEU B 304 -52.62 -12.24 9.10
C LEU B 304 -53.36 -11.22 8.25
N THR B 305 -52.83 -10.90 7.07
CA THR B 305 -53.46 -9.88 6.24
C THR B 305 -54.82 -10.33 5.72
N GLU B 306 -54.92 -11.58 5.29
CA GLU B 306 -56.16 -12.12 4.74
C GLU B 306 -56.63 -13.25 5.67
N ASN B 307 -57.38 -12.88 6.69
CA ASN B 307 -57.98 -13.84 7.61
C ASN B 307 -59.45 -13.49 7.79
N PRO B 308 -60.35 -14.47 7.74
CA PRO B 308 -61.79 -14.15 7.83
C PRO B 308 -62.16 -13.44 9.11
N HIS B 309 -61.53 -13.80 10.23
CA HIS B 309 -61.94 -13.25 11.52
C HIS B 309 -61.55 -11.78 11.63
N LYS B 310 -60.29 -11.47 11.32
CA LYS B 310 -59.79 -10.11 11.42
C LYS B 310 -58.66 -9.92 10.43
N LYS B 311 -58.50 -8.68 9.95
CA LYS B 311 -57.47 -8.33 8.99
C LYS B 311 -56.75 -7.08 9.48
N ALA B 312 -55.44 -7.15 9.56
CA ALA B 312 -54.61 -5.98 9.86
C ALA B 312 -54.20 -5.35 8.54
N ASP B 313 -54.77 -4.17 8.25
CA ASP B 313 -54.48 -3.52 6.98
C ASP B 313 -53.04 -3.05 6.96
N MET B 314 -52.40 -3.22 5.80
CA MET B 314 -51.00 -2.84 5.68
C MET B 314 -50.81 -1.35 5.97
N ARG B 315 -51.72 -0.52 5.49
CA ARG B 315 -51.65 0.93 5.72
C ARG B 315 -52.13 1.20 7.13
N ARG B 316 -51.20 1.12 8.08
CA ARG B 316 -51.50 1.39 9.47
C ARG B 316 -50.25 1.96 10.12
N GLN B 317 -50.45 2.89 11.04
CA GLN B 317 -49.36 3.64 11.64
C GLN B 317 -49.42 3.53 13.16
N ASP B 318 -48.25 3.39 13.76
CA ASP B 318 -48.12 3.31 15.21
C ASP B 318 -48.08 4.71 15.81
N SER B 319 -47.72 4.79 17.10
CA SER B 319 -47.62 6.09 17.75
C SER B 319 -46.63 6.99 17.04
N ARG B 320 -45.48 6.43 16.65
CA ARG B 320 -44.47 7.23 15.95
C ARG B 320 -44.91 7.60 14.54
N GLY B 321 -45.88 6.88 13.98
CA GLY B 321 -46.36 7.12 12.64
C GLY B 321 -45.79 6.19 11.59
N ASN B 322 -44.66 5.56 11.87
CA ASN B 322 -44.05 4.64 10.93
C ASN B 322 -44.99 3.49 10.62
N THR B 323 -45.07 3.14 9.34
CA THR B 323 -45.84 1.98 8.92
C THR B 323 -44.92 0.78 8.73
N VAL B 324 -45.48 -0.31 8.21
CA VAL B 324 -44.73 -1.55 8.13
C VAL B 324 -43.51 -1.39 7.22
N LEU B 325 -43.65 -0.62 6.15
CA LEU B 325 -42.50 -0.37 5.29
C LEU B 325 -41.45 0.47 6.01
N HIS B 326 -41.91 1.44 6.80
CA HIS B 326 -40.97 2.25 7.57
C HIS B 326 -40.17 1.37 8.52
N ALA B 327 -40.83 0.45 9.23
CA ALA B 327 -40.11 -0.44 10.12
C ALA B 327 -39.17 -1.35 9.35
N LEU B 328 -39.64 -1.89 8.22
CA LEU B 328 -38.84 -2.80 7.43
C LEU B 328 -37.61 -2.11 6.89
N VAL B 329 -37.66 -0.80 6.73
CA VAL B 329 -36.45 -0.04 6.41
C VAL B 329 -35.67 0.27 7.67
N ALA B 330 -36.34 0.35 8.82
CA ALA B 330 -35.68 0.69 10.05
C ALA B 330 -34.80 -0.43 10.59
N ILE B 331 -35.11 -1.68 10.25
CA ILE B 331 -34.30 -2.80 10.68
C ILE B 331 -33.36 -3.28 9.60
N ALA B 332 -33.31 -2.61 8.47
CA ALA B 332 -32.43 -3.03 7.39
C ALA B 332 -30.99 -2.74 7.77
N ASP B 333 -30.10 -3.64 7.37
CA ASP B 333 -28.67 -3.48 7.54
C ASP B 333 -28.00 -3.84 6.22
N ASN B 334 -26.82 -3.30 6.01
CA ASN B 334 -26.14 -3.48 4.74
C ASN B 334 -25.67 -4.91 4.51
N THR B 335 -25.86 -5.81 5.48
CA THR B 335 -25.48 -7.21 5.29
C THR B 335 -26.30 -7.84 4.18
N ARG B 336 -25.67 -8.75 3.43
CA ARG B 336 -26.37 -9.41 2.33
C ARG B 336 -27.54 -10.24 2.83
N GLU B 337 -27.36 -10.97 3.93
CA GLU B 337 -28.43 -11.81 4.44
C GLU B 337 -29.64 -10.99 4.82
N ASN B 338 -29.43 -9.84 5.46
CA ASN B 338 -30.55 -8.99 5.87
C ASN B 338 -31.27 -8.43 4.65
N THR B 339 -30.51 -7.82 3.73
CA THR B 339 -31.10 -7.18 2.58
C THR B 339 -31.86 -8.17 1.72
N LYS B 340 -31.38 -9.41 1.65
CA LYS B 340 -31.99 -10.40 0.76
C LYS B 340 -33.45 -10.61 1.10
N PHE B 341 -33.79 -10.65 2.39
CA PHE B 341 -35.18 -10.82 2.78
C PHE B 341 -35.88 -9.48 2.93
N VAL B 342 -35.16 -8.41 3.27
CA VAL B 342 -35.80 -7.11 3.39
C VAL B 342 -36.42 -6.70 2.06
N THR B 343 -35.64 -6.78 0.98
CA THR B 343 -36.16 -6.39 -0.32
C THR B 343 -37.34 -7.25 -0.72
N LYS B 344 -37.23 -8.56 -0.51
CA LYS B 344 -38.28 -9.47 -0.92
C LYS B 344 -39.58 -9.17 -0.18
N MET B 345 -39.50 -9.01 1.13
CA MET B 345 -40.71 -8.75 1.91
C MET B 345 -41.28 -7.37 1.56
N TYR B 346 -40.42 -6.38 1.35
CA TYR B 346 -40.89 -5.06 0.99
C TYR B 346 -41.68 -5.10 -0.31
N ASP B 347 -41.13 -5.75 -1.34
CA ASP B 347 -41.82 -5.82 -2.61
C ASP B 347 -43.10 -6.62 -2.50
N LEU B 348 -43.06 -7.76 -1.81
CA LEU B 348 -44.25 -8.57 -1.64
C LEU B 348 -45.36 -7.75 -1.00
N LEU B 349 -45.04 -7.06 0.08
CA LEU B 349 -46.04 -6.32 0.82
C LEU B 349 -46.59 -5.16 -0.01
N LEU B 350 -45.71 -4.49 -0.76
CA LEU B 350 -46.15 -3.39 -1.60
C LEU B 350 -47.12 -3.86 -2.66
N LEU B 351 -46.78 -4.96 -3.33
CA LEU B 351 -47.66 -5.50 -4.36
C LEU B 351 -49.00 -5.92 -3.76
N LYS B 352 -48.97 -6.55 -2.59
CA LYS B 352 -50.22 -6.95 -1.96
C LYS B 352 -51.09 -5.74 -1.62
N CYS B 353 -50.48 -4.69 -1.07
CA CYS B 353 -51.27 -3.51 -0.71
C CYS B 353 -51.86 -2.86 -1.95
N ALA B 354 -51.07 -2.74 -3.02
CA ALA B 354 -51.61 -2.17 -4.25
C ALA B 354 -52.73 -3.03 -4.81
N ARG B 355 -52.57 -4.35 -4.74
CA ARG B 355 -53.58 -5.26 -5.23
C ARG B 355 -54.89 -5.06 -4.48
N LEU B 356 -54.82 -5.03 -3.15
CA LEU B 356 -56.04 -4.90 -2.35
C LEU B 356 -56.70 -3.55 -2.57
N PHE B 357 -55.91 -2.48 -2.47
CA PHE B 357 -56.41 -1.13 -2.66
C PHE B 357 -55.74 -0.52 -3.88
N PRO B 358 -56.39 -0.52 -5.05
CA PRO B 358 -55.72 0.03 -6.24
C PRO B 358 -55.67 1.54 -6.24
N ASP B 359 -56.60 2.17 -5.53
CA ASP B 359 -56.70 3.63 -5.53
C ASP B 359 -55.51 4.25 -4.81
N SER B 360 -55.33 3.91 -3.54
CA SER B 360 -54.31 4.55 -2.72
C SER B 360 -52.93 3.98 -3.02
N ASN B 361 -51.91 4.68 -2.54
CA ASN B 361 -50.52 4.27 -2.68
C ASN B 361 -49.93 4.10 -1.29
N LEU B 362 -49.21 2.99 -1.08
CA LEU B 362 -48.70 2.69 0.25
C LEU B 362 -47.51 3.55 0.63
N GLU B 363 -46.63 3.86 -0.32
CA GLU B 363 -45.48 4.69 -0.02
C GLU B 363 -45.84 6.15 0.11
N ALA B 364 -47.08 6.53 -0.21
CA ALA B 364 -47.50 7.91 -0.01
C ALA B 364 -47.55 8.26 1.47
N VAL B 365 -47.86 7.29 2.34
CA VAL B 365 -47.98 7.57 3.75
C VAL B 365 -46.67 8.13 4.29
N LEU B 366 -46.78 9.07 5.22
CA LEU B 366 -45.63 9.65 5.89
C LEU B 366 -45.82 9.57 7.39
N ASN B 367 -44.71 9.44 8.10
CA ASN B 367 -44.73 9.36 9.54
C ASN B 367 -44.85 10.75 10.15
N ASN B 368 -44.81 10.81 11.48
CA ASN B 368 -44.88 12.09 12.16
C ASN B 368 -43.72 12.99 11.76
N ASP B 369 -42.55 12.40 11.51
CA ASP B 369 -41.41 13.18 11.07
C ASP B 369 -41.65 13.80 9.70
N GLY B 370 -42.48 13.16 8.88
CA GLY B 370 -42.79 13.67 7.56
C GLY B 370 -42.07 13.01 6.41
N LEU B 371 -41.32 11.94 6.66
CA LEU B 371 -40.55 11.26 5.62
C LEU B 371 -41.32 10.06 5.10
N SER B 372 -40.79 9.49 4.02
CA SER B 372 -41.33 8.29 3.41
C SER B 372 -40.26 7.21 3.45
N PRO B 373 -40.59 5.97 3.10
CA PRO B 373 -39.58 4.90 3.20
C PRO B 373 -38.32 5.21 2.44
N LEU B 374 -38.44 5.80 1.25
CA LEU B 374 -37.26 6.12 0.47
C LEU B 374 -36.45 7.24 1.11
N MET B 375 -37.12 8.33 1.48
CA MET B 375 -36.41 9.43 2.14
C MET B 375 -35.80 8.97 3.45
N MET B 376 -36.51 8.10 4.19
CA MET B 376 -35.98 7.63 5.46
C MET B 376 -34.79 6.71 5.26
N ALA B 377 -34.82 5.87 4.21
CA ALA B 377 -33.69 5.03 3.93
C ALA B 377 -32.48 5.86 3.54
N ALA B 378 -32.70 6.94 2.79
CA ALA B 378 -31.60 7.83 2.47
C ALA B 378 -31.04 8.51 3.71
N LYS B 379 -31.93 8.97 4.58
CA LYS B 379 -31.52 9.67 5.79
C LYS B 379 -30.77 8.76 6.74
N THR B 380 -31.14 7.48 6.78
CA THR B 380 -30.55 6.52 7.70
C THR B 380 -29.37 5.77 7.10
N GLY B 381 -28.97 6.11 5.88
CA GLY B 381 -27.82 5.50 5.28
C GLY B 381 -27.93 4.01 5.03
N LYS B 382 -29.00 3.58 4.37
CA LYS B 382 -29.24 2.17 4.06
C LYS B 382 -29.23 2.00 2.55
N ILE B 383 -28.05 1.70 2.01
CA ILE B 383 -27.87 1.57 0.56
C ILE B 383 -28.67 0.39 0.04
N GLY B 384 -28.69 -0.72 0.78
CA GLY B 384 -29.22 -1.95 0.24
C GLY B 384 -30.65 -1.83 -0.25
N ILE B 385 -31.50 -1.19 0.55
CA ILE B 385 -32.90 -1.02 0.19
C ILE B 385 -33.13 0.22 -0.64
N PHE B 386 -32.28 1.24 -0.51
CA PHE B 386 -32.44 2.47 -1.28
C PHE B 386 -32.19 2.20 -2.76
N GLN B 387 -31.18 1.39 -3.05
CA GLN B 387 -30.88 1.04 -4.43
C GLN B 387 -31.95 0.14 -5.03
N HIS B 388 -32.59 -0.69 -4.21
CA HIS B 388 -33.65 -1.54 -4.72
C HIS B 388 -34.97 -0.83 -4.87
N ILE B 389 -35.16 0.29 -4.16
CA ILE B 389 -36.38 1.05 -4.32
C ILE B 389 -36.25 2.10 -5.42
N ILE B 390 -35.04 2.55 -5.71
CA ILE B 390 -34.87 3.57 -6.74
C ILE B 390 -34.95 3.00 -8.14
N ARG B 391 -34.68 1.70 -8.32
CA ARG B 391 -34.72 1.05 -9.62
C ARG B 391 -35.82 0.01 -9.71
N ARG B 392 -36.85 0.13 -8.88
CA ARG B 392 -37.90 -0.88 -8.85
C ARG B 392 -38.64 -0.92 -10.18
N GLU B 393 -38.65 -2.09 -10.80
CA GLU B 393 -39.38 -2.34 -12.03
C GLU B 393 -40.29 -3.53 -11.84
N VAL B 394 -41.54 -3.39 -12.26
CA VAL B 394 -42.58 -4.40 -12.07
C VAL B 394 -43.00 -4.91 -13.43
N THR B 395 -42.78 -6.20 -13.67
CA THR B 395 -43.15 -6.80 -14.95
C THR B 395 -44.65 -7.03 -15.05
N ASP B 396 -45.33 -7.30 -13.94
CA ASP B 396 -46.77 -7.52 -13.97
C ASP B 396 -47.47 -6.30 -14.55
N GLU B 397 -48.40 -6.54 -15.48
CA GLU B 397 -49.13 -5.44 -16.10
C GLU B 397 -50.10 -4.80 -15.13
N ASP B 398 -50.71 -5.59 -14.25
CA ASP B 398 -51.67 -5.03 -13.30
C ASP B 398 -51.00 -4.04 -12.36
N THR B 399 -49.77 -4.32 -11.95
CA THR B 399 -49.06 -3.52 -10.97
C THR B 399 -47.84 -2.81 -11.56
N ARG B 400 -47.88 -2.51 -12.85
CA ARG B 400 -46.78 -1.80 -13.49
C ARG B 400 -46.78 -0.32 -13.17
N HIS B 401 -47.92 0.23 -12.75
CA HIS B 401 -48.01 1.67 -12.54
C HIS B 401 -47.03 2.13 -11.47
N LEU B 402 -46.83 1.32 -10.44
CA LEU B 402 -45.99 1.71 -9.32
C LEU B 402 -44.52 1.49 -9.57
N SER B 403 -44.15 0.94 -10.72
CA SER B 403 -42.73 0.74 -11.01
C SER B 403 -42.04 2.07 -11.24
N ARG B 404 -40.72 2.05 -11.10
CA ARG B 404 -39.91 3.25 -11.07
C ARG B 404 -38.88 3.32 -12.19
N LYS B 405 -38.61 2.23 -12.90
CA LYS B 405 -37.64 2.19 -13.97
C LYS B 405 -38.21 1.40 -15.13
N PHE B 406 -38.46 2.06 -16.24
CA PHE B 406 -39.03 1.44 -17.42
C PHE B 406 -38.00 1.38 -18.54
N LYS B 407 -38.19 0.42 -19.44
CA LYS B 407 -37.40 0.33 -20.65
C LYS B 407 -38.01 1.21 -21.72
N ASP B 408 -37.17 1.97 -22.43
CA ASP B 408 -37.62 2.90 -23.45
C ASP B 408 -37.39 2.36 -24.86
N TRP B 409 -36.15 2.03 -25.20
CA TRP B 409 -35.92 1.40 -26.49
C TRP B 409 -34.51 0.81 -26.52
N ALA B 410 -34.31 -0.12 -27.46
CA ALA B 410 -33.03 -0.78 -27.61
C ALA B 410 -32.70 -0.91 -29.08
N TYR B 411 -31.45 -0.62 -29.42
CA TYR B 411 -30.93 -0.82 -30.78
C TYR B 411 -29.57 -1.50 -30.64
N GLY B 412 -29.50 -2.76 -31.07
CA GLY B 412 -28.29 -3.51 -30.96
C GLY B 412 -27.78 -3.54 -29.53
N PRO B 413 -26.48 -3.36 -29.35
CA PRO B 413 -25.92 -3.36 -28.00
C PRO B 413 -26.32 -2.16 -27.16
N VAL B 414 -26.99 -1.17 -27.72
CA VAL B 414 -27.37 0.02 -26.97
C VAL B 414 -28.75 -0.17 -26.39
N TYR B 415 -28.87 -0.03 -25.07
CA TYR B 415 -30.13 -0.13 -24.38
C TYR B 415 -30.41 1.17 -23.64
N SER B 416 -31.64 1.67 -23.73
CA SER B 416 -31.98 2.97 -23.19
C SER B 416 -33.23 2.83 -22.34
N SER B 417 -33.08 3.10 -21.05
CA SER B 417 -34.12 2.99 -20.05
C SER B 417 -34.25 4.32 -19.33
N LEU B 418 -35.49 4.74 -19.09
CA LEU B 418 -35.76 5.99 -18.39
C LEU B 418 -36.19 5.68 -16.96
N TYR B 419 -35.53 6.33 -16.01
CA TYR B 419 -35.88 6.24 -14.60
C TYR B 419 -36.90 7.32 -14.25
N ASP B 420 -37.60 7.10 -13.15
CA ASP B 420 -38.53 8.06 -12.60
C ASP B 420 -37.86 8.77 -11.43
N LEU B 421 -38.05 10.07 -11.34
CA LEU B 421 -37.39 10.88 -10.32
C LEU B 421 -38.36 11.88 -9.70
N SER B 422 -39.66 11.63 -9.77
CA SER B 422 -40.64 12.56 -9.22
C SER B 422 -40.30 12.91 -7.78
N SER B 423 -40.29 11.90 -6.90
CA SER B 423 -39.92 12.14 -5.51
C SER B 423 -38.44 12.38 -5.35
N LEU B 424 -37.63 11.81 -6.24
CA LEU B 424 -36.17 11.91 -6.08
C LEU B 424 -35.71 13.35 -6.20
N ASP B 425 -36.23 14.08 -7.18
CA ASP B 425 -35.86 15.47 -7.40
C ASP B 425 -37.11 16.32 -7.41
N THR B 426 -37.11 17.36 -6.59
CA THR B 426 -38.23 18.29 -6.50
C THR B 426 -37.71 19.70 -6.69
N CYS B 427 -38.63 20.61 -6.99
CA CYS B 427 -38.32 22.01 -7.20
C CYS B 427 -38.94 22.87 -6.11
N GLY B 428 -38.84 22.41 -4.86
CA GLY B 428 -39.44 23.08 -3.73
C GLY B 428 -40.84 22.62 -3.41
N GLU B 429 -41.43 21.76 -4.23
CA GLU B 429 -42.76 21.25 -3.92
C GLU B 429 -42.75 20.46 -2.61
N GLU B 430 -41.73 19.64 -2.40
CA GLU B 430 -41.57 18.92 -1.16
C GLU B 430 -40.09 18.61 -0.96
N ALA B 431 -39.78 17.97 0.16
CA ALA B 431 -38.41 17.55 0.43
C ALA B 431 -37.96 16.52 -0.59
N SER B 432 -36.73 16.64 -1.03
CA SER B 432 -36.16 15.77 -2.05
C SER B 432 -35.11 14.84 -1.44
N VAL B 433 -35.00 13.65 -2.01
CA VAL B 433 -34.02 12.69 -1.55
C VAL B 433 -32.61 13.26 -1.69
N LEU B 434 -32.37 13.98 -2.77
CA LEU B 434 -31.02 14.45 -3.05
C LEU B 434 -30.58 15.48 -2.01
N GLU B 435 -31.46 16.43 -1.69
CA GLU B 435 -31.13 17.43 -0.67
C GLU B 435 -30.85 16.78 0.68
N ILE B 436 -31.71 15.83 1.07
CA ILE B 436 -31.52 15.15 2.34
C ILE B 436 -30.21 14.40 2.36
N LEU B 437 -29.89 13.71 1.27
CA LEU B 437 -28.70 12.87 1.24
C LEU B 437 -27.43 13.69 1.13
N VAL B 438 -27.50 14.93 0.64
CA VAL B 438 -26.30 15.71 0.41
C VAL B 438 -26.03 16.69 1.54
N TYR B 439 -27.09 17.22 2.16
CA TYR B 439 -26.93 18.27 3.16
C TYR B 439 -26.91 17.75 4.58
N ASN B 440 -27.60 16.65 4.88
CA ASN B 440 -27.58 16.12 6.24
C ASN B 440 -26.22 15.54 6.56
N SER B 441 -25.88 15.58 7.85
CA SER B 441 -24.57 15.17 8.34
C SER B 441 -24.66 13.80 9.01
N LYS B 442 -23.50 13.17 9.17
CA LYS B 442 -23.38 11.90 9.88
C LYS B 442 -24.21 10.82 9.21
N ILE B 443 -23.96 10.61 7.93
CA ILE B 443 -24.61 9.56 7.15
C ILE B 443 -23.60 8.46 6.88
N GLU B 444 -24.02 7.21 7.06
CA GLU B 444 -23.09 6.08 7.04
C GLU B 444 -22.38 5.97 5.69
N ASN B 445 -23.15 5.89 4.61
CA ASN B 445 -22.60 5.67 3.28
C ASN B 445 -22.88 6.86 2.37
N ARG B 446 -22.68 8.06 2.91
CA ARG B 446 -23.01 9.28 2.17
C ARG B 446 -22.36 9.28 0.79
N HIS B 447 -21.11 8.84 0.70
CA HIS B 447 -20.40 8.88 -0.57
C HIS B 447 -20.81 7.72 -1.49
N GLU B 448 -20.96 6.52 -0.94
CA GLU B 448 -21.35 5.37 -1.76
C GLU B 448 -22.77 5.52 -2.29
N MET B 449 -23.65 6.10 -1.47
CA MET B 449 -25.06 6.21 -1.84
C MET B 449 -25.25 7.02 -3.10
N LEU B 450 -24.36 7.97 -3.37
CA LEU B 450 -24.52 8.85 -4.52
C LEU B 450 -24.20 8.16 -5.84
N ALA B 451 -23.54 7.01 -5.80
CA ALA B 451 -23.14 6.28 -7.00
C ALA B 451 -24.27 5.35 -7.41
N VAL B 452 -25.32 5.95 -7.96
CA VAL B 452 -26.47 5.22 -8.49
C VAL B 452 -26.76 5.74 -9.89
N GLU B 453 -27.40 4.89 -10.68
CA GLU B 453 -27.50 5.15 -12.11
C GLU B 453 -28.13 6.50 -12.42
N PRO B 454 -29.26 6.88 -11.84
CA PRO B 454 -29.87 8.17 -12.18
C PRO B 454 -29.29 9.35 -11.42
N ILE B 455 -28.83 9.13 -10.19
CA ILE B 455 -28.40 10.24 -9.35
C ILE B 455 -27.20 10.96 -9.96
N ASN B 456 -26.17 10.20 -10.30
CA ASN B 456 -24.95 10.79 -10.83
C ASN B 456 -25.21 11.50 -12.16
N GLU B 457 -25.97 10.84 -13.04
CA GLU B 457 -26.25 11.44 -14.33
C GLU B 457 -27.12 12.68 -14.17
N LEU B 458 -28.00 12.72 -13.17
CA LEU B 458 -28.81 13.90 -12.94
C LEU B 458 -27.93 15.06 -12.49
N LEU B 459 -27.01 14.79 -11.58
CA LEU B 459 -26.09 15.84 -11.16
C LEU B 459 -25.28 16.34 -12.36
N ARG B 460 -24.83 15.42 -13.20
CA ARG B 460 -24.05 15.79 -14.38
C ARG B 460 -24.85 16.69 -15.31
N ASP B 461 -26.07 16.26 -15.64
CA ASP B 461 -26.91 17.03 -16.56
C ASP B 461 -27.25 18.39 -15.99
N LYS B 462 -27.53 18.46 -14.70
CA LYS B 462 -27.80 19.75 -14.09
C LYS B 462 -26.58 20.66 -14.17
N TRP B 463 -25.41 20.07 -13.91
CA TRP B 463 -24.16 20.82 -13.94
C TRP B 463 -23.92 21.42 -15.32
N ARG B 464 -24.15 20.63 -16.37
CA ARG B 464 -23.99 21.14 -17.72
C ARG B 464 -25.04 22.19 -18.03
N LYS B 465 -26.31 21.87 -17.76
CA LYS B 465 -27.41 22.75 -18.13
C LYS B 465 -27.24 24.14 -17.52
N PHE B 466 -27.09 24.22 -16.20
CA PHE B 466 -27.00 25.55 -15.59
C PHE B 466 -25.99 25.65 -14.46
N GLY B 467 -25.35 24.56 -14.03
CA GLY B 467 -24.46 24.65 -12.89
C GLY B 467 -23.23 25.48 -13.17
N ALA B 468 -22.59 25.24 -14.33
CA ALA B 468 -21.29 25.86 -14.59
C ALA B 468 -21.41 27.36 -14.71
N VAL B 469 -22.39 27.84 -15.49
CA VAL B 469 -22.47 29.27 -15.80
C VAL B 469 -22.58 30.09 -14.53
N SER B 470 -23.53 29.74 -13.66
CA SER B 470 -23.79 30.55 -12.48
C SER B 470 -22.58 30.56 -11.56
N PHE B 471 -21.86 29.44 -11.48
CA PHE B 471 -20.67 29.38 -10.63
C PHE B 471 -19.62 30.38 -11.08
N TYR B 472 -19.30 30.38 -12.36
CA TYR B 472 -18.31 31.33 -12.88
C TYR B 472 -18.79 32.76 -12.71
N ILE B 473 -20.07 33.01 -12.96
CA ILE B 473 -20.60 34.35 -12.78
C ILE B 473 -20.41 34.80 -11.32
N ASN B 474 -20.75 33.92 -10.39
CA ASN B 474 -20.65 34.27 -8.97
C ASN B 474 -19.22 34.55 -8.57
N VAL B 475 -18.28 33.69 -8.99
CA VAL B 475 -16.89 33.87 -8.58
C VAL B 475 -16.34 35.17 -9.15
N VAL B 476 -16.64 35.46 -10.42
CA VAL B 476 -16.15 36.69 -11.03
C VAL B 476 -16.73 37.91 -10.33
N SER B 477 -18.04 37.88 -10.06
CA SER B 477 -18.67 39.01 -9.39
C SER B 477 -18.10 39.23 -8.00
N TYR B 478 -17.87 38.13 -7.26
CA TYR B 478 -17.30 38.24 -5.93
C TYR B 478 -15.90 38.85 -5.98
N LEU B 479 -15.07 38.41 -6.93
CA LEU B 479 -13.74 38.97 -7.06
C LEU B 479 -13.80 40.46 -7.38
N CYS B 480 -14.68 40.85 -8.31
CA CYS B 480 -14.82 42.26 -8.65
C CYS B 480 -15.28 43.06 -7.44
N ALA B 481 -16.24 42.53 -6.69
CA ALA B 481 -16.72 43.24 -5.51
C ALA B 481 -15.60 43.43 -4.50
N MET B 482 -14.77 42.41 -4.31
CA MET B 482 -13.65 42.55 -3.39
C MET B 482 -12.65 43.58 -3.89
N VAL B 483 -12.44 43.65 -5.20
CA VAL B 483 -11.55 44.67 -5.74
C VAL B 483 -12.11 46.06 -5.46
N ILE B 484 -13.41 46.23 -5.65
CA ILE B 484 -14.03 47.53 -5.37
C ILE B 484 -13.88 47.87 -3.90
N PHE B 485 -14.09 46.89 -3.02
CA PHE B 485 -13.93 47.13 -1.59
C PHE B 485 -12.49 47.52 -1.27
N THR B 486 -11.53 46.85 -1.89
CA THR B 486 -10.13 47.17 -1.67
C THR B 486 -9.82 48.60 -2.07
N LEU B 487 -10.32 49.02 -3.24
CA LEU B 487 -10.11 50.38 -3.69
C LEU B 487 -10.75 51.38 -2.73
N THR B 488 -11.97 51.08 -2.28
CA THR B 488 -12.64 51.99 -1.35
C THR B 488 -11.82 52.17 -0.09
N ALA B 489 -11.33 51.07 0.49
CA ALA B 489 -10.53 51.17 1.70
C ALA B 489 -9.23 51.92 1.41
N TYR B 490 -8.61 51.65 0.27
CA TYR B 490 -7.35 52.29 -0.07
C TYR B 490 -7.52 53.80 -0.16
N TYR B 491 -8.57 54.27 -0.83
CA TYR B 491 -8.78 55.69 -1.05
C TYR B 491 -9.57 56.34 0.08
N GLN B 492 -9.64 55.71 1.24
CA GLN B 492 -10.27 56.34 2.38
C GLN B 492 -9.42 57.55 2.78
N PRO B 493 -10.00 58.75 2.85
CA PRO B 493 -9.17 59.94 3.14
C PRO B 493 -8.62 59.89 4.56
N LEU B 494 -7.29 59.83 4.67
CA LEU B 494 -6.67 59.80 5.98
C LEU B 494 -6.92 61.10 6.74
N GLU B 495 -6.84 62.23 6.04
CA GLU B 495 -7.06 63.52 6.68
C GLU B 495 -8.51 63.65 7.16
N GLY B 496 -8.69 64.38 8.26
CA GLY B 496 -10.00 64.60 8.82
C GLY B 496 -10.45 63.46 9.71
N THR B 497 -11.73 63.52 10.08
CA THR B 497 -12.35 62.54 10.95
C THR B 497 -13.61 61.98 10.27
N PRO B 498 -13.95 60.73 10.54
CA PRO B 498 -15.14 60.14 9.94
C PRO B 498 -16.40 60.64 10.63
N PRO B 499 -17.50 60.86 9.88
CA PRO B 499 -17.62 60.81 8.42
C PRO B 499 -16.95 62.00 7.75
N TYR B 500 -16.57 61.88 6.48
CA TYR B 500 -15.93 62.96 5.75
C TYR B 500 -16.91 63.57 4.76
N PRO B 501 -17.09 64.88 4.74
CA PRO B 501 -18.01 65.49 3.78
C PRO B 501 -17.53 65.30 2.35
N TYR B 502 -18.50 65.22 1.43
CA TYR B 502 -18.22 65.03 0.02
C TYR B 502 -18.69 66.27 -0.74
N ARG B 503 -17.77 66.88 -1.50
CA ARG B 503 -18.09 68.05 -2.30
C ARG B 503 -17.40 68.01 -3.65
N THR B 504 -17.09 66.81 -4.15
CA THR B 504 -16.38 66.68 -5.41
C THR B 504 -16.74 65.33 -6.04
N THR B 505 -16.50 65.23 -7.35
CA THR B 505 -16.84 64.02 -8.08
C THR B 505 -16.05 62.82 -7.56
N VAL B 506 -14.80 63.03 -7.20
CA VAL B 506 -13.99 61.94 -6.63
C VAL B 506 -14.59 61.47 -5.31
N ASP B 507 -15.08 62.42 -4.50
CA ASP B 507 -15.79 62.05 -3.28
C ASP B 507 -16.99 61.18 -3.61
N TYR B 508 -17.73 61.51 -4.68
CA TYR B 508 -18.86 60.70 -5.07
C TYR B 508 -18.44 59.34 -5.63
N LEU B 509 -17.24 59.23 -6.20
CA LEU B 509 -16.72 57.94 -6.60
C LEU B 509 -16.45 57.06 -5.38
N ARG B 510 -15.82 57.64 -4.35
CA ARG B 510 -15.61 56.89 -3.12
C ARG B 510 -16.95 56.51 -2.49
N LEU B 511 -17.92 57.41 -2.53
CA LEU B 511 -19.25 57.11 -1.99
C LEU B 511 -19.90 55.97 -2.76
N ALA B 512 -19.78 55.96 -4.08
CA ALA B 512 -20.34 54.87 -4.87
C ALA B 512 -19.72 53.53 -4.46
N GLY B 513 -18.39 53.50 -4.33
CA GLY B 513 -17.75 52.28 -3.87
C GLY B 513 -18.23 51.86 -2.49
N GLU B 514 -18.38 52.82 -1.58
CA GLU B 514 -18.84 52.51 -0.23
C GLU B 514 -20.23 51.91 -0.25
N VAL B 515 -21.14 52.48 -1.06
CA VAL B 515 -22.51 51.96 -1.09
C VAL B 515 -22.52 50.57 -1.71
N ILE B 516 -21.68 50.33 -2.71
CA ILE B 516 -21.60 48.98 -3.28
C ILE B 516 -21.16 47.98 -2.22
N THR B 517 -20.12 48.34 -1.46
CA THR B 517 -19.63 47.43 -0.42
C THR B 517 -20.70 47.17 0.63
N LEU B 518 -21.41 48.23 1.05
CA LEU B 518 -22.45 48.06 2.06
C LEU B 518 -23.58 47.19 1.51
N PHE B 519 -23.93 47.35 0.24
CA PHE B 519 -24.97 46.52 -0.36
C PHE B 519 -24.55 45.05 -0.35
N THR B 520 -23.29 44.77 -0.69
CA THR B 520 -22.82 43.40 -0.65
C THR B 520 -22.90 42.83 0.76
N GLY B 521 -22.45 43.61 1.74
CA GLY B 521 -22.48 43.13 3.11
C GLY B 521 -23.89 42.85 3.60
N VAL B 522 -24.82 43.76 3.33
CA VAL B 522 -26.19 43.57 3.78
C VAL B 522 -26.82 42.37 3.08
N LEU B 523 -26.50 42.18 1.79
CA LEU B 523 -27.01 41.01 1.08
C LEU B 523 -26.54 39.73 1.71
N PHE B 524 -25.24 39.62 2.01
CA PHE B 524 -24.73 38.42 2.66
C PHE B 524 -25.37 38.23 4.04
N PHE B 525 -25.51 39.31 4.78
CA PHE B 525 -26.12 39.23 6.11
C PHE B 525 -27.54 38.71 6.02
N PHE B 526 -28.32 39.24 5.07
CA PHE B 526 -29.70 38.78 4.91
C PHE B 526 -29.76 37.32 4.50
N THR B 527 -28.87 36.89 3.61
CA THR B 527 -28.89 35.49 3.23
C THR B 527 -28.61 34.59 4.42
N ASN B 528 -27.60 34.93 5.22
CA ASN B 528 -27.28 34.11 6.39
C ASN B 528 -28.41 34.14 7.41
N ILE B 529 -29.01 35.31 7.62
CA ILE B 529 -30.08 35.42 8.62
C ILE B 529 -31.30 34.62 8.17
N LYS B 530 -31.60 34.64 6.87
CA LYS B 530 -32.69 33.81 6.37
C LYS B 530 -32.38 32.33 6.55
N ASP B 531 -31.12 31.93 6.31
CA ASP B 531 -30.77 30.54 6.52
C ASP B 531 -30.98 30.15 7.98
N LEU B 532 -30.56 31.03 8.90
CA LEU B 532 -30.75 30.73 10.32
C LEU B 532 -32.23 30.68 10.69
N PHE B 533 -33.03 31.61 10.14
CA PHE B 533 -34.44 31.70 10.50
C PHE B 533 -35.20 30.47 10.00
N MET B 534 -34.98 30.10 8.75
CA MET B 534 -35.70 28.99 8.13
C MET B 534 -34.82 27.75 8.08
N GLN B 550 -21.41 28.71 6.18
CA GLN B 550 -21.28 30.09 5.73
C GLN B 550 -20.96 31.02 6.90
N LEU B 551 -20.35 30.44 7.95
CA LEU B 551 -20.00 31.23 9.13
C LEU B 551 -19.00 32.33 8.77
N LEU B 552 -18.03 32.03 7.91
CA LEU B 552 -17.04 33.04 7.55
C LEU B 552 -17.70 34.20 6.80
N TYR B 553 -18.63 33.90 5.91
CA TYR B 553 -19.35 34.95 5.20
C TYR B 553 -20.23 35.74 6.15
N PHE B 554 -20.79 35.08 7.15
CA PHE B 554 -21.54 35.80 8.18
C PHE B 554 -20.63 36.79 8.90
N ILE B 555 -19.43 36.36 9.24
CA ILE B 555 -18.46 37.26 9.89
C ILE B 555 -18.15 38.43 8.96
N TYR B 556 -17.94 38.15 7.67
CA TYR B 556 -17.63 39.21 6.73
C TYR B 556 -18.74 40.24 6.70
N SER B 557 -19.99 39.78 6.58
CA SER B 557 -21.11 40.70 6.48
C SER B 557 -21.28 41.50 7.76
N VAL B 558 -21.22 40.84 8.91
CA VAL B 558 -21.42 41.55 10.18
C VAL B 558 -20.32 42.58 10.38
N LEU B 559 -19.08 42.23 10.02
CA LEU B 559 -17.99 43.18 10.19
C LEU B 559 -18.15 44.37 9.27
N VAL B 560 -18.58 44.13 8.02
CA VAL B 560 -18.80 45.24 7.09
C VAL B 560 -19.86 46.19 7.63
N ILE B 561 -20.98 45.64 8.10
CA ILE B 561 -22.07 46.51 8.57
C ILE B 561 -21.63 47.26 9.81
N VAL B 562 -20.91 46.61 10.73
CA VAL B 562 -20.43 47.29 11.92
C VAL B 562 -19.47 48.41 11.53
N SER B 563 -18.60 48.15 10.55
CA SER B 563 -17.66 49.18 10.12
C SER B 563 -18.41 50.38 9.55
N ALA B 564 -19.44 50.12 8.74
CA ALA B 564 -20.23 51.23 8.20
C ALA B 564 -20.92 52.00 9.33
N ALA B 565 -21.46 51.30 10.32
CA ALA B 565 -22.13 51.97 11.43
C ALA B 565 -21.16 52.86 12.20
N LEU B 566 -19.96 52.34 12.47
CA LEU B 566 -18.98 53.14 13.21
C LEU B 566 -18.42 54.27 12.36
N TYR B 567 -18.39 54.11 11.04
CA TYR B 567 -18.08 55.22 10.16
C TYR B 567 -19.11 56.33 10.30
N LEU B 568 -20.38 55.94 10.35
CA LEU B 568 -21.45 56.92 10.56
C LEU B 568 -21.32 57.59 11.93
N ALA B 569 -20.98 56.82 12.96
CA ALA B 569 -20.89 57.39 14.31
C ALA B 569 -19.73 58.38 14.43
N GLY B 570 -18.57 58.00 13.91
CA GLY B 570 -17.38 58.84 14.00
C GLY B 570 -16.39 58.32 15.01
N ILE B 571 -15.40 57.57 14.53
CA ILE B 571 -14.30 57.05 15.33
C ILE B 571 -13.28 56.48 14.35
N GLU B 572 -11.99 56.53 14.68
CA GLU B 572 -11.00 55.97 13.78
C GLU B 572 -11.08 54.44 13.76
N ALA B 573 -11.53 53.83 14.85
CA ALA B 573 -11.45 52.39 15.00
C ALA B 573 -12.06 51.65 13.81
N TYR B 574 -13.06 52.26 13.17
CA TYR B 574 -13.76 51.54 12.11
C TYR B 574 -12.77 51.06 11.05
N LEU B 575 -11.81 51.91 10.69
CA LEU B 575 -10.89 51.54 9.63
C LEU B 575 -10.25 50.20 9.94
N ALA B 576 -9.81 50.02 11.19
CA ALA B 576 -9.22 48.77 11.59
C ALA B 576 -10.15 47.62 11.21
N VAL B 577 -11.36 47.61 11.77
CA VAL B 577 -12.25 46.50 11.52
C VAL B 577 -12.60 46.46 10.04
N MET B 578 -12.73 47.65 9.42
CA MET B 578 -13.00 47.66 7.99
C MET B 578 -11.90 46.91 7.25
N VAL B 579 -10.65 47.25 7.57
CA VAL B 579 -9.53 46.53 6.96
C VAL B 579 -9.62 45.05 7.29
N PHE B 580 -9.97 44.73 8.54
CA PHE B 580 -10.08 43.33 8.90
C PHE B 580 -11.10 42.63 8.01
N ALA B 581 -12.22 43.30 7.75
CA ALA B 581 -13.19 42.71 6.85
C ALA B 581 -12.55 42.39 5.51
N LEU B 582 -11.80 43.35 4.97
CA LEU B 582 -11.14 43.13 3.69
C LEU B 582 -10.27 41.89 3.75
N VAL B 583 -9.56 41.70 4.86
CA VAL B 583 -8.73 40.52 4.99
C VAL B 583 -9.59 39.28 4.82
N LEU B 584 -10.64 39.17 5.63
CA LEU B 584 -11.53 38.02 5.51
C LEU B 584 -12.12 37.96 4.12
N GLY B 585 -12.37 39.12 3.52
CA GLY B 585 -12.95 39.14 2.19
C GLY B 585 -12.13 38.35 1.21
N TRP B 586 -10.82 38.44 1.31
CA TRP B 586 -9.94 37.63 0.47
C TRP B 586 -9.60 36.31 1.12
N MET B 587 -9.68 36.23 2.45
CA MET B 587 -9.25 35.01 3.15
C MET B 587 -10.05 33.81 2.69
N ASN B 588 -11.30 34.02 2.29
CA ASN B 588 -12.17 32.94 1.87
C ASN B 588 -12.34 32.88 0.36
N ALA B 589 -11.63 33.73 -0.40
CA ALA B 589 -11.73 33.63 -1.85
C ALA B 589 -11.25 32.27 -2.33
N LEU B 590 -10.28 31.69 -1.61
CA LEU B 590 -9.81 30.35 -1.92
C LEU B 590 -10.94 29.34 -1.91
N TYR B 591 -11.89 29.53 -0.99
CA TYR B 591 -12.99 28.60 -0.87
C TYR B 591 -13.92 28.63 -2.09
N PHE B 592 -13.80 29.64 -2.95
CA PHE B 592 -14.56 29.61 -4.19
C PHE B 592 -13.92 28.73 -5.25
N THR B 593 -12.67 28.29 -5.04
CA THR B 593 -12.07 27.31 -5.93
C THR B 593 -12.72 25.93 -5.79
N ARG B 594 -13.43 25.70 -4.67
CA ARG B 594 -14.14 24.45 -4.43
C ARG B 594 -14.82 23.92 -5.69
N GLY B 595 -15.59 24.76 -6.37
CA GLY B 595 -16.32 24.29 -7.53
C GLY B 595 -15.42 23.67 -8.59
N LEU B 596 -14.25 24.27 -8.81
CA LEU B 596 -13.29 23.71 -9.75
C LEU B 596 -12.84 22.33 -9.29
N LYS B 597 -12.55 21.46 -10.26
CA LYS B 597 -12.22 20.07 -9.91
C LYS B 597 -10.76 19.93 -9.50
N LEU B 598 -9.84 20.40 -10.34
CA LEU B 598 -8.42 20.18 -10.09
C LEU B 598 -7.99 20.82 -8.78
N THR B 599 -8.43 22.05 -8.51
CA THR B 599 -8.03 22.76 -7.31
C THR B 599 -9.07 22.69 -6.21
N GLY B 600 -10.26 22.19 -6.49
CA GLY B 600 -11.32 22.16 -5.49
C GLY B 600 -11.09 21.07 -4.47
N THR B 601 -10.53 19.94 -4.91
CA THR B 601 -10.16 18.88 -3.97
C THR B 601 -9.06 19.35 -3.02
N TYR B 602 -8.06 20.06 -3.54
CA TYR B 602 -7.02 20.64 -2.70
C TYR B 602 -7.59 21.68 -1.74
N SER B 603 -8.52 22.52 -2.20
CA SER B 603 -9.14 23.49 -1.30
C SER B 603 -9.92 22.78 -0.20
N ILE B 604 -10.66 21.73 -0.54
CA ILE B 604 -11.44 21.01 0.45
C ILE B 604 -10.50 20.38 1.47
N MET B 605 -9.40 19.77 1.01
CA MET B 605 -8.44 19.18 1.93
C MET B 605 -7.82 20.25 2.84
N ILE B 606 -7.48 21.42 2.28
CA ILE B 606 -6.88 22.47 3.10
C ILE B 606 -7.86 22.94 4.16
N GLN B 607 -9.13 23.10 3.77
CA GLN B 607 -10.13 23.51 4.74
C GLN B 607 -10.29 22.45 5.83
N LYS B 608 -10.27 21.17 5.43
CA LYS B 608 -10.45 20.09 6.41
C LYS B 608 -9.30 20.07 7.41
N ILE B 609 -8.06 20.11 6.92
CA ILE B 609 -6.92 20.08 7.84
C ILE B 609 -6.87 21.35 8.68
N LEU B 610 -7.22 22.49 8.08
CA LEU B 610 -7.11 23.77 8.78
C LEU B 610 -7.98 23.78 10.03
N PHE B 611 -9.21 23.26 9.95
CA PHE B 611 -10.14 23.39 11.06
C PHE B 611 -9.88 22.33 12.13
N LYS B 612 -9.70 21.07 11.71
CA LYS B 612 -9.63 19.98 12.68
C LYS B 612 -8.26 19.87 13.32
N ASP B 613 -7.23 19.62 12.52
CA ASP B 613 -5.90 19.38 13.05
C ASP B 613 -5.23 20.66 13.54
N LEU B 614 -5.44 21.76 12.82
CA LEU B 614 -4.79 23.02 13.17
C LEU B 614 -5.39 23.63 14.44
N PHE B 615 -6.68 23.42 14.68
CA PHE B 615 -7.26 23.84 15.95
C PHE B 615 -6.57 23.14 17.12
N ARG B 616 -6.43 21.82 17.04
CA ARG B 616 -5.79 21.07 18.12
C ARG B 616 -4.34 21.52 18.29
N PHE B 617 -3.60 21.66 17.19
CA PHE B 617 -2.20 22.04 17.29
C PHE B 617 -2.05 23.44 17.91
N LEU B 618 -2.85 24.40 17.45
CA LEU B 618 -2.76 25.75 17.99
C LEU B 618 -3.11 25.78 19.48
N LEU B 619 -4.20 25.09 19.85
CA LEU B 619 -4.58 25.05 21.26
C LEU B 619 -3.51 24.37 22.10
N VAL B 620 -2.83 23.37 21.54
CA VAL B 620 -1.76 22.70 22.25
C VAL B 620 -0.58 23.64 22.44
N TYR B 621 -0.30 24.46 21.43
CA TYR B 621 0.89 25.31 21.47
C TYR B 621 0.70 26.55 22.33
N LEU B 622 -0.52 27.08 22.41
CA LEU B 622 -0.69 28.39 23.03
C LEU B 622 -0.25 28.38 24.50
N LEU B 623 -0.84 27.49 25.29
CA LEU B 623 -0.52 27.46 26.72
C LEU B 623 0.95 27.12 26.95
N PHE B 624 1.47 26.16 26.18
CA PHE B 624 2.87 25.79 26.33
C PHE B 624 3.77 26.98 26.10
N MET B 625 3.55 27.70 24.99
CA MET B 625 4.40 28.83 24.64
C MET B 625 4.30 29.92 25.69
N ILE B 626 3.08 30.29 26.07
CA ILE B 626 2.91 31.39 27.01
C ILE B 626 3.55 31.05 28.35
N GLY B 627 3.32 29.83 28.84
CA GLY B 627 3.88 29.46 30.13
C GLY B 627 5.39 29.39 30.11
N TYR B 628 5.97 28.81 29.04
CA TYR B 628 7.41 28.70 28.97
C TYR B 628 8.05 30.08 28.88
N ALA B 629 7.48 30.96 28.07
CA ALA B 629 8.01 32.32 27.97
C ALA B 629 7.88 33.05 29.30
N SER B 630 6.77 32.85 29.99
CA SER B 630 6.61 33.45 31.32
C SER B 630 7.68 32.93 32.27
N ALA B 631 8.00 31.64 32.18
CA ALA B 631 9.06 31.09 33.02
C ALA B 631 10.39 31.75 32.72
N LEU B 632 10.71 31.91 31.44
CA LEU B 632 11.97 32.56 31.08
C LEU B 632 12.01 34.00 31.57
N VAL B 633 10.88 34.71 31.46
CA VAL B 633 10.82 36.09 31.94
C VAL B 633 11.04 36.14 33.44
N SER B 634 10.41 35.22 34.17
CA SER B 634 10.59 35.17 35.62
C SER B 634 12.04 34.86 35.98
N LEU B 635 12.73 34.10 35.14
CA LEU B 635 14.12 33.78 35.43
C LEU B 635 14.97 35.03 35.52
N LEU B 636 14.75 35.99 34.62
CA LEU B 636 15.60 37.18 34.58
C LEU B 636 15.29 38.10 35.76
N ASN B 637 16.33 38.78 36.24
CA ASN B 637 16.21 39.74 37.32
C ASN B 637 16.86 41.05 36.93
N PRO B 638 16.17 42.19 37.07
CA PRO B 638 16.79 43.48 36.74
C PRO B 638 17.83 43.90 37.76
N ASP B 662 5.59 43.45 37.00
CA ASP B 662 6.56 43.54 35.91
C ASP B 662 5.89 43.28 34.57
N SER B 663 4.66 43.78 34.42
CA SER B 663 3.90 43.52 33.21
C SER B 663 4.57 44.13 31.98
N GLU B 664 5.14 45.33 32.11
CA GLU B 664 5.76 45.99 30.97
C GLU B 664 6.98 45.21 30.49
N THR B 665 7.79 44.73 31.44
CA THR B 665 8.96 43.95 31.06
C THR B 665 8.55 42.70 30.30
N PHE B 666 7.51 42.02 30.79
CA PHE B 666 7.02 40.84 30.08
C PHE B 666 6.51 41.20 28.70
N SER B 667 5.79 42.32 28.58
CA SER B 667 5.25 42.70 27.28
C SER B 667 6.36 42.93 26.27
N THR B 668 7.42 43.64 26.68
CA THR B 668 8.54 43.86 25.77
C THR B 668 9.24 42.55 25.42
N PHE B 669 9.55 41.75 26.45
CA PHE B 669 10.31 40.53 26.23
C PHE B 669 9.56 39.56 25.34
N LEU B 670 8.23 39.51 25.45
CA LEU B 670 7.47 38.59 24.62
C LEU B 670 7.60 38.94 23.15
N LEU B 671 7.56 40.23 22.82
CA LEU B 671 7.77 40.63 21.43
C LEU B 671 9.15 40.23 20.98
N ASP B 672 10.15 40.48 21.83
CA ASP B 672 11.52 40.10 21.47
C ASP B 672 11.62 38.60 21.24
N LEU B 673 11.01 37.81 22.12
CA LEU B 673 11.09 36.35 22.04
C LEU B 673 10.39 35.83 20.79
N PHE B 674 9.22 36.38 20.46
CA PHE B 674 8.55 35.96 19.24
C PHE B 674 9.39 36.32 18.02
N LYS B 675 10.00 37.51 18.03
CA LYS B 675 10.86 37.89 16.91
C LYS B 675 12.03 36.92 16.77
N LEU B 676 12.63 36.52 17.89
CA LEU B 676 13.67 35.50 17.84
C LEU B 676 13.13 34.18 17.32
N THR B 677 11.88 33.86 17.64
CA THR B 677 11.26 32.66 17.09
C THR B 677 11.13 32.75 15.57
N ILE B 678 10.94 33.97 15.04
CA ILE B 678 10.89 34.13 13.59
C ILE B 678 12.23 33.87 12.94
N GLY B 679 13.32 33.98 13.71
CA GLY B 679 14.67 33.87 13.18
C GLY B 679 15.38 35.18 12.98
N MET B 680 14.75 36.31 13.33
CA MET B 680 15.33 37.63 13.21
C MET B 680 15.34 38.30 14.57
N GLY B 681 16.43 39.01 14.87
CA GLY B 681 16.59 39.75 16.11
C GLY B 681 17.87 39.35 16.81
N ASP B 682 18.01 39.81 18.06
CA ASP B 682 19.18 39.49 18.86
C ASP B 682 18.76 39.42 20.33
N LEU B 683 19.40 38.50 21.06
CA LEU B 683 19.09 38.31 22.47
C LEU B 683 20.01 39.14 23.35
N GLU B 684 19.89 40.47 23.20
CA GLU B 684 20.71 41.39 23.96
C GLU B 684 20.19 41.63 25.37
N MET B 685 18.96 41.20 25.69
CA MET B 685 18.35 41.51 26.97
C MET B 685 18.90 40.67 28.12
N LEU B 686 19.65 39.61 27.84
CA LEU B 686 20.09 38.69 28.88
C LEU B 686 21.19 39.27 29.77
N SER B 687 21.55 40.55 29.64
CA SER B 687 22.66 41.08 30.42
C SER B 687 22.34 41.13 31.91
N SER B 688 21.06 41.34 32.24
CA SER B 688 20.65 41.47 33.64
C SER B 688 20.46 40.12 34.33
N THR B 689 20.60 39.02 33.61
CA THR B 689 20.26 37.71 34.14
C THR B 689 21.46 37.08 34.84
N LYS B 690 21.20 36.44 35.97
CA LYS B 690 22.19 35.62 36.66
C LYS B 690 22.09 34.19 36.15
N TYR B 691 23.21 33.47 36.20
CA TYR B 691 23.26 32.13 35.64
C TYR B 691 22.81 32.18 34.19
N PRO B 692 23.57 32.86 33.33
CA PRO B 692 23.17 32.93 31.92
C PRO B 692 23.18 31.57 31.24
N VAL B 693 23.97 30.62 31.73
CA VAL B 693 24.12 29.34 31.06
C VAL B 693 22.78 28.62 30.97
N VAL B 694 22.04 28.59 32.08
CA VAL B 694 20.76 27.89 32.07
C VAL B 694 19.78 28.58 31.14
N PHE B 695 19.83 29.92 31.06
CA PHE B 695 18.97 30.63 30.12
C PHE B 695 19.31 30.23 28.69
N ILE B 696 20.60 30.11 28.38
CA ILE B 696 21.02 29.69 27.05
C ILE B 696 20.48 28.29 26.76
N ILE B 697 20.59 27.39 27.74
CA ILE B 697 20.13 26.01 27.54
C ILE B 697 18.62 25.99 27.31
N LEU B 698 17.89 26.76 28.11
CA LEU B 698 16.44 26.78 27.97
C LEU B 698 16.01 27.32 26.62
N LEU B 699 16.66 28.40 26.16
CA LEU B 699 16.34 28.91 24.84
C LEU B 699 16.70 27.90 23.76
N VAL B 700 17.80 27.16 23.97
CA VAL B 700 18.19 26.13 23.02
C VAL B 700 17.10 25.08 22.89
N THR B 701 16.64 24.57 24.04
CA THR B 701 15.60 23.55 24.02
C THR B 701 14.29 24.09 23.47
N TYR B 702 13.98 25.35 23.78
CA TYR B 702 12.79 25.98 23.23
C TYR B 702 12.83 25.99 21.72
N ILE B 703 13.95 26.44 21.15
CA ILE B 703 14.09 26.46 19.70
C ILE B 703 14.01 25.05 19.14
N ILE B 704 14.65 24.10 19.80
CA ILE B 704 14.66 22.73 19.32
C ILE B 704 13.24 22.18 19.24
N LEU B 705 12.47 22.37 20.31
CA LEU B 705 11.10 21.87 20.32
C LEU B 705 10.25 22.57 19.27
N THR B 706 10.38 23.90 19.17
CA THR B 706 9.53 24.64 18.25
C THR B 706 9.81 24.27 16.81
N PHE B 707 11.09 24.10 16.45
CA PHE B 707 11.45 23.91 15.06
C PHE B 707 11.52 22.44 14.68
N VAL B 708 12.14 21.61 15.51
CA VAL B 708 12.41 20.24 15.10
C VAL B 708 11.19 19.35 15.32
N LEU B 709 10.62 19.37 16.52
CA LEU B 709 9.58 18.39 16.85
C LEU B 709 8.18 18.92 16.53
N LEU B 710 7.83 20.10 17.05
CA LEU B 710 6.48 20.60 16.84
C LEU B 710 6.21 20.86 15.37
N LEU B 711 7.13 21.54 14.68
CA LEU B 711 6.93 21.83 13.26
C LEU B 711 6.93 20.56 12.43
N ASN B 712 7.79 19.60 12.75
CA ASN B 712 7.85 18.36 11.97
C ASN B 712 6.55 17.58 12.08
N MET B 713 6.00 17.48 13.29
CA MET B 713 4.77 16.71 13.47
C MET B 713 3.65 17.28 12.63
N LEU B 714 3.60 18.61 12.51
CA LEU B 714 2.61 19.23 11.64
C LEU B 714 2.83 18.81 10.19
N ILE B 715 4.09 18.70 9.77
CA ILE B 715 4.38 18.24 8.41
C ILE B 715 3.90 16.81 8.23
N ALA B 716 4.19 15.96 9.21
CA ALA B 716 3.86 14.54 9.08
C ALA B 716 2.36 14.33 8.99
N LEU B 717 1.58 15.09 9.76
CA LEU B 717 0.14 14.85 9.81
C LEU B 717 -0.49 15.01 8.43
N MET B 718 -0.09 16.05 7.69
CA MET B 718 -0.68 16.26 6.37
C MET B 718 -0.35 15.11 5.44
N GLY B 719 0.88 14.63 5.47
CA GLY B 719 1.27 13.56 4.57
C GLY B 719 0.46 12.30 4.76
N GLU B 720 0.20 11.93 6.02
CA GLU B 720 -0.51 10.69 6.29
C GLU B 720 -2.00 10.83 6.00
N THR B 721 -2.59 11.99 6.29
CA THR B 721 -4.02 12.17 6.06
C THR B 721 -4.36 12.04 4.58
N VAL B 722 -3.54 12.64 3.71
CA VAL B 722 -3.80 12.56 2.29
C VAL B 722 -3.66 11.11 1.81
N GLY B 723 -2.66 10.40 2.32
CA GLY B 723 -2.50 9.01 1.94
C GLY B 723 -3.70 8.17 2.37
N GLN B 724 -4.21 8.41 3.57
CA GLN B 724 -5.39 7.69 4.03
C GLN B 724 -6.61 8.06 3.20
N VAL B 725 -6.67 9.29 2.69
CA VAL B 725 -7.80 9.75 1.89
C VAL B 725 -7.45 9.81 0.41
N SER B 726 -6.44 9.06 -0.01
CA SER B 726 -6.06 9.04 -1.43
C SER B 726 -7.26 8.68 -2.30
N LYS B 727 -7.96 7.60 -1.96
CA LYS B 727 -9.21 7.28 -2.65
C LYS B 727 -10.28 8.31 -2.31
N GLU B 728 -10.28 8.82 -1.07
CA GLU B 728 -11.30 9.76 -0.64
C GLU B 728 -11.26 11.07 -1.42
N SER B 729 -10.17 11.34 -2.13
CA SER B 729 -10.07 12.59 -2.88
C SER B 729 -11.24 12.73 -3.85
N LYS B 730 -11.51 11.68 -4.62
CA LYS B 730 -12.61 11.73 -5.57
C LYS B 730 -13.95 11.82 -4.85
N HIS B 731 -14.08 11.12 -3.72
CA HIS B 731 -15.32 11.18 -2.95
C HIS B 731 -15.57 12.60 -2.45
N ILE B 732 -14.57 13.19 -1.82
CA ILE B 732 -14.72 14.54 -1.28
C ILE B 732 -14.99 15.53 -2.40
N TRP B 733 -14.29 15.37 -3.53
CA TRP B 733 -14.53 16.26 -4.67
C TRP B 733 -15.96 16.14 -5.17
N LYS B 734 -16.46 14.91 -5.30
CA LYS B 734 -17.82 14.72 -5.79
C LYS B 734 -18.84 15.32 -4.84
N LEU B 735 -18.63 15.13 -3.54
CA LEU B 735 -19.55 15.71 -2.57
C LEU B 735 -19.52 17.23 -2.62
N GLN B 736 -18.32 17.81 -2.75
CA GLN B 736 -18.22 19.27 -2.82
C GLN B 736 -18.92 19.80 -4.07
N TRP B 737 -18.73 19.12 -5.19
CA TRP B 737 -19.37 19.50 -6.44
C TRP B 737 -20.89 19.43 -6.29
N ALA B 738 -21.38 18.36 -5.67
CA ALA B 738 -22.82 18.22 -5.47
C ALA B 738 -23.36 19.33 -4.59
N THR B 739 -22.68 19.65 -3.50
CA THR B 739 -23.20 20.66 -2.58
C THR B 739 -23.22 22.04 -3.22
N THR B 740 -22.18 22.38 -3.99
CA THR B 740 -22.21 23.67 -4.67
C THR B 740 -23.34 23.72 -5.68
N ILE B 741 -23.54 22.65 -6.44
CA ILE B 741 -24.62 22.66 -7.42
C ILE B 741 -25.96 22.83 -6.73
N LEU B 742 -26.17 22.10 -5.63
CA LEU B 742 -27.45 22.19 -4.94
C LEU B 742 -27.66 23.55 -4.29
N ASP B 743 -26.59 24.17 -3.78
CA ASP B 743 -26.72 25.53 -3.26
C ASP B 743 -27.16 26.48 -4.36
N ILE B 744 -26.55 26.37 -5.54
CA ILE B 744 -26.95 27.23 -6.64
C ILE B 744 -28.40 26.99 -7.00
N GLU B 745 -28.81 25.72 -7.03
CA GLU B 745 -30.19 25.39 -7.38
C GLU B 745 -31.17 25.94 -6.36
N ARG B 746 -30.82 25.83 -5.07
CA ARG B 746 -31.69 26.33 -4.02
C ARG B 746 -31.83 27.84 -4.09
N SER B 747 -30.75 28.54 -4.43
CA SER B 747 -30.79 30.00 -4.39
C SER B 747 -31.92 30.56 -5.26
N PHE B 748 -32.14 29.95 -6.42
CA PHE B 748 -33.11 30.49 -7.36
C PHE B 748 -34.54 30.30 -6.85
N PRO B 749 -35.45 31.21 -7.21
CA PRO B 749 -36.86 31.05 -6.81
C PRO B 749 -37.52 29.85 -7.44
N VAL B 750 -38.76 29.56 -7.04
CA VAL B 750 -39.42 28.32 -7.44
C VAL B 750 -39.68 28.29 -8.94
N PHE B 751 -40.24 29.38 -9.48
CA PHE B 751 -40.64 29.35 -10.88
C PHE B 751 -39.42 29.24 -11.80
N LEU B 752 -38.30 29.86 -11.41
CA LEU B 752 -37.09 29.72 -12.21
C LEU B 752 -36.61 28.27 -12.19
N ARG B 753 -36.73 27.60 -11.04
CA ARG B 753 -36.41 26.19 -10.94
C ARG B 753 -37.33 25.37 -11.85
N LYS B 754 -38.62 25.73 -11.88
CA LYS B 754 -39.54 25.07 -12.80
C LYS B 754 -39.04 25.21 -14.23
N ALA B 755 -38.55 26.40 -14.58
CA ALA B 755 -38.04 26.61 -15.93
C ALA B 755 -36.85 25.70 -16.21
N PHE B 756 -35.96 25.53 -15.24
CA PHE B 756 -34.73 24.79 -15.44
C PHE B 756 -34.84 23.32 -15.05
N ARG B 757 -36.01 22.87 -14.60
CA ARG B 757 -36.14 21.50 -14.12
C ARG B 757 -35.74 20.51 -15.21
N SER B 758 -35.00 19.49 -14.82
CA SER B 758 -34.43 18.52 -15.75
C SER B 758 -35.33 17.31 -15.86
N GLY B 759 -35.49 16.83 -17.09
CA GLY B 759 -36.26 15.61 -17.35
C GLY B 759 -37.44 15.88 -18.27
N GLU B 760 -37.84 14.85 -19.00
CA GLU B 760 -38.91 14.95 -19.98
C GLU B 760 -40.15 14.23 -19.48
N MET B 761 -41.30 14.89 -19.60
CA MET B 761 -42.57 14.26 -19.28
C MET B 761 -42.84 13.15 -20.29
N VAL B 762 -43.02 11.93 -19.79
CA VAL B 762 -43.14 10.75 -20.63
C VAL B 762 -44.38 9.99 -20.16
N THR B 763 -45.33 9.80 -21.06
CA THR B 763 -46.51 8.99 -20.78
C THR B 763 -46.12 7.52 -20.87
N VAL B 764 -45.94 6.89 -19.71
CA VAL B 764 -45.45 5.52 -19.64
C VAL B 764 -46.57 4.50 -19.58
N GLY B 765 -47.80 4.93 -19.43
CA GLY B 765 -48.91 4.00 -19.37
C GLY B 765 -50.18 4.72 -18.96
N LYS B 766 -51.25 3.94 -18.87
CA LYS B 766 -52.55 4.43 -18.47
C LYS B 766 -52.92 3.81 -17.13
N SER B 767 -53.35 4.67 -16.20
CA SER B 767 -53.72 4.21 -14.88
C SER B 767 -54.89 3.25 -14.95
N SER B 768 -55.30 2.74 -13.79
CA SER B 768 -56.40 1.78 -13.74
C SER B 768 -57.64 2.34 -14.42
N ASP B 769 -57.93 3.62 -14.20
CA ASP B 769 -59.09 4.23 -14.84
C ASP B 769 -58.87 4.43 -16.34
N GLY B 770 -57.62 4.39 -16.79
CA GLY B 770 -57.29 4.56 -18.20
C GLY B 770 -56.68 5.90 -18.53
N THR B 771 -56.70 6.85 -17.60
CA THR B 771 -56.11 8.16 -17.87
C THR B 771 -54.59 8.03 -17.95
N PRO B 772 -53.93 8.89 -18.72
CA PRO B 772 -52.47 8.81 -18.83
C PRO B 772 -51.76 9.24 -17.56
N ASP B 773 -50.56 8.71 -17.38
CA ASP B 773 -49.76 9.02 -16.21
C ASP B 773 -49.07 10.37 -16.35
N ARG B 774 -48.25 10.53 -17.39
CA ARG B 774 -47.54 11.78 -17.66
C ARG B 774 -46.63 12.13 -16.49
N ARG B 775 -45.63 11.27 -16.30
CA ARG B 775 -44.76 11.29 -15.14
C ARG B 775 -43.35 11.68 -15.56
N TRP B 776 -42.74 12.59 -14.79
CA TRP B 776 -41.39 13.03 -15.09
C TRP B 776 -40.42 11.86 -15.05
N CYS B 777 -39.43 11.90 -15.93
CA CYS B 777 -38.42 10.85 -16.01
C CYS B 777 -37.14 11.39 -16.63
N PHE B 778 -36.08 10.61 -16.45
CA PHE B 778 -34.74 10.95 -16.92
C PHE B 778 -34.11 9.72 -17.55
N ARG B 779 -33.45 9.90 -18.68
CA ARG B 779 -33.07 8.78 -19.55
C ARG B 779 -31.60 8.45 -19.37
N VAL B 780 -31.29 7.15 -19.35
CA VAL B 780 -29.90 6.69 -19.36
C VAL B 780 -29.79 5.51 -20.30
N ASP B 781 -28.68 5.44 -21.03
CA ASP B 781 -28.42 4.37 -21.98
C ASP B 781 -27.05 3.75 -21.72
N GLU B 782 -26.99 2.44 -21.86
CA GLU B 782 -25.77 1.66 -21.65
C GLU B 782 -25.52 0.76 -22.84
N VAL B 783 -24.35 0.12 -22.82
CA VAL B 783 -23.93 -0.80 -23.86
C VAL B 783 -23.60 -2.14 -23.21
N ASN B 784 -24.19 -3.21 -23.74
CA ASN B 784 -23.99 -4.55 -23.22
C ASN B 784 -23.74 -5.49 -24.40
N TRP B 785 -22.64 -6.22 -24.35
CA TRP B 785 -22.26 -7.15 -25.40
C TRP B 785 -22.54 -8.60 -25.03
N SER B 786 -23.12 -8.84 -23.85
CA SER B 786 -23.42 -10.19 -23.40
C SER B 786 -24.91 -10.49 -23.45
N HIS B 787 -25.74 -9.51 -23.74
CA HIS B 787 -27.18 -9.72 -23.75
C HIS B 787 -27.65 -10.04 -25.16
N ASN C 150 -56.42 6.42 -44.72
CA ASN C 150 -56.33 5.00 -44.39
C ASN C 150 -55.01 4.67 -43.72
N ARG C 151 -54.13 5.66 -43.64
CA ARG C 151 -52.83 5.45 -43.00
C ARG C 151 -52.96 4.94 -41.58
N PRO C 152 -53.79 5.55 -40.71
CA PRO C 152 -53.90 5.01 -39.35
C PRO C 152 -54.39 3.59 -39.31
N ILE C 153 -55.35 3.23 -40.17
CA ILE C 153 -55.86 1.87 -40.20
C ILE C 153 -54.75 0.90 -40.60
N LEU C 154 -53.98 1.27 -41.63
CA LEU C 154 -52.89 0.41 -42.07
C LEU C 154 -51.83 0.23 -40.99
N PHE C 155 -51.47 1.34 -40.31
CA PHE C 155 -50.48 1.24 -39.25
C PHE C 155 -50.98 0.34 -38.12
N ASP C 156 -52.25 0.48 -37.74
CA ASP C 156 -52.80 -0.37 -36.69
C ASP C 156 -52.80 -1.84 -37.13
N ILE C 157 -53.17 -2.10 -38.39
CA ILE C 157 -53.21 -3.47 -38.88
C ILE C 157 -51.82 -4.10 -38.82
N VAL C 158 -50.81 -3.37 -39.30
CA VAL C 158 -49.47 -3.94 -39.34
C VAL C 158 -48.91 -4.08 -37.93
N SER C 159 -49.15 -3.09 -37.07
CA SER C 159 -48.66 -3.18 -35.70
C SER C 159 -49.26 -4.37 -34.98
N ARG C 160 -50.55 -4.62 -35.18
CA ARG C 160 -51.18 -5.78 -34.54
C ARG C 160 -50.55 -7.07 -35.04
N GLY C 161 -50.20 -7.14 -36.32
CA GLY C 161 -49.66 -8.34 -36.91
C GLY C 161 -50.70 -9.32 -37.39
N SER C 162 -51.97 -8.91 -37.48
CA SER C 162 -53.03 -9.82 -37.89
C SER C 162 -53.10 -9.90 -39.41
N THR C 163 -53.20 -11.13 -39.93
CA THR C 163 -53.25 -11.34 -41.37
C THR C 163 -54.62 -11.00 -41.95
N ALA C 164 -55.69 -11.23 -41.19
CA ALA C 164 -57.04 -11.10 -41.75
C ALA C 164 -57.32 -9.68 -42.20
N ASP C 165 -56.91 -8.69 -41.42
CA ASP C 165 -57.28 -7.30 -41.71
C ASP C 165 -56.77 -6.85 -43.07
N LEU C 166 -55.73 -7.49 -43.61
CA LEU C 166 -55.15 -7.03 -44.86
C LEU C 166 -56.05 -7.35 -46.05
N ASP C 167 -56.90 -8.37 -45.94
CA ASP C 167 -57.76 -8.75 -47.05
C ASP C 167 -58.55 -7.56 -47.55
N GLY C 168 -58.53 -7.35 -48.86
CA GLY C 168 -59.22 -6.26 -49.51
C GLY C 168 -58.34 -5.09 -49.87
N LEU C 169 -57.13 -5.01 -49.33
CA LEU C 169 -56.23 -3.91 -49.67
C LEU C 169 -55.84 -3.95 -51.13
N LEU C 170 -55.57 -5.14 -51.67
CA LEU C 170 -55.18 -5.25 -53.07
C LEU C 170 -56.24 -4.67 -54.01
N PRO C 171 -57.49 -5.11 -53.98
CA PRO C 171 -58.50 -4.50 -54.84
C PRO C 171 -58.70 -3.02 -54.56
N PHE C 172 -58.56 -2.59 -53.30
CA PHE C 172 -58.70 -1.18 -52.97
C PHE C 172 -57.66 -0.35 -53.72
N LEU C 173 -56.39 -0.76 -53.61
CA LEU C 173 -55.32 -0.04 -54.29
C LEU C 173 -55.50 -0.11 -55.80
N LEU C 174 -55.92 -1.27 -56.31
CA LEU C 174 -56.12 -1.40 -57.76
C LEU C 174 -57.20 -0.45 -58.24
N THR C 175 -58.31 -0.36 -57.51
CA THR C 175 -59.40 0.52 -57.93
C THR C 175 -59.00 1.98 -57.83
N HIS C 176 -58.38 2.37 -56.72
CA HIS C 176 -57.97 3.75 -56.53
C HIS C 176 -56.59 4.05 -57.10
N LYS C 177 -55.85 3.03 -57.53
CA LYS C 177 -54.55 3.23 -58.18
C LYS C 177 -53.64 4.10 -57.32
N LYS C 178 -53.60 3.78 -56.02
CA LYS C 178 -52.80 4.51 -55.05
C LYS C 178 -51.61 3.65 -54.64
N ARG C 179 -50.41 4.20 -54.80
CA ARG C 179 -49.20 3.46 -54.48
C ARG C 179 -48.98 3.43 -52.96
N LEU C 180 -48.18 2.46 -52.52
CA LEU C 180 -47.89 2.30 -51.11
C LEU C 180 -46.84 3.28 -50.61
N THR C 181 -46.21 4.05 -51.50
CA THR C 181 -45.26 5.07 -51.12
C THR C 181 -45.83 6.48 -51.19
N ASP C 182 -47.15 6.61 -51.33
CA ASP C 182 -47.76 7.93 -51.37
C ASP C 182 -47.56 8.65 -50.04
N GLU C 183 -47.47 9.98 -50.12
CA GLU C 183 -47.22 10.77 -48.92
C GLU C 183 -48.24 10.47 -47.83
N GLU C 184 -49.51 10.28 -48.22
CA GLU C 184 -50.54 10.02 -47.23
C GLU C 184 -50.29 8.71 -46.49
N PHE C 185 -49.91 7.66 -47.21
CA PHE C 185 -49.65 6.38 -46.57
C PHE C 185 -48.45 6.46 -45.64
N ARG C 186 -47.43 7.21 -46.04
CA ARG C 186 -46.20 7.29 -45.26
C ARG C 186 -46.37 8.27 -44.10
N GLU C 187 -45.69 7.97 -43.00
CA GLU C 187 -45.78 8.82 -41.83
C GLU C 187 -45.00 10.11 -42.07
N PRO C 188 -45.63 11.28 -41.91
CA PRO C 188 -44.92 12.53 -42.21
C PRO C 188 -43.71 12.77 -41.32
N SER C 189 -43.74 12.28 -40.08
CA SER C 189 -42.68 12.61 -39.13
C SER C 189 -41.32 12.13 -39.64
N THR C 190 -41.23 10.88 -40.07
CA THR C 190 -39.98 10.28 -40.52
C THR C 190 -39.98 9.90 -41.98
N GLY C 191 -41.06 9.28 -42.45
CA GLY C 191 -41.11 8.65 -43.76
C GLY C 191 -41.28 7.16 -43.70
N LYS C 192 -41.35 6.59 -42.49
CA LYS C 192 -41.48 5.15 -42.33
C LYS C 192 -42.60 4.58 -43.19
N THR C 193 -42.25 3.57 -43.99
CA THR C 193 -43.22 2.86 -44.79
C THR C 193 -43.76 1.65 -44.02
N CYS C 194 -44.61 0.87 -44.68
CA CYS C 194 -45.25 -0.26 -44.02
C CYS C 194 -44.24 -1.32 -43.61
N LEU C 195 -43.27 -1.63 -44.47
CA LEU C 195 -42.33 -2.71 -44.19
C LEU C 195 -41.50 -2.47 -42.94
N PRO C 196 -40.85 -1.32 -42.77
CA PRO C 196 -40.09 -1.10 -41.53
C PRO C 196 -40.95 -1.15 -40.30
N LYS C 197 -42.19 -0.64 -40.37
CA LYS C 197 -43.07 -0.72 -39.21
C LYS C 197 -43.41 -2.16 -38.86
N ALA C 198 -43.71 -2.97 -39.88
CA ALA C 198 -44.00 -4.38 -39.63
C ALA C 198 -42.79 -5.09 -39.02
N LEU C 199 -41.60 -4.80 -39.54
CA LEU C 199 -40.40 -5.44 -39.03
C LEU C 199 -40.07 -4.99 -37.61
N LEU C 200 -40.36 -3.73 -37.28
CA LEU C 200 -39.99 -3.20 -35.97
C LEU C 200 -40.68 -3.98 -34.86
N ASN C 201 -41.96 -4.29 -35.03
CA ASN C 201 -42.76 -4.97 -34.01
C ASN C 201 -43.19 -6.33 -34.55
N LEU C 202 -42.56 -7.38 -34.06
CA LEU C 202 -42.89 -8.74 -34.44
C LEU C 202 -42.75 -9.64 -33.22
N SER C 203 -43.13 -10.90 -33.39
CA SER C 203 -43.10 -11.88 -32.31
C SER C 203 -42.17 -13.01 -32.69
N ASN C 204 -41.29 -13.37 -31.75
CA ASN C 204 -40.37 -14.50 -31.88
C ASN C 204 -39.87 -14.66 -33.32
N GLY C 205 -39.48 -13.53 -33.91
CA GLY C 205 -38.90 -13.56 -35.24
C GLY C 205 -39.82 -13.96 -36.35
N ARG C 206 -41.14 -13.89 -36.13
CA ARG C 206 -42.11 -14.32 -37.15
C ARG C 206 -43.26 -13.32 -37.15
N ASN C 207 -43.16 -12.28 -37.98
CA ASN C 207 -44.24 -11.32 -38.13
C ASN C 207 -45.42 -11.94 -38.86
N ASP C 208 -45.15 -12.71 -39.91
CA ASP C 208 -46.13 -13.42 -40.73
C ASP C 208 -46.86 -12.52 -41.72
N THR C 209 -46.65 -11.21 -41.70
CA THR C 209 -47.29 -10.30 -42.64
C THR C 209 -46.39 -9.89 -43.80
N ILE C 210 -45.07 -10.00 -43.63
CA ILE C 210 -44.14 -9.48 -44.63
C ILE C 210 -44.43 -10.03 -46.02
N PRO C 211 -44.56 -11.35 -46.23
CA PRO C 211 -44.77 -11.84 -47.60
C PRO C 211 -45.99 -11.25 -48.28
N VAL C 212 -47.08 -11.04 -47.53
CA VAL C 212 -48.28 -10.45 -48.12
C VAL C 212 -47.99 -9.02 -48.57
N LEU C 213 -47.27 -8.25 -47.75
CA LEU C 213 -46.93 -6.89 -48.13
C LEU C 213 -46.08 -6.89 -49.40
N LEU C 214 -45.10 -7.80 -49.47
CA LEU C 214 -44.25 -7.87 -50.66
C LEU C 214 -45.06 -8.23 -51.89
N ASP C 215 -45.97 -9.20 -51.75
CA ASP C 215 -46.82 -9.58 -52.88
C ASP C 215 -47.67 -8.40 -53.35
N ILE C 216 -48.24 -7.66 -52.39
CA ILE C 216 -49.06 -6.51 -52.76
C ILE C 216 -48.22 -5.47 -53.49
N ALA C 217 -47.04 -5.17 -52.96
CA ALA C 217 -46.18 -4.17 -53.60
C ALA C 217 -45.79 -4.61 -55.00
N GLU C 218 -45.56 -5.91 -55.19
CA GLU C 218 -45.25 -6.41 -56.53
C GLU C 218 -46.46 -6.28 -57.45
N ARG C 219 -47.66 -6.54 -56.94
CA ARG C 219 -48.86 -6.34 -57.72
C ARG C 219 -48.94 -4.90 -58.21
N THR C 220 -48.72 -3.94 -57.30
CA THR C 220 -48.74 -2.55 -57.70
C THR C 220 -47.60 -2.24 -58.67
N GLY C 221 -46.43 -2.82 -58.45
CA GLY C 221 -45.28 -2.55 -59.28
C GLY C 221 -44.43 -1.42 -58.74
N ASN C 222 -44.30 -1.36 -57.41
CA ASN C 222 -43.54 -0.31 -56.74
C ASN C 222 -42.45 -0.89 -55.83
N MET C 223 -42.07 -2.15 -56.08
CA MET C 223 -41.11 -2.80 -55.18
C MET C 223 -39.78 -2.07 -55.15
N ARG C 224 -39.31 -1.60 -56.32
CA ARG C 224 -38.02 -0.93 -56.37
C ARG C 224 -37.99 0.28 -55.47
N GLU C 225 -39.07 1.05 -55.43
CA GLU C 225 -39.14 2.25 -54.61
C GLU C 225 -39.75 2.01 -53.24
N PHE C 226 -40.31 0.84 -52.98
CA PHE C 226 -40.99 0.55 -51.73
C PHE C 226 -40.15 -0.29 -50.77
N ILE C 227 -39.49 -1.33 -51.28
CA ILE C 227 -38.78 -2.25 -50.40
C ILE C 227 -37.54 -1.61 -49.79
N ASN C 228 -37.02 -0.56 -50.42
CA ASN C 228 -35.82 0.11 -49.94
C ASN C 228 -36.07 1.59 -49.66
N SER C 229 -37.32 1.93 -49.37
CA SER C 229 -37.65 3.32 -49.10
C SER C 229 -36.95 3.78 -47.82
N PRO C 230 -36.13 4.80 -47.86
CA PRO C 230 -35.40 5.22 -46.66
C PRO C 230 -36.18 6.20 -45.79
N PHE C 231 -35.73 6.31 -44.55
CA PHE C 231 -36.28 7.29 -43.64
C PHE C 231 -35.69 8.66 -43.93
N ARG C 232 -36.42 9.69 -43.48
CA ARG C 232 -35.99 11.06 -43.56
C ARG C 232 -35.63 11.55 -42.15
N ASP C 233 -35.40 12.86 -42.03
CA ASP C 233 -35.20 13.48 -40.73
C ASP C 233 -33.79 13.24 -40.21
N ILE C 234 -33.37 14.09 -39.29
CA ILE C 234 -31.97 14.08 -38.83
C ILE C 234 -31.63 12.75 -38.16
N TYR C 235 -32.53 12.24 -37.32
CA TYR C 235 -32.17 11.13 -36.43
C TYR C 235 -31.87 9.85 -37.21
N TYR C 236 -32.77 9.45 -38.11
CA TYR C 236 -32.72 8.12 -38.70
C TYR C 236 -32.55 8.15 -40.21
N ARG C 237 -31.92 9.20 -40.73
CA ARG C 237 -31.79 9.35 -42.17
C ARG C 237 -31.01 8.19 -42.77
N GLY C 238 -31.51 7.66 -43.88
CA GLY C 238 -30.84 6.63 -44.64
C GLY C 238 -31.31 5.22 -44.32
N GLN C 239 -31.75 4.98 -43.10
CA GLN C 239 -32.08 3.63 -42.69
C GLN C 239 -33.13 3.03 -43.60
N THR C 240 -32.96 1.76 -43.93
CA THR C 240 -33.85 1.01 -44.81
C THR C 240 -34.35 -0.23 -44.10
N ALA C 241 -35.20 -0.98 -44.80
CA ALA C 241 -35.78 -2.19 -44.23
C ALA C 241 -34.69 -3.20 -43.89
N LEU C 242 -33.72 -3.37 -44.78
CA LEU C 242 -32.71 -4.40 -44.58
C LEU C 242 -31.89 -4.13 -43.34
N HIS C 243 -31.58 -2.86 -43.06
CA HIS C 243 -30.88 -2.53 -41.83
C HIS C 243 -31.67 -3.02 -40.62
N ILE C 244 -32.98 -2.79 -40.63
CA ILE C 244 -33.82 -3.22 -39.51
C ILE C 244 -33.78 -4.73 -39.38
N ALA C 245 -33.97 -5.43 -40.50
CA ALA C 245 -34.02 -6.89 -40.46
C ALA C 245 -32.73 -7.44 -39.90
N ILE C 246 -31.59 -6.88 -40.30
CA ILE C 246 -30.32 -7.34 -39.79
C ILE C 246 -30.16 -6.99 -38.32
N GLU C 247 -30.66 -5.81 -37.92
CA GLU C 247 -30.52 -5.39 -36.54
C GLU C 247 -31.32 -6.28 -35.59
N ARG C 248 -32.36 -6.93 -36.09
CA ARG C 248 -33.23 -7.75 -35.27
C ARG C 248 -32.86 -9.22 -35.31
N ARG C 249 -31.73 -9.57 -35.90
CA ARG C 249 -31.21 -10.94 -35.85
C ARG C 249 -32.20 -11.93 -36.46
N CYS C 250 -32.72 -11.59 -37.63
CA CYS C 250 -33.66 -12.44 -38.36
C CYS C 250 -33.08 -12.77 -39.72
N LYS C 251 -32.37 -13.90 -39.81
CA LYS C 251 -31.77 -14.32 -41.07
C LYS C 251 -32.84 -14.55 -42.13
N HIS C 252 -33.94 -15.21 -41.75
CA HIS C 252 -35.02 -15.50 -42.68
C HIS C 252 -35.45 -14.25 -43.45
N TYR C 253 -35.73 -13.17 -42.74
CA TYR C 253 -36.20 -11.96 -43.39
C TYR C 253 -35.10 -11.30 -44.20
N VAL C 254 -33.85 -11.41 -43.76
CA VAL C 254 -32.76 -10.87 -44.56
C VAL C 254 -32.70 -11.55 -45.92
N GLU C 255 -32.79 -12.88 -45.92
CA GLU C 255 -32.81 -13.61 -47.19
C GLU C 255 -34.00 -13.21 -48.04
N LEU C 256 -35.18 -13.13 -47.41
CA LEU C 256 -36.38 -12.81 -48.15
C LEU C 256 -36.31 -11.39 -48.73
N LEU C 257 -35.60 -10.49 -48.06
CA LEU C 257 -35.46 -9.13 -48.55
C LEU C 257 -34.49 -9.05 -49.71
N VAL C 258 -33.32 -9.69 -49.57
CA VAL C 258 -32.34 -9.63 -50.65
C VAL C 258 -32.88 -10.32 -51.89
N ALA C 259 -33.65 -11.39 -51.70
CA ALA C 259 -34.17 -12.13 -52.86
C ALA C 259 -35.01 -11.25 -53.75
N GLN C 260 -35.66 -10.23 -53.19
CA GLN C 260 -36.59 -9.39 -53.94
C GLN C 260 -35.95 -8.13 -54.50
N GLY C 261 -34.66 -7.93 -54.28
CA GLY C 261 -33.96 -6.78 -54.81
C GLY C 261 -33.61 -5.70 -53.81
N ALA C 262 -33.57 -6.02 -52.52
CA ALA C 262 -33.23 -5.01 -51.51
C ALA C 262 -31.85 -4.45 -51.76
N ASP C 263 -31.74 -3.12 -51.78
CA ASP C 263 -30.44 -2.48 -51.90
C ASP C 263 -29.55 -2.91 -50.74
N VAL C 264 -28.45 -3.56 -51.06
CA VAL C 264 -27.55 -4.11 -50.04
C VAL C 264 -26.44 -3.14 -49.67
N HIS C 265 -26.24 -2.07 -50.42
CA HIS C 265 -25.19 -1.09 -50.14
C HIS C 265 -25.73 0.21 -49.58
N ALA C 266 -27.02 0.25 -49.21
CA ALA C 266 -27.62 1.48 -48.73
C ALA C 266 -26.91 1.96 -47.47
N GLN C 267 -26.73 3.28 -47.36
CA GLN C 267 -26.00 3.90 -46.27
C GLN C 267 -26.96 4.53 -45.28
N ALA C 268 -26.78 4.22 -44.00
CA ALA C 268 -27.59 4.76 -42.92
C ALA C 268 -26.73 5.69 -42.09
N ARG C 269 -26.65 6.96 -42.51
CA ARG C 269 -25.80 7.95 -41.86
C ARG C 269 -26.59 8.95 -41.04
N GLY C 270 -27.73 8.54 -40.52
CA GLY C 270 -28.50 9.40 -39.65
C GLY C 270 -27.79 9.66 -38.34
N ARG C 271 -28.17 10.75 -37.67
CA ARG C 271 -27.48 11.16 -36.45
C ARG C 271 -27.58 10.12 -35.35
N PHE C 272 -28.56 9.21 -35.43
CA PHE C 272 -28.57 8.10 -34.49
C PHE C 272 -27.31 7.25 -34.64
N PHE C 273 -26.93 6.96 -35.88
CA PHE C 273 -25.75 6.17 -36.18
C PHE C 273 -24.58 7.11 -36.44
N GLN C 274 -23.93 7.55 -35.36
CA GLN C 274 -22.73 8.37 -35.46
C GLN C 274 -21.80 8.01 -34.32
N PRO C 275 -20.53 8.35 -34.42
CA PRO C 275 -19.61 8.06 -33.32
C PRO C 275 -20.05 8.73 -32.03
N LYS C 276 -19.76 8.07 -30.92
CA LYS C 276 -20.22 8.56 -29.63
C LYS C 276 -19.74 9.99 -29.39
N ASP C 277 -18.52 10.31 -29.79
CA ASP C 277 -18.00 11.66 -29.59
C ASP C 277 -18.72 12.69 -30.46
N GLU C 278 -19.44 12.26 -31.49
CA GLU C 278 -20.08 13.16 -32.43
C GLU C 278 -21.60 13.17 -32.25
N GLY C 279 -22.07 12.83 -31.05
CA GLY C 279 -23.49 12.88 -30.76
C GLY C 279 -24.29 11.81 -31.47
N GLY C 280 -23.98 10.55 -31.18
CA GLY C 280 -24.70 9.42 -31.72
C GLY C 280 -24.77 8.31 -30.71
N TYR C 281 -25.36 7.20 -31.13
CA TYR C 281 -25.56 6.06 -30.24
C TYR C 281 -24.78 4.84 -30.67
N PHE C 282 -24.85 4.45 -31.95
CA PHE C 282 -24.19 3.24 -32.43
C PHE C 282 -23.62 3.51 -33.82
N TYR C 283 -22.29 3.51 -33.93
CA TYR C 283 -21.62 3.60 -35.21
C TYR C 283 -21.15 2.23 -35.64
N PHE C 284 -21.47 1.86 -36.88
CA PHE C 284 -21.23 0.50 -37.33
C PHE C 284 -20.70 0.42 -38.77
N GLY C 285 -20.25 1.52 -39.34
CA GLY C 285 -19.77 1.52 -40.70
C GLY C 285 -20.78 1.96 -41.74
N GLU C 286 -22.05 2.09 -41.37
CA GLU C 286 -23.07 2.65 -42.25
C GLU C 286 -23.34 1.75 -43.45
N LEU C 287 -23.38 0.44 -43.21
CA LEU C 287 -23.60 -0.53 -44.27
C LEU C 287 -24.22 -1.79 -43.68
N PRO C 288 -25.06 -2.50 -44.44
CA PRO C 288 -25.58 -3.77 -43.94
C PRO C 288 -24.49 -4.76 -43.58
N LEU C 289 -23.53 -4.94 -44.47
CA LEU C 289 -22.45 -5.90 -44.22
C LEU C 289 -21.67 -5.51 -42.97
N SER C 290 -21.31 -4.22 -42.87
CA SER C 290 -20.59 -3.76 -41.69
C SER C 290 -21.45 -3.89 -40.45
N LEU C 291 -22.76 -3.72 -40.58
CA LEU C 291 -23.65 -3.87 -39.44
C LEU C 291 -23.64 -5.30 -38.93
N ALA C 292 -23.77 -6.26 -39.85
CA ALA C 292 -23.76 -7.66 -39.45
C ALA C 292 -22.42 -8.07 -38.87
N ALA C 293 -21.33 -7.52 -39.42
CA ALA C 293 -20.01 -7.83 -38.88
C ALA C 293 -19.82 -7.22 -37.50
N CYS C 294 -20.42 -6.06 -37.25
CA CYS C 294 -20.28 -5.36 -35.99
C CYS C 294 -21.25 -5.85 -34.92
N THR C 295 -22.27 -6.63 -35.29
CA THR C 295 -23.20 -7.18 -34.31
C THR C 295 -22.96 -8.65 -34.03
N ASN C 296 -21.81 -9.19 -34.45
CA ASN C 296 -21.40 -10.55 -34.13
C ASN C 296 -22.43 -11.57 -34.63
N GLN C 297 -22.59 -11.60 -35.95
CA GLN C 297 -23.51 -12.52 -36.62
C GLN C 297 -22.78 -13.16 -37.80
N PRO C 298 -22.00 -14.22 -37.54
CA PRO C 298 -21.24 -14.83 -38.64
C PRO C 298 -22.09 -15.31 -39.79
N HIS C 299 -23.26 -15.88 -39.50
CA HIS C 299 -24.08 -16.45 -40.55
C HIS C 299 -24.57 -15.38 -41.51
N ILE C 300 -24.97 -14.24 -40.98
CA ILE C 300 -25.46 -13.16 -41.83
C ILE C 300 -24.35 -12.69 -42.76
N VAL C 301 -23.15 -12.50 -42.22
CA VAL C 301 -22.03 -12.04 -43.06
C VAL C 301 -21.75 -13.07 -44.15
N ASN C 302 -21.69 -14.35 -43.77
CA ASN C 302 -21.42 -15.39 -44.74
C ASN C 302 -22.45 -15.39 -45.86
N TYR C 303 -23.73 -15.42 -45.51
CA TYR C 303 -24.76 -15.45 -46.54
C TYR C 303 -24.71 -14.19 -47.40
N LEU C 304 -24.56 -13.03 -46.77
CA LEU C 304 -24.63 -11.77 -47.49
C LEU C 304 -23.50 -11.65 -48.50
N THR C 305 -22.30 -12.09 -48.13
CA THR C 305 -21.16 -11.94 -49.02
C THR C 305 -21.29 -12.82 -50.25
N GLU C 306 -21.74 -14.05 -50.07
CA GLU C 306 -21.90 -15.01 -51.16
C GLU C 306 -23.37 -15.35 -51.29
N ASN C 307 -24.09 -14.54 -52.07
CA ASN C 307 -25.50 -14.77 -52.37
C ASN C 307 -25.70 -14.61 -53.86
N PRO C 308 -26.44 -15.54 -54.50
CA PRO C 308 -26.58 -15.46 -55.96
C PRO C 308 -27.21 -14.18 -56.43
N HIS C 309 -28.18 -13.63 -55.68
CA HIS C 309 -28.90 -12.47 -56.15
C HIS C 309 -28.03 -11.22 -56.12
N LYS C 310 -27.36 -10.98 -55.00
CA LYS C 310 -26.51 -9.82 -54.85
C LYS C 310 -25.40 -10.13 -53.84
N LYS C 311 -24.26 -9.46 -54.02
CA LYS C 311 -23.11 -9.65 -53.16
C LYS C 311 -22.58 -8.29 -52.74
N ALA C 312 -22.44 -8.07 -51.44
CA ALA C 312 -21.79 -6.88 -50.91
C ALA C 312 -20.31 -7.17 -50.75
N ASP C 313 -19.49 -6.56 -51.59
CA ASP C 313 -18.06 -6.83 -51.53
C ASP C 313 -17.47 -6.26 -50.26
N MET C 314 -16.57 -7.02 -49.65
CA MET C 314 -15.96 -6.58 -48.39
C MET C 314 -15.25 -5.25 -48.57
N ARG C 315 -14.55 -5.08 -49.68
CA ARG C 315 -13.83 -3.83 -49.94
C ARG C 315 -14.85 -2.80 -50.41
N ARG C 316 -15.45 -2.11 -49.45
CA ARG C 316 -16.41 -1.06 -49.73
C ARG C 316 -16.32 -0.02 -48.63
N GLN C 317 -16.51 1.24 -49.00
CA GLN C 317 -16.30 2.36 -48.10
C GLN C 317 -17.54 3.23 -48.05
N ASP C 318 -17.87 3.69 -46.85
CA ASP C 318 -19.01 4.57 -46.64
C ASP C 318 -18.61 6.02 -46.92
N SER C 319 -19.48 6.95 -46.53
CA SER C 319 -19.18 8.37 -46.71
C SER C 319 -17.89 8.75 -46.01
N ARG C 320 -17.70 8.27 -44.78
CA ARG C 320 -16.49 8.58 -44.03
C ARG C 320 -15.26 7.89 -44.62
N GLY C 321 -15.46 6.84 -45.41
CA GLY C 321 -14.37 6.09 -45.99
C GLY C 321 -14.01 4.82 -45.27
N ASN C 322 -14.39 4.70 -44.00
CA ASN C 322 -14.12 3.49 -43.23
C ASN C 322 -14.76 2.28 -43.88
N THR C 323 -14.01 1.19 -43.94
CA THR C 323 -14.53 -0.08 -44.42
C THR C 323 -14.94 -0.95 -43.24
N VAL C 324 -15.32 -2.20 -43.54
CA VAL C 324 -15.86 -3.07 -42.51
C VAL C 324 -14.83 -3.33 -41.42
N LEU C 325 -13.56 -3.45 -41.80
CA LEU C 325 -12.53 -3.63 -40.79
C LEU C 325 -12.37 -2.37 -39.94
N HIS C 326 -12.47 -1.21 -40.59
CA HIS C 326 -12.40 0.04 -39.83
C HIS C 326 -13.50 0.11 -38.79
N ALA C 327 -14.73 -0.24 -39.18
CA ALA C 327 -15.83 -0.23 -38.22
C ALA C 327 -15.60 -1.26 -37.12
N LEU C 328 -15.16 -2.45 -37.51
CA LEU C 328 -14.94 -3.52 -36.55
C LEU C 328 -13.88 -3.15 -35.54
N VAL C 329 -12.96 -2.27 -35.92
CA VAL C 329 -12.03 -1.71 -34.96
C VAL C 329 -12.65 -0.55 -34.21
N ALA C 330 -13.61 0.13 -34.82
CA ALA C 330 -14.22 1.29 -34.20
C ALA C 330 -15.15 0.93 -33.06
N ILE C 331 -15.71 -0.28 -33.07
CA ILE C 331 -16.58 -0.73 -31.99
C ILE C 331 -15.85 -1.63 -31.00
N ALA C 332 -14.56 -1.84 -31.19
CA ALA C 332 -13.82 -2.69 -30.28
C ALA C 332 -13.66 -2.01 -28.93
N ASP C 333 -13.73 -2.80 -27.87
CA ASP C 333 -13.48 -2.36 -26.53
C ASP C 333 -12.56 -3.36 -25.85
N ASN C 334 -11.84 -2.89 -24.85
CA ASN C 334 -10.84 -3.74 -24.21
C ASN C 334 -11.45 -4.89 -23.41
N THR C 335 -12.78 -4.98 -23.33
CA THR C 335 -13.40 -6.09 -22.63
C THR C 335 -13.10 -7.41 -23.32
N ARG C 336 -12.96 -8.47 -22.53
CA ARG C 336 -12.64 -9.77 -23.09
C ARG C 336 -13.75 -10.26 -24.01
N GLU C 337 -15.00 -10.09 -23.59
CA GLU C 337 -16.12 -10.57 -24.40
C GLU C 337 -16.14 -9.90 -25.77
N ASN C 338 -15.90 -8.60 -25.80
CA ASN C 338 -15.92 -7.88 -27.07
C ASN C 338 -14.77 -8.34 -27.96
N THR C 339 -13.55 -8.34 -27.42
CA THR C 339 -12.38 -8.69 -28.22
C THR C 339 -12.47 -10.11 -28.75
N LYS C 340 -13.09 -11.01 -27.98
CA LYS C 340 -13.11 -12.41 -28.37
C LYS C 340 -13.79 -12.59 -29.72
N PHE C 341 -14.87 -11.86 -29.97
CA PHE C 341 -15.54 -11.95 -31.26
C PHE C 341 -14.98 -10.96 -32.27
N VAL C 342 -14.46 -9.83 -31.81
CA VAL C 342 -13.87 -8.87 -32.75
C VAL C 342 -12.72 -9.49 -33.51
N THR C 343 -11.78 -10.12 -32.79
CA THR C 343 -10.65 -10.74 -33.45
C THR C 343 -11.10 -11.82 -34.41
N LYS C 344 -12.04 -12.67 -33.95
CA LYS C 344 -12.48 -13.79 -34.77
C LYS C 344 -13.10 -13.30 -36.07
N MET C 345 -14.01 -12.32 -35.97
CA MET C 345 -14.67 -11.82 -37.17
C MET C 345 -13.68 -11.10 -38.07
N TYR C 346 -12.75 -10.35 -37.49
CA TYR C 346 -11.76 -9.65 -38.29
C TYR C 346 -10.94 -10.64 -39.11
N ASP C 347 -10.44 -11.69 -38.47
CA ASP C 347 -9.62 -12.66 -39.18
C ASP C 347 -10.45 -13.40 -40.23
N LEU C 348 -11.66 -13.81 -39.87
CA LEU C 348 -12.52 -14.51 -40.82
C LEU C 348 -12.73 -13.66 -42.07
N LEU C 349 -13.08 -12.40 -41.87
CA LEU C 349 -13.39 -11.52 -42.98
C LEU C 349 -12.15 -11.26 -43.82
N LEU C 350 -11.00 -11.10 -43.18
CA LEU C 350 -9.76 -10.87 -43.91
C LEU C 350 -9.43 -12.06 -44.79
N LEU C 351 -9.51 -13.27 -44.23
CA LEU C 351 -9.21 -14.46 -45.00
C LEU C 351 -10.19 -14.61 -46.16
N LYS C 352 -11.48 -14.33 -45.93
CA LYS C 352 -12.45 -14.43 -47.01
C LYS C 352 -12.14 -13.44 -48.13
N CYS C 353 -11.79 -12.20 -47.77
CA CYS C 353 -11.51 -11.22 -48.81
C CYS C 353 -10.28 -11.61 -49.60
N ALA C 354 -9.23 -12.06 -48.92
CA ALA C 354 -8.03 -12.51 -49.63
C ALA C 354 -8.35 -13.69 -50.53
N ARG C 355 -9.17 -14.62 -50.05
CA ARG C 355 -9.54 -15.78 -50.84
C ARG C 355 -10.26 -15.35 -52.12
N LEU C 356 -11.25 -14.48 -52.00
CA LEU C 356 -12.03 -14.06 -53.16
C LEU C 356 -11.15 -13.29 -54.13
N PHE C 357 -10.43 -12.29 -53.63
CA PHE C 357 -9.55 -11.47 -54.46
C PHE C 357 -8.11 -11.68 -54.02
N PRO C 358 -7.33 -12.52 -54.70
CA PRO C 358 -5.96 -12.77 -54.26
C PRO C 358 -5.03 -11.61 -54.57
N ASP C 359 -5.37 -10.83 -55.59
CA ASP C 359 -4.50 -9.75 -56.04
C ASP C 359 -4.45 -8.63 -55.01
N SER C 360 -5.60 -8.05 -54.69
CA SER C 360 -5.65 -6.89 -53.82
C SER C 360 -5.50 -7.30 -52.35
N ASN C 361 -5.25 -6.30 -51.52
CA ASN C 361 -5.13 -6.47 -50.08
C ASN C 361 -6.18 -5.62 -49.39
N LEU C 362 -6.87 -6.21 -48.42
CA LEU C 362 -7.99 -5.51 -47.79
C LEU C 362 -7.52 -4.43 -46.82
N GLU C 363 -6.43 -4.66 -46.10
CA GLU C 363 -5.93 -3.66 -45.16
C GLU C 363 -5.21 -2.53 -45.87
N ALA C 364 -4.98 -2.65 -47.17
CA ALA C 364 -4.38 -1.55 -47.92
C ALA C 364 -5.30 -0.34 -47.98
N VAL C 365 -6.62 -0.57 -47.99
CA VAL C 365 -7.57 0.52 -48.12
C VAL C 365 -7.39 1.48 -46.96
N LEU C 366 -7.55 2.77 -47.25
CA LEU C 366 -7.49 3.82 -46.24
C LEU C 366 -8.74 4.67 -46.33
N ASN C 367 -9.13 5.21 -45.18
CA ASN C 367 -10.32 6.07 -45.12
C ASN C 367 -9.95 7.49 -45.55
N ASN C 368 -10.94 8.39 -45.46
CA ASN C 368 -10.68 9.77 -45.81
C ASN C 368 -9.61 10.38 -44.92
N ASP C 369 -9.56 9.95 -43.66
CA ASP C 369 -8.52 10.45 -42.76
C ASP C 369 -7.13 10.02 -43.21
N GLY C 370 -7.05 8.87 -43.90
CA GLY C 370 -5.78 8.37 -44.40
C GLY C 370 -5.16 7.25 -43.59
N LEU C 371 -5.85 6.72 -42.59
CA LEU C 371 -5.33 5.68 -41.73
C LEU C 371 -5.80 4.30 -42.20
N SER C 372 -5.22 3.28 -41.61
CA SER C 372 -5.58 1.90 -41.87
C SER C 372 -6.07 1.28 -40.57
N PRO C 373 -6.62 0.06 -40.60
CA PRO C 373 -7.15 -0.52 -39.36
C PRO C 373 -6.13 -0.57 -38.24
N LEU C 374 -4.88 -0.89 -38.57
CA LEU C 374 -3.84 -0.97 -37.54
C LEU C 374 -3.51 0.41 -36.99
N MET C 375 -3.26 1.37 -37.89
CA MET C 375 -2.96 2.72 -37.45
C MET C 375 -4.14 3.31 -36.68
N MET C 376 -5.37 3.01 -37.11
CA MET C 376 -6.53 3.56 -36.42
C MET C 376 -6.71 2.92 -35.05
N ALA C 377 -6.42 1.62 -34.94
CA ALA C 377 -6.49 0.97 -33.64
C ALA C 377 -5.45 1.55 -32.69
N ALA C 378 -4.27 1.85 -33.21
CA ALA C 378 -3.26 2.50 -32.37
C ALA C 378 -3.70 3.88 -31.94
N LYS C 379 -4.26 4.65 -32.89
CA LYS C 379 -4.67 6.01 -32.59
C LYS C 379 -5.82 6.05 -31.59
N THR C 380 -6.70 5.05 -31.63
CA THR C 380 -7.89 5.00 -30.79
C THR C 380 -7.66 4.24 -29.49
N GLY C 381 -6.43 3.78 -29.25
CA GLY C 381 -6.11 3.12 -28.00
C GLY C 381 -6.85 1.82 -27.76
N LYS C 382 -6.81 0.91 -28.72
CA LYS C 382 -7.48 -0.39 -28.62
C LYS C 382 -6.42 -1.48 -28.65
N ILE C 383 -5.96 -1.86 -27.46
CA ILE C 383 -4.89 -2.85 -27.33
C ILE C 383 -5.34 -4.21 -27.83
N GLY C 384 -6.60 -4.57 -27.55
CA GLY C 384 -7.04 -5.94 -27.79
C GLY C 384 -6.86 -6.37 -29.23
N ILE C 385 -7.26 -5.51 -30.17
CA ILE C 385 -7.15 -5.85 -31.58
C ILE C 385 -5.79 -5.48 -32.16
N PHE C 386 -5.12 -4.48 -31.58
CA PHE C 386 -3.80 -4.08 -32.06
C PHE C 386 -2.78 -5.17 -31.82
N GLN C 387 -2.85 -5.82 -30.66
CA GLN C 387 -1.94 -6.91 -30.36
C GLN C 387 -2.24 -8.13 -31.20
N HIS C 388 -3.49 -8.35 -31.58
CA HIS C 388 -3.83 -9.49 -32.42
C HIS C 388 -3.53 -9.24 -33.88
N ILE C 389 -3.43 -7.99 -34.30
CA ILE C 389 -3.08 -7.69 -35.68
C ILE C 389 -1.58 -7.60 -35.87
N ILE C 390 -0.84 -7.24 -34.82
CA ILE C 390 0.59 -7.10 -34.96
C ILE C 390 1.32 -8.44 -34.96
N ARG C 391 0.71 -9.49 -34.39
CA ARG C 391 1.32 -10.81 -34.33
C ARG C 391 0.54 -11.83 -35.14
N ARG C 392 -0.22 -11.39 -36.13
CA ARG C 392 -1.06 -12.29 -36.90
C ARG C 392 -0.21 -13.28 -37.67
N GLU C 393 -0.45 -14.57 -37.43
CA GLU C 393 0.21 -15.65 -38.14
C GLU C 393 -0.84 -16.57 -38.72
N VAL C 394 -0.67 -16.93 -39.98
CA VAL C 394 -1.64 -17.73 -40.72
C VAL C 394 -0.98 -19.05 -41.07
N THR C 395 -1.54 -20.15 -40.56
CA THR C 395 -0.99 -21.47 -40.84
C THR C 395 -1.33 -21.95 -42.24
N ASP C 396 -2.48 -21.55 -42.77
CA ASP C 396 -2.87 -21.97 -44.11
C ASP C 396 -1.83 -21.52 -45.12
N GLU C 397 -1.44 -22.44 -46.01
CA GLU C 397 -0.44 -22.13 -47.01
C GLU C 397 -0.98 -21.17 -48.07
N ASP C 398 -2.25 -21.31 -48.42
CA ASP C 398 -2.83 -20.43 -49.44
C ASP C 398 -2.81 -18.98 -48.99
N THR C 399 -3.06 -18.74 -47.71
CA THR C 399 -3.19 -17.39 -47.17
C THR C 399 -2.07 -17.04 -46.19
N ARG C 400 -0.90 -17.65 -46.35
CA ARG C 400 0.23 -17.35 -45.50
C ARG C 400 0.89 -16.02 -45.84
N HIS C 401 0.68 -15.52 -47.06
CA HIS C 401 1.38 -14.31 -47.49
C HIS C 401 1.02 -13.13 -46.61
N LEU C 402 -0.23 -13.05 -46.17
CA LEU C 402 -0.69 -11.91 -45.40
C LEU C 402 -0.34 -12.01 -43.92
N SER C 403 0.28 -13.09 -43.49
CA SER C 403 0.65 -13.21 -42.09
C SER C 403 1.76 -12.23 -41.75
N ARG C 404 1.90 -11.95 -40.46
CA ARG C 404 2.77 -10.91 -39.96
C ARG C 404 3.88 -11.39 -39.04
N LYS C 405 3.79 -12.63 -38.55
CA LYS C 405 4.79 -13.19 -37.64
C LYS C 405 5.08 -14.62 -38.07
N PHE C 406 6.30 -14.85 -38.52
CA PHE C 406 6.72 -16.17 -38.98
C PHE C 406 7.75 -16.77 -38.03
N LYS C 407 7.81 -18.09 -38.02
CA LYS C 407 8.85 -18.80 -37.29
C LYS C 407 10.10 -18.91 -38.15
N ASP C 408 11.26 -18.67 -37.55
CA ASP C 408 12.52 -18.69 -38.28
C ASP C 408 13.32 -19.95 -37.98
N TRP C 409 13.64 -20.21 -36.72
CA TRP C 409 14.28 -21.48 -36.40
C TRP C 409 14.23 -21.73 -34.90
N ALA C 410 14.41 -22.98 -34.53
CA ALA C 410 14.37 -23.38 -33.13
C ALA C 410 15.48 -24.37 -32.84
N TYR C 411 16.17 -24.17 -31.72
CA TYR C 411 17.18 -25.09 -31.24
C TYR C 411 16.93 -25.31 -29.76
N GLY C 412 16.51 -26.51 -29.40
CA GLY C 412 16.20 -26.82 -28.04
C GLY C 412 15.18 -25.85 -27.47
N PRO C 413 15.40 -25.40 -26.23
CA PRO C 413 14.47 -24.45 -25.63
C PRO C 413 14.48 -23.08 -26.27
N VAL C 414 15.39 -22.78 -27.19
CA VAL C 414 15.46 -21.47 -27.81
C VAL C 414 14.62 -21.47 -29.08
N TYR C 415 13.68 -20.54 -29.16
CA TYR C 415 12.83 -20.38 -30.32
C TYR C 415 13.00 -18.97 -30.87
N SER C 416 13.15 -18.85 -32.19
CA SER C 416 13.45 -17.57 -32.82
C SER C 416 12.48 -17.33 -33.96
N SER C 417 11.67 -16.28 -33.79
CA SER C 417 10.64 -15.89 -34.74
C SER C 417 10.87 -14.45 -35.15
N LEU C 418 10.71 -14.18 -36.44
CA LEU C 418 10.87 -12.83 -36.97
C LEU C 418 9.50 -12.23 -37.25
N TYR C 419 9.28 -11.03 -36.72
CA TYR C 419 8.09 -10.25 -36.97
C TYR C 419 8.28 -9.37 -38.20
N ASP C 420 7.16 -8.96 -38.78
CA ASP C 420 7.14 -8.02 -39.89
C ASP C 420 6.80 -6.64 -39.35
N LEU C 421 7.49 -5.63 -39.86
CA LEU C 421 7.32 -4.27 -39.36
C LEU C 421 7.26 -3.25 -40.51
N SER C 422 6.91 -3.71 -41.71
CA SER C 422 6.86 -2.81 -42.86
C SER C 422 6.03 -1.58 -42.55
N SER C 423 4.75 -1.78 -42.25
CA SER C 423 3.89 -0.65 -41.89
C SER C 423 4.21 -0.14 -40.50
N LEU C 424 4.70 -1.00 -39.62
CA LEU C 424 4.91 -0.60 -38.23
C LEU C 424 5.97 0.49 -38.14
N ASP C 425 7.08 0.33 -38.86
CA ASP C 425 8.16 1.30 -38.85
C ASP C 425 8.45 1.73 -40.28
N THR C 426 8.45 3.04 -40.50
CA THR C 426 8.73 3.63 -41.79
C THR C 426 9.84 4.65 -41.65
N CYS C 427 10.45 5.00 -42.78
CA CYS C 427 11.52 5.98 -42.83
C CYS C 427 11.07 7.22 -43.59
N GLY C 428 9.86 7.68 -43.31
CA GLY C 428 9.28 8.81 -44.00
C GLY C 428 8.48 8.45 -45.23
N GLU C 429 8.47 7.18 -45.63
CA GLU C 429 7.66 6.78 -46.78
C GLU C 429 6.19 7.01 -46.52
N GLU C 430 5.73 6.70 -45.31
CA GLU C 430 4.35 6.97 -44.92
C GLU C 430 4.30 7.09 -43.41
N ALA C 431 3.11 7.39 -42.89
CA ALA C 431 2.92 7.45 -41.46
C ALA C 431 3.15 6.10 -40.82
N SER C 432 3.81 6.10 -39.67
CA SER C 432 4.16 4.88 -38.96
C SER C 432 3.32 4.74 -37.69
N VAL C 433 3.06 3.49 -37.32
CA VAL C 433 2.32 3.22 -36.10
C VAL C 433 3.04 3.78 -34.89
N LEU C 434 4.36 3.68 -34.88
CA LEU C 434 5.13 4.07 -33.71
C LEU C 434 5.03 5.58 -33.49
N GLU C 435 5.20 6.37 -34.55
CA GLU C 435 5.09 7.81 -34.42
C GLU C 435 3.71 8.22 -33.93
N ILE C 436 2.67 7.62 -34.50
CA ILE C 436 1.31 7.95 -34.10
C ILE C 436 1.08 7.61 -32.65
N LEU C 437 1.57 6.44 -32.22
CA LEU C 437 1.31 5.97 -30.87
C LEU C 437 2.14 6.73 -29.84
N VAL C 438 3.25 7.33 -30.24
CA VAL C 438 4.15 7.96 -29.28
C VAL C 438 3.92 9.47 -29.20
N TYR C 439 3.57 10.09 -30.33
CA TYR C 439 3.46 11.55 -30.38
C TYR C 439 2.05 12.07 -30.16
N ASN C 440 1.03 11.32 -30.55
CA ASN C 440 -0.33 11.78 -30.33
C ASN C 440 -0.68 11.77 -28.85
N SER C 441 -1.58 12.67 -28.47
CA SER C 441 -1.96 12.88 -27.08
C SER C 441 -3.33 12.27 -26.80
N LYS C 442 -3.61 12.07 -25.51
CA LYS C 442 -4.91 11.59 -25.05
C LYS C 442 -5.21 10.21 -25.62
N ILE C 443 -4.30 9.27 -25.39
CA ILE C 443 -4.47 7.88 -25.81
C ILE C 443 -4.73 7.04 -24.57
N GLU C 444 -5.71 6.15 -24.66
CA GLU C 444 -6.19 5.43 -23.48
C GLU C 444 -5.10 4.60 -22.84
N ASN C 445 -4.46 3.73 -23.62
CA ASN C 445 -3.47 2.81 -23.08
C ASN C 445 -2.10 3.09 -23.70
N ARG C 446 -1.74 4.37 -23.78
CA ARG C 446 -0.49 4.76 -24.43
C ARG C 446 0.70 3.98 -23.87
N HIS C 447 0.73 3.79 -22.56
CA HIS C 447 1.87 3.12 -21.94
C HIS C 447 1.80 1.61 -22.11
N GLU C 448 0.61 1.03 -21.93
CA GLU C 448 0.47 -0.42 -22.05
C GLU C 448 0.69 -0.86 -23.50
N MET C 449 0.26 -0.05 -24.45
CA MET C 449 0.33 -0.44 -25.86
C MET C 449 1.76 -0.66 -26.31
N LEU C 450 2.71 0.03 -25.69
CA LEU C 450 4.11 -0.06 -26.12
C LEU C 450 4.76 -1.37 -25.71
N ALA C 451 4.16 -2.11 -24.78
CA ALA C 451 4.72 -3.36 -24.28
C ALA C 451 4.25 -4.50 -25.17
N VAL C 452 4.84 -4.57 -26.35
CA VAL C 452 4.57 -5.63 -27.31
C VAL C 452 5.91 -6.18 -27.78
N GLU C 453 5.88 -7.43 -28.24
CA GLU C 453 7.12 -8.17 -28.47
C GLU C 453 8.06 -7.44 -29.43
N PRO C 454 7.62 -6.96 -30.58
CA PRO C 454 8.56 -6.30 -31.50
C PRO C 454 8.80 -4.83 -31.19
N ILE C 455 7.81 -4.16 -30.64
CA ILE C 455 7.92 -2.71 -30.45
C ILE C 455 9.06 -2.37 -29.49
N ASN C 456 9.06 -2.99 -28.32
CA ASN C 456 10.06 -2.68 -27.32
C ASN C 456 11.46 -3.04 -27.81
N GLU C 457 11.59 -4.21 -28.42
CA GLU C 457 12.90 -4.64 -28.92
C GLU C 457 13.36 -3.73 -30.05
N LEU C 458 12.44 -3.21 -30.86
CA LEU C 458 12.84 -2.29 -31.92
C LEU C 458 13.35 -0.99 -31.34
N LEU C 459 12.67 -0.47 -30.33
CA LEU C 459 13.17 0.73 -29.67
C LEU C 459 14.56 0.48 -29.07
N ARG C 460 14.73 -0.68 -28.44
CA ARG C 460 16.01 -1.03 -27.84
C ARG C 460 17.12 -1.07 -28.88
N ASP C 461 16.88 -1.79 -29.98
CA ASP C 461 17.88 -1.94 -31.02
C ASP C 461 18.22 -0.60 -31.65
N LYS C 462 17.21 0.23 -31.89
CA LYS C 462 17.47 1.55 -32.43
C LYS C 462 18.31 2.37 -31.47
N TRP C 463 17.99 2.28 -30.18
CA TRP C 463 18.71 3.02 -29.16
C TRP C 463 20.19 2.64 -29.14
N ARG C 464 20.47 1.34 -29.22
CA ARG C 464 21.85 0.89 -29.26
C ARG C 464 22.53 1.32 -30.55
N LYS C 465 21.88 1.05 -31.69
CA LYS C 465 22.48 1.31 -32.98
C LYS C 465 22.89 2.77 -33.14
N PHE C 466 21.96 3.69 -32.95
CA PHE C 466 22.30 5.10 -33.15
C PHE C 466 21.70 6.05 -32.14
N GLY C 467 20.83 5.61 -31.24
CA GLY C 467 20.17 6.53 -30.34
C GLY C 467 21.13 7.17 -29.36
N ALA C 468 22.00 6.37 -28.74
CA ALA C 468 22.83 6.87 -27.65
C ALA C 468 23.82 7.91 -28.14
N VAL C 469 24.51 7.62 -29.24
CA VAL C 469 25.61 8.48 -29.68
C VAL C 469 25.11 9.90 -29.93
N SER C 470 24.05 10.03 -30.72
CA SER C 470 23.58 11.36 -31.11
C SER C 470 23.11 12.15 -29.89
N PHE C 471 22.51 11.47 -28.92
CA PHE C 471 22.05 12.15 -27.72
C PHE C 471 23.20 12.79 -26.96
N TYR C 472 24.25 12.02 -26.71
CA TYR C 472 25.42 12.56 -26.01
C TYR C 472 26.07 13.68 -26.82
N ILE C 473 26.17 13.50 -28.14
CA ILE C 473 26.73 14.56 -28.97
C ILE C 473 25.93 15.83 -28.82
N ASN C 474 24.60 15.72 -28.89
CA ASN C 474 23.75 16.90 -28.81
C ASN C 474 23.89 17.59 -27.47
N VAL C 475 23.87 16.83 -26.38
CA VAL C 475 23.93 17.45 -25.06
C VAL C 475 25.26 18.15 -24.87
N VAL C 476 26.36 17.51 -25.29
CA VAL C 476 27.67 18.12 -25.15
C VAL C 476 27.75 19.40 -25.98
N SER C 477 27.28 19.35 -27.23
CA SER C 477 27.35 20.53 -28.08
C SER C 477 26.50 21.66 -27.50
N TYR C 478 25.33 21.34 -26.98
CA TYR C 478 24.47 22.37 -26.39
C TYR C 478 25.15 23.01 -25.19
N LEU C 479 25.77 22.21 -24.33
CA LEU C 479 26.47 22.77 -23.17
C LEU C 479 27.62 23.67 -23.62
N CYS C 480 28.40 23.23 -24.61
CA CYS C 480 29.49 24.05 -25.11
C CYS C 480 28.96 25.36 -25.69
N ALA C 481 27.87 25.29 -26.45
CA ALA C 481 27.30 26.50 -27.03
C ALA C 481 26.85 27.46 -25.94
N MET C 482 26.24 26.94 -24.88
CA MET C 482 25.84 27.81 -23.79
C MET C 482 27.05 28.42 -23.10
N VAL C 483 28.14 27.68 -22.98
CA VAL C 483 29.35 28.24 -22.39
C VAL C 483 29.87 29.38 -23.25
N ILE C 484 29.87 29.18 -24.57
CA ILE C 484 30.33 30.24 -25.47
C ILE C 484 29.44 31.47 -25.33
N PHE C 485 28.12 31.25 -25.25
CA PHE C 485 27.20 32.38 -25.09
C PHE C 485 27.46 33.10 -23.77
N THR C 486 27.72 32.35 -22.71
CA THR C 486 28.00 32.96 -21.42
C THR C 486 29.26 33.82 -21.49
N LEU C 487 30.31 33.31 -22.13
CA LEU C 487 31.53 34.09 -22.28
C LEU C 487 31.27 35.35 -23.11
N THR C 488 30.51 35.22 -24.19
CA THR C 488 30.22 36.40 -25.02
C THR C 488 29.51 37.46 -24.21
N ALA C 489 28.49 37.07 -23.44
CA ALA C 489 27.78 38.04 -22.62
C ALA C 489 28.70 38.64 -21.57
N TYR C 490 29.54 37.81 -20.95
CA TYR C 490 30.44 38.28 -19.90
C TYR C 490 31.39 39.34 -20.44
N TYR C 491 31.98 39.09 -21.60
CA TYR C 491 32.98 39.98 -22.17
C TYR C 491 32.36 41.07 -23.04
N GLN C 492 31.07 41.32 -22.90
CA GLN C 492 30.45 42.43 -23.60
C GLN C 492 31.03 43.73 -23.06
N PRO C 493 31.61 44.59 -23.90
CA PRO C 493 32.27 45.80 -23.38
C PRO C 493 31.25 46.76 -22.77
N LEU C 494 31.38 46.99 -21.47
CA LEU C 494 30.48 47.91 -20.78
C LEU C 494 30.64 49.33 -21.31
N GLU C 495 31.88 49.75 -21.56
CA GLU C 495 32.13 51.09 -22.05
C GLU C 495 31.55 51.26 -23.45
N GLY C 496 31.13 52.48 -23.75
CA GLY C 496 30.58 52.80 -25.05
C GLY C 496 29.11 52.44 -25.16
N THR C 497 28.62 52.51 -26.39
CA THR C 497 27.23 52.23 -26.72
C THR C 497 27.16 51.18 -27.83
N PRO C 498 26.13 50.35 -27.84
CA PRO C 498 26.01 49.34 -28.89
C PRO C 498 25.54 49.95 -30.20
N PRO C 499 26.03 49.47 -31.34
CA PRO C 499 27.10 48.47 -31.52
C PRO C 499 28.47 49.06 -31.20
N TYR C 500 29.45 48.21 -30.86
CA TYR C 500 30.79 48.67 -30.54
C TYR C 500 31.74 48.35 -31.69
N PRO C 501 32.52 49.30 -32.18
CA PRO C 501 33.45 49.00 -33.27
C PRO C 501 34.53 48.02 -32.83
N TYR C 502 35.00 47.23 -33.79
CA TYR C 502 36.02 46.22 -33.55
C TYR C 502 37.28 46.60 -34.34
N ARG C 503 38.40 46.72 -33.64
CA ARG C 503 39.67 47.05 -34.28
C ARG C 503 40.82 46.26 -33.65
N THR C 504 40.53 45.09 -33.08
CA THR C 504 41.57 44.30 -32.44
C THR C 504 41.15 42.83 -32.49
N THR C 505 42.15 41.97 -32.29
CA THR C 505 41.90 40.52 -32.36
C THR C 505 40.93 40.07 -31.28
N VAL C 506 41.02 40.66 -30.09
CA VAL C 506 40.07 40.32 -29.02
C VAL C 506 38.66 40.73 -29.43
N ASP C 507 38.52 41.87 -30.09
CA ASP C 507 37.22 42.25 -30.62
C ASP C 507 36.71 41.20 -31.59
N TYR C 508 37.59 40.66 -32.43
CA TYR C 508 37.18 39.61 -33.36
C TYR C 508 36.87 38.30 -32.65
N LEU C 509 37.47 38.05 -31.48
CA LEU C 509 37.08 36.89 -30.68
C LEU C 509 35.66 37.05 -30.15
N ARG C 510 35.36 38.24 -29.63
CA ARG C 510 33.99 38.50 -29.18
C ARG C 510 33.01 38.39 -30.35
N LEU C 511 33.40 38.89 -31.52
CA LEU C 511 32.55 38.80 -32.70
C LEU C 511 32.32 37.35 -33.10
N ALA C 512 33.35 36.51 -33.03
CA ALA C 512 33.18 35.11 -33.35
C ALA C 512 32.19 34.46 -32.40
N GLY C 513 32.31 34.74 -31.10
CA GLY C 513 31.34 34.20 -30.16
C GLY C 513 29.94 34.68 -30.46
N GLU C 514 29.79 35.96 -30.79
CA GLU C 514 28.48 36.52 -31.10
C GLU C 514 27.86 35.82 -32.30
N VAL C 515 28.64 35.61 -33.36
CA VAL C 515 28.10 34.97 -34.55
C VAL C 515 27.72 33.53 -34.26
N ILE C 516 28.51 32.84 -33.43
CA ILE C 516 28.14 31.47 -33.06
C ILE C 516 26.80 31.46 -32.32
N THR C 517 26.64 32.38 -31.37
CA THR C 517 25.38 32.44 -30.63
C THR C 517 24.21 32.74 -31.55
N LEU C 518 24.38 33.69 -32.47
CA LEU C 518 23.31 34.03 -33.39
C LEU C 518 22.97 32.86 -34.29
N PHE C 519 23.99 32.12 -34.73
CA PHE C 519 23.74 30.94 -35.56
C PHE C 519 22.92 29.91 -34.81
N THR C 520 23.26 29.68 -33.54
CA THR C 520 22.49 28.74 -32.74
C THR C 520 21.04 29.20 -32.60
N GLY C 521 20.84 30.48 -32.32
CA GLY C 521 19.49 31.00 -32.15
C GLY C 521 18.67 30.86 -33.42
N VAL C 522 19.26 31.23 -34.57
CA VAL C 522 18.52 31.16 -35.82
C VAL C 522 18.22 29.71 -36.18
N LEU C 523 19.15 28.79 -35.87
CA LEU C 523 18.90 27.38 -36.13
C LEU C 523 17.70 26.88 -35.33
N PHE C 524 17.67 27.20 -34.03
CA PHE C 524 16.53 26.78 -33.20
C PHE C 524 15.25 27.41 -33.71
N PHE C 525 15.30 28.69 -34.08
CA PHE C 525 14.11 29.37 -34.58
C PHE C 525 13.59 28.69 -35.84
N PHE C 526 14.48 28.38 -36.77
CA PHE C 526 14.07 27.71 -38.00
C PHE C 526 13.48 26.34 -37.72
N THR C 527 14.07 25.58 -36.79
CA THR C 527 13.51 24.27 -36.49
C THR C 527 12.10 24.40 -35.94
N ASN C 528 11.89 25.33 -35.00
CA ASN C 528 10.56 25.51 -34.43
C ASN C 528 9.57 26.01 -35.48
N ILE C 529 9.99 26.93 -36.35
CA ILE C 529 9.09 27.47 -37.37
C ILE C 529 8.72 26.39 -38.37
N LYS C 530 9.67 25.53 -38.72
CA LYS C 530 9.34 24.41 -39.60
C LYS C 530 8.36 23.46 -38.93
N ASP C 531 8.55 23.20 -37.64
CA ASP C 531 7.60 22.34 -36.93
C ASP C 531 6.21 22.95 -36.96
N LEU C 532 6.11 24.25 -36.74
CA LEU C 532 4.80 24.91 -36.78
C LEU C 532 4.21 24.87 -38.18
N PHE C 533 5.03 25.10 -39.21
CA PHE C 533 4.53 25.17 -40.57
C PHE C 533 4.03 23.81 -41.04
N MET C 534 4.81 22.76 -40.79
CA MET C 534 4.46 21.42 -41.25
C MET C 534 3.91 20.58 -40.10
N GLN C 550 8.57 22.22 -27.44
CA GLN C 550 9.77 23.01 -27.68
C GLN C 550 9.49 24.50 -27.53
N LEU C 551 8.44 24.83 -26.76
CA LEU C 551 8.09 26.23 -26.54
C LEU C 551 9.23 27.00 -25.86
N LEU C 552 9.89 26.37 -24.90
CA LEU C 552 10.98 27.05 -24.20
C LEU C 552 12.13 27.35 -25.16
N TYR C 553 12.47 26.40 -26.03
CA TYR C 553 13.51 26.64 -27.01
C TYR C 553 13.10 27.71 -28.02
N PHE C 554 11.80 27.76 -28.35
CA PHE C 554 11.31 28.83 -29.20
C PHE C 554 11.53 30.18 -28.54
N ILE C 555 11.23 30.26 -27.24
CA ILE C 555 11.47 31.50 -26.50
C ILE C 555 12.96 31.85 -26.53
N TYR C 556 13.82 30.86 -26.31
CA TYR C 556 15.25 31.11 -26.32
C TYR C 556 15.70 31.68 -27.66
N SER C 557 15.27 31.06 -28.76
CA SER C 557 15.69 31.52 -30.08
C SER C 557 15.15 32.91 -30.37
N VAL C 558 13.87 33.15 -30.09
CA VAL C 558 13.29 34.46 -30.40
C VAL C 558 13.97 35.54 -29.57
N LEU C 559 14.28 35.25 -28.30
CA LEU C 559 14.94 36.24 -27.47
C LEU C 559 16.34 36.53 -27.97
N VAL C 560 17.07 35.49 -28.39
CA VAL C 560 18.42 35.70 -28.91
C VAL C 560 18.37 36.59 -30.15
N ILE C 561 17.47 36.30 -31.07
CA ILE C 561 17.42 37.08 -32.31
C ILE C 561 17.01 38.51 -32.02
N VAL C 562 16.05 38.70 -31.11
CA VAL C 562 15.64 40.06 -30.77
C VAL C 562 16.80 40.82 -30.12
N SER C 563 17.57 40.13 -29.27
CA SER C 563 18.70 40.78 -28.64
C SER C 563 19.74 41.21 -29.67
N ALA C 564 20.00 40.34 -30.66
CA ALA C 564 20.93 40.70 -31.72
C ALA C 564 20.41 41.90 -32.52
N ALA C 565 19.12 41.91 -32.82
CA ALA C 565 18.54 43.01 -33.57
C ALA C 565 18.67 44.33 -32.81
N LEU C 566 18.38 44.31 -31.51
CA LEU C 566 18.49 45.52 -30.73
C LEU C 566 19.94 45.93 -30.50
N TYR C 567 20.86 44.97 -30.50
CA TYR C 567 22.28 45.30 -30.50
C TYR C 567 22.64 46.05 -31.77
N LEU C 568 22.12 45.60 -32.92
CA LEU C 568 22.35 46.30 -34.17
C LEU C 568 21.74 47.70 -34.14
N ALA C 569 20.54 47.83 -33.57
CA ALA C 569 19.87 49.13 -33.57
C ALA C 569 20.60 50.13 -32.67
N GLY C 570 20.99 49.71 -31.47
CA GLY C 570 21.66 50.58 -30.53
C GLY C 570 20.75 51.00 -29.39
N ILE C 571 20.86 50.28 -28.28
CA ILE C 571 20.14 50.57 -27.04
C ILE C 571 20.74 49.68 -25.97
N GLU C 572 20.77 50.13 -24.71
CA GLU C 572 21.30 49.29 -23.66
C GLU C 572 20.39 48.10 -23.37
N ALA C 573 19.08 48.28 -23.60
CA ALA C 573 18.10 47.29 -23.17
C ALA C 573 18.45 45.89 -23.62
N TYR C 574 19.12 45.77 -24.77
CA TYR C 574 19.37 44.44 -25.32
C TYR C 574 20.08 43.57 -24.32
N LEU C 575 21.07 44.13 -23.60
CA LEU C 575 21.84 43.32 -22.68
C LEU C 575 20.90 42.62 -21.72
N ALA C 576 19.92 43.35 -21.18
CA ALA C 576 18.95 42.73 -20.29
C ALA C 576 18.37 41.49 -20.91
N VAL C 577 17.70 41.65 -22.06
CA VAL C 577 17.05 40.50 -22.67
C VAL C 577 18.09 39.48 -23.06
N MET C 578 19.27 39.95 -23.51
CA MET C 578 20.32 39.01 -23.85
C MET C 578 20.65 38.15 -22.64
N VAL C 579 20.85 38.80 -21.49
CA VAL C 579 21.10 38.06 -20.26
C VAL C 579 19.92 37.14 -19.97
N PHE C 580 18.70 37.64 -20.17
CA PHE C 580 17.55 36.79 -19.91
C PHE C 580 17.61 35.54 -20.77
N ALA C 581 18.00 35.70 -22.03
CA ALA C 581 18.15 34.52 -22.88
C ALA C 581 19.11 33.54 -22.24
N LEU C 582 20.25 34.03 -21.78
CA LEU C 582 21.22 33.15 -21.16
C LEU C 582 20.60 32.40 -20.00
N VAL C 583 19.77 33.08 -19.20
CA VAL C 583 19.10 32.40 -18.12
C VAL C 583 18.32 31.21 -18.65
N LEU C 584 17.43 31.48 -19.60
CA LEU C 584 16.65 30.40 -20.18
C LEU C 584 17.56 29.38 -20.82
N GLY C 585 18.69 29.82 -21.37
CA GLY C 585 19.60 28.91 -22.00
C GLY C 585 20.04 27.80 -21.06
N TRP C 586 20.28 28.15 -19.80
CA TRP C 586 20.59 27.15 -18.79
C TRP C 586 19.35 26.62 -18.11
N MET C 587 18.26 27.38 -18.10
CA MET C 587 17.08 26.98 -17.35
C MET C 587 16.54 25.66 -17.86
N ASN C 588 16.73 25.37 -19.13
CA ASN C 588 16.23 24.14 -19.74
C ASN C 588 17.33 23.10 -19.96
N ALA C 589 18.56 23.38 -19.52
CA ALA C 589 19.60 22.37 -19.66
C ALA C 589 19.23 21.11 -18.89
N LEU C 590 18.52 21.28 -17.77
CA LEU C 590 18.03 20.15 -17.01
C LEU C 590 17.19 19.22 -17.86
N TYR C 591 16.41 19.79 -18.77
CA TYR C 591 15.54 18.98 -19.62
C TYR C 591 16.32 18.09 -20.57
N PHE C 592 17.61 18.32 -20.75
CA PHE C 592 18.41 17.39 -21.54
C PHE C 592 18.81 16.16 -20.75
N THR C 593 18.62 16.16 -19.43
CA THR C 593 18.83 14.94 -18.65
C THR C 593 17.75 13.89 -18.93
N ARG C 594 16.62 14.31 -19.52
CA ARG C 594 15.53 13.41 -19.88
C ARG C 594 16.04 12.10 -20.47
N GLY C 595 16.93 12.18 -21.45
CA GLY C 595 17.40 10.97 -22.10
C GLY C 595 18.01 9.97 -21.13
N LEU C 596 18.78 10.47 -20.16
CA LEU C 596 19.34 9.60 -19.13
C LEU C 596 18.24 8.93 -18.34
N LYS C 597 18.50 7.70 -17.89
CA LYS C 597 17.45 6.92 -17.22
C LYS C 597 17.34 7.31 -15.75
N LEU C 598 18.45 7.26 -15.02
CA LEU C 598 18.39 7.50 -13.57
C LEU C 598 17.86 8.88 -13.24
N THR C 599 18.32 9.91 -13.96
CA THR C 599 17.90 11.28 -13.68
C THR C 599 16.80 11.77 -14.63
N GLY C 600 16.49 11.01 -15.68
CA GLY C 600 15.50 11.46 -16.63
C GLY C 600 14.09 11.32 -16.10
N THR C 601 13.86 10.28 -15.29
CA THR C 601 12.56 10.14 -14.64
C THR C 601 12.32 11.27 -13.64
N TYR C 602 13.35 11.63 -12.88
CA TYR C 602 13.25 12.77 -11.96
C TYR C 602 13.04 14.07 -12.72
N SER C 603 13.72 14.26 -13.85
CA SER C 603 13.51 15.47 -14.64
C SER C 603 12.08 15.52 -15.18
N ILE C 604 11.56 14.39 -15.66
CA ILE C 604 10.20 14.35 -16.18
C ILE C 604 9.21 14.67 -15.06
N MET C 605 9.41 14.09 -13.88
CA MET C 605 8.52 14.39 -12.76
C MET C 605 8.60 15.87 -12.37
N ILE C 606 9.80 16.45 -12.35
CA ILE C 606 9.94 17.86 -11.99
C ILE C 606 9.22 18.73 -13.01
N GLN C 607 9.37 18.41 -14.29
CA GLN C 607 8.66 19.18 -15.32
C GLN C 607 7.16 19.04 -15.16
N LYS C 608 6.69 17.83 -14.85
CA LYS C 608 5.25 17.61 -14.70
C LYS C 608 4.68 18.41 -13.54
N ILE C 609 5.32 18.33 -12.37
CA ILE C 609 4.82 19.07 -11.21
C ILE C 609 4.96 20.57 -11.44
N LEU C 610 6.05 20.99 -12.08
CA LEU C 610 6.30 22.42 -12.26
C LEU C 610 5.19 23.10 -13.05
N PHE C 611 4.70 22.45 -14.11
CA PHE C 611 3.74 23.11 -14.99
C PHE C 611 2.32 23.03 -14.42
N LYS C 612 1.91 21.84 -13.95
CA LYS C 612 0.51 21.65 -13.58
C LYS C 612 0.21 22.18 -12.19
N ASP C 613 0.89 21.65 -11.16
CA ASP C 613 0.57 22.03 -9.79
C ASP C 613 1.12 23.41 -9.44
N LEU C 614 2.30 23.75 -9.95
CA LEU C 614 2.91 25.02 -9.61
C LEU C 614 2.21 26.19 -10.27
N PHE C 615 1.64 25.99 -11.47
CA PHE C 615 0.80 27.01 -12.06
C PHE C 615 -0.39 27.35 -11.17
N ARG C 616 -1.10 26.32 -10.72
CA ARG C 616 -2.26 26.54 -9.87
C ARG C 616 -1.85 27.22 -8.55
N PHE C 617 -0.77 26.74 -7.93
CA PHE C 617 -0.35 27.32 -6.66
C PHE C 617 0.06 28.79 -6.82
N LEU C 618 0.84 29.09 -7.85
CA LEU C 618 1.27 30.47 -8.07
C LEU C 618 0.07 31.38 -8.35
N LEU C 619 -0.85 30.93 -9.21
CA LEU C 619 -2.03 31.73 -9.51
C LEU C 619 -2.89 31.93 -8.27
N VAL C 620 -2.93 30.92 -7.39
CA VAL C 620 -3.68 31.04 -6.14
C VAL C 620 -3.02 32.06 -5.24
N TYR C 621 -1.69 32.08 -5.21
CA TYR C 621 -0.98 32.92 -4.27
C TYR C 621 -0.92 34.38 -4.71
N LEU C 622 -0.90 34.65 -6.02
CA LEU C 622 -0.60 36.00 -6.47
C LEU C 622 -1.65 37.01 -5.98
N LEU C 623 -2.93 36.74 -6.28
CA LEU C 623 -3.98 37.67 -5.89
C LEU C 623 -4.08 37.79 -4.39
N PHE C 624 -3.98 36.67 -3.68
CA PHE C 624 -4.05 36.70 -2.23
C PHE C 624 -2.96 37.60 -1.66
N MET C 625 -1.72 37.40 -2.10
CA MET C 625 -0.59 38.16 -1.57
C MET C 625 -0.77 39.64 -1.88
N ILE C 626 -1.06 39.97 -3.14
CA ILE C 626 -1.15 41.38 -3.52
C ILE C 626 -2.26 42.06 -2.75
N GLY C 627 -3.43 41.42 -2.66
CA GLY C 627 -4.54 42.04 -1.96
C GLY C 627 -4.28 42.22 -0.48
N TYR C 628 -3.70 41.20 0.17
CA TYR C 628 -3.43 41.30 1.60
C TYR C 628 -2.39 42.39 1.87
N ALA C 629 -1.35 42.45 1.06
CA ALA C 629 -0.34 43.49 1.23
C ALA C 629 -0.94 44.87 1.00
N SER C 630 -1.81 44.99 0.00
CA SER C 630 -2.50 46.25 -0.23
C SER C 630 -3.34 46.64 0.98
N ALA C 631 -4.00 45.66 1.60
CA ALA C 631 -4.77 45.95 2.79
C ALA C 631 -3.88 46.47 3.92
N LEU C 632 -2.74 45.82 4.12
CA LEU C 632 -1.83 46.28 5.16
C LEU C 632 -1.33 47.69 4.87
N VAL C 633 -1.02 47.97 3.60
CA VAL C 633 -0.56 49.31 3.23
C VAL C 633 -1.64 50.34 3.50
N SER C 634 -2.90 50.01 3.15
CA SER C 634 -3.99 50.92 3.41
C SER C 634 -4.18 51.15 4.90
N LEU C 635 -3.87 50.15 5.72
CA LEU C 635 -4.01 50.31 7.16
C LEU C 635 -3.16 51.46 7.68
N LEU C 636 -1.92 51.56 7.19
CA LEU C 636 -1.01 52.57 7.70
C LEU C 636 -1.41 53.96 7.25
N ASN C 637 -1.16 54.95 8.11
CA ASN C 637 -1.45 56.34 7.83
C ASN C 637 -0.22 57.19 8.11
N PRO C 638 0.24 58.03 7.17
CA PRO C 638 1.39 58.88 7.43
C PRO C 638 1.07 60.02 8.40
N ASP C 662 -0.98 57.25 -3.39
CA ASP C 662 0.10 56.79 -2.53
C ASP C 662 0.84 55.63 -3.18
N SER C 663 1.02 55.72 -4.50
CA SER C 663 1.65 54.63 -5.23
C SER C 663 3.10 54.41 -4.78
N GLU C 664 3.83 55.49 -4.53
CA GLU C 664 5.24 55.36 -4.14
C GLU C 664 5.36 54.67 -2.80
N THR C 665 4.51 55.03 -1.84
CA THR C 665 4.54 54.39 -0.54
C THR C 665 4.28 52.89 -0.67
N PHE C 666 3.30 52.52 -1.49
CA PHE C 666 3.03 51.10 -1.71
C PHE C 666 4.22 50.42 -2.36
N SER C 667 4.85 51.07 -3.33
CA SER C 667 5.98 50.45 -4.01
C SER C 667 7.12 50.16 -3.05
N THR C 668 7.43 51.12 -2.17
CA THR C 668 8.48 50.88 -1.19
C THR C 668 8.08 49.79 -0.21
N PHE C 669 6.87 49.89 0.34
CA PHE C 669 6.45 48.94 1.37
C PHE C 669 6.39 47.52 0.82
N LEU C 670 6.02 47.36 -0.44
CA LEU C 670 5.95 46.00 -0.98
C LEU C 670 7.33 45.36 -1.02
N LEU C 671 8.35 46.11 -1.39
CA LEU C 671 9.70 45.56 -1.36
C LEU C 671 10.08 45.20 0.06
N ASP C 672 9.77 46.07 1.00
CA ASP C 672 10.09 45.77 2.40
C ASP C 672 9.36 44.51 2.86
N LEU C 673 8.09 44.38 2.51
CA LEU C 673 7.28 43.24 2.94
C LEU C 673 7.79 41.95 2.33
N PHE C 674 8.15 41.97 1.05
CA PHE C 674 8.70 40.77 0.44
C PHE C 674 10.02 40.39 1.10
N LYS C 675 10.85 41.39 1.40
CA LYS C 675 12.11 41.11 2.09
C LYS C 675 11.85 40.47 3.45
N LEU C 676 10.86 40.98 4.18
CA LEU C 676 10.48 40.34 5.44
C LEU C 676 9.98 38.93 5.22
N THR C 677 9.30 38.69 4.09
CA THR C 677 8.87 37.33 3.77
C THR C 677 10.07 36.42 3.54
N ILE C 678 11.18 36.97 3.04
CA ILE C 678 12.37 36.15 2.87
C ILE C 678 12.98 35.76 4.21
N GLY C 679 12.68 36.51 5.27
CA GLY C 679 13.27 36.30 6.57
C GLY C 679 14.36 37.28 6.93
N MET C 680 14.65 38.24 6.06
CA MET C 680 15.66 39.25 6.29
C MET C 680 15.03 40.64 6.21
N GLY C 681 15.44 41.54 7.10
CA GLY C 681 14.96 42.90 7.14
C GLY C 681 14.43 43.25 8.51
N ASP C 682 13.78 44.42 8.59
CA ASP C 682 13.19 44.87 9.85
C ASP C 682 11.94 45.69 9.54
N LEU C 683 10.94 45.57 10.40
CA LEU C 683 9.66 46.26 10.23
C LEU C 683 9.69 47.61 10.96
N GLU C 684 10.58 48.49 10.51
CA GLU C 684 10.72 49.80 11.11
C GLU C 684 9.67 50.79 10.62
N MET C 685 8.93 50.48 9.56
CA MET C 685 8.01 51.43 8.95
C MET C 685 6.73 51.62 9.74
N LEU C 686 6.44 50.76 10.70
CA LEU C 686 5.18 50.79 11.43
C LEU C 686 5.05 51.97 12.39
N SER C 687 6.00 52.91 12.42
CA SER C 687 5.93 53.99 13.39
C SER C 687 4.76 54.92 13.14
N SER C 688 4.38 55.09 11.87
CA SER C 688 3.30 56.01 11.52
C SER C 688 1.92 55.40 11.69
N THR C 689 1.83 54.14 12.06
CA THR C 689 0.55 53.43 12.09
C THR C 689 -0.13 53.60 13.43
N LYS C 690 -1.45 53.79 13.39
CA LYS C 690 -2.27 53.76 14.58
C LYS C 690 -2.78 52.34 14.81
N TYR C 691 -3.03 52.01 16.07
CA TYR C 691 -3.42 50.65 16.42
C TYR C 691 -2.35 49.69 15.90
N PRO C 692 -1.13 49.78 16.43
CA PRO C 692 -0.08 48.87 15.95
C PRO C 692 -0.38 47.41 16.26
N VAL C 693 -1.19 47.14 17.28
CA VAL C 693 -1.42 45.76 17.72
C VAL C 693 -2.05 44.95 16.59
N VAL C 694 -3.06 45.51 15.93
CA VAL C 694 -3.73 44.77 14.86
C VAL C 694 -2.78 44.55 13.70
N PHE C 695 -1.90 45.52 13.42
CA PHE C 695 -0.91 45.31 12.37
C PHE C 695 0.01 44.16 12.72
N ILE C 696 0.43 44.08 13.98
CA ILE C 696 1.27 42.98 14.44
C ILE C 696 0.54 41.65 14.23
N ILE C 697 -0.74 41.61 14.61
CA ILE C 697 -1.51 40.38 14.49
C ILE C 697 -1.64 39.97 13.02
N LEU C 698 -1.92 40.95 12.16
CA LEU C 698 -2.09 40.65 10.75
C LEU C 698 -0.80 40.13 10.14
N LEU C 699 0.33 40.75 10.48
CA LEU C 699 1.60 40.24 9.98
C LEU C 699 1.88 38.85 10.53
N VAL C 700 1.49 38.60 11.77
CA VAL C 700 1.67 37.28 12.36
C VAL C 700 0.91 36.23 11.56
N THR C 701 -0.36 36.50 11.30
CA THR C 701 -1.18 35.55 10.54
C THR C 701 -0.68 35.42 9.11
N TYR C 702 -0.20 36.51 8.52
CA TYR C 702 0.36 36.45 7.17
C TYR C 702 1.55 35.50 7.14
N ILE C 703 2.48 35.65 8.09
CA ILE C 703 3.63 34.77 8.15
C ILE C 703 3.19 33.34 8.39
N ILE C 704 2.22 33.14 9.28
CA ILE C 704 1.77 31.79 9.59
C ILE C 704 1.22 31.11 8.35
N LEU C 705 0.36 31.81 7.62
CA LEU C 705 -0.22 31.23 6.41
C LEU C 705 0.85 30.95 5.36
N THR C 706 1.76 31.91 5.16
CA THR C 706 2.77 31.75 4.11
C THR C 706 3.70 30.60 4.40
N PHE C 707 4.11 30.45 5.66
CA PHE C 707 5.14 29.47 6.00
C PHE C 707 4.55 28.13 6.39
N VAL C 708 3.53 28.12 7.23
CA VAL C 708 3.06 26.88 7.83
C VAL C 708 2.12 26.15 6.87
N LEU C 709 1.09 26.84 6.37
CA LEU C 709 0.05 26.16 5.61
C LEU C 709 0.34 26.12 4.12
N LEU C 710 0.59 27.29 3.52
CA LEU C 710 0.80 27.32 2.08
C LEU C 710 2.04 26.54 1.68
N LEU C 711 3.16 26.75 2.38
CA LEU C 711 4.39 26.04 2.04
C LEU C 711 4.26 24.54 2.30
N ASN C 712 3.59 24.17 3.39
CA ASN C 712 3.46 22.75 3.71
C ASN C 712 2.63 22.02 2.66
N MET C 713 1.54 22.62 2.20
CA MET C 713 0.69 21.97 1.21
C MET C 713 1.48 21.68 -0.06
N LEU C 714 2.37 22.61 -0.44
CA LEU C 714 3.23 22.37 -1.59
C LEU C 714 4.13 21.15 -1.35
N ILE C 715 4.62 21.00 -0.12
CA ILE C 715 5.45 19.84 0.21
C ILE C 715 4.62 18.57 0.08
N ALA C 716 3.40 18.59 0.62
CA ALA C 716 2.57 17.39 0.64
C ALA C 716 2.24 16.93 -0.77
N LEU C 717 1.95 17.87 -1.67
CA LEU C 717 1.49 17.49 -3.00
C LEU C 717 2.52 16.64 -3.72
N MET C 718 3.80 17.02 -3.62
CA MET C 718 4.84 16.25 -4.31
C MET C 718 4.91 14.83 -3.76
N GLY C 719 4.84 14.68 -2.44
CA GLY C 719 4.96 13.37 -1.85
C GLY C 719 3.88 12.41 -2.33
N GLU C 720 2.64 12.89 -2.41
CA GLU C 720 1.54 12.02 -2.78
C GLU C 720 1.56 11.70 -4.28
N THR C 721 1.93 12.67 -5.11
CA THR C 721 1.94 12.43 -6.56
C THR C 721 2.93 11.33 -6.92
N VAL C 722 4.12 11.37 -6.32
CA VAL C 722 5.12 10.35 -6.63
C VAL C 722 4.64 8.98 -6.16
N GLY C 723 4.00 8.92 -4.99
CA GLY C 723 3.47 7.66 -4.51
C GLY C 723 2.41 7.11 -5.45
N GLN C 724 1.52 7.97 -5.93
CA GLN C 724 0.51 7.54 -6.89
C GLN C 724 1.14 7.09 -8.20
N VAL C 725 2.27 7.69 -8.58
CA VAL C 725 2.95 7.36 -9.83
C VAL C 725 4.18 6.51 -9.58
N SER C 726 4.24 5.83 -8.43
CA SER C 726 5.40 4.97 -8.14
C SER C 726 5.63 3.96 -9.25
N LYS C 727 4.56 3.24 -9.65
CA LYS C 727 4.66 2.38 -10.82
C LYS C 727 4.83 3.20 -12.09
N GLU C 728 4.18 4.37 -12.15
CA GLU C 728 4.22 5.19 -13.35
C GLU C 728 5.63 5.68 -13.66
N SER C 729 6.56 5.62 -12.71
CA SER C 729 7.91 6.10 -12.96
C SER C 729 8.51 5.39 -14.17
N LYS C 730 8.41 4.07 -14.22
CA LYS C 730 8.96 3.33 -15.35
C LYS C 730 8.20 3.63 -16.62
N HIS C 731 6.88 3.81 -16.53
CA HIS C 731 6.10 4.16 -17.70
C HIS C 731 6.52 5.50 -18.26
N ILE C 732 6.59 6.52 -17.40
CA ILE C 732 6.97 7.85 -17.85
C ILE C 732 8.38 7.83 -18.42
N TRP C 733 9.28 7.10 -17.76
CA TRP C 733 10.65 7.02 -18.26
C TRP C 733 10.69 6.38 -19.65
N LYS C 734 9.95 5.29 -19.83
CA LYS C 734 9.95 4.62 -21.12
C LYS C 734 9.38 5.52 -22.21
N LEU C 735 8.30 6.24 -21.90
CA LEU C 735 7.74 7.15 -22.88
C LEU C 735 8.72 8.26 -23.23
N GLN C 736 9.40 8.81 -22.22
CA GLN C 736 10.35 9.88 -22.48
C GLN C 736 11.50 9.38 -23.35
N TRP C 737 11.99 8.17 -23.06
CA TRP C 737 13.06 7.57 -23.84
C TRP C 737 12.61 7.35 -25.28
N ALA C 738 11.38 6.87 -25.46
CA ALA C 738 10.86 6.67 -26.80
C ALA C 738 10.77 7.98 -27.56
N THR C 739 10.25 9.04 -26.93
CA THR C 739 10.05 10.29 -27.65
C THR C 739 11.38 10.92 -28.02
N THR C 740 12.38 10.85 -27.13
CA THR C 740 13.68 11.39 -27.51
C THR C 740 14.27 10.61 -28.68
N ILE C 741 14.18 9.28 -28.63
CA ILE C 741 14.72 8.49 -29.73
C ILE C 741 14.03 8.86 -31.04
N LEU C 742 12.71 8.97 -31.02
CA LEU C 742 11.98 9.27 -32.25
C LEU C 742 12.27 10.68 -32.74
N ASP C 743 12.46 11.64 -31.83
CA ASP C 743 12.86 12.97 -32.26
C ASP C 743 14.20 12.92 -32.98
N ILE C 744 15.16 12.18 -32.42
CA ILE C 744 16.46 12.08 -33.07
C ILE C 744 16.30 11.44 -34.44
N GLU C 745 15.47 10.39 -34.52
CA GLU C 745 15.28 9.70 -35.79
C GLU C 745 14.64 10.61 -36.83
N ARG C 746 13.65 11.40 -36.40
CA ARG C 746 12.97 12.31 -37.32
C ARG C 746 13.92 13.39 -37.83
N SER C 747 14.81 13.86 -36.97
CA SER C 747 15.67 14.98 -37.35
C SER C 747 16.45 14.67 -38.63
N PHE C 748 16.95 13.44 -38.76
CA PHE C 748 17.81 13.10 -39.87
C PHE C 748 17.02 13.05 -41.18
N PRO C 749 17.67 13.36 -42.31
CA PRO C 749 17.00 13.28 -43.61
C PRO C 749 16.62 11.86 -43.99
N VAL C 750 15.91 11.71 -45.10
CA VAL C 750 15.32 10.41 -45.44
C VAL C 750 16.42 9.40 -45.77
N PHE C 751 17.38 9.78 -46.61
CA PHE C 751 18.38 8.80 -47.05
C PHE C 751 19.24 8.32 -45.89
N LEU C 752 19.54 9.21 -44.94
CA LEU C 752 20.29 8.79 -43.76
C LEU C 752 19.49 7.78 -42.96
N ARG C 753 18.18 8.00 -42.85
CA ARG C 753 17.31 7.04 -42.19
C ARG C 753 17.32 5.71 -42.92
N LYS C 754 17.31 5.75 -44.26
CA LYS C 754 17.45 4.52 -45.04
C LYS C 754 18.73 3.80 -44.66
N ALA C 755 19.82 4.55 -44.49
CA ALA C 755 21.08 3.94 -44.11
C ALA C 755 20.98 3.25 -42.75
N PHE C 756 20.30 3.89 -41.81
CA PHE C 756 20.24 3.40 -40.44
C PHE C 756 19.03 2.52 -40.17
N ARG C 757 18.18 2.28 -41.16
CA ARG C 757 16.95 1.52 -40.94
C ARG C 757 17.28 0.15 -40.36
N SER C 758 16.48 -0.25 -39.37
CA SER C 758 16.72 -1.48 -38.63
C SER C 758 15.90 -2.62 -39.21
N GLY C 759 16.51 -3.79 -39.32
CA GLY C 759 15.84 -4.99 -39.77
C GLY C 759 16.48 -5.55 -41.01
N GLU C 760 16.33 -6.87 -41.19
CA GLU C 760 16.93 -7.57 -42.30
C GLU C 760 15.88 -8.01 -43.30
N MET C 761 16.15 -7.77 -44.58
CA MET C 761 15.27 -8.25 -45.64
C MET C 761 15.33 -9.77 -45.69
N VAL C 762 14.17 -10.40 -45.53
CA VAL C 762 14.06 -11.84 -45.41
C VAL C 762 13.01 -12.31 -46.39
N THR C 763 13.40 -13.18 -47.31
CA THR C 763 12.47 -13.80 -48.24
C THR C 763 11.71 -14.90 -47.51
N VAL C 764 10.47 -14.61 -47.12
CA VAL C 764 9.68 -15.53 -46.31
C VAL C 764 8.79 -16.43 -47.14
N GLY C 765 8.70 -16.20 -48.43
CA GLY C 765 7.88 -17.04 -49.27
C GLY C 765 7.76 -16.45 -50.66
N LYS C 766 7.01 -17.14 -51.49
CA LYS C 766 6.74 -16.73 -52.86
C LYS C 766 5.27 -16.39 -53.00
N SER C 767 4.99 -15.24 -53.59
CA SER C 767 3.61 -14.79 -53.75
C SER C 767 2.86 -15.75 -54.67
N SER C 768 1.58 -15.46 -54.87
CA SER C 768 0.75 -16.32 -55.70
C SER C 768 1.37 -16.53 -57.08
N ASP C 769 1.93 -15.47 -57.66
CA ASP C 769 2.57 -15.61 -58.96
C ASP C 769 3.88 -16.37 -58.87
N GLY C 770 4.45 -16.50 -57.68
CA GLY C 770 5.70 -17.20 -57.47
C GLY C 770 6.89 -16.30 -57.22
N THR C 771 6.75 -15.00 -57.42
CA THR C 771 7.86 -14.10 -57.18
C THR C 771 8.13 -14.01 -55.69
N PRO C 772 9.38 -13.74 -55.29
CA PRO C 772 9.70 -13.64 -53.87
C PRO C 772 9.12 -12.39 -53.23
N ASP C 773 8.90 -12.49 -51.92
CA ASP C 773 8.33 -11.37 -51.17
C ASP C 773 9.39 -10.34 -50.83
N ARG C 774 10.46 -10.76 -50.14
CA ARG C 774 11.56 -9.87 -49.77
C ARG C 774 11.04 -8.71 -48.91
N ARG C 775 10.56 -9.09 -47.73
CA ARG C 775 9.86 -8.19 -46.82
C ARG C 775 10.69 -7.94 -45.58
N TRP C 776 10.77 -6.67 -45.18
CA TRP C 776 11.53 -6.31 -43.99
C TRP C 776 10.97 -7.01 -42.76
N CYS C 777 11.86 -7.39 -41.85
CA CYS C 777 11.48 -8.07 -40.64
C CYS C 777 12.53 -7.86 -39.55
N PHE C 778 12.13 -8.16 -38.32
CA PHE C 778 12.95 -7.99 -37.13
C PHE C 778 12.80 -9.22 -36.26
N ARG C 779 13.92 -9.71 -35.71
CA ARG C 779 13.98 -11.03 -35.11
C ARG C 779 13.92 -10.95 -33.59
N VAL C 780 13.18 -11.86 -32.97
CA VAL C 780 13.17 -11.99 -31.53
C VAL C 780 13.20 -13.47 -31.18
N ASP C 781 13.93 -13.80 -30.11
CA ASP C 781 14.06 -15.18 -29.65
C ASP C 781 13.75 -15.27 -28.17
N GLU C 782 13.07 -16.34 -27.78
CA GLU C 782 12.66 -16.59 -26.42
C GLU C 782 13.09 -17.99 -26.00
N VAL C 783 12.91 -18.27 -24.71
CA VAL C 783 13.23 -19.57 -24.12
C VAL C 783 11.98 -20.11 -23.45
N ASN C 784 11.62 -21.34 -23.78
CA ASN C 784 10.45 -22.00 -23.23
C ASN C 784 10.83 -23.41 -22.82
N TRP C 785 10.55 -23.77 -21.57
CA TRP C 785 10.87 -25.08 -21.03
C TRP C 785 9.65 -25.97 -20.93
N SER C 786 8.49 -25.50 -21.38
CA SER C 786 7.25 -26.28 -21.32
C SER C 786 6.82 -26.78 -22.68
N HIS C 787 7.48 -26.36 -23.75
CA HIS C 787 7.08 -26.74 -25.09
C HIS C 787 7.88 -27.96 -25.53
N ASN D 150 30.60 -57.44 31.52
CA ASN D 150 29.54 -57.97 30.67
C ASN D 150 28.60 -56.87 30.22
N ARG D 151 28.84 -55.64 30.70
CA ARG D 151 28.01 -54.51 30.30
C ARG D 151 27.99 -54.32 28.80
N PRO D 152 29.13 -54.30 28.10
CA PRO D 152 29.06 -54.12 26.64
C PRO D 152 28.27 -55.22 25.94
N ILE D 153 28.42 -56.47 26.39
CA ILE D 153 27.67 -57.57 25.79
C ILE D 153 26.18 -57.36 25.98
N LEU D 154 25.79 -56.98 27.21
CA LEU D 154 24.37 -56.76 27.48
C LEU D 154 23.81 -55.62 26.65
N PHE D 155 24.56 -54.51 26.55
CA PHE D 155 24.10 -53.39 25.75
C PHE D 155 23.94 -53.79 24.29
N ASP D 156 24.90 -54.54 23.75
CA ASP D 156 24.78 -55.00 22.36
C ASP D 156 23.57 -55.90 22.19
N ILE D 157 23.35 -56.81 23.14
CA ILE D 157 22.23 -57.73 23.04
C ILE D 157 20.91 -56.97 23.01
N VAL D 158 20.75 -56.02 23.93
CA VAL D 158 19.49 -55.28 24.01
C VAL D 158 19.32 -54.38 22.80
N SER D 159 20.40 -53.73 22.36
CA SER D 159 20.31 -52.85 21.20
C SER D 159 19.90 -53.64 19.96
N ARG D 160 20.45 -54.84 19.79
CA ARG D 160 20.09 -55.66 18.65
C ARG D 160 18.61 -56.04 18.70
N GLY D 161 18.09 -56.29 19.90
CA GLY D 161 16.72 -56.73 20.05
C GLY D 161 16.50 -58.22 19.90
N SER D 162 17.57 -59.01 19.90
CA SER D 162 17.45 -60.45 19.69
C SER D 162 17.12 -61.13 21.02
N THR D 163 16.14 -62.04 20.98
CA THR D 163 15.73 -62.75 22.19
C THR D 163 16.71 -63.86 22.57
N ALA D 164 17.34 -64.50 21.59
CA ALA D 164 18.14 -65.68 21.86
C ALA D 164 19.31 -65.35 22.78
N ASP D 165 19.99 -64.22 22.54
CA ASP D 165 21.21 -63.91 23.27
C ASP D 165 20.98 -63.83 24.77
N LEU D 166 19.75 -63.57 25.21
CA LEU D 166 19.49 -63.38 26.63
C LEU D 166 19.57 -64.70 27.40
N ASP D 167 19.33 -65.82 26.73
CA ASP D 167 19.34 -67.11 27.41
C ASP D 167 20.64 -67.31 28.17
N GLY D 168 20.52 -67.70 29.44
CA GLY D 168 21.66 -67.92 30.30
C GLY D 168 21.95 -66.79 31.27
N LEU D 169 21.36 -65.61 31.05
CA LEU D 169 21.60 -64.49 31.95
C LEU D 169 21.03 -64.78 33.34
N LEU D 170 19.86 -65.40 33.41
CA LEU D 170 19.24 -65.70 34.70
C LEU D 170 20.15 -66.59 35.56
N PRO D 171 20.58 -67.76 35.11
CA PRO D 171 21.51 -68.56 35.93
C PRO D 171 22.82 -67.85 36.20
N PHE D 172 23.31 -67.03 35.27
CA PHE D 172 24.54 -66.29 35.52
C PHE D 172 24.38 -65.35 36.70
N LEU D 173 23.32 -64.54 36.70
CA LEU D 173 23.08 -63.64 37.81
C LEU D 173 22.84 -64.40 39.10
N LEU D 174 22.10 -65.51 39.03
CA LEU D 174 21.84 -66.30 40.23
C LEU D 174 23.13 -66.83 40.83
N THR D 175 24.03 -67.35 39.99
CA THR D 175 25.29 -67.91 40.49
C THR D 175 26.17 -66.81 41.05
N HIS D 176 26.32 -65.70 40.33
CA HIS D 176 27.16 -64.61 40.77
C HIS D 176 26.44 -63.63 41.68
N LYS D 177 25.12 -63.75 41.82
CA LYS D 177 24.34 -62.90 42.73
C LYS D 177 24.63 -61.42 42.47
N LYS D 178 24.63 -61.05 41.20
CA LYS D 178 24.88 -59.69 40.77
C LYS D 178 23.58 -59.05 40.30
N ARG D 179 23.23 -57.91 40.90
CA ARG D 179 21.99 -57.23 40.56
C ARG D 179 22.13 -56.49 39.23
N LEU D 180 20.99 -56.21 38.62
CA LEU D 180 20.96 -55.50 37.34
C LEU D 180 21.18 -54.01 37.48
N THR D 181 21.21 -53.49 38.71
CA THR D 181 21.48 -52.08 38.96
C THR D 181 22.89 -51.83 39.46
N ASP D 182 23.78 -52.83 39.36
CA ASP D 182 25.16 -52.65 39.80
C ASP D 182 25.85 -51.60 38.93
N GLU D 183 26.79 -50.89 39.53
CA GLU D 183 27.49 -49.82 38.82
C GLU D 183 28.09 -50.33 37.53
N GLU D 184 28.65 -51.55 37.55
CA GLU D 184 29.28 -52.09 36.35
C GLU D 184 28.27 -52.28 35.22
N PHE D 185 27.09 -52.80 35.54
CA PHE D 185 26.07 -53.00 34.50
C PHE D 185 25.59 -51.68 33.95
N ARG D 186 25.45 -50.67 34.80
CA ARG D 186 24.92 -49.38 34.37
C ARG D 186 26.01 -48.56 33.69
N GLU D 187 25.58 -47.76 32.71
CA GLU D 187 26.52 -46.92 31.97
C GLU D 187 27.00 -45.77 32.85
N PRO D 188 28.31 -45.60 33.04
CA PRO D 188 28.76 -44.53 33.94
C PRO D 188 28.39 -43.14 33.48
N SER D 189 28.27 -42.92 32.16
CA SER D 189 28.06 -41.57 31.64
C SER D 189 26.77 -40.97 32.19
N THR D 190 25.66 -41.71 32.10
CA THR D 190 24.35 -41.23 32.51
C THR D 190 23.78 -42.00 33.69
N GLY D 191 23.87 -43.33 33.64
CA GLY D 191 23.15 -44.19 34.57
C GLY D 191 22.12 -45.06 33.89
N LYS D 192 21.97 -44.95 32.58
CA LYS D 192 20.97 -45.70 31.83
C LYS D 192 21.05 -47.18 32.16
N THR D 193 19.92 -47.75 32.56
CA THR D 193 19.79 -49.16 32.81
C THR D 193 19.36 -49.89 31.54
N CYS D 194 19.14 -51.20 31.66
CA CYS D 194 18.79 -52.00 30.49
C CYS D 194 17.44 -51.62 29.90
N LEU D 195 16.46 -51.37 30.76
CA LEU D 195 15.10 -51.10 30.27
C LEU D 195 15.03 -49.85 29.40
N PRO D 196 15.55 -48.69 29.83
CA PRO D 196 15.51 -47.51 28.96
C PRO D 196 16.24 -47.72 27.64
N LYS D 197 17.36 -48.44 27.66
CA LYS D 197 18.08 -48.69 26.42
C LYS D 197 17.24 -49.55 25.49
N ALA D 198 16.60 -50.59 26.02
CA ALA D 198 15.75 -51.43 25.19
C ALA D 198 14.59 -50.64 24.60
N LEU D 199 13.98 -49.77 25.41
CA LEU D 199 12.86 -48.98 24.94
C LEU D 199 13.28 -47.95 23.91
N LEU D 200 14.49 -47.39 24.06
CA LEU D 200 14.94 -46.34 23.16
C LEU D 200 14.98 -46.82 21.71
N ASN D 201 15.49 -48.03 21.50
CA ASN D 201 15.66 -48.59 20.16
C ASN D 201 14.78 -49.82 20.02
N LEU D 202 13.68 -49.67 19.29
CA LEU D 202 12.77 -50.78 19.04
C LEU D 202 12.23 -50.65 17.62
N SER D 203 11.47 -51.65 17.19
CA SER D 203 10.92 -51.70 15.85
C SER D 203 9.40 -51.72 15.93
N ASN D 204 8.77 -50.86 15.13
CA ASN D 204 7.31 -50.77 14.98
C ASN D 204 6.61 -51.04 16.32
N GLY D 205 7.11 -50.40 17.36
CA GLY D 205 6.47 -50.47 18.66
C GLY D 205 6.50 -51.83 19.31
N ARG D 206 7.41 -52.73 18.89
CA ARG D 206 7.48 -54.08 19.45
C ARG D 206 8.95 -54.46 19.60
N ASN D 207 9.51 -54.17 20.78
CA ASN D 207 10.88 -54.57 21.07
C ASN D 207 10.99 -56.07 21.26
N ASP D 208 10.02 -56.68 21.94
CA ASP D 208 9.90 -58.11 22.22
C ASP D 208 10.85 -58.59 23.31
N THR D 209 11.73 -57.75 23.84
CA THR D 209 12.63 -58.16 24.92
C THR D 209 12.16 -57.70 26.30
N ILE D 210 11.30 -56.68 26.37
CA ILE D 210 10.93 -56.10 27.65
C ILE D 210 10.42 -57.15 28.63
N PRO D 211 9.45 -58.00 28.27
CA PRO D 211 8.92 -58.95 29.27
C PRO D 211 10.00 -59.85 29.87
N VAL D 212 10.96 -60.28 29.06
CA VAL D 212 12.04 -61.13 29.58
C VAL D 212 12.86 -60.36 30.60
N LEU D 213 13.17 -59.10 30.31
CA LEU D 213 13.92 -58.28 31.26
C LEU D 213 13.15 -58.13 32.56
N LEU D 214 11.85 -57.87 32.47
CA LEU D 214 11.04 -57.73 33.67
C LEU D 214 11.01 -59.01 34.47
N ASP D 215 10.86 -60.15 33.80
CA ASP D 215 10.86 -61.43 34.49
C ASP D 215 12.18 -61.66 35.20
N ILE D 216 13.30 -61.36 34.53
CA ILE D 216 14.60 -61.53 35.14
C ILE D 216 14.73 -60.65 36.37
N ALA D 217 14.36 -59.37 36.25
CA ALA D 217 14.47 -58.47 37.39
C ALA D 217 13.62 -58.94 38.56
N GLU D 218 12.44 -59.50 38.26
CA GLU D 218 11.60 -60.04 39.32
C GLU D 218 12.26 -61.25 39.97
N ARG D 219 12.89 -62.11 39.16
CA ARG D 219 13.63 -63.24 39.72
C ARG D 219 14.69 -62.76 40.69
N THR D 220 15.46 -61.75 40.30
CA THR D 220 16.46 -61.20 41.20
C THR D 220 15.82 -60.56 42.42
N GLY D 221 14.70 -59.87 42.22
CA GLY D 221 14.04 -59.17 43.30
C GLY D 221 14.49 -57.73 43.43
N ASN D 222 14.72 -57.09 42.28
CA ASN D 222 15.19 -55.71 42.24
C ASN D 222 14.26 -54.82 41.42
N MET D 223 13.02 -55.24 41.21
CA MET D 223 12.11 -54.51 40.35
C MET D 223 11.86 -53.10 40.88
N ARG D 224 11.70 -52.96 42.20
CA ARG D 224 11.41 -51.65 42.77
C ARG D 224 12.51 -50.65 42.44
N GLU D 225 13.77 -51.08 42.48
CA GLU D 225 14.89 -50.19 42.21
C GLU D 225 15.35 -50.24 40.76
N PHE D 226 14.84 -51.19 39.96
CA PHE D 226 15.29 -51.34 38.58
C PHE D 226 14.32 -50.76 37.56
N ILE D 227 13.02 -50.98 37.74
CA ILE D 227 12.06 -50.57 36.72
C ILE D 227 11.91 -49.06 36.68
N ASN D 228 12.27 -48.36 37.75
CA ASN D 228 12.15 -46.91 37.83
C ASN D 228 13.49 -46.25 38.11
N SER D 229 14.57 -46.91 37.73
CA SER D 229 15.89 -46.35 37.97
C SER D 229 16.07 -45.09 37.14
N PRO D 230 16.36 -43.94 37.74
CA PRO D 230 16.46 -42.70 36.97
C PRO D 230 17.85 -42.47 36.41
N PHE D 231 17.91 -41.57 35.43
CA PHE D 231 19.18 -41.15 34.88
C PHE D 231 19.82 -40.11 35.80
N ARG D 232 21.13 -39.96 35.66
CA ARG D 232 21.92 -38.96 36.35
C ARG D 232 22.34 -37.90 35.34
N ASP D 233 23.23 -37.01 35.79
CA ASP D 233 23.84 -36.02 34.92
C ASP D 233 22.89 -34.86 34.63
N ILE D 234 23.47 -33.74 34.22
CA ILE D 234 22.71 -32.50 34.07
C ILE D 234 21.61 -32.65 33.02
N TYR D 235 21.94 -33.28 31.89
CA TYR D 235 21.05 -33.22 30.74
C TYR D 235 19.73 -33.94 30.99
N TYR D 236 19.79 -35.19 31.46
CA TYR D 236 18.62 -36.06 31.48
C TYR D 236 18.24 -36.49 32.89
N ARG D 237 18.57 -35.68 33.89
CA ARG D 237 18.30 -36.08 35.27
C ARG D 237 16.82 -36.30 35.50
N GLY D 238 16.50 -37.39 36.18
CA GLY D 238 15.15 -37.71 36.61
C GLY D 238 14.42 -38.65 35.68
N GLN D 239 14.75 -38.64 34.40
CA GLN D 239 13.99 -39.42 33.43
C GLN D 239 14.00 -40.89 33.81
N THR D 240 12.85 -41.53 33.65
CA THR D 240 12.65 -42.94 33.96
C THR D 240 12.15 -43.68 32.74
N ALA D 241 11.95 -44.99 32.91
CA ALA D 241 11.49 -45.82 31.80
C ALA D 241 10.11 -45.38 31.32
N LEU D 242 9.22 -45.06 32.25
CA LEU D 242 7.86 -44.73 31.87
C LEU D 242 7.81 -43.47 31.01
N HIS D 243 8.64 -42.48 31.33
CA HIS D 243 8.71 -41.30 30.49
C HIS D 243 9.07 -41.68 29.06
N ILE D 244 10.04 -42.58 28.89
CA ILE D 244 10.44 -43.00 27.56
C ILE D 244 9.29 -43.70 26.85
N ALA D 245 8.65 -44.63 27.54
CA ALA D 245 7.57 -45.39 26.94
C ALA D 245 6.47 -44.47 26.45
N ILE D 246 6.13 -43.47 27.27
CA ILE D 246 5.09 -42.53 26.89
C ILE D 246 5.55 -41.65 25.73
N GLU D 247 6.84 -41.28 25.74
CA GLU D 247 7.36 -40.41 24.68
C GLU D 247 7.36 -41.10 23.33
N ARG D 248 7.39 -42.42 23.32
CA ARG D 248 7.46 -43.20 22.09
C ARG D 248 6.10 -43.68 21.61
N ARG D 249 5.01 -43.22 22.24
CA ARG D 249 3.67 -43.50 21.75
C ARG D 249 3.39 -44.99 21.72
N CYS D 250 3.73 -45.69 22.80
CA CYS D 250 3.52 -47.12 22.94
C CYS D 250 2.63 -47.38 24.16
N LYS D 251 1.32 -47.45 23.92
CA LYS D 251 0.38 -47.70 25.01
C LYS D 251 0.64 -49.05 25.67
N HIS D 252 0.89 -50.08 24.84
CA HIS D 252 1.14 -51.42 25.36
C HIS D 252 2.20 -51.41 26.45
N TYR D 253 3.34 -50.79 26.17
CA TYR D 253 4.43 -50.80 27.14
C TYR D 253 4.10 -49.94 28.35
N VAL D 254 3.34 -48.86 28.16
CA VAL D 254 2.93 -48.05 29.31
C VAL D 254 2.12 -48.90 30.28
N GLU D 255 1.14 -49.64 29.74
CA GLU D 255 0.34 -50.52 30.58
C GLU D 255 1.22 -51.55 31.26
N LEU D 256 2.10 -52.18 30.50
CA LEU D 256 2.95 -53.22 31.05
C LEU D 256 3.86 -52.68 32.14
N LEU D 257 4.26 -51.41 32.03
CA LEU D 257 5.12 -50.81 33.03
C LEU D 257 4.36 -50.47 34.31
N VAL D 258 3.20 -49.84 34.16
CA VAL D 258 2.41 -49.49 35.35
C VAL D 258 1.97 -50.74 36.08
N ALA D 259 1.66 -51.81 35.34
CA ALA D 259 1.18 -53.03 35.98
C ALA D 259 2.20 -53.58 36.97
N GLN D 260 3.49 -53.34 36.73
CA GLN D 260 4.54 -53.91 37.54
C GLN D 260 5.00 -52.99 38.67
N GLY D 261 4.42 -51.82 38.81
CA GLY D 261 4.77 -50.91 39.87
C GLY D 261 5.58 -49.70 39.47
N ALA D 262 5.57 -49.32 38.20
CA ALA D 262 6.34 -48.17 37.75
C ALA D 262 5.87 -46.91 38.47
N ASP D 263 6.81 -46.16 39.02
CA ASP D 263 6.49 -44.88 39.64
C ASP D 263 5.86 -43.96 38.61
N VAL D 264 4.60 -43.58 38.86
CA VAL D 264 3.84 -42.76 37.92
C VAL D 264 3.97 -41.27 38.17
N HIS D 265 4.53 -40.86 39.31
CA HIS D 265 4.70 -39.46 39.65
C HIS D 265 6.13 -39.00 39.54
N ALA D 266 7.01 -39.81 38.98
CA ALA D 266 8.43 -39.45 38.90
C ALA D 266 8.61 -38.16 38.10
N GLN D 267 9.54 -37.33 38.56
CA GLN D 267 9.78 -36.03 37.97
C GLN D 267 11.05 -36.05 37.13
N ALA D 268 10.96 -35.56 35.90
CA ALA D 268 12.07 -35.49 34.98
C ALA D 268 12.44 -34.04 34.76
N ARG D 269 13.26 -33.50 35.65
CA ARG D 269 13.63 -32.08 35.63
C ARG D 269 15.05 -31.86 35.13
N GLY D 270 15.55 -32.74 34.27
CA GLY D 270 16.84 -32.53 33.68
C GLY D 270 16.86 -31.34 32.74
N ARG D 271 18.06 -30.83 32.49
CA ARG D 271 18.19 -29.62 31.69
C ARG D 271 17.68 -29.79 30.27
N PHE D 272 17.57 -31.03 29.79
CA PHE D 272 16.90 -31.24 28.51
C PHE D 272 15.47 -30.77 28.56
N PHE D 273 14.76 -31.11 29.64
CA PHE D 273 13.37 -30.72 29.83
C PHE D 273 13.33 -29.44 30.66
N GLN D 274 13.47 -28.31 30.01
CA GLN D 274 13.35 -27.01 30.65
C GLN D 274 12.74 -26.04 29.66
N PRO D 275 12.21 -24.93 30.14
CA PRO D 275 11.64 -23.93 29.23
C PRO D 275 12.68 -23.43 28.25
N LYS D 276 12.21 -23.11 27.04
CA LYS D 276 13.13 -22.70 25.98
C LYS D 276 13.98 -21.52 26.42
N ASP D 277 13.39 -20.57 27.15
CA ASP D 277 14.15 -19.41 27.61
C ASP D 277 15.21 -19.78 28.64
N GLU D 278 15.11 -20.95 29.27
CA GLU D 278 16.01 -21.35 30.33
C GLU D 278 16.98 -22.45 29.87
N GLY D 279 17.25 -22.51 28.57
CA GLY D 279 18.22 -23.45 28.04
C GLY D 279 17.74 -24.89 28.11
N GLY D 280 16.65 -25.18 27.41
CA GLY D 280 16.11 -26.52 27.32
C GLY D 280 15.49 -26.75 25.95
N TYR D 281 14.93 -27.93 25.78
CA TYR D 281 14.35 -28.31 24.50
C TYR D 281 12.85 -28.51 24.56
N PHE D 282 12.35 -29.25 25.55
CA PHE D 282 10.92 -29.55 25.63
C PHE D 282 10.50 -29.52 27.09
N TYR D 283 9.66 -28.55 27.46
CA TYR D 283 9.08 -28.48 28.79
C TYR D 283 7.65 -28.99 28.72
N PHE D 284 7.31 -29.92 29.63
CA PHE D 284 6.04 -30.60 29.55
C PHE D 284 5.36 -30.80 30.91
N GLY D 285 5.82 -30.12 31.96
CA GLY D 285 5.26 -30.27 33.28
C GLY D 285 6.00 -31.24 34.17
N GLU D 286 6.95 -32.00 33.63
CA GLU D 286 7.83 -32.84 34.44
C GLU D 286 7.07 -33.98 35.11
N LEU D 287 6.14 -34.58 34.38
CA LEU D 287 5.33 -35.66 34.91
C LEU D 287 4.85 -36.54 33.76
N PRO D 288 4.67 -37.84 34.01
CA PRO D 288 4.12 -38.69 32.94
C PRO D 288 2.76 -38.23 32.45
N LEU D 289 1.85 -37.93 33.38
CA LEU D 289 0.51 -37.48 32.99
C LEU D 289 0.59 -36.21 32.18
N SER D 290 1.37 -35.24 32.66
CA SER D 290 1.52 -33.99 31.92
C SER D 290 2.19 -34.23 30.59
N LEU D 291 3.10 -35.20 30.51
CA LEU D 291 3.75 -35.51 29.25
C LEU D 291 2.75 -36.03 28.24
N ALA D 292 1.90 -36.98 28.66
CA ALA D 292 0.91 -37.53 27.75
C ALA D 292 -0.11 -36.48 27.35
N ALA D 293 -0.47 -35.59 28.27
CA ALA D 293 -1.40 -34.52 27.92
C ALA D 293 -0.77 -33.52 26.96
N CYS D 294 0.53 -33.30 27.08
CA CYS D 294 1.23 -32.34 26.25
C CYS D 294 1.66 -32.91 24.90
N THR D 295 1.61 -34.23 24.72
CA THR D 295 1.96 -34.84 23.44
C THR D 295 0.73 -35.30 22.65
N ASN D 296 -0.46 -34.84 23.05
CA ASN D 296 -1.69 -35.11 22.31
C ASN D 296 -1.94 -36.61 22.16
N GLN D 297 -2.13 -37.28 23.31
CA GLN D 297 -2.41 -38.70 23.36
C GLN D 297 -3.58 -38.93 24.31
N PRO D 298 -4.81 -38.78 23.82
CA PRO D 298 -5.96 -38.93 24.73
C PRO D 298 -6.03 -40.27 25.41
N HIS D 299 -5.71 -41.35 24.68
CA HIS D 299 -5.85 -42.69 25.24
C HIS D 299 -4.92 -42.90 26.42
N ILE D 300 -3.69 -42.40 26.31
CA ILE D 300 -2.74 -42.56 27.40
C ILE D 300 -3.24 -41.84 28.65
N VAL D 301 -3.73 -40.60 28.48
CA VAL D 301 -4.23 -39.86 29.62
C VAL D 301 -5.40 -40.58 30.26
N ASN D 302 -6.34 -41.04 29.43
CA ASN D 302 -7.51 -41.75 29.95
C ASN D 302 -7.09 -42.97 30.75
N TYR D 303 -6.25 -43.84 30.17
CA TYR D 303 -5.86 -45.03 30.88
C TYR D 303 -5.10 -44.70 32.16
N LEU D 304 -4.17 -43.74 32.07
CA LEU D 304 -3.31 -43.44 33.20
C LEU D 304 -4.11 -42.90 34.38
N THR D 305 -5.10 -42.06 34.11
CA THR D 305 -5.86 -41.46 35.21
C THR D 305 -6.70 -42.49 35.94
N GLU D 306 -7.33 -43.39 35.20
CA GLU D 306 -8.20 -44.43 35.77
C GLU D 306 -7.57 -45.79 35.47
N ASN D 307 -6.67 -46.23 36.33
CA ASN D 307 -6.04 -47.53 36.24
C ASN D 307 -6.10 -48.21 37.60
N PRO D 308 -6.48 -49.48 37.66
CA PRO D 308 -6.62 -50.13 38.98
C PRO D 308 -5.34 -50.14 39.78
N HIS D 309 -4.20 -50.31 39.13
CA HIS D 309 -2.95 -50.45 39.86
C HIS D 309 -2.53 -49.14 40.49
N LYS D 310 -2.54 -48.06 39.71
CA LYS D 310 -2.13 -46.76 40.20
C LYS D 310 -2.84 -45.67 39.40
N LYS D 311 -3.06 -44.53 40.04
CA LYS D 311 -3.73 -43.40 39.42
C LYS D 311 -2.93 -42.14 39.70
N ALA D 312 -2.59 -41.42 38.64
CA ALA D 312 -1.97 -40.11 38.75
C ALA D 312 -3.07 -39.06 38.79
N ASP D 313 -3.27 -38.45 39.94
CA ASP D 313 -4.34 -37.47 40.07
C ASP D 313 -4.01 -36.22 39.26
N MET D 314 -5.03 -35.68 38.60
CA MET D 314 -4.81 -34.51 37.77
C MET D 314 -4.26 -33.35 38.58
N ARG D 315 -4.77 -33.16 39.79
CA ARG D 315 -4.30 -32.08 40.65
C ARG D 315 -2.99 -32.51 41.28
N ARG D 316 -1.90 -32.24 40.56
CA ARG D 316 -0.57 -32.55 41.04
C ARG D 316 0.40 -31.53 40.47
N GLN D 317 1.40 -31.18 41.26
CA GLN D 317 2.30 -30.09 40.94
C GLN D 317 3.75 -30.58 40.98
N ASP D 318 4.54 -30.12 40.02
CA ASP D 318 5.95 -30.47 39.94
C ASP D 318 6.76 -29.53 40.84
N SER D 319 8.09 -29.57 40.69
CA SER D 319 8.95 -28.69 41.46
C SER D 319 8.59 -27.23 41.24
N ARG D 320 8.35 -26.85 39.98
CA ARG D 320 8.00 -25.47 39.68
C ARG D 320 6.61 -25.11 40.18
N GLY D 321 5.76 -26.11 40.43
CA GLY D 321 4.40 -25.89 40.89
C GLY D 321 3.36 -25.98 39.80
N ASN D 322 3.75 -25.84 38.54
CA ASN D 322 2.81 -25.94 37.44
C ASN D 322 2.15 -27.30 37.42
N THR D 323 0.84 -27.31 37.19
CA THR D 323 0.10 -28.54 37.03
C THR D 323 -0.09 -28.84 35.54
N VAL D 324 -0.87 -29.87 35.25
CA VAL D 324 -1.01 -30.33 33.87
C VAL D 324 -1.62 -29.26 33.00
N LEU D 325 -2.57 -28.48 33.53
CA LEU D 325 -3.14 -27.39 32.76
C LEU D 325 -2.10 -26.30 32.54
N HIS D 326 -1.27 -26.03 33.54
CA HIS D 326 -0.21 -25.04 33.37
C HIS D 326 0.73 -25.45 32.25
N ALA D 327 1.13 -26.72 32.21
CA ALA D 327 2.01 -27.18 31.14
C ALA D 327 1.29 -27.10 29.80
N LEU D 328 0.03 -27.52 29.76
CA LEU D 328 -0.73 -27.53 28.52
C LEU D 328 -0.90 -26.12 27.97
N VAL D 329 -0.86 -25.12 28.84
CA VAL D 329 -0.81 -23.74 28.38
C VAL D 329 0.61 -23.34 28.04
N ALA D 330 1.60 -23.97 28.66
CA ALA D 330 2.99 -23.61 28.44
C ALA D 330 3.50 -24.06 27.08
N ILE D 331 2.92 -25.11 26.50
CA ILE D 331 3.31 -25.57 25.19
C ILE D 331 2.38 -25.09 24.10
N ALA D 332 1.39 -24.27 24.44
CA ALA D 332 0.47 -23.79 23.43
C ALA D 332 1.15 -22.79 22.52
N ASP D 333 0.81 -22.84 21.25
CA ASP D 333 1.26 -21.89 20.27
C ASP D 333 0.07 -21.44 19.45
N ASN D 334 0.18 -20.25 18.87
CA ASN D 334 -0.94 -19.66 18.16
C ASN D 334 -1.30 -20.41 16.88
N THR D 335 -0.54 -21.44 16.50
CA THR D 335 -0.87 -22.21 15.31
C THR D 335 -2.21 -22.92 15.48
N ARG D 336 -2.95 -23.03 14.38
CA ARG D 336 -4.26 -23.68 14.43
C ARG D 336 -4.13 -25.14 14.85
N GLU D 337 -3.15 -25.85 14.29
CA GLU D 337 -3.00 -27.27 14.61
C GLU D 337 -2.74 -27.48 16.09
N ASN D 338 -1.89 -26.64 16.69
CA ASN D 338 -1.60 -26.78 18.11
C ASN D 338 -2.82 -26.48 18.96
N THR D 339 -3.46 -25.35 18.71
CA THR D 339 -4.60 -24.94 19.52
C THR D 339 -5.74 -25.94 19.43
N LYS D 340 -5.90 -26.57 18.26
CA LYS D 340 -7.04 -27.46 18.06
C LYS D 340 -7.03 -28.60 19.06
N PHE D 341 -5.85 -29.14 19.37
CA PHE D 341 -5.78 -30.20 20.35
C PHE D 341 -5.55 -29.68 21.75
N VAL D 342 -4.92 -28.51 21.89
CA VAL D 342 -4.71 -27.94 23.23
C VAL D 342 -6.06 -27.67 23.89
N THR D 343 -6.97 -27.00 23.19
CA THR D 343 -8.27 -26.70 23.77
C THR D 343 -9.02 -27.97 24.11
N LYS D 344 -9.00 -28.94 23.19
CA LYS D 344 -9.75 -30.17 23.40
C LYS D 344 -9.25 -30.90 24.64
N MET D 345 -7.93 -31.07 24.74
CA MET D 345 -7.38 -31.79 25.88
C MET D 345 -7.61 -31.02 27.18
N TYR D 346 -7.49 -29.68 27.13
CA TYR D 346 -7.72 -28.89 28.32
C TYR D 346 -9.13 -29.09 28.84
N ASP D 347 -10.11 -28.98 27.95
CA ASP D 347 -11.50 -29.14 28.36
C ASP D 347 -11.77 -30.55 28.86
N LEU D 348 -11.28 -31.56 28.12
CA LEU D 348 -11.48 -32.94 28.54
C LEU D 348 -10.94 -33.16 29.95
N LEU D 349 -9.72 -32.70 30.19
CA LEU D 349 -9.09 -32.93 31.48
C LEU D 349 -9.81 -32.18 32.58
N LEU D 350 -10.27 -30.96 32.30
CA LEU D 350 -10.99 -30.18 33.29
C LEU D 350 -12.28 -30.88 33.68
N LEU D 351 -13.04 -31.34 32.69
CA LEU D 351 -14.29 -32.02 32.97
C LEU D 351 -14.03 -33.30 33.76
N LYS D 352 -12.99 -34.04 33.41
CA LYS D 352 -12.69 -35.27 34.15
C LYS D 352 -12.35 -34.96 35.59
N CYS D 353 -11.53 -33.93 35.83
CA CYS D 353 -11.16 -33.61 37.20
C CYS D 353 -12.37 -33.18 38.01
N ALA D 354 -13.22 -32.34 37.43
CA ALA D 354 -14.43 -31.93 38.14
C ALA D 354 -15.33 -33.12 38.42
N ARG D 355 -15.44 -34.04 37.46
CA ARG D 355 -16.26 -35.22 37.64
C ARG D 355 -15.75 -36.06 38.81
N LEU D 356 -14.45 -36.33 38.84
CA LEU D 356 -13.90 -37.16 39.90
C LEU D 356 -14.02 -36.48 41.25
N PHE D 357 -13.60 -35.22 41.34
CA PHE D 357 -13.68 -34.45 42.58
C PHE D 357 -14.63 -33.29 42.38
N PRO D 358 -15.88 -33.38 42.83
CA PRO D 358 -16.83 -32.28 42.60
C PRO D 358 -16.56 -31.10 43.52
N ASP D 359 -15.96 -31.37 44.68
CA ASP D 359 -15.75 -30.33 45.67
C ASP D 359 -14.72 -29.31 45.19
N SER D 360 -13.52 -29.78 44.91
CA SER D 360 -12.42 -28.88 44.57
C SER D 360 -12.54 -28.40 43.12
N ASN D 361 -11.75 -27.37 42.81
CA ASN D 361 -11.68 -26.80 41.47
C ASN D 361 -10.25 -26.90 40.98
N LEU D 362 -10.08 -27.35 39.73
CA LEU D 362 -8.74 -27.61 39.22
C LEU D 362 -8.00 -26.31 38.87
N GLU D 363 -8.70 -25.32 38.35
CA GLU D 363 -8.06 -24.06 38.00
C GLU D 363 -7.77 -23.21 39.22
N ALA D 364 -8.27 -23.60 40.39
CA ALA D 364 -7.93 -22.88 41.61
C ALA D 364 -6.45 -22.99 41.94
N VAL D 365 -5.83 -24.13 41.61
CA VAL D 365 -4.44 -24.35 41.97
C VAL D 365 -3.58 -23.26 41.33
N LEU D 366 -2.55 -22.84 42.06
CA LEU D 366 -1.59 -21.87 41.58
C LEU D 366 -0.18 -22.42 41.75
N ASN D 367 0.70 -22.01 40.85
CA ASN D 367 2.08 -22.44 40.89
C ASN D 367 2.87 -21.61 41.90
N ASN D 368 4.17 -21.88 41.98
CA ASN D 368 5.02 -21.11 42.89
C ASN D 368 5.00 -19.64 42.55
N ASP D 369 4.90 -19.31 41.26
CA ASP D 369 4.82 -17.91 40.85
C ASP D 369 3.54 -17.25 41.36
N GLY D 370 2.48 -18.03 41.55
CA GLY D 370 1.23 -17.51 42.04
C GLY D 370 0.14 -17.31 41.00
N LEU D 371 0.37 -17.70 39.76
CA LEU D 371 -0.58 -17.50 38.69
C LEU D 371 -1.44 -18.75 38.48
N SER D 372 -2.47 -18.59 37.67
CA SER D 372 -3.35 -19.68 37.28
C SER D 372 -3.28 -19.85 35.77
N PRO D 373 -3.87 -20.90 35.22
CA PRO D 373 -3.75 -21.12 33.78
C PRO D 373 -4.19 -19.94 32.94
N LEU D 374 -5.26 -19.27 33.36
CA LEU D 374 -5.76 -18.11 32.62
C LEU D 374 -4.79 -16.94 32.73
N MET D 375 -4.39 -16.61 33.96
CA MET D 375 -3.44 -15.52 34.15
C MET D 375 -2.12 -15.82 33.46
N MET D 376 -1.69 -17.08 33.49
CA MET D 376 -0.42 -17.42 32.85
C MET D 376 -0.53 -17.35 31.33
N ALA D 377 -1.68 -17.74 30.78
CA ALA D 377 -1.87 -17.62 29.34
C ALA D 377 -1.87 -16.17 28.93
N ALA D 378 -2.48 -15.30 29.74
CA ALA D 378 -2.44 -13.88 29.45
C ALA D 378 -1.01 -13.34 29.52
N LYS D 379 -0.27 -13.75 30.54
CA LYS D 379 1.09 -13.25 30.73
C LYS D 379 2.02 -13.72 29.62
N THR D 380 1.78 -14.92 29.09
CA THR D 380 2.63 -15.52 28.08
C THR D 380 2.16 -15.23 26.67
N GLY D 381 1.12 -14.42 26.51
CA GLY D 381 0.65 -14.03 25.20
C GLY D 381 0.16 -15.17 24.32
N LYS D 382 -0.75 -15.98 24.84
CA LYS D 382 -1.32 -17.10 24.12
C LYS D 382 -2.81 -16.86 23.91
N ILE D 383 -3.14 -16.23 22.79
CA ILE D 383 -4.53 -15.87 22.50
C ILE D 383 -5.39 -17.12 22.33
N GLY D 384 -4.84 -18.14 21.68
CA GLY D 384 -5.67 -19.26 21.28
C GLY D 384 -6.40 -19.92 22.43
N ILE D 385 -5.68 -20.16 23.53
CA ILE D 385 -6.29 -20.80 24.69
C ILE D 385 -6.95 -19.79 25.63
N PHE D 386 -6.48 -18.54 25.63
CA PHE D 386 -7.07 -17.52 26.48
C PHE D 386 -8.49 -17.20 26.04
N GLN D 387 -8.70 -17.12 24.73
CA GLN D 387 -10.03 -16.87 24.21
C GLN D 387 -10.97 -18.05 24.43
N HIS D 388 -10.44 -19.27 24.45
CA HIS D 388 -11.27 -20.43 24.68
C HIS D 388 -11.57 -20.65 26.15
N ILE D 389 -10.74 -20.10 27.04
CA ILE D 389 -11.00 -20.22 28.46
C ILE D 389 -11.88 -19.09 28.97
N ILE D 390 -11.85 -17.94 28.31
CA ILE D 390 -12.66 -16.81 28.77
C ILE D 390 -14.12 -16.95 28.39
N ARG D 391 -14.45 -17.73 27.36
CA ARG D 391 -15.81 -17.91 26.90
C ARG D 391 -16.28 -19.35 27.08
N ARG D 392 -15.67 -20.09 27.99
CA ARG D 392 -16.00 -21.50 28.17
C ARG D 392 -17.43 -21.64 28.64
N GLU D 393 -18.22 -22.39 27.87
CA GLU D 393 -19.60 -22.71 28.21
C GLU D 393 -19.78 -24.22 28.16
N VAL D 394 -20.40 -24.76 29.20
CA VAL D 394 -20.58 -26.21 29.35
C VAL D 394 -22.07 -26.51 29.28
N THR D 395 -22.46 -27.30 28.27
CA THR D 395 -23.85 -27.66 28.12
C THR D 395 -24.30 -28.71 29.12
N ASP D 396 -23.39 -29.60 29.53
CA ASP D 396 -23.75 -30.64 30.49
C ASP D 396 -24.25 -30.01 31.79
N GLU D 397 -25.36 -30.53 32.29
CA GLU D 397 -25.94 -29.98 33.52
C GLU D 397 -25.08 -30.32 34.73
N ASP D 398 -24.47 -31.51 34.75
CA ASP D 398 -23.66 -31.90 35.89
C ASP D 398 -22.46 -30.97 36.06
N THR D 399 -21.87 -30.54 34.95
CA THR D 399 -20.65 -29.74 34.97
C THR D 399 -20.88 -28.32 34.45
N ARG D 400 -22.09 -27.81 34.60
CA ARG D 400 -22.37 -26.44 34.17
C ARG D 400 -21.82 -25.40 35.13
N HIS D 401 -21.56 -25.79 36.37
CA HIS D 401 -21.15 -24.80 37.37
C HIS D 401 -19.85 -24.13 36.98
N LEU D 402 -18.94 -24.87 36.35
CA LEU D 402 -17.62 -24.35 36.02
C LEU D 402 -17.61 -23.56 34.72
N SER D 403 -18.74 -23.45 34.03
CA SER D 403 -18.78 -22.68 32.81
C SER D 403 -18.65 -21.19 33.11
N ARG D 404 -18.26 -20.45 32.07
CA ARG D 404 -17.89 -19.05 32.22
C ARG D 404 -18.76 -18.09 31.42
N LYS D 405 -19.55 -18.59 30.48
CA LYS D 405 -20.41 -17.77 29.64
C LYS D 405 -21.77 -18.43 29.52
N PHE D 406 -22.79 -17.79 30.07
CA PHE D 406 -24.15 -18.32 30.06
C PHE D 406 -25.04 -17.46 29.17
N LYS D 407 -26.09 -18.09 28.66
CA LYS D 407 -27.12 -17.37 27.94
C LYS D 407 -28.14 -16.81 28.92
N ASP D 408 -28.54 -15.56 28.69
CA ASP D 408 -29.48 -14.88 29.59
C ASP D 408 -30.87 -14.80 29.00
N TRP D 409 -31.02 -14.20 27.82
CA TRP D 409 -32.32 -14.22 27.15
C TRP D 409 -32.17 -13.81 25.71
N ALA D 410 -33.18 -14.17 24.92
CA ALA D 410 -33.18 -13.85 23.50
C ALA D 410 -34.57 -13.38 23.08
N TYR D 411 -34.60 -12.32 22.29
CA TYR D 411 -35.83 -11.82 21.69
C TYR D 411 -35.55 -11.54 20.22
N GLY D 412 -36.15 -12.35 19.35
CA GLY D 412 -35.93 -12.21 17.93
C GLY D 412 -34.45 -12.26 17.61
N PRO D 413 -33.99 -11.39 16.72
CA PRO D 413 -32.57 -11.37 16.36
C PRO D 413 -31.64 -10.92 17.48
N VAL D 414 -32.17 -10.44 18.60
CA VAL D 414 -31.32 -9.95 19.68
C VAL D 414 -31.06 -11.09 20.65
N TYR D 415 -29.79 -11.37 20.90
CA TYR D 415 -29.38 -12.40 21.85
C TYR D 415 -28.52 -11.75 22.92
N SER D 416 -28.77 -12.10 24.19
CA SER D 416 -28.10 -11.46 25.31
C SER D 416 -27.55 -12.53 26.23
N SER D 417 -26.22 -12.55 26.35
CA SER D 417 -25.49 -13.52 27.14
C SER D 417 -24.60 -12.77 28.12
N LEU D 418 -24.55 -13.26 29.35
CA LEU D 418 -23.72 -12.66 30.39
C LEU D 418 -22.47 -13.50 30.60
N TYR D 419 -21.32 -12.86 30.55
CA TYR D 419 -20.04 -13.47 30.84
C TYR D 419 -19.72 -13.36 32.33
N ASP D 420 -18.84 -14.23 32.79
CA ASP D 420 -18.33 -14.20 34.14
C ASP D 420 -16.96 -13.55 34.14
N LEU D 421 -16.71 -12.70 35.12
CA LEU D 421 -15.46 -11.95 35.18
C LEU D 421 -14.88 -11.93 36.59
N SER D 422 -15.25 -12.90 37.43
CA SER D 422 -14.76 -12.92 38.79
C SER D 422 -13.25 -12.81 38.84
N SER D 423 -12.56 -13.77 38.24
CA SER D 423 -11.11 -13.72 38.19
C SER D 423 -10.62 -12.67 37.20
N LEU D 424 -11.41 -12.39 36.16
CA LEU D 424 -10.95 -11.48 35.12
C LEU D 424 -10.75 -10.08 35.67
N ASP D 425 -11.70 -9.59 36.48
CA ASP D 425 -11.61 -8.26 37.07
C ASP D 425 -11.73 -8.38 38.58
N THR D 426 -10.77 -7.80 39.28
CA THR D 426 -10.76 -7.80 40.74
C THR D 426 -10.63 -6.37 41.22
N CYS D 427 -10.94 -6.17 42.50
CA CYS D 427 -10.87 -4.87 43.14
C CYS D 427 -9.80 -4.87 44.22
N GLY D 428 -8.64 -5.46 43.91
CA GLY D 428 -7.56 -5.60 44.86
C GLY D 428 -7.59 -6.88 45.67
N GLU D 429 -8.64 -7.69 45.53
CA GLU D 429 -8.68 -8.95 46.24
C GLU D 429 -7.55 -9.87 45.81
N GLU D 430 -7.26 -9.91 44.50
CA GLU D 430 -6.14 -10.67 43.99
C GLU D 430 -5.72 -10.05 42.66
N ALA D 431 -4.67 -10.62 42.08
CA ALA D 431 -4.21 -10.17 40.78
C ALA D 431 -5.27 -10.43 39.71
N SER D 432 -5.43 -9.47 38.81
CA SER D 432 -6.44 -9.54 37.77
C SER D 432 -5.79 -9.77 36.42
N VAL D 433 -6.51 -10.45 35.54
CA VAL D 433 -6.02 -10.69 34.18
C VAL D 433 -5.80 -9.38 33.45
N LEU D 434 -6.68 -8.41 33.68
CA LEU D 434 -6.61 -7.16 32.93
C LEU D 434 -5.35 -6.38 33.30
N GLU D 435 -5.06 -6.27 34.60
CA GLU D 435 -3.86 -5.56 35.03
C GLU D 435 -2.61 -6.22 34.47
N ILE D 436 -2.55 -7.55 34.54
CA ILE D 436 -1.38 -8.27 34.04
C ILE D 436 -1.23 -8.05 32.55
N LEU D 437 -2.32 -8.11 31.81
CA LEU D 437 -2.26 -8.00 30.36
C LEU D 437 -1.98 -6.58 29.89
N VAL D 438 -2.27 -5.59 30.72
CA VAL D 438 -2.14 -4.20 30.27
C VAL D 438 -0.84 -3.57 30.76
N TYR D 439 -0.37 -3.97 31.94
CA TYR D 439 0.80 -3.33 32.53
C TYR D 439 2.10 -4.05 32.26
N ASN D 440 2.07 -5.37 32.11
CA ASN D 440 3.30 -6.10 31.83
C ASN D 440 3.80 -5.79 30.43
N SER D 441 5.12 -5.87 30.25
CA SER D 441 5.78 -5.52 29.01
C SER D 441 6.20 -6.77 28.25
N LYS D 442 6.49 -6.57 26.96
CA LYS D 442 7.00 -7.64 26.09
C LYS D 442 6.01 -8.79 26.01
N ILE D 443 4.78 -8.49 25.62
CA ILE D 443 3.74 -9.48 25.41
C ILE D 443 3.50 -9.62 23.92
N GLU D 444 3.39 -10.87 23.46
CA GLU D 444 3.39 -11.14 22.03
C GLU D 444 2.21 -10.47 21.33
N ASN D 445 1.00 -10.74 21.82
CA ASN D 445 -0.21 -10.24 21.18
C ASN D 445 -0.96 -9.29 22.11
N ARG D 446 -0.22 -8.40 22.76
CA ARG D 446 -0.80 -7.48 23.73
C ARG D 446 -2.02 -6.76 23.18
N HIS D 447 -1.93 -6.31 21.92
CA HIS D 447 -3.02 -5.54 21.33
C HIS D 447 -4.16 -6.43 20.87
N GLU D 448 -3.85 -7.57 20.25
CA GLU D 448 -4.90 -8.46 19.78
C GLU D 448 -5.66 -9.08 20.94
N MET D 449 -4.95 -9.38 22.03
CA MET D 449 -5.57 -10.07 23.16
C MET D 449 -6.71 -9.26 23.77
N LEU D 450 -6.64 -7.93 23.66
CA LEU D 450 -7.65 -7.08 24.29
C LEU D 450 -8.97 -7.09 23.53
N ALA D 451 -8.98 -7.57 22.29
CA ALA D 451 -10.18 -7.57 21.46
C ALA D 451 -10.95 -8.87 21.72
N VAL D 452 -11.59 -8.91 22.88
CA VAL D 452 -12.43 -10.04 23.27
C VAL D 452 -13.77 -9.47 23.73
N GLU D 453 -14.80 -10.31 23.65
CA GLU D 453 -16.17 -9.82 23.83
C GLU D 453 -16.38 -9.10 25.15
N PRO D 454 -15.96 -9.65 26.30
CA PRO D 454 -16.22 -8.96 27.56
C PRO D 454 -15.18 -7.91 27.92
N ILE D 455 -13.94 -8.10 27.48
CA ILE D 455 -12.86 -7.21 27.90
C ILE D 455 -13.11 -5.78 27.40
N ASN D 456 -13.36 -5.65 26.11
CA ASN D 456 -13.53 -4.33 25.53
C ASN D 456 -14.75 -3.63 26.10
N GLU D 457 -15.86 -4.36 26.21
CA GLU D 457 -17.07 -3.77 26.76
C GLU D 457 -16.89 -3.40 28.22
N LEU D 458 -16.09 -4.15 28.97
CA LEU D 458 -15.83 -3.80 30.36
C LEU D 458 -15.05 -2.51 30.45
N LEU D 459 -14.03 -2.37 29.61
CA LEU D 459 -13.28 -1.12 29.58
C LEU D 459 -14.20 0.04 29.23
N ARG D 460 -15.08 -0.17 28.25
CA ARG D 460 -16.00 0.87 27.82
C ARG D 460 -16.92 1.28 28.97
N ASP D 461 -17.54 0.31 29.62
CA ASP D 461 -18.48 0.61 30.69
C ASP D 461 -17.78 1.29 31.85
N LYS D 462 -16.57 0.85 32.18
CA LYS D 462 -15.83 1.50 33.25
C LYS D 462 -15.52 2.95 32.87
N TRP D 463 -15.14 3.16 31.61
CA TRP D 463 -14.81 4.49 31.12
C TRP D 463 -16.00 5.43 31.25
N ARG D 464 -17.18 4.95 30.87
CA ARG D 464 -18.38 5.77 31.00
C ARG D 464 -18.73 5.99 32.47
N LYS D 465 -18.76 4.92 33.25
CA LYS D 465 -19.19 5.02 34.64
C LYS D 465 -18.36 6.01 35.43
N PHE D 466 -17.04 5.84 35.44
CA PHE D 466 -16.21 6.74 36.24
C PHE D 466 -14.90 7.16 35.58
N GLY D 467 -14.53 6.61 34.42
CA GLY D 467 -13.25 6.94 33.85
C GLY D 467 -13.14 8.39 33.41
N ALA D 468 -14.17 8.88 32.71
CA ALA D 468 -14.08 10.19 32.10
C ALA D 468 -13.98 11.30 33.14
N VAL D 469 -14.84 11.24 34.15
CA VAL D 469 -14.95 12.35 35.10
C VAL D 469 -13.61 12.60 35.78
N SER D 470 -13.01 11.54 36.33
CA SER D 470 -11.79 11.70 37.10
C SER D 470 -10.65 12.23 36.23
N PHE D 471 -10.61 11.79 34.97
CA PHE D 471 -9.56 12.26 34.06
C PHE D 471 -9.63 13.77 33.87
N TYR D 472 -10.82 14.28 33.54
CA TYR D 472 -10.97 15.72 33.37
C TYR D 472 -10.67 16.47 34.65
N ILE D 473 -11.13 15.94 35.79
CA ILE D 473 -10.83 16.59 37.06
C ILE D 473 -9.33 16.68 37.27
N ASN D 474 -8.62 15.58 37.02
CA ASN D 474 -7.19 15.55 37.24
C ASN D 474 -6.48 16.54 36.33
N VAL D 475 -6.84 16.56 35.05
CA VAL D 475 -6.14 17.43 34.12
C VAL D 475 -6.37 18.91 34.49
N VAL D 476 -7.61 19.25 34.84
CA VAL D 476 -7.92 20.61 35.21
C VAL D 476 -7.15 21.01 36.47
N SER D 477 -7.16 20.13 37.48
CA SER D 477 -6.46 20.45 38.72
C SER D 477 -4.97 20.60 38.48
N TYR D 478 -4.39 19.75 37.65
CA TYR D 478 -2.96 19.85 37.35
C TYR D 478 -2.64 21.16 36.66
N LEU D 479 -3.46 21.57 35.69
CA LEU D 479 -3.24 22.85 35.01
C LEU D 479 -3.33 24.00 36.00
N CYS D 480 -4.35 23.98 36.87
CA CYS D 480 -4.47 25.05 37.86
C CYS D 480 -3.27 25.08 38.79
N ALA D 481 -2.80 23.92 39.22
CA ALA D 481 -1.64 23.87 40.11
C ALA D 481 -0.42 24.44 39.42
N MET D 482 -0.23 24.12 38.14
CA MET D 482 0.90 24.69 37.41
C MET D 482 0.77 26.19 37.27
N VAL D 483 -0.45 26.70 37.09
CA VAL D 483 -0.64 28.15 37.02
C VAL D 483 -0.25 28.79 38.36
N ILE D 484 -0.67 28.17 39.47
CA ILE D 484 -0.31 28.70 40.77
C ILE D 484 1.20 28.69 40.95
N PHE D 485 1.85 27.61 40.53
CA PHE D 485 3.30 27.54 40.64
C PHE D 485 3.97 28.62 39.80
N THR D 486 3.44 28.85 38.60
CA THR D 486 3.99 29.89 37.73
C THR D 486 3.87 31.26 38.39
N LEU D 487 2.71 31.55 38.97
CA LEU D 487 2.53 32.83 39.65
C LEU D 487 3.49 32.95 40.83
N THR D 488 3.65 31.88 41.61
CA THR D 488 4.55 31.93 42.75
C THR D 488 5.97 32.25 42.30
N ALA D 489 6.44 31.57 41.26
CA ALA D 489 7.78 31.85 40.76
C ALA D 489 7.89 33.27 40.23
N TYR D 490 6.86 33.73 39.52
CA TYR D 490 6.89 35.06 38.94
C TYR D 490 7.00 36.12 40.02
N TYR D 491 6.23 36.00 41.09
CA TYR D 491 6.19 36.99 42.14
C TYR D 491 7.22 36.74 43.22
N GLN D 492 8.22 35.93 42.94
CA GLN D 492 9.32 35.74 43.89
C GLN D 492 10.07 37.06 44.03
N PRO D 493 10.20 37.61 45.23
CA PRO D 493 10.84 38.93 45.37
C PRO D 493 12.32 38.88 45.00
N LEU D 494 12.66 39.61 43.94
CA LEU D 494 14.06 39.65 43.50
C LEU D 494 14.94 40.29 44.57
N GLU D 495 14.46 41.36 45.19
CA GLU D 495 15.24 42.05 46.21
C GLU D 495 15.45 41.15 47.43
N GLY D 496 16.58 41.33 48.09
CA GLY D 496 16.90 40.56 49.27
C GLY D 496 17.50 39.20 48.95
N THR D 497 17.61 38.37 49.98
CA THR D 497 18.18 37.05 49.88
C THR D 497 17.20 36.03 50.45
N PRO D 498 17.19 34.81 49.94
CA PRO D 498 16.28 33.79 50.46
C PRO D 498 16.78 33.23 51.78
N PRO D 499 15.87 32.92 52.72
CA PRO D 499 14.42 33.16 52.70
C PRO D 499 14.10 34.63 52.91
N TYR D 500 12.92 35.08 52.47
CA TYR D 500 12.52 36.47 52.64
C TYR D 500 11.45 36.58 53.72
N PRO D 501 11.62 37.47 54.70
CA PRO D 501 10.60 37.60 55.75
C PRO D 501 9.28 38.10 55.18
N TYR D 502 8.18 37.68 55.82
CA TYR D 502 6.84 38.05 55.42
C TYR D 502 6.21 38.89 56.52
N ARG D 503 5.76 40.09 56.16
CA ARG D 503 5.10 40.98 57.12
C ARG D 503 3.92 41.71 56.47
N THR D 504 3.32 41.10 55.46
CA THR D 504 2.20 41.74 54.77
C THR D 504 1.31 40.67 54.16
N THR D 505 0.08 41.07 53.84
CA THR D 505 -0.88 40.12 53.28
C THR D 505 -0.42 39.56 51.94
N VAL D 506 0.22 40.40 51.12
CA VAL D 506 0.74 39.92 49.85
C VAL D 506 1.83 38.88 50.09
N ASP D 507 2.67 39.10 51.10
CA ASP D 507 3.65 38.09 51.48
C ASP D 507 2.96 36.78 51.83
N TYR D 508 1.84 36.85 52.55
CA TYR D 508 1.10 35.65 52.88
C TYR D 508 0.43 35.01 51.67
N LEU D 509 0.10 35.80 50.65
CA LEU D 509 -0.39 35.24 49.40
C LEU D 509 0.70 34.43 48.70
N ARG D 510 1.91 35.00 48.64
CA ARG D 510 3.04 34.26 48.07
C ARG D 510 3.32 33.01 48.88
N LEU D 511 3.23 33.10 50.20
CA LEU D 511 3.45 31.94 51.06
C LEU D 511 2.40 30.86 50.80
N ALA D 512 1.14 31.27 50.63
CA ALA D 512 0.09 30.29 50.32
C ALA D 512 0.40 29.56 49.01
N GLY D 513 0.79 30.32 47.99
CA GLY D 513 1.17 29.67 46.74
C GLY D 513 2.33 28.71 46.92
N GLU D 514 3.34 29.14 47.68
CA GLU D 514 4.51 28.29 47.92
C GLU D 514 4.12 26.99 48.61
N VAL D 515 3.26 27.07 49.63
CA VAL D 515 2.88 25.86 50.34
C VAL D 515 2.05 24.94 49.44
N ILE D 516 1.20 25.52 48.58
CA ILE D 516 0.45 24.68 47.64
C ILE D 516 1.41 23.94 46.72
N THR D 517 2.41 24.66 46.18
CA THR D 517 3.36 24.02 45.28
C THR D 517 4.13 22.91 45.99
N LEU D 518 4.57 23.17 47.23
CA LEU D 518 5.31 22.16 47.97
C LEU D 518 4.43 20.95 48.27
N PHE D 519 3.15 21.17 48.58
CA PHE D 519 2.23 20.07 48.81
C PHE D 519 2.10 19.21 47.56
N THR D 520 1.97 19.85 46.40
CA THR D 520 1.88 19.09 45.15
C THR D 520 3.15 18.26 44.93
N GLY D 521 4.31 18.88 45.14
CA GLY D 521 5.55 18.17 44.93
C GLY D 521 5.70 16.98 45.85
N VAL D 522 5.40 17.17 47.14
CA VAL D 522 5.54 16.07 48.09
C VAL D 522 4.54 14.97 47.78
N LEU D 523 3.33 15.33 47.34
CA LEU D 523 2.35 14.31 46.97
C LEU D 523 2.86 13.46 45.80
N PHE D 524 3.39 14.11 44.76
CA PHE D 524 3.93 13.34 43.63
C PHE D 524 5.09 12.48 44.07
N PHE D 525 5.97 13.03 44.91
CA PHE D 525 7.12 12.27 45.40
C PHE D 525 6.67 11.04 46.16
N PHE D 526 5.69 11.18 47.04
CA PHE D 526 5.18 10.06 47.81
C PHE D 526 4.55 9.01 46.90
N THR D 527 3.80 9.45 45.90
CA THR D 527 3.20 8.46 44.99
C THR D 527 4.27 7.66 44.28
N ASN D 528 5.29 8.34 43.75
CA ASN D 528 6.36 7.64 43.05
C ASN D 528 7.14 6.71 43.99
N ILE D 529 7.41 7.18 45.21
CA ILE D 529 8.17 6.37 46.15
C ILE D 529 7.37 5.14 46.56
N LYS D 530 6.05 5.29 46.74
CA LYS D 530 5.22 4.12 47.01
C LYS D 530 5.24 3.15 45.85
N ASP D 531 5.18 3.67 44.61
CA ASP D 531 5.24 2.78 43.46
C ASP D 531 6.55 2.00 43.45
N LEU D 532 7.66 2.69 43.75
CA LEU D 532 8.95 2.00 43.78
C LEU D 532 9.00 0.98 44.91
N PHE D 533 8.47 1.32 46.08
CA PHE D 533 8.55 0.44 47.23
C PHE D 533 7.72 -0.82 47.02
N MET D 534 6.49 -0.66 46.54
CA MET D 534 5.59 -1.79 46.36
C MET D 534 5.51 -2.18 44.89
N GLN D 550 6.45 7.16 35.08
CA GLN D 550 6.27 8.40 35.84
C GLN D 550 7.61 9.00 36.24
N LEU D 551 8.65 8.68 35.46
CA LEU D 551 9.98 9.21 35.75
C LEU D 551 10.00 10.73 35.67
N LEU D 552 9.31 11.30 34.68
CA LEU D 552 9.31 12.75 34.54
C LEU D 552 8.65 13.41 35.75
N TYR D 553 7.54 12.84 36.23
CA TYR D 553 6.89 13.37 37.41
C TYR D 553 7.76 13.21 38.65
N PHE D 554 8.52 12.11 38.71
CA PHE D 554 9.48 11.96 39.80
C PHE D 554 10.51 13.07 39.77
N ILE D 555 11.01 13.39 38.58
CA ILE D 555 11.96 14.50 38.44
C ILE D 555 11.31 15.80 38.90
N TYR D 556 10.07 16.03 38.50
CA TYR D 556 9.39 17.26 38.88
C TYR D 556 9.29 17.37 40.40
N SER D 557 8.86 16.29 41.05
CA SER D 557 8.69 16.32 42.50
C SER D 557 10.03 16.51 43.21
N VAL D 558 11.05 15.77 42.79
CA VAL D 558 12.34 15.87 43.47
C VAL D 558 12.92 17.26 43.29
N LEU D 559 12.76 17.85 42.09
CA LEU D 559 13.29 19.19 41.86
C LEU D 559 12.54 20.21 42.71
N VAL D 560 11.22 20.08 42.82
CA VAL D 560 10.46 21.01 43.64
C VAL D 560 10.92 20.96 45.08
N ILE D 561 11.06 19.75 45.63
CA ILE D 561 11.44 19.62 47.04
C ILE D 561 12.85 20.15 47.25
N VAL D 562 13.77 19.87 46.32
CA VAL D 562 15.13 20.38 46.45
C VAL D 562 15.12 21.90 46.40
N SER D 563 14.30 22.48 45.53
CA SER D 563 14.23 23.93 45.43
C SER D 563 13.71 24.52 46.74
N ALA D 564 12.70 23.91 47.33
CA ALA D 564 12.20 24.39 48.62
C ALA D 564 13.27 24.29 49.70
N ALA D 565 14.01 23.18 49.70
CA ALA D 565 15.05 23.01 50.71
C ALA D 565 16.14 24.07 50.56
N LEU D 566 16.56 24.35 49.33
CA LEU D 566 17.59 25.36 49.12
C LEU D 566 17.06 26.77 49.37
N TYR D 567 15.75 26.98 49.17
CA TYR D 567 15.13 28.23 49.59
C TYR D 567 15.25 28.40 51.10
N LEU D 568 14.98 27.33 51.84
CA LEU D 568 15.14 27.37 53.29
C LEU D 568 16.59 27.63 53.69
N ALA D 569 17.53 27.00 52.99
CA ALA D 569 18.94 27.15 53.35
C ALA D 569 19.44 28.56 53.09
N GLY D 570 19.12 29.11 51.93
CA GLY D 570 19.56 30.45 51.56
C GLY D 570 20.66 30.41 50.52
N ILE D 571 20.27 30.56 49.26
CA ILE D 571 21.17 30.64 48.12
C ILE D 571 20.34 31.07 46.92
N GLU D 572 20.92 31.81 45.98
CA GLU D 572 20.15 32.20 44.81
C GLU D 572 19.87 31.01 43.90
N ALA D 573 20.75 30.01 43.91
CA ALA D 573 20.67 28.92 42.95
C ALA D 573 19.29 28.30 42.88
N TYR D 574 18.56 28.30 44.00
CA TYR D 574 17.30 27.60 44.02
C TYR D 574 16.38 28.10 42.92
N LEU D 575 16.36 29.42 42.69
CA LEU D 575 15.45 29.95 41.69
C LEU D 575 15.67 29.25 40.36
N ALA D 576 16.94 29.09 39.98
CA ALA D 576 17.24 28.38 38.74
C ALA D 576 16.50 27.05 38.71
N VAL D 577 16.83 26.17 39.66
CA VAL D 577 16.22 24.85 39.63
C VAL D 577 14.72 24.98 39.80
N MET D 578 14.28 25.95 40.61
CA MET D 578 12.84 26.14 40.75
C MET D 578 12.23 26.43 39.40
N VAL D 579 12.82 27.37 38.66
CA VAL D 579 12.35 27.65 37.32
C VAL D 579 12.42 26.40 36.47
N PHE D 580 13.51 25.63 36.60
CA PHE D 580 13.61 24.42 35.80
C PHE D 580 12.44 23.51 36.10
N ALA D 581 12.07 23.39 37.37
CA ALA D 581 10.92 22.56 37.70
C ALA D 581 9.70 23.05 36.94
N LEU D 582 9.48 24.36 36.94
CA LEU D 582 8.33 24.90 36.23
C LEU D 582 8.37 24.48 34.77
N VAL D 583 9.55 24.51 34.16
CA VAL D 583 9.65 24.08 32.77
C VAL D 583 9.12 22.66 32.64
N LEU D 584 9.68 21.75 33.43
CA LEU D 584 9.21 20.37 33.36
C LEU D 584 7.74 20.31 33.72
N GLY D 585 7.29 21.18 34.61
CA GLY D 585 5.90 21.16 35.00
C GLY D 585 4.98 21.30 33.81
N TRP D 586 5.35 22.16 32.87
CA TRP D 586 4.59 22.28 31.63
C TRP D 586 5.08 21.33 30.55
N MET D 587 6.33 20.88 30.64
CA MET D 587 6.89 20.07 29.57
C MET D 587 6.10 18.78 29.40
N ASN D 588 5.51 18.28 30.48
CA ASN D 588 4.76 17.04 30.44
C ASN D 588 3.25 17.26 30.45
N ALA D 589 2.80 18.52 30.40
CA ALA D 589 1.36 18.74 30.35
C ALA D 589 0.77 18.12 29.08
N LEU D 590 1.56 18.09 28.01
CA LEU D 590 1.14 17.45 26.77
C LEU D 590 0.78 16.00 27.01
N TYR D 591 1.51 15.33 27.90
CA TYR D 591 1.25 13.92 28.17
C TYR D 591 -0.09 13.69 28.83
N PHE D 592 -0.74 14.74 29.34
CA PHE D 592 -2.10 14.56 29.84
C PHE D 592 -3.13 14.55 28.73
N THR D 593 -2.75 14.92 27.51
CA THR D 593 -3.66 14.76 26.37
C THR D 593 -3.86 13.30 26.00
N ARG D 594 -2.97 12.41 26.46
CA ARG D 594 -3.06 10.98 26.23
C ARG D 594 -4.50 10.47 26.34
N GLY D 595 -5.17 10.81 27.43
CA GLY D 595 -6.52 10.30 27.63
C GLY D 595 -7.46 10.63 26.49
N LEU D 596 -7.36 11.86 25.97
CA LEU D 596 -8.16 12.25 24.82
C LEU D 596 -7.85 11.36 23.61
N LYS D 597 -8.86 11.11 22.79
CA LYS D 597 -8.69 10.19 21.67
C LYS D 597 -8.02 10.87 20.48
N LEU D 598 -8.59 11.99 20.03
CA LEU D 598 -8.09 12.62 18.81
C LEU D 598 -6.64 13.05 18.95
N THR D 599 -6.28 13.64 20.09
CA THR D 599 -4.92 14.13 20.30
C THR D 599 -4.06 13.17 21.11
N GLY D 600 -4.65 12.13 21.69
CA GLY D 600 -3.89 11.22 22.54
C GLY D 600 -3.03 10.29 21.72
N THR D 601 -3.53 9.90 20.54
CA THR D 601 -2.72 9.08 19.64
C THR D 601 -1.51 9.86 19.14
N TYR D 602 -1.71 11.14 18.79
CA TYR D 602 -0.59 12.00 18.40
C TYR D 602 0.38 12.21 19.55
N SER D 603 -0.11 12.39 20.78
CA SER D 603 0.80 12.52 21.92
C SER D 603 1.60 11.24 22.14
N ILE D 604 0.95 10.09 22.02
CA ILE D 604 1.65 8.82 22.21
C ILE D 604 2.73 8.66 21.13
N MET D 605 2.39 8.99 19.89
CA MET D 605 3.38 8.90 18.82
C MET D 605 4.55 9.86 19.06
N ILE D 606 4.26 11.09 19.51
CA ILE D 606 5.33 12.04 19.77
C ILE D 606 6.23 11.54 20.88
N GLN D 607 5.64 10.98 21.94
CA GLN D 607 6.46 10.44 23.02
C GLN D 607 7.30 9.28 22.53
N LYS D 608 6.73 8.42 21.67
CA LYS D 608 7.46 7.27 21.17
C LYS D 608 8.66 7.69 20.33
N ILE D 609 8.44 8.60 19.37
CA ILE D 609 9.54 9.05 18.52
C ILE D 609 10.56 9.82 19.34
N LEU D 610 10.09 10.63 20.31
CA LEU D 610 11.00 11.48 21.07
C LEU D 610 12.04 10.66 21.82
N PHE D 611 11.63 9.54 22.42
CA PHE D 611 12.55 8.80 23.28
C PHE D 611 13.46 7.89 22.46
N LYS D 612 12.90 7.16 21.49
CA LYS D 612 13.68 6.13 20.80
C LYS D 612 14.55 6.72 19.70
N ASP D 613 13.93 7.37 18.71
CA ASP D 613 14.68 7.86 17.56
C ASP D 613 15.47 9.11 17.90
N LEU D 614 14.91 10.00 18.72
CA LEU D 614 15.58 11.24 19.03
C LEU D 614 16.78 11.04 19.94
N PHE D 615 16.74 10.03 20.82
CA PHE D 615 17.92 9.68 21.60
C PHE D 615 19.07 9.29 20.69
N ARG D 616 18.81 8.39 19.73
CA ARG D 616 19.87 7.96 18.82
C ARG D 616 20.38 9.12 18.00
N PHE D 617 19.48 9.96 17.46
CA PHE D 617 19.93 11.07 16.64
C PHE D 617 20.77 12.06 17.44
N LEU D 618 20.31 12.42 18.64
CA LEU D 618 21.07 13.36 19.46
C LEU D 618 22.44 12.80 19.83
N LEU D 619 22.48 11.53 20.24
CA LEU D 619 23.76 10.92 20.59
C LEU D 619 24.69 10.84 19.37
N VAL D 620 24.11 10.64 18.19
CA VAL D 620 24.91 10.61 16.97
C VAL D 620 25.48 12.00 16.68
N TYR D 621 24.68 13.04 16.93
CA TYR D 621 25.08 14.38 16.55
C TYR D 621 26.07 14.99 17.53
N LEU D 622 26.00 14.63 18.81
CA LEU D 622 26.78 15.37 19.81
C LEU D 622 28.27 15.27 19.55
N LEU D 623 28.80 14.04 19.46
CA LEU D 623 30.23 13.86 19.28
C LEU D 623 30.67 14.44 17.95
N PHE D 624 29.90 14.22 16.89
CA PHE D 624 30.26 14.75 15.59
C PHE D 624 30.39 16.26 15.64
N MET D 625 29.39 16.94 16.21
CA MET D 625 29.39 18.39 16.25
C MET D 625 30.57 18.90 17.08
N ILE D 626 30.75 18.35 18.28
CA ILE D 626 31.80 18.84 19.16
C ILE D 626 33.17 18.64 18.51
N GLY D 627 33.41 17.46 17.95
CA GLY D 627 34.70 17.20 17.35
C GLY D 627 34.97 18.07 16.13
N TYR D 628 33.96 18.24 15.27
CA TYR D 628 34.17 19.07 14.08
C TYR D 628 34.42 20.52 14.46
N ALA D 629 33.66 21.04 15.42
CA ALA D 629 33.88 22.40 15.87
C ALA D 629 35.25 22.56 16.50
N SER D 630 35.69 21.55 17.28
CA SER D 630 37.02 21.58 17.84
C SER D 630 38.08 21.61 16.74
N ALA D 631 37.84 20.86 15.67
CA ALA D 631 38.78 20.87 14.55
C ALA D 631 38.86 22.26 13.92
N LEU D 632 37.71 22.89 13.72
CA LEU D 632 37.71 24.22 13.14
C LEU D 632 38.42 25.21 14.06
N VAL D 633 38.20 25.10 15.36
CA VAL D 633 38.87 25.98 16.31
C VAL D 633 40.37 25.78 16.26
N SER D 634 40.81 24.52 16.20
CA SER D 634 42.24 24.25 16.10
C SER D 634 42.83 24.80 14.82
N LEU D 635 42.03 24.85 13.74
CA LEU D 635 42.53 25.38 12.49
C LEU D 635 42.98 26.83 12.64
N LEU D 636 42.22 27.63 13.37
CA LEU D 636 42.53 29.05 13.48
C LEU D 636 43.75 29.27 14.35
N ASN D 637 44.52 30.31 14.01
CA ASN D 637 45.71 30.69 14.75
C ASN D 637 45.67 32.17 15.08
N PRO D 638 45.85 32.57 16.35
CA PRO D 638 45.85 34.01 16.67
C PRO D 638 47.11 34.71 16.19
N ASP D 662 43.89 27.12 25.29
CA ASP D 662 43.05 28.04 24.55
C ASP D 662 41.58 27.77 24.83
N SER D 663 41.27 27.44 26.08
CA SER D 663 39.91 27.07 26.43
C SER D 663 38.96 28.25 26.24
N GLU D 664 39.38 29.46 26.58
CA GLU D 664 38.51 30.62 26.46
C GLU D 664 38.16 30.89 25.00
N THR D 665 39.15 30.80 24.12
CA THR D 665 38.90 31.01 22.70
C THR D 665 37.88 30.00 22.18
N PHE D 666 38.04 28.73 22.57
CA PHE D 666 37.07 27.71 22.17
C PHE D 666 35.69 28.02 22.71
N SER D 667 35.61 28.46 23.98
CA SER D 667 34.31 28.74 24.57
C SER D 667 33.58 29.84 23.81
N THR D 668 34.31 30.91 23.46
CA THR D 668 33.68 31.98 22.69
C THR D 668 33.28 31.50 21.30
N PHE D 669 34.20 30.83 20.61
CA PHE D 669 33.94 30.43 19.23
C PHE D 669 32.78 29.47 19.16
N LEU D 670 32.61 28.59 20.15
CA LEU D 670 31.52 27.64 20.10
C LEU D 670 30.18 28.34 20.15
N LEU D 671 30.05 29.37 20.99
CA LEU D 671 28.82 30.14 21.01
C LEU D 671 28.59 30.79 19.67
N ASP D 672 29.65 31.38 19.10
CA ASP D 672 29.50 32.01 17.79
C ASP D 672 29.06 31.00 16.74
N LEU D 673 29.67 29.82 16.75
CA LEU D 673 29.38 28.78 15.75
C LEU D 673 27.95 28.27 15.89
N PHE D 674 27.49 28.06 17.12
CA PHE D 674 26.12 27.63 17.32
C PHE D 674 25.15 28.72 16.84
N LYS D 675 25.47 29.98 17.11
CA LYS D 675 24.62 31.07 16.65
C LYS D 675 24.55 31.08 15.13
N LEU D 676 25.69 30.86 14.47
CA LEU D 676 25.70 30.74 13.01
C LEU D 676 24.87 29.55 12.55
N THR D 677 24.88 28.46 13.33
CA THR D 677 24.03 27.31 13.02
C THR D 677 22.56 27.68 13.10
N ILE D 678 22.20 28.61 13.98
CA ILE D 678 20.81 29.05 14.06
C ILE D 678 20.41 29.84 12.82
N GLY D 679 21.38 30.40 12.09
CA GLY D 679 21.11 31.25 10.97
C GLY D 679 21.27 32.74 11.24
N MET D 680 21.66 33.11 12.46
CA MET D 680 21.86 34.49 12.85
C MET D 680 23.29 34.67 13.34
N GLY D 681 23.91 35.80 12.97
CA GLY D 681 25.25 36.15 13.37
C GLY D 681 26.12 36.44 12.17
N ASP D 682 27.42 36.58 12.43
CA ASP D 682 28.38 36.85 11.37
C ASP D 682 29.71 36.19 11.71
N LEU D 683 30.40 35.69 10.68
CA LEU D 683 31.68 35.01 10.86
C LEU D 683 32.84 36.00 10.73
N GLU D 684 32.88 36.94 11.66
CA GLU D 684 33.92 37.96 11.67
C GLU D 684 35.23 37.47 12.29
N MET D 685 35.22 36.32 12.97
CA MET D 685 36.39 35.87 13.71
C MET D 685 37.48 35.29 12.82
N LEU D 686 37.18 35.01 11.56
CA LEU D 686 38.13 34.34 10.67
C LEU D 686 39.30 35.22 10.24
N SER D 687 39.45 36.44 10.76
CA SER D 687 40.50 37.31 10.29
C SER D 687 41.89 36.80 10.66
N SER D 688 42.01 36.10 11.79
CA SER D 688 43.29 35.60 12.26
C SER D 688 43.71 34.30 11.58
N THR D 689 42.87 33.72 10.74
CA THR D 689 43.11 32.39 10.19
C THR D 689 43.92 32.49 8.90
N LYS D 690 44.86 31.56 8.76
CA LYS D 690 45.58 31.37 7.51
C LYS D 690 44.86 30.36 6.65
N TYR D 691 45.01 30.49 5.34
CA TYR D 691 44.27 29.63 4.42
C TYR D 691 42.78 29.76 4.72
N PRO D 692 42.20 30.95 4.52
CA PRO D 692 40.76 31.11 4.80
C PRO D 692 39.89 30.25 3.89
N VAL D 693 40.39 29.89 2.71
CA VAL D 693 39.56 29.18 1.74
C VAL D 693 39.09 27.84 2.30
N VAL D 694 40.01 27.11 2.92
CA VAL D 694 39.63 25.79 3.45
C VAL D 694 38.66 25.95 4.61
N PHE D 695 38.80 27.01 5.40
CA PHE D 695 37.84 27.25 6.46
C PHE D 695 36.46 27.51 5.88
N ILE D 696 36.40 28.30 4.79
CA ILE D 696 35.12 28.54 4.13
C ILE D 696 34.52 27.23 3.65
N ILE D 697 35.34 26.38 3.03
CA ILE D 697 34.84 25.11 2.51
C ILE D 697 34.33 24.24 3.64
N LEU D 698 35.07 24.18 4.74
CA LEU D 698 34.67 23.34 5.86
C LEU D 698 33.35 23.83 6.46
N LEU D 699 33.21 25.14 6.62
CA LEU D 699 31.94 25.66 7.13
C LEU D 699 30.81 25.39 6.15
N VAL D 700 31.10 25.44 4.85
CA VAL D 700 30.11 25.13 3.84
C VAL D 700 29.60 23.71 4.01
N THR D 701 30.54 22.77 4.10
CA THR D 701 30.16 21.36 4.24
C THR D 701 29.46 21.12 5.57
N TYR D 702 29.90 21.80 6.63
CA TYR D 702 29.23 21.68 7.92
C TYR D 702 27.77 22.09 7.81
N ILE D 703 27.52 23.25 7.21
CA ILE D 703 26.15 23.72 7.03
C ILE D 703 25.36 22.74 6.18
N ILE D 704 25.98 22.24 5.11
CA ILE D 704 25.29 21.33 4.20
C ILE D 704 24.85 20.07 4.94
N LEU D 705 25.77 19.48 5.71
CA LEU D 705 25.44 18.27 6.45
C LEU D 705 24.36 18.55 7.50
N THR D 706 24.50 19.64 8.24
CA THR D 706 23.57 19.93 9.31
C THR D 706 22.16 20.17 8.78
N PHE D 707 22.04 20.90 7.67
CA PHE D 707 20.73 21.33 7.19
C PHE D 707 20.14 20.35 6.19
N VAL D 708 20.94 19.89 5.23
CA VAL D 708 20.38 19.12 4.12
C VAL D 708 20.21 17.67 4.51
N LEU D 709 21.27 17.03 5.03
CA LEU D 709 21.23 15.58 5.23
C LEU D 709 20.73 15.21 6.62
N LEU D 710 21.34 15.76 7.67
CA LEU D 710 20.96 15.37 9.01
C LEU D 710 19.52 15.76 9.32
N LEU D 711 19.14 16.99 8.99
CA LEU D 711 17.78 17.44 9.27
C LEU D 711 16.77 16.69 8.42
N ASN D 712 17.10 16.42 7.15
CA ASN D 712 16.16 15.71 6.28
C ASN D 712 15.90 14.30 6.78
N MET D 713 16.94 13.59 7.21
CA MET D 713 16.75 12.22 7.67
C MET D 713 15.80 12.18 8.86
N LEU D 714 15.89 13.17 9.74
CA LEU D 714 14.95 13.27 10.85
C LEU D 714 13.53 13.43 10.33
N ILE D 715 13.34 14.22 9.27
CA ILE D 715 12.02 14.38 8.68
C ILE D 715 11.53 13.05 8.14
N ALA D 716 12.39 12.34 7.42
CA ALA D 716 11.98 11.10 6.78
C ALA D 716 11.55 10.06 7.79
N LEU D 717 12.27 9.96 8.90
CA LEU D 717 12.00 8.90 9.86
C LEU D 717 10.56 8.98 10.39
N MET D 718 10.10 10.19 10.70
CA MET D 718 8.74 10.32 11.22
C MET D 718 7.72 9.87 10.19
N GLY D 719 7.92 10.25 8.92
CA GLY D 719 6.94 9.91 7.91
C GLY D 719 6.78 8.41 7.75
N GLU D 720 7.89 7.67 7.77
CA GLU D 720 7.82 6.24 7.54
C GLU D 720 7.26 5.50 8.76
N THR D 721 7.61 5.95 9.97
CA THR D 721 7.14 5.27 11.17
C THR D 721 5.62 5.33 11.26
N VAL D 722 5.04 6.49 10.97
CA VAL D 722 3.59 6.63 11.05
C VAL D 722 2.92 5.74 10.00
N GLY D 723 3.51 5.69 8.80
CA GLY D 723 2.95 4.82 7.78
C GLY D 723 3.00 3.36 8.18
N GLN D 724 4.10 2.93 8.79
CA GLN D 724 4.20 1.56 9.27
C GLN D 724 3.21 1.30 10.40
N VAL D 725 2.90 2.32 11.20
CA VAL D 725 1.99 2.17 12.32
C VAL D 725 0.63 2.80 12.01
N SER D 726 0.30 2.95 10.73
CA SER D 726 -1.01 3.50 10.35
C SER D 726 -2.14 2.73 11.01
N LYS D 727 -2.12 1.40 10.87
CA LYS D 727 -3.08 0.57 11.60
C LYS D 727 -2.80 0.61 13.10
N GLU D 728 -1.52 0.69 13.47
CA GLU D 728 -1.16 0.68 14.89
C GLU D 728 -1.70 1.88 15.64
N SER D 729 -2.13 2.93 14.94
CA SER D 729 -2.64 4.12 15.62
C SER D 729 -3.78 3.75 16.56
N LYS D 730 -4.75 2.98 16.06
CA LYS D 730 -5.87 2.58 16.90
C LYS D 730 -5.43 1.66 18.02
N HIS D 731 -4.47 0.77 17.74
CA HIS D 731 -3.95 -0.12 18.77
C HIS D 731 -3.29 0.67 19.89
N ILE D 732 -2.40 1.58 19.52
CA ILE D 732 -1.69 2.37 20.53
C ILE D 732 -2.68 3.23 21.31
N TRP D 733 -3.66 3.81 20.62
CA TRP D 733 -4.66 4.62 21.30
C TRP D 733 -5.44 3.78 22.29
N LYS D 734 -5.87 2.58 21.90
CA LYS D 734 -6.64 1.74 22.79
C LYS D 734 -5.81 1.33 24.01
N LEU D 735 -4.55 0.99 23.80
CA LEU D 735 -3.69 0.63 24.92
C LEU D 735 -3.51 1.82 25.87
N GLN D 736 -3.31 3.02 25.31
CA GLN D 736 -3.13 4.19 26.15
C GLN D 736 -4.38 4.48 26.96
N TRP D 737 -5.54 4.35 26.32
CA TRP D 737 -6.81 4.55 27.00
C TRP D 737 -6.99 3.54 28.13
N ALA D 738 -6.64 2.29 27.85
CA ALA D 738 -6.75 1.26 28.88
C ALA D 738 -5.84 1.55 30.06
N THR D 739 -4.59 1.93 29.79
CA THR D 739 -3.64 2.15 30.89
C THR D 739 -4.06 3.34 31.73
N THR D 740 -4.54 4.42 31.11
CA THR D 740 -5.00 5.54 31.92
C THR D 740 -6.19 5.14 32.78
N ILE D 741 -7.14 4.40 32.20
CA ILE D 741 -8.30 3.99 32.99
C ILE D 741 -7.86 3.14 34.17
N LEU D 742 -6.95 2.19 33.93
CA LEU D 742 -6.52 1.31 35.00
C LEU D 742 -5.71 2.06 36.06
N ASP D 743 -4.91 3.04 35.66
CA ASP D 743 -4.23 3.86 36.65
C ASP D 743 -5.23 4.58 37.55
N ILE D 744 -6.26 5.16 36.94
CA ILE D 744 -7.28 5.85 37.74
C ILE D 744 -7.94 4.86 38.68
N GLU D 745 -8.25 3.66 38.19
CA GLU D 745 -8.92 2.67 39.02
C GLU D 745 -8.03 2.23 40.18
N ARG D 746 -6.74 2.04 39.91
CA ARG D 746 -5.81 1.64 40.95
C ARG D 746 -5.67 2.70 42.02
N SER D 747 -5.67 3.97 41.62
CA SER D 747 -5.41 5.04 42.57
C SER D 747 -6.38 4.99 43.74
N PHE D 748 -7.65 4.68 43.48
CA PHE D 748 -8.66 4.74 44.52
C PHE D 748 -8.48 3.60 45.53
N PRO D 749 -8.87 3.81 46.79
CA PRO D 749 -8.77 2.75 47.79
C PRO D 749 -9.71 1.58 47.49
N VAL D 750 -9.60 0.52 48.29
CA VAL D 750 -10.31 -0.72 47.98
C VAL D 750 -11.83 -0.52 48.09
N PHE D 751 -12.29 0.08 49.19
CA PHE D 751 -13.73 0.17 49.39
C PHE D 751 -14.40 1.05 48.34
N LEU D 752 -13.71 2.11 47.90
CA LEU D 752 -14.26 2.92 46.83
C LEU D 752 -14.38 2.11 45.54
N ARG D 753 -13.39 1.27 45.27
CA ARG D 753 -13.46 0.36 44.13
C ARG D 753 -14.64 -0.59 44.27
N LYS D 754 -14.87 -1.10 45.48
CA LYS D 754 -16.04 -1.92 45.72
C LYS D 754 -17.31 -1.17 45.36
N ALA D 755 -17.36 0.11 45.72
CA ALA D 755 -18.53 0.91 45.39
C ALA D 755 -18.73 1.02 43.88
N PHE D 756 -17.63 1.20 43.15
CA PHE D 756 -17.69 1.44 41.71
C PHE D 756 -17.58 0.17 40.88
N ARG D 757 -17.45 -0.99 41.52
CA ARG D 757 -17.23 -2.23 40.78
C ARG D 757 -18.35 -2.46 39.78
N SER D 758 -17.99 -2.89 38.58
CA SER D 758 -18.94 -3.04 37.48
C SER D 758 -19.42 -4.48 37.39
N GLY D 759 -20.71 -4.63 37.15
CA GLY D 759 -21.31 -5.95 36.95
C GLY D 759 -22.38 -6.24 37.98
N GLU D 760 -23.32 -7.09 37.60
CA GLU D 760 -24.47 -7.41 38.43
C GLU D 760 -24.34 -8.84 38.96
N MET D 761 -24.58 -9.01 40.25
CA MET D 761 -24.62 -10.34 40.85
C MET D 761 -25.83 -11.08 40.30
N VAL D 762 -25.57 -12.24 39.68
CA VAL D 762 -26.59 -13.00 38.98
C VAL D 762 -26.50 -14.44 39.48
N THR D 763 -27.59 -14.95 40.04
CA THR D 763 -27.68 -16.34 40.45
C THR D 763 -27.91 -17.19 39.22
N VAL D 764 -26.85 -17.84 38.72
CA VAL D 764 -26.91 -18.59 37.48
C VAL D 764 -27.22 -20.06 37.70
N GLY D 765 -27.25 -20.52 38.94
CA GLY D 765 -27.56 -21.91 39.20
C GLY D 765 -27.31 -22.24 40.65
N LYS D 766 -27.54 -23.49 40.97
CA LYS D 766 -27.34 -24.01 42.31
C LYS D 766 -26.21 -25.03 42.28
N SER D 767 -25.27 -24.89 43.21
CA SER D 767 -24.12 -25.78 43.26
C SER D 767 -24.58 -27.21 43.56
N SER D 768 -23.61 -28.12 43.60
CA SER D 768 -23.93 -29.53 43.84
C SER D 768 -24.74 -29.70 45.12
N ASP D 769 -24.39 -28.95 46.17
CA ASP D 769 -25.15 -29.04 47.41
C ASP D 769 -26.52 -28.38 47.29
N GLY D 770 -26.73 -27.55 46.27
CA GLY D 770 -27.99 -26.87 46.06
C GLY D 770 -27.98 -25.41 46.43
N THR D 771 -26.93 -24.92 47.10
CA THR D 771 -26.87 -23.51 47.45
C THR D 771 -26.67 -22.68 46.20
N PRO D 772 -27.15 -21.43 46.20
CA PRO D 772 -26.98 -20.58 45.02
C PRO D 772 -25.54 -20.14 44.82
N ASP D 773 -25.22 -19.85 43.56
CA ASP D 773 -23.87 -19.42 43.21
C ASP D 773 -23.66 -17.95 43.51
N ARG D 774 -24.50 -17.07 42.94
CA ARG D 774 -24.42 -15.63 43.18
C ARG D 774 -23.04 -15.10 42.75
N ARG D 775 -22.80 -15.20 41.46
CA ARG D 775 -21.50 -14.92 40.85
C ARG D 775 -21.58 -13.67 40.00
N TRP D 776 -20.57 -12.81 40.15
CA TRP D 776 -20.53 -11.58 39.37
C TRP D 776 -20.48 -11.88 37.88
N CYS D 777 -21.13 -11.03 37.10
CA CYS D 777 -21.18 -11.20 35.66
C CYS D 777 -21.44 -9.86 34.98
N PHE D 778 -21.18 -9.83 33.68
CA PHE D 778 -21.32 -8.65 32.83
C PHE D 778 -22.00 -9.05 31.54
N ARG D 779 -22.94 -8.23 31.08
CA ARG D 779 -23.88 -8.63 30.04
C ARG D 779 -23.47 -8.04 28.69
N VAL D 780 -23.59 -8.83 27.63
CA VAL D 780 -23.40 -8.34 26.28
C VAL D 780 -24.48 -8.93 25.39
N ASP D 781 -24.97 -8.12 24.45
CA ASP D 781 -26.01 -8.54 23.53
C ASP D 781 -25.59 -8.24 22.09
N GLU D 782 -25.93 -9.17 21.20
CA GLU D 782 -25.60 -9.06 19.79
C GLU D 782 -26.85 -9.29 18.95
N VAL D 783 -26.70 -9.07 17.65
CA VAL D 783 -27.77 -9.26 16.68
C VAL D 783 -27.30 -10.23 15.60
N ASN D 784 -28.08 -11.26 15.35
CA ASN D 784 -27.76 -12.27 14.36
C ASN D 784 -28.99 -12.55 13.52
N TRP D 785 -28.84 -12.45 12.21
CA TRP D 785 -29.93 -12.65 11.27
C TRP D 785 -29.85 -14.01 10.58
N SER D 786 -28.87 -14.84 10.94
CA SER D 786 -28.71 -16.15 10.34
C SER D 786 -29.09 -17.28 11.28
N HIS D 787 -29.39 -16.97 12.53
CA HIS D 787 -29.71 -17.99 13.51
C HIS D 787 -31.22 -18.18 13.59
O12 XS9 E . 44.12 -3.39 10.92
C13 XS9 E . 42.77 -3.36 11.39
C14 XS9 E . 41.81 -3.57 10.11
C15 XS9 E . 40.19 -3.38 10.30
C16 XS9 E . 39.96 -2.41 11.49
C17 XS9 E . 38.54 -2.45 11.95
C18 XS9 E . 37.62 -3.09 11.22
C19 XS9 E . 37.02 -2.41 10.06
C20 XS9 E . 37.80 -2.77 8.83
C21 XS9 E . 39.37 -2.95 8.93
C22 XS9 E . 39.84 -1.63 8.43
C23 XS9 E . 38.90 -0.91 7.80
C24 XS9 E . 37.60 -1.59 7.86
O25 XS9 E . 36.58 -1.33 7.29
C26 XS9 E . 38.99 0.42 7.20
O27 XS9 E . 37.29 -3.94 8.27
C28 XS9 E . 37.08 -4.40 11.62
O29 XS9 E . 38.19 -5.22 11.87
C30 XS9 E . 40.92 -2.67 12.61
C31 XS9 E . 42.34 -2.13 12.24
C32 XS9 E . 41.51 -1.61 13.48
C33 XS9 E . 40.81 -0.29 13.64
C34 XS9 E . 42.00 -2.04 14.87
O35 XS9 E . 42.48 -0.99 11.37
O47 XS9 E . 39.77 -4.65 10.67
C48 XS9 E . 42.06 -4.98 9.58
H131 XS9 E . 42.58 -4.08 12.00
H141 XS9 E . 42.06 -2.92 9.44
H161 XS9 E . 40.16 -1.55 11.08
H171 XS9 E . 38.31 -2.05 12.75
H191 XS9 E . 36.10 -2.68 9.93
H192 XS9 E . 36.95 -1.45 10.19
H211 XS9 E . 39.59 -3.64 8.29
H221 XS9 E . 40.67 -1.30 8.68
H262 XS9 E . 39.78 0.52 6.65
H261 XS9 E . 38.24 0.66 6.65
H263 XS9 E . 39.08 1.09 7.90
H271 XS9 E . 37.64 -4.07 7.51
H281 XS9 E . 36.51 -4.78 10.93
H282 XS9 E . 36.51 -4.31 12.40
H291 XS9 E . 38.40 -5.58 11.13
H301 XS9 E . 40.81 -3.57 12.95
H332 XS9 E . 41.35 0.33 14.15
H331 XS9 E . 40.62 0.16 12.81
H333 XS9 E . 39.98 -0.37 14.12
H342 XS9 E . 41.29 -2.07 15.53
H341 XS9 E . 42.37 -2.94 14.86
H343 XS9 E . 42.66 -1.47 15.26
H471 XS9 E . 40.05 -4.81 11.45
H482 XS9 E . 41.93 -5.69 10.23
H481 XS9 E . 41.49 -5.19 8.82
H483 XS9 E . 42.97 -5.13 9.28
CAA Y01 F . 26.38 22.63 -5.20
CBA Y01 F . 26.64 23.80 -4.24
CAB Y01 F . 25.40 24.67 -4.03
CAN Y01 F . 27.83 24.64 -4.74
CAJ Y01 F . 28.88 24.92 -3.65
CAO Y01 F . 29.00 26.41 -3.29
CBB Y01 F . 30.44 26.95 -3.48
CAC Y01 F . 30.87 26.82 -4.95
CBE Y01 F . 30.48 28.45 -3.06
CAP Y01 F . 29.91 28.67 -1.64
CAQ Y01 F . 30.75 29.78 -0.95
CBG Y01 F . 31.69 30.28 -2.08
CBI Y01 F . 31.93 29.02 -2.92
CAE Y01 F . 32.85 27.98 -2.27
CAU Y01 F . 32.45 29.50 -4.27
CAS Y01 F . 33.61 30.49 -4.20
CBF Y01 F . 33.72 31.46 -2.99
CBD Y01 F . 33.00 31.00 -1.70
CAK Y01 F . 32.84 32.27 -0.88
CAI Y01 F . 34.21 32.93 -0.71
CAZ Y01 F . 35.30 32.69 -1.45
CAV Y01 F . 36.71 33.31 -1.37
CBH Y01 F . 35.22 31.63 -2.58
CAD Y01 F . 36.01 30.33 -2.28
CAT Y01 F . 35.67 32.25 -3.94
CAR Y01 F . 36.96 33.07 -3.89
CBC Y01 F . 37.03 34.03 -2.69
OAW Y01 F . 38.36 34.56 -2.62
CAY Y01 F . 38.58 35.50 -1.57
OAG Y01 F . 39.19 35.17 -0.58
CAM Y01 F . 38.00 36.93 -1.70
CAL Y01 F . 36.70 37.11 -0.91
CAX Y01 F . 36.91 36.96 0.61
OAH Y01 F . 35.95 36.78 1.33
OAF Y01 F . 38.02 37.01 1.07
HAA1 Y01 F . 26.04 23.02 -6.14
HAA2 Y01 F . 27.28 22.08 -5.34
HAA3 Y01 F . 25.63 21.98 -4.78
HBA Y01 F . 26.90 23.38 -3.29
HAB1 Y01 F . 24.68 24.14 -3.45
HAB2 Y01 F . 25.67 25.57 -3.51
HAB3 Y01 F . 24.98 24.94 -4.98
HAN1 Y01 F . 28.31 24.12 -5.54
HAN2 Y01 F . 27.45 25.57 -5.13
HAJ1 Y01 F . 29.84 24.57 -4.00
HAJ2 Y01 F . 28.65 24.37 -2.76
HAO1 Y01 F . 28.70 26.50 -2.26
HAO2 Y01 F . 28.33 26.99 -3.88
HBB Y01 F . 31.08 26.37 -2.86
HAC1 Y01 F . 31.87 26.42 -4.98
HAC2 Y01 F . 30.21 26.16 -5.47
HAC3 Y01 F . 30.85 27.77 -5.43
HBE Y01 F . 29.93 29.04 -3.76
HAP1 Y01 F . 29.94 27.78 -1.06
HAP2 Y01 F . 28.90 28.99 -1.73
HAQ1 Y01 F . 30.12 30.57 -0.61
HAQ2 Y01 F . 31.29 29.36 -0.14
HBG Y01 F . 31.12 30.96 -2.67
HBD Y01 F . 33.62 30.35 -1.13
HAE1 Y01 F . 33.16 27.27 -3.00
HAE2 Y01 F . 33.72 28.43 -1.85
HAE3 Y01 F . 32.33 27.47 -1.50
HAU1 Y01 F . 32.76 28.65 -4.84
HAU2 Y01 F . 31.65 29.98 -4.78
HAS1 Y01 F . 34.49 29.89 -4.29
HAS2 Y01 F . 33.55 31.10 -5.09
HBF Y01 F . 33.30 32.41 -3.25
HAK1 Y01 F . 32.24 32.93 -1.47
HAK2 Y01 F . 32.55 31.94 0.10
HAI Y01 F . 34.30 33.67 0.05
HAV1 Y01 F . 37.41 32.50 -1.32
HAV2 Y01 F . 36.64 34.06 -0.62
HBC Y01 F . 36.34 34.82 -2.84
HAD1 Y01 F . 36.33 29.89 -3.20
HAD2 Y01 F . 35.44 29.63 -1.74
HAD3 Y01 F . 36.88 30.55 -1.71
HAT1 Y01 F . 35.87 31.47 -4.64
HAT2 Y01 F . 34.91 32.89 -4.34
HAR1 Y01 F . 37.79 32.39 -3.83
HAR2 Y01 F . 37.04 33.64 -4.79
HAM1 Y01 F . 37.82 37.13 -2.74
HAM2 Y01 F . 38.74 37.62 -1.35
HAL1 Y01 F . 36.32 38.09 -1.11
HAL2 Y01 F . 35.99 36.38 -1.25
O12 XS9 G . -27.71 36.26 -2.44
C13 XS9 G . -26.77 35.42 -3.12
C14 XS9 G . -26.58 34.08 -2.24
C15 XS9 G . -25.41 33.02 -2.68
C16 XS9 G . -24.30 33.80 -3.41
C17 XS9 G . -23.38 32.89 -4.14
C18 XS9 G . -23.43 31.57 -3.91
C19 XS9 G . -22.76 31.01 -2.74
C20 XS9 G . -23.77 30.94 -1.60
C21 XS9 G . -24.85 32.08 -1.45
C22 XS9 G . -24.21 32.93 -0.39
C23 XS9 G . -23.20 32.32 0.27
C24 XS9 G . -22.91 31.01 -0.32
O25 XS9 G . -22.20 30.14 0.09
C26 XS9 G . -22.36 32.84 1.33
O27 XS9 G . -24.46 29.73 -1.66
C28 XS9 G . -24.05 30.64 -4.89
O29 XS9 G . -25.31 31.16 -5.20
C30 XS9 G . -24.88 34.85 -4.34
C31 XS9 G . -25.41 36.06 -3.50
C32 XS9 G . -24.26 36.19 -4.59
C33 XS9 G . -22.79 36.39 -4.37
C34 XS9 G . -24.64 36.88 -5.90
O35 XS9 G . -24.79 36.42 -2.25
O47 XS9 G . -26.06 32.19 -3.59
C48 XS9 G . -27.93 33.35 -2.26
H131 XS9 G . -27.09 35.15 -3.99
H141 XS9 G . -26.37 34.35 -1.34
H161 XS9 G . -23.85 34.24 -2.69
H171 XS9 G . -22.78 33.23 -4.75
H191 XS9 G . -22.44 30.11 -2.90
H192 XS9 G . -21.97 31.49 -2.49
H211 XS9 G . -25.62 31.64 -1.08
H221 XS9 G . -24.43 33.83 -0.32
H262 XS9 G . -22.87 33.28 2.02
H261 XS9 G . -21.81 32.17 1.77
H263 XS9 G . -21.76 33.52 0.98
H271 XS9 G . -24.92 29.63 -0.95
H281 XS9 G . -24.11 29.74 -4.53
H282 XS9 G . -23.49 30.56 -5.67
H291 XS9 G . -25.85 30.85 -4.64
H301 XS9 G . -25.44 34.45 -5.01
H332 XS9 G . -22.54 37.33 -4.48
H331 XS9 G . -22.49 36.15 -3.48
H333 XS9 G . -22.25 35.90 -5.01
H342 XS9 G . -24.09 36.59 -6.66
H341 XS9 G . -25.55 36.71 -6.16
H343 XS9 G . -24.51 37.84 -5.90
H471 XS9 G . -26.21 32.63 -4.29
H482 XS9 G . -28.27 33.15 -3.14
H481 XS9 G . -27.88 32.51 -1.78
H483 XS9 G . -28.66 33.84 -1.87
CAA Y01 H . 0.23 29.61 18.76
CBA Y01 H . 1.16 30.79 18.42
CAB Y01 H . 2.63 30.36 18.33
CAN Y01 H . 0.98 31.93 19.43
CAJ Y01 H . 0.76 33.30 18.77
CAO Y01 H . 1.91 34.29 19.05
CBB Y01 H . 1.42 35.60 19.72
CAC Y01 H . 0.74 35.28 21.07
CBE Y01 H . 2.61 36.56 19.94
CAP Y01 H . 3.42 36.78 18.63
CAQ Y01 H . 3.88 38.26 18.62
CBG Y01 H . 3.47 38.80 20.01
CBI Y01 H . 2.19 38.01 20.32
CAE Y01 H . 0.96 38.45 19.52
CAU Y01 H . 1.98 38.12 21.83
CAS Y01 H . 2.03 39.54 22.39
CBF Y01 H . 2.95 40.59 21.69
CBD Y01 H . 3.28 40.31 20.21
CAK Y01 H . 4.53 41.16 19.94
CAI Y01 H . 4.23 42.62 20.33
CAZ Y01 H . 3.23 43.05 21.11
CAV Y01 H . 2.86 44.47 21.56
CBH Y01 H . 2.25 41.99 21.69
CAD Y01 H . 0.83 42.06 21.07
CAT Y01 H . 2.19 42.12 23.24
CAR Y01 H . 2.02 43.56 23.78
CBC Y01 H . 2.95 44.56 23.10
OAW Y01 H . 2.56 45.88 23.50
CAY Y01 H . 3.36 46.93 22.97
OAG Y01 H . 2.94 47.63 22.07
CAM Y01 H . 4.78 47.17 23.53
CAL Y01 H . 5.87 46.58 22.63
CAX Y01 H . 5.93 47.25 21.25
OAH Y01 H . 6.52 46.71 20.34
OAF Y01 H . 5.38 48.31 21.07
HAA1 Y01 H . 0.55 29.18 19.69
HAA2 Y01 H . -0.77 29.96 18.86
HAA3 Y01 H . 0.28 28.87 18.00
HBA Y01 H . 0.86 31.14 17.45
HAB1 Y01 H . 2.77 29.76 17.45
HAB2 Y01 H . 3.25 31.23 18.26
HAB3 Y01 H . 2.89 29.80 19.20
HAN1 Y01 H . 0.12 31.71 20.05
HAN2 Y01 H . 1.84 31.95 20.07
HAJ1 Y01 H . -0.16 33.72 19.14
HAJ2 Y01 H . 0.66 33.19 17.71
HAO1 Y01 H . 2.36 34.52 18.11
HAO2 Y01 H . 2.64 33.85 19.68
HBB Y01 H . 0.70 36.03 19.07
HAC1 Y01 H . -0.17 35.83 21.15
HAC2 Y01 H . 0.53 34.23 21.16
HAC3 Y01 H . 1.40 35.56 21.87
HBE Y01 H . 3.25 36.16 20.69
HAP1 Y01 H . 2.81 36.59 17.77
HAP2 Y01 H . 4.26 36.15 18.64
HAQ1 Y01 H . 4.94 38.32 18.50
HAQ2 Y01 H . 3.39 38.79 17.84
HBG Y01 H . 4.22 38.49 20.70
HBD Y01 H . 2.53 40.69 19.57
HAE1 Y01 H . 0.09 38.03 19.96
HAE2 Y01 H . 0.85 39.50 19.49
HAE3 Y01 H . 1.03 38.08 18.52
HAU1 Y01 H . 1.02 37.71 22.06
HAU2 Y01 H . 2.73 37.55 22.31
HAS1 Y01 H . 1.02 39.88 22.40
HAS2 Y01 H . 2.36 39.48 23.40
HBF Y01 H . 3.88 40.66 22.22
HAK1 Y01 H . 5.28 40.81 20.61
HAK2 Y01 H . 4.64 41.15 18.88
HAI Y01 H . 4.90 43.36 19.94
HAV1 Y01 H . 1.82 44.61 21.33
HAV2 Y01 H . 3.63 45.10 21.18
HBC Y01 H . 3.96 44.38 23.40
HAD1 Y01 H . 0.11 41.72 21.77
HAD2 Y01 H . 0.75 41.47 20.19
HAD3 Y01 H . 0.58 43.05 20.81
HAT1 Y01 H . 1.32 41.60 23.61
HAT2 Y01 H . 3.06 41.71 23.70
HAR1 Y01 H . 1.01 43.87 23.63
HAR2 Y01 H . 2.24 43.55 24.82
HAM1 Y01 H . 4.84 46.72 24.50
HAM2 Y01 H . 4.93 48.23 23.63
HAL1 Y01 H . 6.82 46.70 23.12
HAL2 Y01 H . 5.69 45.53 22.50
CAA Y01 I . 3.56 34.48 -6.48
CBA Y01 I . 4.73 35.31 -5.89
CAB Y01 I . 4.82 35.16 -4.36
CAN Y01 I . 4.60 36.79 -6.30
CAJ Y01 I . 5.91 37.36 -6.88
CAO Y01 I . 6.52 38.47 -6.00
CBB Y01 I . 6.70 39.80 -6.77
CAC Y01 I . 5.34 40.31 -7.29
CBE Y01 I . 7.34 40.86 -5.85
CAP Y01 I . 8.64 40.33 -5.18
CAQ Y01 I . 9.64 41.52 -5.09
CBG Y01 I . 8.81 42.73 -5.57
CBI Y01 I . 7.85 42.13 -6.59
CAE Y01 I . 8.51 41.74 -7.93
CAU Y01 I . 6.71 43.14 -6.77
CAS Y01 I . 7.16 44.58 -7.04
CBF Y01 I . 8.51 45.07 -6.44
CBD Y01 I . 9.54 43.98 -6.11
CAK Y01 I . 10.50 44.64 -5.13
CAI Y01 I . 11.04 45.93 -5.75
CAZ Y01 I . 10.51 46.60 -6.80
CAV Y01 I . 10.95 47.90 -7.49
CBH Y01 I . 9.23 46.01 -7.47
CAD Y01 I . 9.48 45.44 -8.89
CAT Y01 I . 8.09 47.08 -7.49
CAR Y01 I . 8.54 48.48 -7.97
CBC Y01 I . 9.86 48.95 -7.35
OAW Y01 I . 10.26 50.14 -8.04
CAY Y01 I . 11.47 50.73 -7.54
OAG Y01 I . 12.50 50.61 -8.16
CAM Y01 I . 11.44 51.50 -6.22
CAL Y01 I . 11.99 50.66 -5.05
CAX Y01 I . 13.47 50.29 -5.22
OAH Y01 I . 13.96 49.40 -4.55
OAF Y01 I . 14.15 50.89 -6.02
HAA1 Y01 I . 2.65 34.80 -6.03
HAA2 Y01 I . 3.52 34.65 -7.54
HAA3 Y01 I . 3.72 33.44 -6.29
HBA Y01 I . 5.63 34.91 -6.30
HAB1 Y01 I . 5.14 34.18 -4.11
HAB2 Y01 I . 5.51 35.87 -3.97
HAB3 Y01 I . 3.85 35.34 -3.93
HAN1 Y01 I . 3.84 36.87 -7.05
HAN2 Y01 I . 4.29 37.35 -5.44
HAJ1 Y01 I . 5.71 37.75 -7.85
HAJ2 Y01 I . 6.64 36.58 -6.99
HAO1 Y01 I . 7.46 38.12 -5.66
HAO2 Y01 I . 5.89 38.66 -5.15
HBB Y01 I . 7.33 39.59 -7.60
HAC1 Y01 I . 5.44 40.62 -8.31
HAC2 Y01 I . 4.60 39.54 -7.23
HAC3 Y01 I . 5.01 41.13 -6.69
HBE Y01 I . 6.64 41.14 -5.09
HAP1 Y01 I . 9.07 39.54 -5.76
HAP2 Y01 I . 8.39 39.99 -4.20
HAQ1 Y01 I . 9.96 41.66 -4.08
HAQ2 Y01 I . 10.47 41.33 -5.73
HBG Y01 I . 8.24 43.06 -4.73
HBD Y01 I . 10.13 43.72 -6.96
HAE1 Y01 I . 7.74 41.57 -8.66
HAE2 Y01 I . 9.15 42.50 -8.29
HAE3 Y01 I . 9.06 40.84 -7.82
HAU1 Y01 I . 6.11 42.81 -7.58
HAU2 Y01 I . 6.14 43.14 -5.87
HAS1 Y01 I . 7.16 44.67 -8.10
HAS2 Y01 I . 6.40 45.22 -6.66
HBF Y01 I . 8.31 45.61 -5.53
HAK1 Y01 I . 9.92 44.93 -4.28
HAK2 Y01 I . 11.34 43.99 -5.06
HAI Y01 I . 11.91 46.37 -5.31
HAV1 Y01 I . 11.01 47.69 -8.53
HAV2 Y01 I . 11.78 48.25 -6.92
HBC Y01 I . 9.69 49.17 -6.32
HAD1 Y01 I . 8.59 45.51 -9.46
HAD2 Y01 I . 9.78 44.41 -8.85
HAD3 Y01 I . 10.23 45.98 -9.38
HAT1 Y01 I . 7.34 46.78 -8.18
HAT2 Y01 I . 7.66 47.20 -6.52
HAR1 Y01 I . 8.65 48.45 -9.04
HAR2 Y01 I . 7.76 49.17 -7.72
HAM1 Y01 I . 10.44 51.79 -6.00
HAM2 Y01 I . 12.05 52.39 -6.33
HAL1 Y01 I . 11.87 51.21 -4.14
HAL2 Y01 I . 11.41 49.76 -4.97
O12 XS9 J . 18.57 21.44 -35.81
C13 XS9 J . 18.77 20.52 -34.74
C14 XS9 J . 17.32 20.10 -34.17
C15 XS9 J . 17.22 19.22 -32.81
C16 XS9 J . 18.49 19.51 -31.96
C17 XS9 J . 18.66 18.50 -30.88
C18 XS9 J . 17.67 17.64 -30.60
C19 XS9 J . 16.56 18.07 -29.75
C20 XS9 J . 15.45 18.58 -30.65
C21 XS9 J . 15.81 19.37 -31.97
C22 XS9 J . 15.64 20.78 -31.51
C23 XS9 J . 14.96 20.91 -30.35
C24 XS9 J . 14.66 19.58 -29.79
O25 XS9 J . 13.96 19.31 -28.86
C26 XS9 J . 14.63 22.11 -29.60
O27 XS9 J . 14.62 17.52 -31.03
C28 XS9 J . 17.74 16.22 -31.01
O29 XS9 J . 18.06 16.21 -32.37
C30 XS9 J . 19.71 19.62 -32.81
C31 XS9 J . 19.71 20.98 -33.59
C32 XS9 J . 20.85 20.57 -32.56
C33 XS9 J . 21.09 21.09 -31.18
C34 XS9 J . 22.21 20.19 -33.15
O35 XS9 J . 19.08 22.14 -33.01
O47 XS9 J . 17.30 17.91 -33.28
C48 XS9 J . 16.61 19.33 -35.30
H131 XS9 J . 19.21 19.72 -35.02
H141 XS9 J . 16.82 20.91 -34.00
H161 XS9 J . 18.27 20.37 -31.59
H171 XS9 J . 19.46 18.46 -30.41
H191 XS9 J . 16.19 17.34 -29.23
H192 XS9 J . 16.82 18.73 -29.09
H211 XS9 J . 15.12 19.15 -32.59
H221 XS9 J . 16.10 21.48 -31.92
H262 XS9 J . 14.26 22.81 -30.18
H261 XS9 J . 13.98 21.97 -28.89
H263 XS9 J . 15.42 22.50 -29.21
H271 XS9 J . 13.92 17.83 -31.40
H281 XS9 J . 16.91 15.76 -30.83
H282 XS9 J . 18.41 15.75 -30.48
H291 XS9 J . 17.32 16.26 -32.79
H301 XS9 J . 19.88 18.79 -33.29
H332 XS9 J . 21.79 21.77 -31.17
H331 XS9 J . 20.32 21.53 -30.79
H333 XS9 J . 21.38 20.40 -30.56
H342 XS9 J . 22.71 19.58 -32.59
H341 XS9 J . 22.12 19.75 -34.02
H343 XS9 J . 22.82 20.93 -33.28
H471 XS9 J . 18.08 17.76 -33.56
H482 XS9 J . 17.11 18.55 -35.62
H481 XS9 J . 15.74 19.01 -35.02
H483 XS9 J . 16.47 19.84 -36.11
CAA Y01 K . 22.90 17.90 19.56
CBA Y01 K . 22.92 19.44 19.58
CAB Y01 K . 23.04 20.03 18.17
CAN Y01 K . 24.06 19.94 20.49
CAJ Y01 K . 23.59 21.01 21.50
CAO Y01 K . 24.24 22.39 21.26
CBB Y01 K . 25.00 22.91 22.50
CAC Y01 K . 26.12 21.92 22.89
CBE Y01 K . 25.59 24.30 22.21
CAP Y01 K . 24.52 25.28 21.67
CAQ Y01 K . 24.82 26.69 22.25
CBG Y01 K . 26.18 26.50 22.98
CBI Y01 K . 26.11 25.05 23.46
CAE Y01 K . 25.16 24.82 24.66
CAU Y01 K . 27.55 24.64 23.78
CAS Y01 K . 28.33 25.61 24.67
CBF Y01 K . 28.00 27.13 24.60
CBD Y01 K . 26.58 27.48 24.09
CAK Y01 K . 26.69 28.94 23.65
CAI Y01 K . 27.24 29.78 24.83
CAZ Y01 K . 27.88 29.29 25.92
CAV Y01 K . 28.47 30.02 27.13
CBH Y01 K . 28.08 27.75 26.03
CAD Y01 K . 27.21 27.09 27.13
CAT Y01 K . 29.59 27.43 26.24
CAR Y01 K . 30.30 28.29 27.30
CBC Y01 K . 29.99 29.78 27.19
OAW Y01 K . 30.51 30.44 28.35
CAY Y01 K . 30.31 31.85 28.37
OAG Y01 K . 29.48 32.34 29.10
CAM Y01 K . 31.17 32.75 27.48
CAL Y01 K . 30.42 33.19 26.21
CAX Y01 K . 29.20 34.08 26.51
OAH Y01 K . 28.35 34.25 25.68
OAF Y01 K . 29.09 34.58 27.61
HAA1 Y01 K . 23.79 17.54 19.08
HAA2 Y01 K . 22.85 17.54 20.55
HAA3 Y01 K . 22.04 17.55 19.01
HBA Y01 K . 21.98 19.76 19.98
HAB1 Y01 K . 22.14 19.87 17.63
HAB2 Y01 K . 23.24 21.09 18.23
HAB3 Y01 K . 23.86 19.55 17.65
HAN1 Y01 K . 24.45 19.12 21.04
HAN2 Y01 K . 24.84 20.33 19.87
HAJ1 Y01 K . 23.83 20.67 22.49
HAJ2 Y01 K . 22.52 21.12 21.45
HAO1 Y01 K . 23.45 23.06 21.00
HAO2 Y01 K . 24.92 22.34 20.44
HBB Y01 K . 24.29 22.95 23.30
HAC1 Y01 K . 26.11 21.77 23.94
HAC2 Y01 K . 26.00 20.99 22.39
HAC3 Y01 K . 27.07 22.33 22.60
HBE Y01 K . 26.39 24.21 21.49
HAP1 Y01 K . 23.54 24.98 21.97
HAP2 Y01 K . 24.59 25.32 20.60
HAQ1 Y01 K . 24.93 27.41 21.46
HAQ2 Y01 K . 24.06 26.98 22.93
HBG Y01 K . 26.94 26.55 22.23
HBD Y01 K . 25.87 27.47 24.87
HAE1 Y01 K . 25.36 23.87 25.09
HAE2 Y01 K . 25.28 25.57 25.40
HAE3 Y01 K . 24.15 24.84 24.32
HAU1 Y01 K . 27.52 23.68 24.27
HAU2 Y01 K . 28.07 24.54 22.86
HAS1 Y01 K . 28.19 25.24 25.67
HAS2 Y01 K . 29.36 25.50 24.43
HBF Y01 K . 28.70 27.61 23.95
HAK1 Y01 K . 27.43 28.97 22.89
HAK2 Y01 K . 25.69 29.27 23.52
HAI Y01 K . 27.11 30.83 24.77
HAV1 Y01 K . 28.07 29.56 28.01
HAV2 Y01 K . 28.34 31.06 26.91
HBC Y01 K . 30.44 30.18 26.32
HAD1 Y01 K . 27.71 26.23 27.50
HAD2 Y01 K . 26.26 26.81 26.77
HAD3 Y01 K . 27.08 27.75 27.95
HAT1 Y01 K . 29.70 26.42 26.59
HAT2 Y01 K . 30.13 27.54 25.32
HAR1 Y01 K . 30.00 27.94 28.27
HAR2 Y01 K . 31.35 28.15 27.18
HAM1 Y01 K . 32.05 32.22 27.18
HAM2 Y01 K . 31.46 33.62 28.03
HAL1 Y01 K . 31.09 33.74 25.58
HAL2 Y01 K . 30.09 32.32 25.68
O12 XS9 L . -1.93 11.16 44.30
C13 XS9 L . -2.55 11.27 43.00
C14 XS9 L . -1.87 10.16 42.04
C15 XS9 L . -2.22 10.18 40.45
C16 XS9 L . -2.59 11.63 40.05
C17 XS9 L . -3.27 11.66 38.72
C18 XS9 L . -3.26 10.58 37.94
C19 XS9 L . -2.08 10.28 37.12
C20 XS9 L . -1.19 9.33 37.91
C21 XS9 L . -1.07 9.50 39.47
C22 XS9 L . 0.21 10.26 39.57
C23 XS9 L . 0.95 10.26 38.45
C24 XS9 L . 0.23 9.58 37.37
O25 XS9 L . 0.63 9.27 36.28
C26 XS9 L . 2.22 10.91 38.18
O27 XS9 L . -1.56 8.01 37.67
C28 XS9 L . -4.47 9.75 37.76
O29 XS9 L . -4.94 9.46 39.05
C30 XS9 L . -3.43 12.28 41.12
C31 XS9 L . -2.54 12.68 42.34
C32 XS9 L . -3.35 13.73 41.48
C33 XS9 L . -2.82 14.73 40.49
C34 XS9 L . -4.59 14.35 42.13
O35 XS9 L . -1.15 13.01 42.14
O47 XS9 L . -3.36 9.38 40.37
C48 XS9 L . -2.26 8.79 42.61
H131 XS9 L . -3.49 11.08 43.03
H141 XS9 L . -0.91 10.27 42.10
H161 XS9 L . -1.73 12.05 40.02
H171 XS9 L . -3.69 12.44 38.44
H191 XS9 L . -2.32 9.83 36.30
H192 XS9 L . -1.61 11.06 36.82
H211 XS9 L . -0.94 8.61 39.81
H221 XS9 L . 0.38 10.80 40.32
H262 XS9 L . 2.86 10.76 38.89
H261 XS9 L . 2.66 10.62 37.36
H263 XS9 L . 2.11 11.87 38.14
H271 XS9 L . -0.99 7.48 38.00
H281 XS9 L . -4.28 8.94 37.25
H282 XS9 L . -5.13 10.23 37.24
H291 XS9 L . -4.54 8.75 39.29
H301 XS9 L . -4.26 11.80 41.25
H332 XS9 L . -2.73 15.60 40.88
H331 XS9 L . -1.93 14.51 40.15
H333 XS9 L . -3.40 14.84 39.72
H342 XS9 L . -5.25 14.64 41.49
H341 XS9 L . -5.05 13.73 42.71
H343 XS9 L . -4.41 15.15 42.65
H471 XS9 L . -4.01 9.79 40.72
H482 XS9 L . -3.21 8.65 42.69
H481 XS9 L . -1.91 8.06 42.06
H483 XS9 L . -1.94 8.62 43.51
#